data_8RML
#
_entry.id   8RML
#
_cell.length_a   1.00
_cell.length_b   1.00
_cell.length_c   1.00
_cell.angle_alpha   90.00
_cell.angle_beta   90.00
_cell.angle_gamma   90.00
#
_symmetry.space_group_name_H-M   'P 1'
#
loop_
_entity.id
_entity.type
_entity.pdbx_description
1 polymer 'Calcium homeostasis modulator protein 4'
2 polymer 'Synthetic nanobody SbC4'
3 polymer 'Calcium homeostasis modulator protein 2'
#
loop_
_entity_poly.entity_id
_entity_poly.type
_entity_poly.pdbx_seq_one_letter_code
_entity_poly.pdbx_strand_id
1 'polypeptide(L)'
;MSCPTLNNIVSSLQRNGIFINSLIAALTIGGQQLFSSSTFSCPCQVGKNFYYGSAFLVIPALILLVAGFALRSQMWTITG
EYCCSCAPPYRRISPLECKLACLRFFSITGRAVIAPLTWLAVTLLTGTYYECAASEFASVDHYPMFDNVSASKREEILAG
FPCCRSAPSDVILVRDEIALLHRYQSQMLGWILITLATIAALVSCCVAKCCSPLTSLQHCYWTSHLQNERELFEQAAEQH
SRLLMMHRIKKLFGFIPGSEDVKHIRIPSCQDWKDISVPTLLCMGDDLQGHYSFLGNRVDEDNEEDRSRGIELKPALEVL
FQ
;
A,B,K
2 'polypeptide(L)'
;QGPSQVQLVESGGGLVQAGGSLRLSCAASGFPVYYTHMRWYRQAPGKEREWVAAIYSKGAGTHYADSVKGRFTISRDNAK
NTVYLQMNSLKPEDTAVYYCFVGVGNSYIGQGTQVTVSA
;
L,M
3 'polypeptide(L)'
;MSAALIAENFRFLSLFFKSKDVMIFNGLVALGTVGSQELFSVVAFHCPCSPARNYLYGLAAIGVPALVLFIIGIILNNHT
WNLVAECQHRRTKNCSAAPTFLLLSSILGRAAVAPVTWSVISLLRGEAYVCALSEFVDPSSLTAREEHFPSAHATEILAR
FPCKENPDNLSDFREEVSRRLRYESQLFGWLLIGVVAILVFLTKCLKHYCSPLSYRQEAYWAQYRANEDQLFQRTAEVHS
RVLAANNVRRFFGFVALNKDDEELIANFPVEGTQPRPQWNAITGVYLYRENQGLPLYSRLHKWAQGLAGNGAAPDNVEMA
LLPSALEVLFQ
;
C,D,E,F,G,H,I,J
#
# COMPACT_ATOMS: atom_id res chain seq x y z
N LEU A 6 15.99 17.02 -15.32
CA LEU A 6 14.68 17.42 -14.82
C LEU A 6 14.77 18.70 -14.00
N ASN A 7 15.72 18.74 -13.07
CA ASN A 7 15.93 19.95 -12.27
C ASN A 7 16.38 21.12 -13.15
N ASN A 8 16.99 20.82 -14.30
CA ASN A 8 17.35 21.88 -15.24
C ASN A 8 16.12 22.57 -15.80
N ILE A 9 15.05 21.81 -16.02
CA ILE A 9 13.79 22.40 -16.49
C ILE A 9 13.24 23.36 -15.44
N VAL A 10 13.30 22.96 -14.16
CA VAL A 10 12.82 23.82 -13.08
C VAL A 10 13.60 25.13 -13.04
N SER A 11 14.93 25.04 -13.17
CA SER A 11 15.74 26.25 -13.22
C SER A 11 15.42 27.09 -14.44
N SER A 12 15.13 26.43 -15.58
CA SER A 12 14.73 27.16 -16.77
C SER A 12 13.43 27.91 -16.55
N LEU A 13 12.44 27.27 -15.92
CA LEU A 13 11.21 27.96 -15.60
C LEU A 13 11.40 29.01 -14.52
N GLN A 14 12.40 28.82 -13.64
CA GLN A 14 12.74 29.84 -12.67
C GLN A 14 13.23 31.10 -13.37
N ARG A 15 14.00 30.93 -14.45
CA ARG A 15 14.45 32.09 -15.22
C ARG A 15 13.29 32.84 -15.84
N ASN A 16 12.16 32.18 -16.04
CA ASN A 16 10.97 32.85 -16.56
C ASN A 16 10.44 33.82 -15.50
N GLY A 17 10.48 35.11 -15.81
CA GLY A 17 10.06 36.11 -14.85
C GLY A 17 8.59 36.01 -14.47
N ILE A 18 7.74 35.63 -15.43
CA ILE A 18 6.31 35.53 -15.14
C ILE A 18 6.08 34.50 -14.04
N PHE A 19 6.78 33.37 -14.10
CA PHE A 19 6.60 32.33 -13.09
C PHE A 19 7.03 32.81 -11.71
N ILE A 20 8.15 33.52 -11.62
CA ILE A 20 8.62 33.96 -10.31
C ILE A 20 7.70 35.04 -9.75
N ASN A 21 7.19 35.92 -10.62
CA ASN A 21 6.22 36.90 -10.14
C ASN A 21 4.93 36.25 -9.68
N SER A 22 4.48 35.21 -10.39
CA SER A 22 3.30 34.48 -9.95
C SER A 22 3.53 33.81 -8.61
N LEU A 23 4.73 33.23 -8.42
CA LEU A 23 5.07 32.65 -7.13
C LEU A 23 5.05 33.68 -6.03
N ILE A 24 5.59 34.87 -6.30
CA ILE A 24 5.58 35.95 -5.33
C ILE A 24 4.16 36.33 -4.98
N ALA A 25 3.30 36.47 -5.99
CA ALA A 25 1.91 36.85 -5.75
C ALA A 25 1.19 35.82 -4.91
N ALA A 26 1.36 34.54 -5.24
CA ALA A 26 0.70 33.48 -4.48
C ALA A 26 1.18 33.45 -3.05
N LEU A 27 2.49 33.59 -2.84
CA LEU A 27 3.03 33.58 -1.48
C LEU A 27 2.51 34.77 -0.68
N THR A 28 2.45 35.95 -1.29
CA THR A 28 1.93 37.12 -0.59
C THR A 28 0.46 36.95 -0.26
N ILE A 29 -0.33 36.39 -1.17
CA ILE A 29 -1.74 36.18 -0.89
C ILE A 29 -1.93 35.21 0.27
N GLY A 30 -1.16 34.11 0.26
CA GLY A 30 -1.26 33.16 1.35
C GLY A 30 -0.84 33.76 2.69
N GLY A 31 0.25 34.53 2.69
CA GLY A 31 0.66 35.19 3.91
C GLY A 31 -0.36 36.18 4.42
N GLN A 32 -0.97 36.95 3.51
CA GLN A 32 -2.02 37.87 3.92
C GLN A 32 -3.20 37.14 4.51
N GLN A 33 -3.61 36.03 3.89
CA GLN A 33 -4.74 35.27 4.43
C GLN A 33 -4.42 34.73 5.81
N LEU A 34 -3.22 34.19 6.00
CA LEU A 34 -2.83 33.69 7.32
C LEU A 34 -2.81 34.81 8.35
N PHE A 35 -2.24 35.96 7.98
CA PHE A 35 -2.17 37.09 8.90
C PHE A 35 -3.57 37.57 9.29
N SER A 36 -4.47 37.67 8.32
CA SER A 36 -5.83 38.10 8.62
C SER A 36 -6.53 37.11 9.52
N SER A 37 -6.42 35.82 9.21
CA SER A 37 -7.10 34.81 10.02
C SER A 37 -6.49 34.65 11.40
N SER A 38 -5.24 35.08 11.60
CA SER A 38 -4.56 34.86 12.88
C SER A 38 -4.56 36.09 13.78
N THR A 39 -4.01 37.22 13.31
CA THR A 39 -3.60 38.30 14.19
C THR A 39 -4.14 39.64 13.74
N PHE A 40 -5.46 39.72 13.50
CA PHE A 40 -6.07 41.00 13.15
C PHE A 40 -6.98 41.53 14.25
N SER A 41 -7.98 40.74 14.65
CA SER A 41 -8.77 40.96 15.86
C SER A 41 -9.63 42.22 15.83
N CYS A 42 -9.42 43.11 14.85
CA CYS A 42 -10.22 44.32 14.64
C CYS A 42 -10.52 45.06 15.95
N PRO A 43 -9.56 45.80 16.50
CA PRO A 43 -9.84 46.56 17.73
C PRO A 43 -11.01 47.50 17.51
N CYS A 44 -11.83 47.64 18.56
CA CYS A 44 -13.16 48.20 18.42
C CYS A 44 -13.31 49.54 19.11
N GLN A 45 -12.20 50.18 19.47
CA GLN A 45 -12.26 51.44 20.20
C GLN A 45 -12.84 52.54 19.33
N VAL A 46 -13.65 53.40 19.95
CA VAL A 46 -14.33 54.46 19.21
C VAL A 46 -13.33 55.53 18.78
N GLY A 47 -12.36 55.85 19.65
CA GLY A 47 -11.46 56.96 19.39
C GLY A 47 -10.66 56.82 18.12
N LYS A 48 -9.75 55.85 18.07
CA LYS A 48 -8.88 55.64 16.91
C LYS A 48 -9.05 54.19 16.46
N ASN A 49 -10.03 53.95 15.61
CA ASN A 49 -10.18 52.68 14.92
C ASN A 49 -9.80 52.76 13.45
N PHE A 50 -10.05 53.92 12.83
CA PHE A 50 -9.60 54.12 11.45
C PHE A 50 -8.08 54.01 11.35
N TYR A 51 -7.37 54.41 12.41
CA TYR A 51 -5.92 54.32 12.39
C TYR A 51 -5.45 52.89 12.22
N TYR A 52 -6.06 51.96 12.96
CA TYR A 52 -5.62 50.56 12.92
C TYR A 52 -5.81 49.96 11.54
N GLY A 53 -7.02 50.09 10.98
CA GLY A 53 -7.27 49.54 9.66
C GLY A 53 -6.43 50.20 8.60
N SER A 54 -6.30 51.53 8.65
CA SER A 54 -5.49 52.22 7.66
C SER A 54 -4.04 51.75 7.71
N ALA A 55 -3.49 51.61 8.92
CA ALA A 55 -2.12 51.13 9.06
C ALA A 55 -1.98 49.72 8.54
N PHE A 56 -2.94 48.84 8.88
CA PHE A 56 -2.92 47.49 8.33
C PHE A 56 -2.92 47.51 6.82
N LEU A 57 -3.57 48.51 6.23
CA LEU A 57 -3.56 48.60 4.76
C LEU A 57 -2.22 49.08 4.23
N VAL A 58 -1.63 50.10 4.84
CA VAL A 58 -0.50 50.78 4.21
C VAL A 58 0.84 50.20 4.61
N ILE A 59 1.08 50.04 5.92
CA ILE A 59 2.42 49.62 6.37
C ILE A 59 2.88 48.32 5.73
N PRO A 60 2.08 47.24 5.69
CA PRO A 60 2.56 46.04 4.99
C PRO A 60 2.89 46.29 3.54
N ALA A 61 2.08 47.10 2.85
CA ALA A 61 2.38 47.43 1.46
C ALA A 61 3.70 48.18 1.35
N LEU A 62 3.91 49.17 2.22
CA LEU A 62 5.15 49.95 2.15
C LEU A 62 6.37 49.10 2.44
N ILE A 63 6.29 48.23 3.45
CA ILE A 63 7.45 47.41 3.78
C ILE A 63 7.72 46.39 2.69
N LEU A 64 6.66 45.83 2.08
CA LEU A 64 6.86 44.91 0.97
C LEU A 64 7.49 45.62 -0.22
N LEU A 65 7.05 46.85 -0.50
CA LEU A 65 7.63 47.62 -1.58
C LEU A 65 9.10 47.90 -1.33
N VAL A 66 9.44 48.31 -0.12
CA VAL A 66 10.83 48.61 0.21
C VAL A 66 11.67 47.34 0.13
N ALA A 67 11.14 46.21 0.61
CA ALA A 67 11.88 44.96 0.55
C ALA A 67 12.11 44.54 -0.89
N GLY A 68 11.11 44.66 -1.74
CA GLY A 68 11.28 44.32 -3.14
C GLY A 68 12.31 45.21 -3.82
N PHE A 69 12.32 46.50 -3.47
CA PHE A 69 13.30 47.41 -4.06
C PHE A 69 14.71 47.09 -3.55
N ALA A 70 14.83 46.73 -2.27
CA ALA A 70 16.15 46.57 -1.66
C ALA A 70 16.76 45.21 -1.92
N LEU A 71 15.95 44.16 -2.04
CA LEU A 71 16.51 42.82 -2.19
C LEU A 71 17.22 42.62 -3.52
N ARG A 72 17.06 43.54 -4.46
CA ARG A 72 17.74 43.47 -5.75
C ARG A 72 19.07 44.23 -5.63
N SER A 73 20.18 43.50 -5.74
CA SER A 73 21.48 44.10 -5.52
C SER A 73 21.85 45.11 -6.61
N GLN A 74 21.43 44.85 -7.85
CA GLN A 74 21.85 45.69 -8.97
C GLN A 74 21.36 47.13 -8.83
N MET A 75 20.27 47.33 -8.08
CA MET A 75 19.77 48.70 -7.90
C MET A 75 20.75 49.53 -7.07
N TRP A 76 21.51 48.89 -6.17
CA TRP A 76 22.56 49.61 -5.47
C TRP A 76 23.61 50.14 -6.44
N THR A 77 24.02 49.31 -7.40
CA THR A 77 24.97 49.76 -8.41
C THR A 77 24.36 50.85 -9.27
N ILE A 78 23.07 50.73 -9.58
CA ILE A 78 22.38 51.75 -10.37
C ILE A 78 22.43 53.10 -9.65
N THR A 79 22.13 53.09 -8.35
CA THR A 79 22.16 54.31 -7.56
C THR A 79 23.57 54.86 -7.45
N GLY A 80 24.56 53.98 -7.27
CA GLY A 80 25.94 54.43 -7.19
C GLY A 80 26.41 55.10 -8.47
N GLU A 81 26.03 54.53 -9.62
CA GLU A 81 26.30 55.19 -10.90
C GLU A 81 25.58 56.52 -10.99
N TYR A 82 24.32 56.56 -10.52
CA TYR A 82 23.56 57.80 -10.53
C TYR A 82 24.19 58.84 -9.61
N CYS A 83 24.58 58.44 -8.41
CA CYS A 83 25.15 59.37 -7.44
C CYS A 83 26.67 59.44 -7.57
N PRO A 95 23.09 60.41 -22.34
CA PRO A 95 23.59 59.48 -23.36
C PRO A 95 22.99 58.09 -23.22
N LEU A 96 23.67 57.08 -23.79
CA LEU A 96 23.15 55.72 -23.73
C LEU A 96 23.18 55.14 -22.33
N GLU A 97 24.14 55.58 -21.51
CA GLU A 97 24.22 55.06 -20.14
C GLU A 97 22.98 55.41 -19.34
N CYS A 98 22.48 56.64 -19.50
CA CYS A 98 21.26 57.03 -18.80
C CYS A 98 20.07 56.19 -19.26
N LYS A 99 19.97 55.94 -20.56
CA LYS A 99 18.88 55.11 -21.08
C LYS A 99 18.96 53.70 -20.53
N LEU A 100 20.16 53.11 -20.50
CA LEU A 100 20.31 51.76 -19.97
C LEU A 100 19.96 51.71 -18.49
N ALA A 101 20.39 52.72 -17.73
CA ALA A 101 20.02 52.77 -16.32
C ALA A 101 18.52 52.87 -16.14
N CYS A 102 17.86 53.69 -16.96
CA CYS A 102 16.40 53.82 -16.87
C CYS A 102 15.72 52.49 -17.19
N LEU A 103 16.18 51.80 -18.23
CA LEU A 103 15.56 50.53 -18.60
C LEU A 103 15.71 49.50 -17.49
N ARG A 104 16.93 49.39 -16.93
CA ARG A 104 17.16 48.44 -15.85
C ARG A 104 16.33 48.79 -14.63
N PHE A 105 16.23 50.08 -14.32
CA PHE A 105 15.44 50.52 -13.18
C PHE A 105 13.96 50.18 -13.35
N PHE A 106 13.42 50.40 -14.56
CA PHE A 106 12.02 50.05 -14.79
C PHE A 106 11.80 48.55 -14.66
N SER A 107 12.70 47.75 -15.26
CA SER A 107 12.55 46.31 -15.20
C SER A 107 12.60 45.80 -13.77
N ILE A 108 13.51 46.35 -12.95
CA ILE A 108 13.61 45.90 -11.58
C ILE A 108 12.43 46.40 -10.76
N THR A 109 11.94 47.60 -11.10
CA THR A 109 10.81 48.19 -10.35
C THR A 109 9.61 47.27 -10.51
N GLY A 110 9.37 46.80 -11.72
CA GLY A 110 8.22 45.96 -11.95
C GLY A 110 8.08 44.86 -10.91
N ARG A 111 9.14 44.06 -10.77
CA ARG A 111 9.16 43.02 -9.76
C ARG A 111 9.18 43.59 -8.35
N ALA A 112 9.73 44.79 -8.17
CA ALA A 112 9.74 45.39 -6.84
C ALA A 112 8.34 45.76 -6.38
N VAL A 113 7.47 46.14 -7.32
CA VAL A 113 6.16 46.69 -6.99
C VAL A 113 5.04 45.68 -7.19
N ILE A 114 5.31 44.54 -7.81
CA ILE A 114 4.24 43.56 -8.02
C ILE A 114 3.65 43.09 -6.69
N ALA A 115 4.51 42.78 -5.71
CA ALA A 115 4.02 42.22 -4.46
C ALA A 115 3.12 43.18 -3.68
N PRO A 116 3.52 44.44 -3.42
CA PRO A 116 2.61 45.33 -2.68
C PRO A 116 1.30 45.56 -3.38
N LEU A 117 1.32 45.62 -4.72
CA LEU A 117 0.07 45.70 -5.47
C LEU A 117 -0.81 44.50 -5.18
N THR A 118 -0.20 43.31 -5.14
CA THR A 118 -0.96 42.10 -4.83
C THR A 118 -1.56 42.18 -3.43
N TRP A 119 -0.78 42.65 -2.46
CA TRP A 119 -1.27 42.77 -1.10
C TRP A 119 -2.46 43.71 -1.04
N LEU A 120 -2.34 44.89 -1.64
CA LEU A 120 -3.42 45.85 -1.62
C LEU A 120 -4.67 45.28 -2.29
N ALA A 121 -4.48 44.63 -3.45
CA ALA A 121 -5.63 44.11 -4.18
C ALA A 121 -6.34 43.03 -3.38
N VAL A 122 -5.58 42.09 -2.80
CA VAL A 122 -6.24 41.00 -2.07
C VAL A 122 -6.89 41.51 -0.80
N THR A 123 -6.26 42.48 -0.13
CA THR A 123 -6.87 43.04 1.07
C THR A 123 -8.18 43.75 0.74
N LEU A 124 -8.18 44.55 -0.32
CA LEU A 124 -9.41 45.24 -0.70
C LEU A 124 -10.48 44.25 -1.15
N LEU A 125 -10.09 43.20 -1.87
CA LEU A 125 -11.06 42.21 -2.33
C LEU A 125 -11.69 41.48 -1.15
N THR A 126 -10.88 41.11 -0.16
CA THR A 126 -11.44 40.50 1.05
C THR A 126 -12.36 41.47 1.77
N GLY A 127 -11.96 42.74 1.88
CA GLY A 127 -12.81 43.78 2.41
C GLY A 127 -12.81 43.93 3.91
N THR A 128 -12.28 42.97 4.65
CA THR A 128 -12.30 43.07 6.11
C THR A 128 -11.52 44.29 6.60
N TYR A 129 -10.34 44.52 6.02
CA TYR A 129 -9.51 45.64 6.47
C TYR A 129 -10.21 46.96 6.24
N TYR A 130 -10.78 47.15 5.05
CA TYR A 130 -11.55 48.36 4.79
C TYR A 130 -12.79 48.40 5.66
N GLU A 131 -13.40 47.24 5.93
CA GLU A 131 -14.58 47.21 6.76
C GLU A 131 -14.30 47.78 8.15
N CYS A 132 -13.26 47.27 8.81
CA CYS A 132 -12.90 47.79 10.12
C CYS A 132 -12.23 49.14 10.03
N ALA A 133 -11.81 49.56 8.84
CA ALA A 133 -11.01 50.77 8.74
C ALA A 133 -11.88 52.02 8.76
N ALA A 134 -12.74 52.18 7.75
CA ALA A 134 -13.54 53.39 7.63
C ALA A 134 -14.92 53.24 8.23
N SER A 135 -15.09 52.33 9.21
CA SER A 135 -16.42 52.07 9.75
C SER A 135 -17.01 53.28 10.44
N GLU A 136 -16.21 53.98 11.24
CA GLU A 136 -16.73 55.16 11.93
C GLU A 136 -17.02 56.32 10.99
N PHE A 137 -16.57 56.25 9.75
CA PHE A 137 -16.81 57.30 8.78
C PHE A 137 -18.15 57.16 8.07
N ALA A 138 -18.94 56.16 8.43
CA ALA A 138 -20.20 55.91 7.75
C ALA A 138 -21.18 57.06 7.97
N SER A 139 -22.06 57.26 6.98
CA SER A 139 -23.09 58.28 7.06
C SER A 139 -24.36 57.68 7.65
N VAL A 140 -24.82 58.25 8.76
CA VAL A 140 -25.98 57.73 9.46
C VAL A 140 -27.12 58.72 9.54
N ASP A 141 -26.94 59.97 9.09
CA ASP A 141 -28.03 60.93 9.12
C ASP A 141 -29.19 60.49 8.26
N HIS A 142 -28.93 59.70 7.21
CA HIS A 142 -30.01 59.15 6.41
C HIS A 142 -30.89 58.22 7.23
N TYR A 143 -30.28 57.37 8.06
CA TYR A 143 -31.04 56.45 8.89
C TYR A 143 -31.73 57.20 10.02
N PRO A 144 -33.05 57.08 10.18
CA PRO A 144 -33.73 57.77 11.28
C PRO A 144 -33.55 57.10 12.64
N MET A 145 -33.07 55.86 12.69
CA MET A 145 -32.87 55.20 13.98
C MET A 145 -31.83 55.93 14.82
N PHE A 146 -30.73 56.35 14.21
CA PHE A 146 -29.62 56.97 14.93
C PHE A 146 -29.91 58.46 15.11
N ASP A 147 -30.67 58.79 16.16
CA ASP A 147 -30.86 60.19 16.55
C ASP A 147 -29.73 60.64 17.47
N ASN A 148 -29.60 59.99 18.62
CA ASN A 148 -28.49 60.20 19.56
C ASN A 148 -28.26 61.70 19.82
N VAL A 149 -29.24 62.30 20.48
CA VAL A 149 -29.19 63.70 20.87
C VAL A 149 -27.89 64.01 21.62
N SER A 150 -27.28 62.98 22.20
CA SER A 150 -25.95 63.14 22.80
C SER A 150 -24.88 63.37 21.74
N ALA A 151 -25.04 62.78 20.56
CA ALA A 151 -24.16 62.88 19.40
C ALA A 151 -22.81 62.20 19.62
N SER A 152 -22.58 61.58 20.77
CA SER A 152 -21.34 60.85 21.04
C SER A 152 -21.53 59.35 21.09
N LYS A 153 -22.62 58.88 21.70
CA LYS A 153 -22.91 57.45 21.73
C LYS A 153 -23.09 56.91 20.31
N ARG A 154 -23.55 57.74 19.39
CA ARG A 154 -23.73 57.31 18.01
C ARG A 154 -22.42 56.84 17.40
N GLU A 155 -21.37 57.65 17.52
CA GLU A 155 -20.06 57.23 17.00
C GLU A 155 -19.55 56.00 17.74
N GLU A 156 -19.82 55.93 19.05
CA GLU A 156 -19.37 54.79 19.83
C GLU A 156 -19.97 53.49 19.29
N ILE A 157 -21.29 53.45 19.14
CA ILE A 157 -21.93 52.24 18.65
C ILE A 157 -21.53 51.97 17.20
N LEU A 158 -21.37 53.05 16.41
CA LEU A 158 -20.97 52.87 15.02
C LEU A 158 -19.63 52.18 14.92
N ALA A 159 -18.67 52.57 15.76
CA ALA A 159 -17.40 51.87 15.81
C ALA A 159 -17.51 50.53 16.52
N GLY A 160 -18.54 50.34 17.32
CA GLY A 160 -18.66 49.14 18.14
C GLY A 160 -19.24 47.92 17.46
N PHE A 161 -20.23 48.11 16.59
CA PHE A 161 -20.82 46.92 15.99
C PHE A 161 -19.95 46.21 14.94
N PRO A 162 -19.12 46.91 14.13
CA PRO A 162 -18.47 46.19 13.02
C PRO A 162 -17.46 45.17 13.45
N CYS A 163 -16.90 45.26 14.66
CA CYS A 163 -15.77 44.40 15.02
C CYS A 163 -16.24 43.00 15.40
N CYS A 164 -16.90 42.89 16.55
CA CYS A 164 -17.50 41.62 16.97
C CYS A 164 -18.83 41.78 17.69
N ARG A 165 -19.28 43.02 17.94
CA ARG A 165 -20.42 43.25 18.81
C ARG A 165 -21.69 43.19 17.96
N SER A 166 -22.47 42.12 18.15
CA SER A 166 -23.75 42.03 17.48
C SER A 166 -24.70 43.10 17.98
N ALA A 167 -24.86 43.22 19.30
CA ALA A 167 -25.77 44.15 19.95
C ALA A 167 -27.17 44.01 19.34
N PRO A 168 -27.86 42.89 19.60
CA PRO A 168 -29.13 42.63 18.90
C PRO A 168 -30.24 43.57 19.34
N SER A 169 -30.19 44.81 18.87
CA SER A 169 -31.22 45.81 19.19
C SER A 169 -31.75 46.45 17.91
N ASP A 170 -32.16 45.59 16.97
CA ASP A 170 -32.76 46.05 15.68
C ASP A 170 -31.71 46.73 14.80
N VAL A 171 -30.57 47.06 15.38
CA VAL A 171 -29.57 47.81 14.63
C VAL A 171 -28.79 46.85 13.75
N ILE A 172 -28.85 45.54 14.06
CA ILE A 172 -28.01 44.57 13.37
C ILE A 172 -28.26 44.63 11.86
N LEU A 173 -29.53 44.56 11.45
CA LEU A 173 -29.82 44.65 10.04
C LEU A 173 -29.24 45.94 9.46
N VAL A 174 -29.46 47.06 10.15
CA VAL A 174 -28.88 48.33 9.71
C VAL A 174 -27.38 48.18 9.56
N ARG A 175 -26.72 47.63 10.59
CA ARG A 175 -25.27 47.52 10.53
C ARG A 175 -24.84 46.69 9.34
N ASP A 176 -25.57 45.59 9.07
CA ASP A 176 -25.21 44.78 7.92
C ASP A 176 -25.26 45.60 6.65
N GLU A 177 -26.34 46.35 6.47
CA GLU A 177 -26.43 47.23 5.31
C GLU A 177 -25.21 48.13 5.25
N ILE A 178 -24.88 48.79 6.37
CA ILE A 178 -23.70 49.64 6.40
C ILE A 178 -22.48 48.83 6.01
N ALA A 179 -22.29 47.68 6.64
CA ALA A 179 -21.18 46.81 6.30
C ALA A 179 -21.19 46.54 4.79
N LEU A 180 -22.34 46.10 4.28
CA LEU A 180 -22.46 45.81 2.86
C LEU A 180 -21.97 47.00 2.04
N LEU A 181 -22.48 48.19 2.36
CA LEU A 181 -22.08 49.37 1.60
C LEU A 181 -20.57 49.50 1.58
N HIS A 182 -19.96 49.48 2.77
CA HIS A 182 -18.52 49.62 2.83
C HIS A 182 -17.86 48.50 2.03
N ARG A 183 -18.31 47.27 2.24
CA ARG A 183 -17.73 46.16 1.50
C ARG A 183 -17.81 46.42 0.01
N TYR A 184 -18.99 46.85 -0.46
CA TYR A 184 -19.15 47.14 -1.87
C TYR A 184 -18.08 48.12 -2.33
N GLN A 185 -17.97 49.25 -1.61
CA GLN A 185 -16.97 50.24 -1.99
C GLN A 185 -15.59 49.60 -2.03
N SER A 186 -15.26 48.79 -1.02
CA SER A 186 -13.95 48.16 -0.98
C SER A 186 -13.68 47.43 -2.28
N GLN A 187 -14.62 46.58 -2.69
CA GLN A 187 -14.43 45.81 -3.91
C GLN A 187 -14.07 46.74 -5.06
N MET A 188 -14.87 47.78 -5.25
CA MET A 188 -14.64 48.71 -6.34
C MET A 188 -13.20 49.22 -6.29
N LEU A 189 -12.79 49.72 -5.12
CA LEU A 189 -11.45 50.27 -4.99
C LEU A 189 -10.42 49.27 -5.48
N GLY A 190 -10.52 48.03 -5.00
CA GLY A 190 -9.59 47.00 -5.43
C GLY A 190 -9.54 46.96 -6.93
N TRP A 191 -10.70 46.71 -7.55
CA TRP A 191 -10.73 46.62 -9.00
C TRP A 191 -10.29 47.92 -9.62
N ILE A 192 -10.71 49.06 -9.05
CA ILE A 192 -10.27 50.34 -9.57
C ILE A 192 -8.75 50.38 -9.57
N LEU A 193 -8.15 50.07 -8.42
CA LEU A 193 -6.70 50.04 -8.34
C LEU A 193 -6.14 49.11 -9.40
N ILE A 194 -6.72 47.91 -9.49
CA ILE A 194 -6.25 46.94 -10.48
C ILE A 194 -6.24 47.58 -11.85
N THR A 195 -7.36 48.20 -12.22
CA THR A 195 -7.44 48.81 -13.54
C THR A 195 -6.29 49.79 -13.73
N LEU A 196 -6.14 50.72 -12.79
CA LEU A 196 -5.10 51.73 -12.91
C LEU A 196 -3.75 51.05 -13.07
N ALA A 197 -3.48 50.05 -12.23
CA ALA A 197 -2.20 49.37 -12.29
C ALA A 197 -1.94 48.87 -13.69
N THR A 198 -2.91 48.13 -14.25
CA THR A 198 -2.71 47.59 -15.58
C THR A 198 -2.44 48.71 -16.58
N ILE A 199 -3.24 49.78 -16.51
CA ILE A 199 -3.03 50.90 -17.41
C ILE A 199 -1.61 51.41 -17.29
N ALA A 200 -1.16 51.61 -16.04
CA ALA A 200 0.21 52.07 -15.83
C ALA A 200 1.18 51.13 -16.51
N ALA A 201 1.03 49.83 -16.28
CA ALA A 201 1.93 48.86 -16.89
C ALA A 201 2.01 49.12 -18.39
N LEU A 202 0.84 49.23 -19.03
CA LEU A 202 0.83 49.41 -20.48
C LEU A 202 1.66 50.62 -20.87
N VAL A 203 1.37 51.78 -20.29
CA VAL A 203 2.10 52.97 -20.70
C VAL A 203 3.56 52.84 -20.31
N SER A 204 3.82 52.22 -19.16
CA SER A 204 5.21 51.97 -18.79
C SER A 204 5.91 51.14 -19.85
N CYS A 205 5.25 50.07 -20.29
CA CYS A 205 5.82 49.27 -21.37
C CYS A 205 6.04 50.12 -22.61
N CYS A 206 5.10 51.03 -22.90
CA CYS A 206 5.26 51.92 -24.03
C CYS A 206 6.60 52.64 -23.96
N VAL A 207 6.92 53.19 -22.79
CA VAL A 207 8.20 53.88 -22.64
C VAL A 207 9.34 52.92 -22.92
N ALA A 208 9.28 51.72 -22.35
CA ALA A 208 10.35 50.76 -22.55
C ALA A 208 10.43 50.30 -23.99
N LYS A 209 9.41 50.57 -24.80
CA LYS A 209 9.45 50.26 -26.23
C LYS A 209 9.42 51.51 -27.08
N CYS A 210 9.54 52.69 -26.48
CA CYS A 210 9.64 53.93 -27.24
C CYS A 210 10.94 54.67 -27.00
N CYS A 211 11.35 54.81 -25.75
CA CYS A 211 12.61 55.48 -25.43
C CYS A 211 13.81 54.56 -25.55
N SER A 212 13.59 53.26 -25.65
CA SER A 212 14.71 52.32 -25.74
C SER A 212 15.40 52.46 -27.09
N PRO A 213 16.72 52.64 -27.12
CA PRO A 213 17.42 52.72 -28.41
C PRO A 213 17.72 51.34 -29.00
N LEU A 214 17.89 50.36 -28.13
CA LEU A 214 18.19 49.00 -28.58
C LEU A 214 16.95 48.35 -29.18
N THR A 215 17.20 47.36 -30.03
CA THR A 215 16.10 46.59 -30.61
C THR A 215 15.48 45.69 -29.55
N SER A 216 14.29 45.19 -29.85
CA SER A 216 13.60 44.30 -28.92
C SER A 216 14.42 43.05 -28.65
N LEU A 217 15.04 42.49 -29.70
CA LEU A 217 15.94 41.37 -29.50
C LEU A 217 17.27 41.81 -28.90
N GLN A 218 17.68 43.05 -29.16
CA GLN A 218 18.94 43.54 -28.61
C GLN A 218 18.91 43.60 -27.09
N HIS A 219 17.76 44.02 -26.53
CA HIS A 219 17.66 44.17 -25.08
C HIS A 219 17.82 42.83 -24.37
N CYS A 220 17.11 41.80 -24.85
CA CYS A 220 17.18 40.49 -24.21
C CYS A 220 18.59 39.91 -24.31
N TYR A 221 19.21 40.06 -25.48
CA TYR A 221 20.59 39.54 -25.69
C TYR A 221 21.52 40.26 -24.71
N TRP A 222 21.37 41.58 -24.64
CA TRP A 222 22.26 42.37 -23.79
C TRP A 222 22.09 41.98 -22.32
N THR A 223 20.86 41.75 -21.88
CA THR A 223 20.64 41.33 -20.50
C THR A 223 21.25 39.96 -20.22
N SER A 224 21.08 39.02 -21.16
CA SER A 224 21.69 37.71 -21.00
C SER A 224 23.20 37.83 -20.94
N HIS A 225 23.77 38.68 -21.79
CA HIS A 225 25.22 38.92 -21.77
C HIS A 225 25.66 39.49 -20.44
N LEU A 226 24.89 40.44 -19.90
CA LEU A 226 25.26 41.03 -18.62
C LEU A 226 25.25 40.00 -17.50
N GLN A 227 24.21 39.17 -17.44
CA GLN A 227 24.16 38.15 -16.41
C GLN A 227 25.30 37.15 -16.58
N ASN A 228 25.54 36.72 -17.82
CA ASN A 228 26.64 35.77 -18.08
C ASN A 228 27.96 36.37 -17.58
N GLU A 229 28.26 37.59 -18.01
CA GLU A 229 29.56 38.17 -17.68
C GLU A 229 29.68 38.43 -16.19
N ARG A 230 28.58 38.78 -15.51
CA ARG A 230 28.63 38.94 -14.06
C ARG A 230 28.99 37.63 -13.38
N GLU A 231 28.30 36.55 -13.74
CA GLU A 231 28.61 35.25 -13.15
C GLU A 231 30.02 34.81 -13.50
N LEU A 232 30.43 35.01 -14.75
CA LEU A 232 31.76 34.60 -15.18
C LEU A 232 32.83 35.36 -14.41
N PHE A 233 32.66 36.66 -14.23
CA PHE A 233 33.65 37.44 -13.51
C PHE A 233 33.67 37.09 -12.03
N GLU A 234 32.50 36.77 -11.45
CA GLU A 234 32.50 36.32 -10.07
C GLU A 234 33.27 35.02 -9.91
N GLN A 235 33.05 34.07 -10.81
CA GLN A 235 33.79 32.82 -10.78
C GLN A 235 35.29 33.06 -10.98
N ALA A 236 35.63 33.94 -11.92
CA ALA A 236 37.04 34.24 -12.19
C ALA A 236 37.70 34.91 -10.98
N ALA A 237 36.97 35.80 -10.31
CA ALA A 237 37.50 36.44 -9.11
C ALA A 237 37.73 35.43 -8.00
N GLU A 238 36.78 34.52 -7.80
CA GLU A 238 36.98 33.47 -6.81
C GLU A 238 38.18 32.61 -7.14
N GLN A 239 38.32 32.24 -8.42
CA GLN A 239 39.46 31.42 -8.82
C GLN A 239 40.78 32.16 -8.67
N HIS A 240 40.80 33.45 -9.00
CA HIS A 240 42.01 34.24 -8.83
C HIS A 240 42.40 34.36 -7.37
N SER A 241 41.42 34.55 -6.49
CA SER A 241 41.70 34.56 -5.05
C SER A 241 42.25 33.22 -4.60
N ARG A 242 41.65 32.13 -5.08
CA ARG A 242 42.14 30.79 -4.74
C ARG A 242 43.58 30.60 -5.20
N LEU A 243 43.89 31.02 -6.42
CA LEU A 243 45.25 30.89 -6.93
C LEU A 243 46.22 31.77 -6.15
N LEU A 244 45.81 32.97 -5.77
CA LEU A 244 46.68 33.85 -4.98
C LEU A 244 46.97 33.23 -3.62
N MET A 245 45.97 32.65 -2.97
CA MET A 245 46.19 32.02 -1.68
C MET A 245 47.08 30.79 -1.84
N MET A 246 46.85 30.02 -2.91
CA MET A 246 47.71 28.88 -3.22
C MET A 246 49.16 29.31 -3.38
N HIS A 247 49.38 30.43 -4.09
CA HIS A 247 50.72 30.96 -4.28
C HIS A 247 51.33 31.40 -2.96
N ARG A 248 50.52 32.04 -2.10
CA ARG A 248 51.01 32.45 -0.80
C ARG A 248 51.49 31.25 0.01
N ILE A 249 50.72 30.16 -0.01
CA ILE A 249 51.14 28.97 0.75
C ILE A 249 52.37 28.33 0.12
N LYS A 250 52.41 28.24 -1.22
CA LYS A 250 53.57 27.62 -1.84
C LYS A 250 54.83 28.47 -1.72
N LYS A 251 54.68 29.76 -1.41
CA LYS A 251 55.85 30.59 -1.14
C LYS A 251 56.23 30.58 0.34
N LEU A 252 55.26 30.40 1.23
CA LEU A 252 55.55 30.37 2.66
C LEU A 252 56.03 28.99 3.12
N PHE A 253 55.16 27.99 2.97
CA PHE A 253 55.46 26.63 3.38
C PHE A 253 56.34 25.89 2.38
N GLY A 254 56.52 26.43 1.18
CA GLY A 254 57.39 25.82 0.18
C GLY A 254 56.78 24.69 -0.60
N PHE A 255 55.51 24.37 -0.39
CA PHE A 255 54.85 23.29 -1.11
C PHE A 255 53.46 23.75 -1.55
N ILE A 256 52.97 23.12 -2.62
CA ILE A 256 51.62 23.36 -3.12
C ILE A 256 50.66 22.44 -2.39
N PRO A 257 49.68 22.98 -1.66
CA PRO A 257 48.69 22.11 -1.01
C PRO A 257 47.89 21.30 -2.01
N GLY A 258 47.52 20.09 -1.60
CA GLY A 258 46.77 19.20 -2.46
C GLY A 258 47.60 18.39 -3.43
N SER A 259 48.93 18.56 -3.42
CA SER A 259 49.83 17.83 -4.29
C SER A 259 50.81 17.04 -3.44
N GLU A 260 51.77 16.39 -4.10
CA GLU A 260 52.75 15.57 -3.40
C GLU A 260 53.67 16.45 -2.56
N ASP A 261 53.47 16.42 -1.25
CA ASP A 261 54.19 17.25 -0.29
C ASP A 261 55.48 16.60 0.19
N VAL A 262 55.75 15.36 -0.19
CA VAL A 262 56.83 14.58 0.39
C VAL A 262 58.20 15.08 -0.10
N LYS A 263 58.19 16.12 -0.94
CA LYS A 263 59.44 16.63 -1.48
C LYS A 263 60.15 17.54 -0.49
N HIS A 264 59.53 18.66 -0.11
CA HIS A 264 60.15 19.62 0.79
C HIS A 264 59.12 20.20 1.74
N ILE A 265 59.60 20.65 2.89
CA ILE A 265 58.79 21.36 3.88
C ILE A 265 59.61 22.52 4.42
N ARG A 266 58.98 23.69 4.54
CA ARG A 266 59.69 24.87 5.03
C ARG A 266 59.99 24.77 6.52
N ILE A 267 59.07 24.23 7.30
CA ILE A 267 59.11 24.26 8.76
C ILE A 267 59.27 25.70 9.21
N PRO A 268 58.25 26.55 9.03
CA PRO A 268 58.39 27.96 9.37
C PRO A 268 58.52 28.18 10.87
N SER A 269 59.21 29.26 11.23
CA SER A 269 59.44 29.62 12.61
C SER A 269 58.36 30.59 13.09
N CYS A 270 58.57 31.18 14.27
CA CYS A 270 57.59 32.10 14.84
C CYS A 270 57.46 33.38 14.01
N GLN A 271 58.57 33.86 13.44
CA GLN A 271 58.52 35.11 12.69
C GLN A 271 57.73 34.98 11.39
N ASP A 272 57.58 33.76 10.87
CA ASP A 272 56.93 33.58 9.57
C ASP A 272 55.43 33.76 9.64
N TRP A 273 54.81 33.46 10.80
CA TRP A 273 53.36 33.62 10.91
C TRP A 273 52.94 35.07 10.77
N LYS A 274 53.82 36.01 11.12
CA LYS A 274 53.47 37.42 11.04
C LYS A 274 53.30 37.89 9.60
N ASP A 275 54.10 37.34 8.68
CA ASP A 275 54.08 37.82 7.30
C ASP A 275 52.73 37.54 6.63
N ILE A 276 52.15 36.36 6.88
CA ILE A 276 50.87 36.01 6.26
C ILE A 276 49.69 36.71 6.91
N SER A 277 49.96 37.45 7.99
CA SER A 277 48.87 38.15 8.72
C SER A 277 48.54 39.49 8.04
N VAL A 278 49.36 39.91 7.06
CA VAL A 278 49.13 41.21 6.43
C VAL A 278 47.76 41.29 5.77
N PRO A 279 47.32 40.32 4.95
CA PRO A 279 45.98 40.50 4.38
C PRO A 279 44.90 39.75 5.17
N GLN B 5 -34.80 72.68 29.26
CA GLN B 5 -36.16 73.04 29.64
C GLN B 5 -37.12 71.88 29.41
N VAL B 6 -36.67 70.88 28.65
CA VAL B 6 -37.47 69.69 28.39
C VAL B 6 -37.44 68.78 29.60
N GLN B 7 -38.61 68.39 30.08
CA GLN B 7 -38.75 67.54 31.26
C GLN B 7 -39.50 66.26 30.89
N LEU B 8 -39.01 65.14 31.38
CA LEU B 8 -39.59 63.83 31.12
C LEU B 8 -39.89 63.14 32.45
N VAL B 9 -41.07 62.53 32.55
CA VAL B 9 -41.48 61.80 33.74
C VAL B 9 -42.15 60.50 33.31
N GLU B 10 -41.70 59.38 33.88
CA GLU B 10 -42.32 58.10 33.61
C GLU B 10 -43.49 57.89 34.56
N SER B 11 -44.66 57.58 33.99
CA SER B 11 -45.88 57.47 34.76
C SER B 11 -46.74 56.32 34.23
N GLY B 12 -47.68 55.88 35.05
CA GLY B 12 -48.59 54.81 34.68
C GLY B 12 -48.12 53.41 35.03
N GLY B 13 -46.94 53.27 35.62
CA GLY B 13 -46.43 51.98 36.01
C GLY B 13 -47.04 51.49 37.31
N GLY B 14 -46.48 50.39 37.82
CA GLY B 14 -46.95 49.84 39.07
C GLY B 14 -46.75 48.34 39.19
N LEU B 15 -47.64 47.68 39.93
CA LEU B 15 -47.59 46.24 40.13
C LEU B 15 -48.74 45.58 39.40
N VAL B 16 -48.43 44.55 38.61
CA VAL B 16 -49.42 43.79 37.86
C VAL B 16 -49.05 42.32 37.94
N GLN B 17 -50.07 41.47 37.97
CA GLN B 17 -49.86 40.03 38.02
C GLN B 17 -49.79 39.48 36.61
N ALA B 18 -49.70 38.16 36.49
CA ALA B 18 -49.60 37.52 35.18
C ALA B 18 -50.92 37.63 34.42
N GLY B 19 -50.80 37.87 33.11
CA GLY B 19 -51.96 37.97 32.25
C GLY B 19 -52.66 39.31 32.24
N GLY B 20 -52.17 40.29 33.00
CA GLY B 20 -52.78 41.60 33.06
C GLY B 20 -52.26 42.52 31.97
N SER B 21 -52.71 43.77 32.04
CA SER B 21 -52.32 44.80 31.09
C SER B 21 -51.77 46.00 31.85
N LEU B 22 -50.76 46.63 31.26
CA LEU B 22 -50.15 47.82 31.85
C LEU B 22 -49.94 48.85 30.74
N ARG B 23 -50.19 50.11 31.07
CA ARG B 23 -50.04 51.22 30.15
C ARG B 23 -49.12 52.26 30.75
N LEU B 24 -48.09 52.65 29.99
CA LEU B 24 -47.11 53.62 30.44
C LEU B 24 -47.33 54.93 29.70
N SER B 25 -47.22 56.04 30.43
CA SER B 25 -47.38 57.37 29.87
C SER B 25 -46.23 58.25 30.31
N CYS B 26 -45.70 59.05 29.39
CA CYS B 26 -44.63 59.99 29.69
C CYS B 26 -45.00 61.36 29.13
N ALA B 27 -44.78 62.40 29.93
CA ALA B 27 -45.08 63.77 29.53
C ALA B 27 -43.78 64.46 29.15
N ALA B 28 -43.72 64.97 27.93
CA ALA B 28 -42.54 65.65 27.42
C ALA B 28 -42.87 67.09 27.11
N SER B 29 -42.04 68.02 27.58
CA SER B 29 -42.25 69.43 27.35
C SER B 29 -41.36 69.94 26.22
N HIS B 37 -40.28 61.28 17.86
CA HIS B 37 -38.84 61.17 18.11
C HIS B 37 -38.59 60.70 19.54
N MET B 38 -39.13 59.53 19.89
CA MET B 38 -39.08 59.03 21.26
C MET B 38 -38.52 57.62 21.28
N ARG B 39 -37.78 57.30 22.34
CA ARG B 39 -37.24 55.97 22.58
C ARG B 39 -37.57 55.52 23.99
N TRP B 40 -37.48 54.21 24.21
CA TRP B 40 -37.78 53.63 25.51
C TRP B 40 -36.61 52.78 26.00
N TYR B 41 -36.44 52.76 27.32
CA TYR B 41 -35.40 51.98 27.97
C TYR B 41 -35.99 51.23 29.17
N ARG B 42 -35.34 50.12 29.51
CA ARG B 42 -35.67 49.36 30.71
C ARG B 42 -34.46 48.55 31.13
N GLN B 43 -34.43 48.21 32.42
CA GLN B 43 -33.29 47.45 32.95
C GLN B 43 -33.75 46.42 33.98
N ARG B 49 -29.26 48.45 31.32
CA ARG B 49 -30.38 49.04 30.60
C ARG B 49 -30.57 48.37 29.25
N GLU B 50 -31.82 48.18 28.84
CA GLU B 50 -32.15 47.46 27.62
C GLU B 50 -33.12 48.28 26.79
N TRP B 51 -33.03 48.14 25.46
CA TRP B 51 -33.93 48.81 24.54
C TRP B 51 -35.32 48.20 24.60
N VAL B 52 -36.32 49.01 24.28
CA VAL B 52 -37.70 48.52 24.24
C VAL B 52 -38.29 48.74 22.85
N ALA B 53 -38.38 50.00 22.44
CA ALA B 53 -38.99 50.34 21.16
C ALA B 53 -38.58 51.75 20.76
N ALA B 54 -38.96 52.12 19.54
CA ALA B 54 -38.67 53.44 18.99
C ALA B 54 -39.87 53.93 18.20
N ILE B 55 -39.96 55.26 18.07
CA ILE B 55 -41.05 55.90 17.36
C ILE B 55 -40.59 57.28 16.95
N TYR B 56 -41.19 57.80 15.88
CA TYR B 56 -40.81 59.11 15.35
C TYR B 56 -42.01 60.04 15.23
N ALA B 60 -42.57 58.34 11.59
CA ALA B 60 -43.67 57.58 12.16
C ALA B 60 -43.33 56.10 12.23
N GLY B 61 -42.11 55.76 11.80
CA GLY B 61 -41.69 54.37 11.87
C GLY B 61 -41.59 53.88 13.30
N THR B 62 -41.84 52.58 13.47
CA THR B 62 -41.91 51.99 14.80
C THR B 62 -41.29 50.60 14.76
N HIS B 63 -40.46 50.31 15.76
CA HIS B 63 -39.76 49.04 15.86
C HIS B 63 -39.98 48.45 17.25
N TYR B 64 -39.78 47.14 17.36
CA TYR B 64 -39.91 46.43 18.62
C TYR B 64 -38.77 45.44 18.79
N ALA B 65 -38.44 45.16 20.04
CA ALA B 65 -37.35 44.23 20.35
C ALA B 65 -37.74 42.80 19.98
N ASP B 66 -36.75 42.06 19.47
CA ASP B 66 -36.99 40.66 19.10
C ASP B 66 -37.23 39.78 20.32
N SER B 67 -36.68 40.18 21.48
CA SER B 67 -36.84 39.37 22.68
C SER B 67 -38.30 39.34 23.13
N VAL B 68 -39.01 40.45 22.98
CA VAL B 68 -40.37 40.58 23.49
C VAL B 68 -41.31 40.91 22.32
N LYS B 69 -40.93 40.49 21.12
CA LYS B 69 -41.73 40.78 19.94
C LYS B 69 -43.13 40.19 20.09
N GLY B 70 -44.14 40.96 19.67
CA GLY B 70 -45.51 40.53 19.79
C GLY B 70 -46.13 40.72 21.16
N ARG B 71 -45.60 41.61 21.98
CA ARG B 71 -46.20 41.85 23.28
C ARG B 71 -46.48 43.31 23.55
N PHE B 72 -45.62 44.22 23.13
CA PHE B 72 -45.77 45.64 23.43
C PHE B 72 -46.37 46.40 22.24
N THR B 73 -46.68 47.67 22.50
CA THR B 73 -47.22 48.58 21.50
C THR B 73 -46.93 50.00 21.95
N ILE B 74 -46.33 50.79 21.07
CA ILE B 74 -45.86 52.14 21.39
C ILE B 74 -46.56 53.13 20.48
N SER B 75 -47.12 54.18 21.07
CA SER B 75 -47.79 55.23 20.32
C SER B 75 -47.58 56.56 21.00
N ARG B 76 -47.71 57.64 20.23
CA ARG B 76 -47.56 58.98 20.75
C ARG B 76 -48.41 59.93 19.93
N ASP B 77 -48.69 61.10 20.51
CA ASP B 77 -49.44 62.15 19.83
C ASP B 77 -48.86 63.50 20.21
N ASN B 78 -48.56 64.31 19.18
CA ASN B 78 -48.01 65.64 19.41
C ASN B 78 -49.04 66.61 19.99
N ALA B 79 -50.33 66.26 19.97
CA ALA B 79 -51.34 67.14 20.53
C ALA B 79 -51.14 67.33 22.02
N LYS B 80 -50.89 66.22 22.73
CA LYS B 80 -50.71 66.27 24.20
C LYS B 80 -49.21 66.17 24.54
N ASN B 81 -48.34 66.17 23.53
CA ASN B 81 -46.90 66.10 23.74
C ASN B 81 -46.54 64.95 24.68
N THR B 82 -47.24 63.83 24.52
CA THR B 82 -47.07 62.68 25.39
C THR B 82 -46.84 61.43 24.54
N VAL B 83 -46.19 60.44 25.15
CA VAL B 83 -45.91 59.18 24.51
C VAL B 83 -46.53 58.07 25.36
N TYR B 84 -47.07 57.05 24.70
CA TYR B 84 -47.86 56.02 25.35
C TYR B 84 -47.34 54.64 24.94
N LEU B 85 -47.08 53.78 25.92
CA LEU B 85 -46.59 52.43 25.68
C LEU B 85 -47.55 51.44 26.31
N GLN B 86 -47.91 50.41 25.54
CA GLN B 86 -48.90 49.42 25.96
C GLN B 86 -48.23 48.06 26.11
N MET B 87 -48.37 47.47 27.29
CA MET B 87 -47.88 46.12 27.55
C MET B 87 -49.05 45.21 27.90
N ASN B 88 -49.14 44.09 27.20
CA ASN B 88 -50.26 43.16 27.34
C ASN B 88 -49.76 41.80 27.77
N SER B 89 -50.52 41.14 28.65
CA SER B 89 -50.21 39.80 29.14
C SER B 89 -48.80 39.76 29.75
N LEU B 90 -48.56 40.69 30.66
CA LEU B 90 -47.26 40.79 31.29
C LEU B 90 -46.99 39.59 32.19
N LYS B 91 -45.73 39.17 32.22
CA LYS B 91 -45.27 38.01 32.94
C LYS B 91 -44.07 38.38 33.80
N PRO B 92 -43.79 37.61 34.86
CA PRO B 92 -42.63 37.91 35.72
C PRO B 92 -41.30 37.93 34.97
N GLU B 93 -41.25 37.43 33.74
CA GLU B 93 -40.00 37.37 33.00
C GLU B 93 -39.46 38.76 32.64
N ASP B 94 -40.32 39.78 32.64
CA ASP B 94 -39.94 41.13 32.24
C ASP B 94 -39.88 42.08 33.43
N THR B 95 -39.46 41.58 34.59
CA THR B 95 -39.31 42.42 35.77
C THR B 95 -38.13 43.37 35.56
N ALA B 96 -38.42 44.65 35.39
CA ALA B 96 -37.38 45.62 35.09
C ALA B 96 -37.85 47.02 35.48
N VAL B 97 -36.89 47.92 35.63
CA VAL B 97 -37.17 49.34 35.84
C VAL B 97 -37.22 50.02 34.48
N TYR B 98 -38.33 50.68 34.18
CA TYR B 98 -38.58 51.23 32.85
C TYR B 98 -38.18 52.70 32.80
N TYR B 99 -37.35 53.04 31.82
CA TYR B 99 -36.87 54.40 31.61
C TYR B 99 -37.43 54.95 30.30
N CYS B 100 -36.96 56.14 29.93
CA CYS B 100 -37.32 56.75 28.66
C CYS B 100 -36.15 57.62 28.20
N PHE B 101 -36.06 57.80 26.88
CA PHE B 101 -34.96 58.57 26.30
C PHE B 101 -35.44 59.20 25.00
N VAL B 102 -34.97 60.42 24.74
CA VAL B 102 -35.40 61.16 23.55
C VAL B 102 -34.64 60.70 22.30
N TYR B 108 -29.83 63.64 27.96
CA TYR B 108 -31.20 63.61 28.45
C TYR B 108 -31.67 62.18 28.72
N ILE B 109 -31.86 61.86 30.00
CA ILE B 109 -32.35 60.56 30.43
C ILE B 109 -33.45 60.77 31.45
N GLY B 110 -34.57 60.07 31.27
CA GLY B 110 -35.66 60.18 32.21
C GLY B 110 -35.34 59.54 33.55
N GLN B 111 -36.13 59.91 34.56
CA GLN B 111 -35.90 59.38 35.90
C GLN B 111 -36.13 57.88 35.96
N GLY B 112 -37.17 57.39 35.29
CA GLY B 112 -37.44 55.96 35.23
C GLY B 112 -38.36 55.47 36.33
N THR B 113 -39.05 54.37 36.07
CA THR B 113 -39.96 53.77 37.04
C THR B 113 -39.73 52.26 37.11
N GLN B 114 -39.79 51.72 38.32
CA GLN B 114 -39.58 50.30 38.55
C GLN B 114 -40.93 49.58 38.53
N VAL B 115 -40.99 48.47 37.80
CA VAL B 115 -42.20 47.67 37.70
C VAL B 115 -41.82 46.20 37.79
N THR B 116 -42.52 45.45 38.65
CA THR B 116 -42.37 44.00 38.75
C THR B 116 -43.67 43.32 38.35
N VAL B 117 -43.56 42.06 37.97
CA VAL B 117 -44.70 41.22 37.65
C VAL B 117 -44.64 39.97 38.51
N SER B 118 -45.76 39.63 39.15
CA SER B 118 -45.81 38.48 40.03
C SER B 118 -46.77 37.42 39.50
N LEU C 6 10.49 10.91 -23.03
CA LEU C 6 9.11 11.08 -22.58
C LEU C 6 8.77 12.56 -22.41
N ASN C 7 9.64 13.29 -21.71
CA ASN C 7 9.42 14.71 -21.55
C ASN C 7 9.48 15.46 -22.88
N ASN C 8 10.17 14.87 -23.87
CA ASN C 8 10.19 15.46 -25.21
C ASN C 8 8.80 15.43 -25.83
N ILE C 9 8.04 14.36 -25.58
CA ILE C 9 6.67 14.28 -26.08
C ILE C 9 5.81 15.38 -25.47
N VAL C 10 5.98 15.64 -24.18
CA VAL C 10 5.22 16.70 -23.51
C VAL C 10 5.54 18.05 -24.13
N SER C 11 6.82 18.32 -24.38
CA SER C 11 7.20 19.56 -25.04
C SER C 11 6.63 19.63 -26.45
N SER C 12 6.59 18.48 -27.15
CA SER C 12 6.00 18.44 -28.48
C SER C 12 4.53 18.79 -28.43
N LEU C 13 3.80 18.23 -27.46
CA LEU C 13 2.38 18.58 -27.30
C LEU C 13 2.22 20.01 -26.82
N GLN C 14 3.20 20.53 -26.07
CA GLN C 14 3.17 21.93 -25.68
C GLN C 14 3.23 22.84 -26.91
N ARG C 15 4.03 22.45 -27.90
CA ARG C 15 4.10 23.21 -29.15
C ARG C 15 2.76 23.22 -29.87
N ASN C 16 1.91 22.23 -29.63
CA ASN C 16 0.58 22.21 -30.21
C ASN C 16 -0.26 23.33 -29.61
N GLY C 17 -0.64 24.30 -30.44
CA GLY C 17 -1.38 25.45 -29.94
C GLY C 17 -2.73 25.09 -29.38
N ILE C 18 -3.40 24.09 -29.96
CA ILE C 18 -4.72 23.70 -29.47
C ILE C 18 -4.63 23.25 -28.02
N PHE C 19 -3.59 22.48 -27.69
CA PHE C 19 -3.44 22.00 -26.32
C PHE C 19 -3.21 23.15 -25.34
N ILE C 20 -2.37 24.12 -25.70
CA ILE C 20 -2.11 25.22 -24.78
C ILE C 20 -3.35 26.09 -24.61
N ASN C 21 -4.11 26.31 -25.70
CA ASN C 21 -5.35 27.05 -25.56
C ASN C 21 -6.36 26.31 -24.70
N SER C 22 -6.43 24.99 -24.84
CA SER C 22 -7.32 24.20 -23.99
C SER C 22 -6.90 24.30 -22.52
N LEU C 23 -5.59 24.27 -22.26
CA LEU C 23 -5.10 24.44 -20.90
C LEU C 23 -5.48 25.81 -20.36
N ILE C 24 -5.34 26.85 -21.18
CA ILE C 24 -5.71 28.20 -20.76
C ILE C 24 -7.20 28.25 -20.42
N ALA C 25 -8.03 27.65 -21.28
CA ALA C 25 -9.47 27.67 -21.05
C ALA C 25 -9.84 26.94 -19.76
N ALA C 26 -9.25 25.76 -19.53
CA ALA C 26 -9.55 25.02 -18.32
C ALA C 26 -9.10 25.78 -17.08
N LEU C 27 -7.91 26.38 -17.13
CA LEU C 27 -7.43 27.13 -15.98
C LEU C 27 -8.32 28.33 -15.69
N THR C 28 -8.76 29.04 -16.75
CA THR C 28 -9.63 30.17 -16.55
C THR C 28 -10.98 29.75 -15.97
N ILE C 29 -11.52 28.63 -16.45
CA ILE C 29 -12.79 28.15 -15.93
C ILE C 29 -12.67 27.79 -14.45
N GLY C 30 -11.59 27.08 -14.10
CA GLY C 30 -11.38 26.75 -12.70
C GLY C 30 -11.22 27.97 -11.81
N GLY C 31 -10.44 28.95 -12.29
CA GLY C 31 -10.28 30.17 -11.53
C GLY C 31 -11.58 30.92 -11.35
N GLN C 32 -12.40 30.98 -12.41
CA GLN C 32 -13.69 31.63 -12.31
C GLN C 32 -14.59 30.92 -11.31
N GLN C 33 -14.59 29.58 -11.33
CA GLN C 33 -15.41 28.84 -10.39
C GLN C 33 -14.97 29.10 -8.96
N LEU C 34 -13.66 29.09 -8.72
CA LEU C 34 -13.16 29.37 -7.38
C LEU C 34 -13.52 30.78 -6.94
N PHE C 35 -13.35 31.76 -7.83
CA PHE C 35 -13.67 33.13 -7.49
C PHE C 35 -15.15 33.30 -7.17
N SER C 36 -16.02 32.68 -7.96
CA SER C 36 -17.46 32.77 -7.71
C SER C 36 -17.81 32.11 -6.38
N SER C 37 -17.27 30.93 -6.11
CA SER C 37 -17.60 30.22 -4.88
C SER C 37 -17.00 30.89 -3.65
N SER C 38 -15.96 31.72 -3.82
CA SER C 38 -15.27 32.30 -2.67
C SER C 38 -15.69 33.75 -2.38
N THR C 39 -15.54 34.64 -3.36
CA THR C 39 -15.50 36.07 -3.08
C THR C 39 -16.46 36.84 -3.98
N PHE C 40 -17.72 36.42 -4.06
CA PHE C 40 -18.71 37.15 -4.84
C PHE C 40 -19.76 37.81 -3.96
N SER C 41 -20.45 37.03 -3.13
CA SER C 41 -21.30 37.51 -2.04
C SER C 41 -22.52 38.31 -2.49
N CYS C 42 -22.60 38.68 -3.78
CA CYS C 42 -23.74 39.36 -4.36
C CYS C 42 -24.30 40.48 -3.48
N PRO C 43 -23.64 41.64 -3.41
CA PRO C 43 -24.17 42.74 -2.61
C PRO C 43 -25.59 43.08 -3.05
N CYS C 44 -26.43 43.42 -2.07
CA CYS C 44 -27.86 43.42 -2.24
C CYS C 44 -28.45 44.83 -2.17
N GLN C 45 -27.61 45.86 -2.28
CA GLN C 45 -28.10 47.22 -2.15
C GLN C 45 -29.00 47.60 -3.32
N VAL C 46 -30.06 48.35 -3.02
CA VAL C 46 -31.02 48.72 -4.05
C VAL C 46 -30.42 49.72 -5.02
N GLY C 47 -29.64 50.67 -4.51
CA GLY C 47 -29.14 51.77 -5.32
C GLY C 47 -28.31 51.33 -6.51
N LYS C 48 -27.14 50.77 -6.26
CA LYS C 48 -26.24 50.32 -7.32
C LYS C 48 -25.90 48.86 -7.08
N ASN C 49 -26.74 47.98 -7.62
CA ASN C 49 -26.44 46.56 -7.67
C ASN C 49 -26.09 46.09 -9.07
N PHE C 50 -26.70 46.70 -10.09
CA PHE C 50 -26.32 46.41 -11.46
C PHE C 50 -24.85 46.73 -11.71
N TYR C 51 -24.32 47.74 -11.02
CA TYR C 51 -22.92 48.10 -11.20
C TYR C 51 -22.00 46.95 -10.80
N TYR C 52 -22.29 46.32 -9.66
CA TYR C 52 -21.42 45.25 -9.16
C TYR C 52 -21.38 44.08 -10.13
N GLY C 53 -22.55 43.58 -10.51
CA GLY C 53 -22.58 42.45 -11.43
C GLY C 53 -21.98 42.78 -12.78
N SER C 54 -22.30 43.97 -13.30
CA SER C 54 -21.75 44.35 -14.59
C SER C 54 -20.23 44.42 -14.53
N ALA C 55 -19.68 45.00 -13.47
CA ALA C 55 -18.23 45.08 -13.32
C ALA C 55 -17.63 43.69 -13.21
N PHE C 56 -18.25 42.81 -12.41
CA PHE C 56 -17.78 41.44 -12.32
C PHE C 56 -17.76 40.78 -13.69
N LEU C 57 -18.69 41.16 -14.56
CA LEU C 57 -18.69 40.59 -15.90
C LEU C 57 -17.57 41.16 -16.76
N VAL C 58 -17.35 42.47 -16.72
CA VAL C 58 -16.50 43.11 -17.73
C VAL C 58 -15.04 43.20 -17.29
N ILE C 59 -14.78 43.72 -16.09
CA ILE C 59 -13.40 43.97 -15.68
C ILE C 59 -12.53 42.72 -15.76
N PRO C 60 -12.93 41.56 -15.24
CA PRO C 60 -12.07 40.38 -15.42
C PRO C 60 -11.81 40.05 -16.87
N ALA C 61 -12.83 40.19 -17.71
CA ALA C 61 -12.64 39.93 -19.13
C ALA C 61 -11.63 40.91 -19.74
N LEU C 62 -11.76 42.20 -19.40
CA LEU C 62 -10.86 43.20 -19.96
C LEU C 62 -9.42 42.97 -19.49
N ILE C 63 -9.24 42.67 -18.21
CA ILE C 63 -7.87 42.47 -17.72
C ILE C 63 -7.27 41.20 -18.29
N LEU C 64 -8.07 40.15 -18.46
CA LEU C 64 -7.56 38.94 -19.10
C LEU C 64 -7.18 39.20 -20.54
N LEU C 65 -8.00 39.97 -21.26
CA LEU C 65 -7.68 40.32 -22.64
C LEU C 65 -6.39 41.11 -22.72
N VAL C 66 -6.23 42.10 -21.85
CA VAL C 66 -5.01 42.91 -21.86
C VAL C 66 -3.80 42.06 -21.51
N ALA C 67 -3.94 41.17 -20.53
CA ALA C 67 -2.84 40.30 -20.15
C ALA C 67 -2.45 39.38 -21.29
N GLY C 68 -3.43 38.80 -21.98
CA GLY C 68 -3.12 37.95 -23.11
C GLY C 68 -2.43 38.70 -24.23
N PHE C 69 -2.85 39.95 -24.47
CA PHE C 69 -2.20 40.75 -25.50
C PHE C 69 -0.79 41.13 -25.10
N ALA C 70 -0.57 41.43 -23.81
CA ALA C 70 0.71 41.97 -23.38
C ALA C 70 1.74 40.88 -23.11
N LEU C 71 1.31 39.70 -22.66
CA LEU C 71 2.28 38.67 -22.29
C LEU C 71 3.05 38.13 -23.50
N ARG C 72 2.62 38.44 -24.72
CA ARG C 72 3.31 38.02 -25.93
C ARG C 72 4.30 39.11 -26.32
N SER C 73 5.60 38.78 -26.26
CA SER C 73 6.63 39.78 -26.48
C SER C 73 6.67 40.24 -27.93
N GLN C 74 6.38 39.35 -28.88
CA GLN C 74 6.52 39.69 -30.30
C GLN C 74 5.58 40.81 -30.71
N MET C 75 4.46 41.00 -29.98
CA MET C 75 3.54 42.08 -30.34
C MET C 75 4.18 43.45 -30.08
N TRP C 76 5.09 43.53 -29.10
CA TRP C 76 5.83 44.77 -28.91
C TRP C 76 6.67 45.09 -30.15
N THR C 77 7.35 44.10 -30.70
CA THR C 77 8.11 44.31 -31.93
C THR C 77 7.19 44.67 -33.09
N ILE C 78 6.02 44.04 -33.15
CA ILE C 78 5.05 44.35 -34.20
C ILE C 78 4.65 45.82 -34.12
N THR C 79 4.34 46.29 -32.92
CA THR C 79 3.96 47.69 -32.73
C THR C 79 5.12 48.62 -33.05
N GLY C 80 6.33 48.26 -32.65
CA GLY C 80 7.48 49.10 -32.94
C GLY C 80 7.73 49.23 -34.44
N GLU C 81 7.58 48.13 -35.18
CA GLU C 81 7.65 48.19 -36.63
C GLU C 81 6.52 49.06 -37.18
N TYR C 82 5.31 48.92 -36.62
CA TYR C 82 4.19 49.73 -37.06
C TYR C 82 4.42 51.21 -36.76
N CYS C 83 4.90 51.52 -35.56
CA CYS C 83 5.12 52.91 -35.16
C CYS C 83 6.54 53.36 -35.51
N PRO C 95 3.10 46.55 -48.68
CA PRO C 95 3.90 45.46 -49.27
C PRO C 95 3.78 44.16 -48.47
N LEU C 96 4.76 43.27 -48.65
CA LEU C 96 4.72 41.99 -47.95
C LEU C 96 4.91 42.14 -46.46
N GLU C 97 5.66 43.16 -46.02
CA GLU C 97 5.88 43.35 -44.59
C GLU C 97 4.58 43.63 -43.87
N CYS C 98 3.71 44.46 -44.45
CA CYS C 98 2.41 44.72 -43.85
C CYS C 98 1.58 43.45 -43.74
N LYS C 99 1.59 42.62 -44.79
CA LYS C 99 0.84 41.38 -44.75
C LYS C 99 1.36 40.45 -43.67
N LEU C 100 2.68 40.32 -43.55
CA LEU C 100 3.26 39.47 -42.53
C LEU C 100 2.92 39.97 -41.13
N ALA C 101 2.98 41.29 -40.93
CA ALA C 101 2.60 41.86 -39.65
C ALA C 101 1.14 41.57 -39.33
N CYS C 102 0.27 41.70 -40.32
CA CYS C 102 -1.15 41.41 -40.11
C CYS C 102 -1.36 39.94 -39.74
N LEU C 103 -0.69 39.03 -40.44
CA LEU C 103 -0.84 37.61 -40.15
C LEU C 103 -0.38 37.28 -38.74
N ARG C 104 0.79 37.79 -38.36
CA ARG C 104 1.30 37.53 -37.01
C ARG C 104 0.38 38.13 -35.96
N PHE C 105 -0.14 39.33 -36.23
CA PHE C 105 -1.05 39.97 -35.28
C PHE C 105 -2.33 39.16 -35.09
N PHE C 106 -2.90 38.65 -36.19
CA PHE C 106 -4.10 37.82 -36.08
C PHE C 106 -3.81 36.55 -35.29
N SER C 107 -2.70 35.89 -35.60
CA SER C 107 -2.36 34.64 -34.93
C SER C 107 -2.17 34.87 -33.43
N ILE C 108 -1.50 35.96 -33.06
CA ILE C 108 -1.30 36.23 -31.64
C ILE C 108 -2.59 36.67 -30.96
N THR C 109 -3.43 37.37 -31.72
CA THR C 109 -4.71 37.87 -31.15
C THR C 109 -5.54 36.67 -30.74
N GLY C 110 -5.58 35.65 -31.60
CA GLY C 110 -6.40 34.50 -31.29
C GLY C 110 -6.18 33.99 -29.88
N ARG C 111 -4.93 33.69 -29.55
CA ARG C 111 -4.59 33.26 -28.20
C ARG C 111 -4.77 34.38 -27.19
N ALA C 112 -4.65 35.64 -27.61
CA ALA C 112 -4.86 36.75 -26.67
C ALA C 112 -6.32 36.83 -26.24
N VAL C 113 -7.24 36.48 -27.13
CA VAL C 113 -8.66 36.69 -26.89
C VAL C 113 -9.39 35.42 -26.50
N ILE C 114 -8.74 34.25 -26.60
CA ILE C 114 -9.44 33.01 -26.24
C ILE C 114 -9.86 33.02 -24.77
N ALA C 115 -8.97 33.46 -23.87
CA ALA C 115 -9.28 33.39 -22.45
C ALA C 115 -10.44 34.29 -22.04
N PRO C 116 -10.49 35.58 -22.39
CA PRO C 116 -11.65 36.40 -21.99
C PRO C 116 -12.96 35.88 -22.55
N LEU C 117 -12.94 35.34 -23.77
CA LEU C 117 -14.13 34.69 -24.31
C LEU C 117 -14.56 33.55 -23.43
N THR C 118 -13.61 32.74 -22.98
CA THR C 118 -13.92 31.63 -22.08
C THR C 118 -14.54 32.14 -20.78
N TRP C 119 -13.97 33.21 -20.22
CA TRP C 119 -14.50 33.75 -18.97
C TRP C 119 -15.94 34.22 -19.17
N LEU C 120 -16.19 34.99 -20.23
CA LEU C 120 -17.54 35.48 -20.47
C LEU C 120 -18.51 34.34 -20.67
N ALA C 121 -18.11 33.33 -21.45
CA ALA C 121 -19.01 32.21 -21.74
C ALA C 121 -19.34 31.44 -20.46
N VAL C 122 -18.33 31.13 -19.65
CA VAL C 122 -18.59 30.34 -18.45
C VAL C 122 -19.41 31.15 -17.45
N THR C 123 -19.14 32.44 -17.33
CA THR C 123 -19.92 33.28 -16.42
C THR C 123 -21.39 33.32 -16.84
N LEU C 124 -21.63 33.52 -18.14
CA LEU C 124 -23.02 33.57 -18.60
C LEU C 124 -23.69 32.22 -18.44
N LEU C 125 -22.96 31.13 -18.70
CA LEU C 125 -23.54 29.79 -18.56
C LEU C 125 -23.93 29.51 -17.11
N THR C 126 -23.07 29.89 -16.17
CA THR C 126 -23.40 29.75 -14.76
C THR C 126 -24.61 30.61 -14.40
N GLY C 127 -24.65 31.84 -14.90
CA GLY C 127 -25.80 32.69 -14.76
C GLY C 127 -25.88 33.49 -13.48
N THR C 128 -25.06 33.18 -12.48
CA THR C 128 -25.16 33.90 -11.21
C THR C 128 -24.82 35.37 -11.38
N TYR C 129 -23.78 35.67 -12.16
CA TYR C 129 -23.36 37.05 -12.33
C TYR C 129 -24.46 37.86 -13.01
N TYR C 130 -25.03 37.33 -14.08
CA TYR C 130 -26.15 38.00 -14.73
C TYR C 130 -27.36 38.05 -13.82
N GLU C 131 -27.55 37.00 -13.00
CA GLU C 131 -28.68 36.99 -12.08
C GLU C 131 -28.62 38.17 -11.12
N CYS C 132 -27.48 38.34 -10.44
CA CYS C 132 -27.34 39.47 -9.54
C CYS C 132 -27.15 40.78 -10.28
N ALA C 133 -26.85 40.73 -11.58
CA ALA C 133 -26.50 41.95 -12.29
C ALA C 133 -27.73 42.75 -12.69
N ALA C 134 -28.58 42.18 -13.54
CA ALA C 134 -29.73 42.91 -14.06
C ALA C 134 -31.00 42.63 -13.29
N SER C 135 -30.87 42.25 -12.00
CA SER C 135 -32.05 41.86 -11.23
C SER C 135 -33.02 43.02 -11.06
N GLU C 136 -32.51 44.21 -10.74
CA GLU C 136 -33.40 45.34 -10.55
C GLU C 136 -34.03 45.83 -11.84
N PHE C 137 -33.57 45.34 -12.99
CA PHE C 137 -34.13 45.73 -14.27
C PHE C 137 -35.33 44.90 -14.67
N ALA C 138 -35.76 43.97 -13.82
CA ALA C 138 -36.85 43.08 -14.16
C ALA C 138 -38.16 43.85 -14.33
N SER C 139 -39.03 43.32 -15.18
CA SER C 139 -40.35 43.90 -15.41
C SER C 139 -41.35 43.28 -14.47
N VAL C 140 -42.00 44.11 -13.64
CA VAL C 140 -42.94 43.63 -12.64
C VAL C 140 -44.35 44.16 -12.84
N ASP C 141 -44.56 45.07 -13.80
CA ASP C 141 -45.91 45.58 -14.05
C ASP C 141 -46.86 44.46 -14.47
N HIS C 142 -46.32 43.42 -15.11
CA HIS C 142 -47.15 42.26 -15.45
C HIS C 142 -47.69 41.57 -14.21
N TYR C 143 -46.86 41.41 -13.18
CA TYR C 143 -47.29 40.77 -11.95
C TYR C 143 -48.20 41.71 -11.17
N PRO C 144 -49.42 41.27 -10.81
CA PRO C 144 -50.30 42.14 -10.01
C PRO C 144 -49.94 42.24 -8.55
N MET C 145 -49.07 41.36 -8.03
CA MET C 145 -48.70 41.44 -6.62
C MET C 145 -47.96 42.73 -6.31
N PHE C 146 -47.06 43.16 -7.19
CA PHE C 146 -46.23 44.33 -6.94
C PHE C 146 -46.99 45.58 -7.38
N ASP C 147 -47.83 46.10 -6.48
CA ASP C 147 -48.47 47.38 -6.71
C ASP C 147 -47.58 48.51 -6.22
N ASN C 148 -47.25 48.52 -4.93
CA ASN C 148 -46.30 49.45 -4.32
C ASN C 148 -46.57 50.89 -4.74
N VAL C 149 -47.71 51.40 -4.28
CA VAL C 149 -48.12 52.78 -4.55
C VAL C 149 -47.02 53.75 -4.17
N SER C 150 -46.10 53.33 -3.29
CA SER C 150 -44.91 54.13 -3.00
C SER C 150 -43.96 54.18 -4.19
N ALA C 151 -43.90 53.11 -4.98
CA ALA C 151 -43.08 52.95 -6.18
C ALA C 151 -41.59 52.86 -5.87
N SER C 152 -41.19 52.93 -4.60
CA SER C 152 -39.79 52.81 -4.21
C SER C 152 -39.47 51.50 -3.49
N LYS C 153 -40.36 51.06 -2.62
CA LYS C 153 -40.16 49.78 -1.95
C LYS C 153 -40.13 48.63 -2.95
N ARG C 154 -40.82 48.79 -4.08
CA ARG C 154 -40.83 47.75 -5.11
C ARG C 154 -39.41 47.47 -5.62
N GLU C 155 -38.69 48.53 -5.99
CA GLU C 155 -37.32 48.35 -6.45
C GLU C 155 -36.44 47.80 -5.34
N GLU C 156 -36.69 48.22 -4.09
CA GLU C 156 -35.91 47.74 -2.97
C GLU C 156 -36.05 46.23 -2.82
N ILE C 157 -37.28 45.73 -2.77
CA ILE C 157 -37.47 44.30 -2.61
C ILE C 157 -36.99 43.55 -3.85
N LEU C 158 -37.17 44.15 -5.03
CA LEU C 158 -36.72 43.52 -6.26
C LEU C 158 -35.21 43.28 -6.23
N ALA C 159 -34.46 44.28 -5.77
CA ALA C 159 -33.02 44.09 -5.59
C ALA C 159 -32.70 43.24 -4.37
N GLY C 160 -33.63 43.12 -3.43
CA GLY C 160 -33.36 42.45 -2.18
C GLY C 160 -33.50 40.94 -2.20
N PHE C 161 -34.47 40.41 -2.93
CA PHE C 161 -34.63 38.97 -2.88
C PHE C 161 -33.56 38.17 -3.63
N PRO C 162 -32.99 38.63 -4.76
CA PRO C 162 -32.13 37.74 -5.54
C PRO C 162 -30.83 37.38 -4.85
N CYS C 163 -30.36 38.16 -3.87
CA CYS C 163 -29.02 37.92 -3.34
C CYS C 163 -29.01 36.78 -2.34
N CYS C 164 -29.63 36.98 -1.18
CA CYS C 164 -29.78 35.92 -0.19
C CYS C 164 -31.10 35.98 0.56
N ARG C 165 -31.92 37.00 0.33
CA ARG C 165 -33.11 37.24 1.14
C ARG C 165 -34.27 36.43 0.59
N SER C 166 -34.65 35.39 1.31
CA SER C 166 -35.83 34.61 0.91
C SER C 166 -37.09 35.45 1.03
N ALA C 167 -37.29 36.10 2.19
CA ALA C 167 -38.48 36.89 2.49
C ALA C 167 -39.74 36.09 2.20
N PRO C 168 -40.03 35.06 2.99
CA PRO C 168 -41.12 34.14 2.63
C PRO C 168 -42.49 34.78 2.78
N SER C 169 -42.85 35.64 1.82
CA SER C 169 -44.14 36.31 1.82
C SER C 169 -44.83 36.12 0.47
N ASP C 170 -44.93 34.86 0.04
CA ASP C 170 -45.62 34.49 -1.23
C ASP C 170 -44.84 35.00 -2.45
N VAL C 171 -43.88 35.88 -2.22
CA VAL C 171 -43.17 36.48 -3.34
C VAL C 171 -42.10 35.50 -3.81
N ILE C 172 -41.73 34.52 -2.98
CA ILE C 172 -40.61 33.66 -3.29
C ILE C 172 -40.84 32.96 -4.63
N LEU C 173 -42.00 32.34 -4.80
CA LEU C 173 -42.30 31.70 -6.08
C LEU C 173 -42.16 32.70 -7.21
N VAL C 174 -42.74 33.88 -7.04
CA VAL C 174 -42.60 34.93 -8.05
C VAL C 174 -41.13 35.20 -8.32
N ARG C 175 -40.35 35.39 -7.25
CA ARG C 175 -38.94 35.71 -7.45
C ARG C 175 -38.25 34.60 -8.21
N ASP C 176 -38.56 33.34 -7.90
CA ASP C 176 -37.93 32.25 -8.63
C ASP C 176 -38.23 32.36 -10.11
N GLU C 177 -39.50 32.59 -10.45
CA GLU C 177 -39.85 32.80 -11.85
C GLU C 177 -38.99 33.90 -12.44
N ILE C 178 -38.91 35.04 -11.76
CA ILE C 178 -38.08 36.13 -12.25
C ILE C 178 -36.65 35.65 -12.42
N ALA C 179 -36.11 35.02 -11.38
CA ALA C 179 -34.77 34.46 -11.47
C ALA C 179 -34.66 33.57 -12.70
N LEU C 180 -35.60 32.62 -12.82
CA LEU C 180 -35.59 31.71 -13.95
C LEU C 180 -35.50 32.49 -15.25
N LEU C 181 -36.37 33.49 -15.41
CA LEU C 181 -36.38 34.26 -16.64
C LEU C 181 -34.99 34.82 -16.91
N HIS C 182 -34.43 35.51 -15.92
CA HIS C 182 -33.11 36.09 -16.11
C HIS C 182 -32.10 35.00 -16.45
N ARG C 183 -32.13 33.91 -15.67
CA ARG C 183 -31.21 32.81 -15.94
C ARG C 183 -31.35 32.35 -17.37
N TYR C 184 -32.59 32.16 -17.83
CA TYR C 184 -32.81 31.72 -19.19
C TYR C 184 -32.12 32.67 -20.15
N GLN C 185 -32.39 33.97 -20.00
CA GLN C 185 -31.76 34.94 -20.89
C GLN C 185 -30.25 34.80 -20.85
N SER C 186 -29.69 34.67 -19.63
CA SER C 186 -28.25 34.54 -19.50
C SER C 186 -27.73 33.42 -20.39
N GLN C 187 -28.34 32.24 -20.28
CA GLN C 187 -27.87 31.12 -21.07
C GLN C 187 -27.82 31.50 -22.54
N MET C 188 -28.93 32.05 -23.04
CA MET C 188 -28.98 32.43 -24.45
C MET C 188 -27.80 33.31 -24.81
N LEU C 189 -27.59 34.37 -24.02
CA LEU C 189 -26.51 35.29 -24.32
C LEU C 189 -25.20 34.54 -24.48
N GLY C 190 -24.89 33.68 -23.51
CA GLY C 190 -23.68 32.90 -23.57
C GLY C 190 -23.59 32.22 -24.91
N TRP C 191 -24.59 31.38 -25.20
CA TRP C 191 -24.56 30.65 -26.46
C TRP C 191 -24.56 31.60 -27.63
N ILE C 192 -25.34 32.69 -27.54
CA ILE C 192 -25.34 33.68 -28.61
C ILE C 192 -23.91 34.17 -28.82
N LEU C 193 -23.26 34.59 -27.73
CA LEU C 193 -21.89 35.05 -27.85
C LEU C 193 -21.04 33.95 -28.47
N ILE C 194 -21.19 32.72 -27.97
CA ILE C 194 -20.41 31.61 -28.50
C ILE C 194 -20.58 31.55 -30.01
N THR C 195 -21.83 31.57 -30.46
CA THR C 195 -22.10 31.48 -31.89
C THR C 195 -21.32 32.56 -32.62
N LEU C 196 -21.51 33.81 -32.19
CA LEU C 196 -20.84 34.92 -32.87
C LEU C 196 -19.35 34.69 -32.90
N ALA C 197 -18.78 34.30 -31.75
CA ALA C 197 -17.35 34.08 -31.69
C ALA C 197 -16.92 33.11 -32.76
N THR C 198 -17.57 31.96 -32.83
CA THR C 198 -17.20 30.96 -33.81
C THR C 198 -17.29 31.55 -35.22
N ILE C 199 -18.39 32.24 -35.51
CA ILE C 199 -18.55 32.85 -36.82
C ILE C 199 -17.37 33.76 -37.10
N ALA C 200 -17.03 34.62 -36.14
CA ALA C 200 -15.90 35.51 -36.31
C ALA C 200 -14.66 34.71 -36.66
N ALA C 201 -14.37 33.67 -35.87
CA ALA C 201 -13.19 32.86 -36.13
C ALA C 201 -13.18 32.42 -37.59
N LEU C 202 -14.31 31.89 -38.06
CA LEU C 202 -14.36 31.40 -39.43
C LEU C 202 -13.96 32.49 -40.41
N VAL C 203 -14.62 33.65 -40.34
CA VAL C 203 -14.32 34.68 -41.32
C VAL C 203 -12.91 35.18 -41.10
N SER C 204 -12.46 35.25 -39.84
CA SER C 204 -11.09 35.62 -39.57
C SER C 204 -10.15 34.66 -40.28
N CYS C 205 -10.40 33.36 -40.13
CA CYS C 205 -9.57 32.38 -40.83
C CYS C 205 -9.63 32.61 -42.32
N CYS C 206 -10.81 32.97 -42.85
CA CYS C 206 -10.93 33.27 -44.27
C CYS C 206 -9.90 34.31 -44.68
N VAL C 207 -9.79 35.39 -43.91
CA VAL C 207 -8.82 36.42 -44.23
C VAL C 207 -7.41 35.84 -44.23
N ALA C 208 -7.10 35.06 -43.19
CA ALA C 208 -5.77 34.47 -43.10
C ALA C 208 -5.51 33.47 -44.22
N LYS C 209 -6.55 33.04 -44.92
CA LYS C 209 -6.40 32.16 -46.06
C LYS C 209 -6.81 32.81 -47.36
N CYS C 210 -7.09 34.12 -47.35
CA CYS C 210 -7.40 34.85 -48.56
C CYS C 210 -6.41 35.98 -48.83
N CYS C 211 -6.09 36.78 -47.82
CA CYS C 211 -5.14 37.87 -47.99
C CYS C 211 -3.69 37.40 -47.85
N SER C 212 -3.47 36.19 -47.37
CA SER C 212 -2.11 35.69 -47.20
C SER C 212 -1.48 35.41 -48.56
N PRO C 213 -0.29 35.95 -48.84
CA PRO C 213 0.37 35.65 -50.12
C PRO C 213 1.12 34.32 -50.10
N LEU C 214 1.58 33.93 -48.91
CA LEU C 214 2.32 32.68 -48.78
C LEU C 214 1.38 31.49 -48.89
N THR C 215 1.95 30.34 -49.26
CA THR C 215 1.17 29.12 -49.31
C THR C 215 0.87 28.64 -47.89
N SER C 216 -0.09 27.72 -47.80
CA SER C 216 -0.47 27.18 -46.50
C SER C 216 0.71 26.49 -45.83
N LEU C 217 1.50 25.74 -46.61
CA LEU C 217 2.71 25.15 -46.07
C LEU C 217 3.81 26.19 -45.89
N GLN C 218 3.80 27.24 -46.72
CA GLN C 218 4.82 28.27 -46.59
C GLN C 218 4.74 28.99 -45.25
N HIS C 219 3.52 29.25 -44.78
CA HIS C 219 3.35 29.99 -43.54
C HIS C 219 3.92 29.22 -42.34
N CYS C 220 3.60 27.93 -42.25
CA CYS C 220 4.08 27.14 -41.13
C CYS C 220 5.60 27.03 -41.15
N TYR C 221 6.17 26.78 -42.33
CA TYR C 221 7.62 26.69 -42.45
C TYR C 221 8.27 28.02 -42.07
N TRP C 222 7.69 29.13 -42.52
CA TRP C 222 8.25 30.44 -42.21
C TRP C 222 8.21 30.71 -40.71
N THR C 223 7.10 30.33 -40.06
CA THR C 223 7.01 30.52 -38.60
C THR C 223 8.02 29.67 -37.86
N SER C 224 8.18 28.42 -38.28
CA SER C 224 9.20 27.56 -37.65
C SER C 224 10.59 28.15 -37.85
N HIS C 225 10.86 28.67 -39.06
CA HIS C 225 12.14 29.31 -39.32
C HIS C 225 12.35 30.51 -38.43
N LEU C 226 11.31 31.32 -38.24
CA LEU C 226 11.43 32.51 -37.40
C LEU C 226 11.75 32.13 -35.96
N GLN C 227 11.03 31.15 -35.43
CA GLN C 227 11.29 30.71 -34.05
C GLN C 227 12.70 30.14 -33.92
N ASN C 228 13.11 29.32 -34.89
CA ASN C 228 14.44 28.73 -34.85
C ASN C 228 15.53 29.79 -34.90
N GLU C 229 15.39 30.78 -35.79
CA GLU C 229 16.42 31.81 -35.90
C GLU C 229 16.41 32.71 -34.69
N ARG C 230 15.25 32.98 -34.10
CA ARG C 230 15.21 33.78 -32.88
C ARG C 230 15.98 33.08 -31.76
N GLU C 231 15.69 31.80 -31.53
CA GLU C 231 16.40 31.07 -30.48
C GLU C 231 17.88 30.97 -30.79
N LEU C 232 18.23 30.69 -32.06
CA LEU C 232 19.63 30.56 -32.44
C LEU C 232 20.38 31.87 -32.22
N PHE C 233 19.78 33.00 -32.58
CA PHE C 233 20.44 34.27 -32.40
C PHE C 233 20.55 34.63 -30.92
N GLU C 234 19.54 34.27 -30.12
CA GLU C 234 19.66 34.51 -28.68
C GLU C 234 20.82 33.71 -28.09
N GLN C 235 20.93 32.44 -28.48
CA GLN C 235 22.05 31.63 -28.01
C GLN C 235 23.38 32.19 -28.49
N ALA C 236 23.44 32.63 -29.74
CA ALA C 236 24.67 33.18 -30.29
C ALA C 236 25.05 34.47 -29.58
N ALA C 237 24.07 35.31 -29.27
CA ALA C 237 24.34 36.54 -28.54
C ALA C 237 24.87 36.25 -27.15
N GLU C 238 24.25 35.28 -26.45
CA GLU C 238 24.76 34.90 -25.14
C GLU C 238 26.19 34.38 -25.23
N GLN C 239 26.48 33.55 -26.23
CA GLN C 239 27.82 33.01 -26.39
C GLN C 239 28.83 34.11 -26.75
N HIS C 240 28.43 35.06 -27.59
CA HIS C 240 29.32 36.17 -27.94
C HIS C 240 29.62 37.03 -26.73
N SER C 241 28.61 37.28 -25.89
CA SER C 241 28.85 38.01 -24.65
C SER C 241 29.79 37.25 -23.74
N ARG C 242 29.60 35.94 -23.64
CA ARG C 242 30.49 35.11 -22.82
C ARG C 242 31.92 35.18 -23.34
N LEU C 243 32.10 35.08 -24.65
CA LEU C 243 33.44 35.16 -25.23
C LEU C 243 34.05 36.54 -25.03
N LEU C 244 33.26 37.60 -25.15
CA LEU C 244 33.78 38.94 -24.93
C LEU C 244 34.24 39.13 -23.49
N MET C 245 33.46 38.62 -22.53
CA MET C 245 33.85 38.72 -21.13
C MET C 245 35.11 37.88 -20.87
N MET C 246 35.17 36.70 -21.47
CA MET C 246 36.35 35.85 -21.38
C MET C 246 37.58 36.58 -21.89
N HIS C 247 37.44 37.26 -23.03
CA HIS C 247 38.53 38.04 -23.61
C HIS C 247 38.93 39.19 -22.70
N ARG C 248 37.95 39.85 -22.09
CA ARG C 248 38.26 40.93 -21.15
C ARG C 248 39.09 40.42 -19.99
N ILE C 249 38.72 39.26 -19.44
CA ILE C 249 39.49 38.71 -18.32
C ILE C 249 40.87 38.27 -18.76
N LYS C 250 40.97 37.62 -19.92
CA LYS C 250 42.28 37.15 -20.37
C LYS C 250 43.18 38.31 -20.79
N LYS C 251 42.62 39.49 -21.04
CA LYS C 251 43.45 40.66 -21.31
C LYS C 251 43.78 41.43 -20.03
N LEU C 252 42.90 41.37 -19.01
CA LEU C 252 43.17 42.09 -17.77
C LEU C 252 44.05 41.26 -16.84
N PHE C 253 43.57 40.09 -16.42
CA PHE C 253 44.30 39.21 -15.52
C PHE C 253 45.38 38.41 -16.22
N GLY C 254 45.40 38.38 -17.54
CA GLY C 254 46.43 37.70 -18.29
C GLY C 254 46.24 36.20 -18.44
N PHE C 255 45.14 35.65 -17.94
CA PHE C 255 44.88 34.22 -18.06
C PHE C 255 43.44 33.98 -18.46
N ILE C 256 43.20 32.84 -19.08
CA ILE C 256 41.85 32.42 -19.46
C ILE C 256 41.23 31.67 -18.28
N PRO C 257 40.12 32.15 -17.73
CA PRO C 257 39.46 31.42 -16.64
C PRO C 257 38.99 30.04 -17.10
N GLY C 258 39.02 29.10 -16.17
CA GLY C 258 38.63 27.74 -16.47
C GLY C 258 39.69 26.87 -17.10
N SER C 259 40.87 27.41 -17.33
CA SER C 259 42.00 26.69 -17.92
C SER C 259 43.16 26.69 -16.95
N GLU C 260 44.30 26.14 -17.39
CA GLU C 260 45.48 26.05 -16.55
C GLU C 260 46.04 27.44 -16.29
N ASP C 261 45.84 27.94 -15.07
CA ASP C 261 46.23 29.28 -14.67
C ASP C 261 47.66 29.34 -14.12
N VAL C 262 48.32 28.20 -13.97
CA VAL C 262 49.60 28.13 -13.26
C VAL C 262 50.72 28.75 -14.09
N LYS C 263 50.39 29.25 -15.28
CA LYS C 263 51.42 29.81 -16.15
C LYS C 263 51.77 31.24 -15.74
N HIS C 264 50.81 32.16 -15.79
CA HIS C 264 51.07 33.56 -15.48
C HIS C 264 49.88 34.15 -14.74
N ILE C 265 50.16 35.21 -13.96
CA ILE C 265 49.15 35.99 -13.27
C ILE C 265 49.53 37.46 -13.38
N ARG C 266 48.56 38.31 -13.70
CA ARG C 266 48.83 39.73 -13.85
C ARG C 266 49.13 40.40 -12.51
N ILE C 267 48.42 40.00 -11.46
CA ILE C 267 48.43 40.70 -10.17
C ILE C 267 48.08 42.17 -10.40
N PRO C 268 46.85 42.49 -10.79
CA PRO C 268 46.51 43.88 -11.10
C PRO C 268 46.54 44.77 -9.88
N SER C 269 46.83 46.05 -10.11
CA SER C 269 46.91 47.04 -9.04
C SER C 269 45.57 47.74 -8.89
N CYS C 270 45.55 48.83 -8.11
CA CYS C 270 44.31 49.56 -7.87
C CYS C 270 43.78 50.24 -9.13
N GLN C 271 44.68 50.73 -9.98
CA GLN C 271 44.24 51.42 -11.20
C GLN C 271 43.56 50.50 -12.19
N ASP C 272 43.83 49.20 -12.12
CA ASP C 272 43.30 48.28 -13.13
C ASP C 272 41.81 48.00 -12.93
N TRP C 273 41.31 48.08 -11.70
CA TRP C 273 39.89 47.82 -11.48
C TRP C 273 39.01 48.87 -12.16
N LYS C 274 39.53 50.07 -12.36
CA LYS C 274 38.73 51.12 -12.98
C LYS C 274 38.46 50.83 -14.45
N ASP C 275 39.40 50.20 -15.14
CA ASP C 275 39.25 49.98 -16.58
C ASP C 275 38.08 49.04 -16.88
N ILE C 276 37.92 47.98 -16.09
CA ILE C 276 36.83 47.04 -16.33
C ILE C 276 35.48 47.55 -15.88
N SER C 277 35.44 48.70 -15.22
CA SER C 277 34.17 49.29 -14.79
C SER C 277 33.49 50.11 -15.89
N VAL C 278 34.11 50.22 -17.07
CA VAL C 278 33.49 50.96 -18.17
C VAL C 278 32.17 50.33 -18.60
N PRO C 279 32.08 49.02 -18.87
CA PRO C 279 30.77 48.50 -19.27
C PRO C 279 29.99 47.90 -18.11
N LYS D 20 -7.75 1.00 -36.63
CA LYS D 20 -6.74 1.81 -37.28
C LYS D 20 -6.56 3.14 -36.55
N ASP D 21 -5.68 4.00 -37.07
CA ASP D 21 -5.45 5.29 -36.45
C ASP D 21 -6.67 6.20 -36.57
N VAL D 22 -7.40 6.09 -37.69
CA VAL D 22 -8.56 6.96 -37.90
C VAL D 22 -9.64 6.66 -36.87
N MET D 23 -9.92 5.37 -36.63
CA MET D 23 -11.00 5.00 -35.73
C MET D 23 -10.74 5.49 -34.31
N ILE D 24 -9.51 5.34 -33.82
CA ILE D 24 -9.18 5.79 -32.47
C ILE D 24 -9.29 7.30 -32.38
N PHE D 25 -8.87 8.01 -33.43
CA PHE D 25 -9.00 9.46 -33.44
C PHE D 25 -10.46 9.89 -33.32
N ASN D 26 -11.35 9.22 -34.05
CA ASN D 26 -12.77 9.51 -33.91
C ASN D 26 -13.29 9.07 -32.55
N GLY D 27 -12.82 7.92 -32.06
CA GLY D 27 -13.34 7.39 -30.82
C GLY D 27 -13.11 8.31 -29.63
N LEU D 28 -11.93 8.91 -29.56
CA LEU D 28 -11.64 9.84 -28.48
C LEU D 28 -12.56 11.05 -28.53
N VAL D 29 -12.84 11.55 -29.74
CA VAL D 29 -13.74 12.68 -29.88
C VAL D 29 -15.15 12.28 -29.46
N ALA D 30 -15.61 11.10 -29.87
CA ALA D 30 -16.94 10.65 -29.49
C ALA D 30 -17.06 10.50 -27.98
N LEU D 31 -16.02 9.95 -27.34
CA LEU D 31 -16.02 9.88 -25.88
C LEU D 31 -15.93 11.27 -25.28
N GLY D 32 -15.18 12.17 -25.91
CA GLY D 32 -15.02 13.50 -25.36
C GLY D 32 -16.31 14.28 -25.26
N THR D 33 -17.12 14.24 -26.32
CA THR D 33 -18.39 14.96 -26.29
C THR D 33 -19.40 14.29 -25.35
N VAL D 34 -19.45 12.96 -25.33
CA VAL D 34 -20.39 12.27 -24.45
C VAL D 34 -20.11 12.61 -23.00
N GLY D 35 -18.84 12.58 -22.61
CA GLY D 35 -18.49 13.00 -21.25
C GLY D 35 -18.83 14.45 -21.01
N SER D 36 -18.52 15.32 -21.97
CA SER D 36 -18.88 16.73 -21.85
C SER D 36 -20.39 16.89 -21.77
N GLN D 37 -21.12 16.12 -22.58
CA GLN D 37 -22.58 16.15 -22.51
C GLN D 37 -23.08 15.73 -21.14
N GLU D 38 -22.49 14.67 -20.58
CA GLU D 38 -22.82 14.28 -19.22
C GLU D 38 -22.48 15.38 -18.23
N LEU D 39 -21.31 16.01 -18.40
CA LEU D 39 -20.94 17.12 -17.54
C LEU D 39 -21.87 18.30 -17.74
N PHE D 40 -22.24 18.60 -18.99
CA PHE D 40 -23.12 19.73 -19.25
C PHE D 40 -24.51 19.50 -18.66
N SER D 41 -25.02 18.27 -18.78
CA SER D 41 -26.37 17.98 -18.32
C SER D 41 -26.50 18.04 -16.80
N VAL D 42 -25.37 18.11 -16.08
CA VAL D 42 -25.41 18.18 -14.63
C VAL D 42 -25.24 19.60 -14.13
N VAL D 43 -24.12 20.25 -14.48
CA VAL D 43 -23.82 21.55 -13.90
C VAL D 43 -24.78 22.62 -14.41
N ALA D 44 -25.00 22.68 -15.72
CA ALA D 44 -25.73 23.79 -16.33
C ALA D 44 -26.74 23.27 -17.35
N PHE D 45 -27.93 22.91 -16.87
CA PHE D 45 -29.09 22.76 -17.74
C PHE D 45 -30.33 22.89 -16.86
N HIS D 46 -31.01 24.02 -16.97
CA HIS D 46 -32.21 24.29 -16.19
C HIS D 46 -33.29 24.77 -17.16
N CYS D 47 -34.27 23.93 -17.41
CA CYS D 47 -35.28 24.25 -18.40
C CYS D 47 -36.12 25.41 -17.89
N PRO D 48 -36.14 26.53 -18.59
CA PRO D 48 -36.97 27.65 -18.13
C PRO D 48 -38.44 27.34 -18.33
N CYS D 49 -39.14 27.07 -17.24
CA CYS D 49 -40.54 26.68 -17.31
C CYS D 49 -41.38 27.93 -17.54
N SER D 50 -41.24 28.47 -18.74
CA SER D 50 -42.04 29.66 -19.14
C SER D 50 -42.51 29.42 -20.57
N PRO D 51 -43.80 29.61 -20.90
CA PRO D 51 -44.30 29.29 -22.23
C PRO D 51 -43.56 30.07 -23.31
N ALA D 52 -43.33 29.41 -24.44
CA ALA D 52 -42.63 29.95 -25.59
C ALA D 52 -41.20 30.39 -25.27
N ARG D 53 -40.68 30.01 -24.11
CA ARG D 53 -39.29 30.27 -23.75
C ARG D 53 -38.47 28.99 -23.71
N ASN D 54 -39.01 27.93 -23.13
CA ASN D 54 -38.31 26.65 -23.16
C ASN D 54 -38.19 26.10 -24.58
N TYR D 55 -39.22 26.33 -25.40
CA TYR D 55 -39.18 25.87 -26.79
C TYR D 55 -37.96 26.40 -27.51
N LEU D 56 -37.74 27.72 -27.45
CA LEU D 56 -36.51 28.28 -28.01
C LEU D 56 -35.30 27.80 -27.23
N TYR D 57 -35.40 27.71 -25.90
CA TYR D 57 -34.29 27.20 -25.10
C TYR D 57 -33.97 25.76 -25.47
N GLY D 58 -35.00 24.94 -25.63
CA GLY D 58 -34.75 23.54 -25.98
C GLY D 58 -34.07 23.39 -27.32
N LEU D 59 -34.53 24.13 -28.33
CA LEU D 59 -33.92 24.04 -29.64
C LEU D 59 -32.47 24.51 -29.61
N ALA D 60 -32.19 25.58 -28.88
CA ALA D 60 -30.82 26.08 -28.78
C ALA D 60 -29.96 25.14 -27.94
N ALA D 61 -30.57 24.38 -27.04
CA ALA D 61 -29.79 23.43 -26.24
C ALA D 61 -29.24 22.30 -27.07
N ILE D 62 -29.69 22.15 -28.31
CA ILE D 62 -29.22 21.10 -29.21
C ILE D 62 -28.42 21.69 -30.37
N GLY D 63 -29.03 22.60 -31.12
CA GLY D 63 -28.40 23.09 -32.33
C GLY D 63 -27.13 23.89 -32.07
N VAL D 64 -27.16 24.77 -31.07
CA VAL D 64 -26.03 25.66 -30.83
C VAL D 64 -24.74 24.89 -30.56
N PRO D 65 -24.70 23.93 -29.64
CA PRO D 65 -23.48 23.09 -29.56
C PRO D 65 -23.24 22.32 -30.84
N ALA D 66 -24.30 21.90 -31.52
CA ALA D 66 -24.14 21.14 -32.75
C ALA D 66 -23.52 21.99 -33.84
N LEU D 67 -24.06 23.18 -34.07
CA LEU D 67 -23.51 24.05 -35.10
C LEU D 67 -22.10 24.47 -34.76
N VAL D 68 -21.84 24.79 -33.49
CA VAL D 68 -20.50 25.19 -33.09
C VAL D 68 -19.52 24.03 -33.28
N LEU D 69 -19.86 22.85 -32.75
CA LEU D 69 -18.92 21.74 -32.81
C LEU D 69 -18.59 21.36 -34.24
N PHE D 70 -19.52 21.57 -35.17
CA PHE D 70 -19.22 21.39 -36.59
C PHE D 70 -18.18 22.40 -37.06
N ILE D 71 -18.17 23.59 -36.48
CA ILE D 71 -17.29 24.65 -36.98
C ILE D 71 -15.83 24.35 -36.64
N ILE D 72 -15.55 24.00 -35.37
CA ILE D 72 -14.16 23.69 -35.04
C ILE D 72 -13.69 22.47 -35.82
N GLY D 73 -14.61 21.61 -36.23
CA GLY D 73 -14.23 20.50 -37.09
C GLY D 73 -13.71 20.98 -38.43
N ILE D 74 -14.36 21.98 -39.01
CA ILE D 74 -13.88 22.51 -40.29
C ILE D 74 -12.56 23.25 -40.12
N ILE D 75 -12.47 24.11 -39.10
CA ILE D 75 -11.29 24.96 -38.95
C ILE D 75 -10.05 24.12 -38.70
N LEU D 76 -10.13 23.15 -37.80
CA LEU D 76 -8.95 22.37 -37.46
C LEU D 76 -8.53 21.41 -38.55
N ASN D 77 -9.34 21.20 -39.57
CA ASN D 77 -9.01 20.27 -40.65
C ASN D 77 -8.03 20.92 -41.61
N ASN D 78 -6.84 20.34 -41.73
CA ASN D 78 -5.82 20.89 -42.62
C ASN D 78 -6.29 20.85 -44.07
N HIS D 79 -6.97 19.77 -44.47
CA HIS D 79 -7.39 19.62 -45.85
C HIS D 79 -8.37 20.70 -46.30
N THR D 80 -9.06 21.34 -45.35
CA THR D 80 -10.04 22.36 -45.73
C THR D 80 -9.39 23.52 -46.46
N TRP D 81 -8.34 24.09 -45.87
CA TRP D 81 -7.65 25.20 -46.51
C TRP D 81 -6.98 24.78 -47.81
N ASN D 82 -6.64 23.50 -47.95
CA ASN D 82 -6.16 23.00 -49.23
C ASN D 82 -7.21 23.18 -50.32
N LEU D 83 -8.48 22.89 -50.00
CA LEU D 83 -9.55 23.12 -50.95
C LEU D 83 -9.68 24.59 -51.30
N VAL D 84 -9.61 25.46 -50.28
CA VAL D 84 -9.74 26.89 -50.51
C VAL D 84 -8.58 27.40 -51.35
N ALA D 85 -7.37 26.93 -51.07
CA ALA D 85 -6.19 27.41 -51.78
C ALA D 85 -6.32 27.16 -53.28
N GLU D 86 -6.72 25.94 -53.65
CA GLU D 86 -6.94 25.64 -55.07
C GLU D 86 -8.09 26.46 -55.63
N CYS D 87 -9.19 26.57 -54.87
CA CYS D 87 -10.35 27.30 -55.35
C CYS D 87 -10.01 28.76 -55.60
N GLN D 88 -9.25 29.38 -54.69
CA GLN D 88 -8.80 30.75 -54.90
C GLN D 88 -7.78 30.83 -56.04
N HIS D 89 -6.89 29.85 -56.13
CA HIS D 89 -5.87 29.87 -57.17
C HIS D 89 -6.47 29.62 -58.55
N ARG D 90 -7.30 28.59 -58.68
CA ARG D 90 -7.82 28.22 -59.98
C ARG D 90 -8.91 29.18 -60.46
N ARG D 91 -9.78 29.62 -59.54
CA ARG D 91 -10.91 30.51 -59.84
C ARG D 91 -11.88 29.92 -60.85
N THR D 92 -11.74 28.63 -61.18
CA THR D 92 -12.56 28.00 -62.21
C THR D 92 -13.19 26.69 -61.74
N LYS D 93 -12.89 26.22 -60.53
CA LYS D 93 -13.37 24.95 -60.02
C LYS D 93 -13.03 23.82 -60.99
N ASN D 94 -11.81 23.83 -61.50
CA ASN D 94 -11.34 22.80 -62.43
C ASN D 94 -11.09 21.47 -61.74
N CYS D 95 -11.17 21.42 -60.41
CA CYS D 95 -10.98 20.17 -59.69
C CYS D 95 -12.02 19.15 -60.12
N SER D 96 -11.58 17.92 -60.35
CA SER D 96 -12.46 16.88 -60.84
C SER D 96 -13.43 16.44 -59.74
N ALA D 97 -14.48 15.72 -60.15
CA ALA D 97 -15.48 15.27 -59.20
C ALA D 97 -14.90 14.30 -58.19
N ALA D 98 -14.05 13.37 -58.65
CA ALA D 98 -13.51 12.35 -57.74
C ALA D 98 -12.67 12.95 -56.60
N PRO D 99 -11.70 13.82 -56.84
CA PRO D 99 -10.98 14.41 -55.70
C PRO D 99 -11.87 15.20 -54.75
N THR D 100 -12.87 15.90 -55.28
CA THR D 100 -13.82 16.58 -54.40
C THR D 100 -14.60 15.58 -53.58
N PHE D 101 -14.98 14.45 -54.18
CA PHE D 101 -15.65 13.39 -53.44
C PHE D 101 -14.75 12.87 -52.32
N LEU D 102 -13.45 12.81 -52.58
CA LEU D 102 -12.52 12.34 -51.55
C LEU D 102 -12.43 13.33 -50.39
N LEU D 103 -12.23 14.62 -50.70
CA LEU D 103 -12.00 15.60 -49.65
C LEU D 103 -13.28 15.88 -48.86
N LEU D 104 -14.39 16.08 -49.56
CA LEU D 104 -15.64 16.37 -48.86
C LEU D 104 -16.06 15.20 -47.98
N SER D 105 -15.93 13.98 -48.48
CA SER D 105 -16.19 12.81 -47.65
C SER D 105 -15.08 12.56 -46.64
N SER D 106 -13.96 13.28 -46.73
CA SER D 106 -12.93 13.17 -45.71
C SER D 106 -13.16 14.14 -44.56
N ILE D 107 -13.47 15.40 -44.86
CA ILE D 107 -13.70 16.39 -43.81
C ILE D 107 -14.95 16.01 -43.01
N LEU D 108 -16.02 15.64 -43.69
CA LEU D 108 -17.24 15.25 -42.98
C LEU D 108 -16.99 14.03 -42.10
N GLY D 109 -16.30 13.03 -42.63
CA GLY D 109 -16.00 11.84 -41.85
C GLY D 109 -15.05 12.09 -40.70
N ARG D 110 -14.31 13.21 -40.74
CA ARG D 110 -13.42 13.56 -39.65
C ARG D 110 -13.96 14.66 -38.77
N ALA D 111 -14.82 15.53 -39.30
CA ALA D 111 -15.33 16.67 -38.55
C ALA D 111 -16.81 16.56 -38.23
N ALA D 112 -17.65 16.26 -39.21
CA ALA D 112 -19.09 16.22 -38.98
C ALA D 112 -19.53 15.11 -38.05
N VAL D 113 -18.60 14.28 -37.55
CA VAL D 113 -19.00 13.24 -36.62
C VAL D 113 -19.37 13.84 -35.27
N ALA D 114 -18.62 14.84 -34.80
CA ALA D 114 -18.84 15.36 -33.46
C ALA D 114 -20.24 15.91 -33.24
N PRO D 115 -20.79 16.77 -34.11
CA PRO D 115 -22.16 17.23 -33.87
C PRO D 115 -23.18 16.12 -33.85
N VAL D 116 -23.02 15.12 -34.69
CA VAL D 116 -23.98 14.02 -34.74
C VAL D 116 -24.01 13.28 -33.42
N THR D 117 -22.83 12.96 -32.88
CA THR D 117 -22.77 12.28 -31.59
C THR D 117 -23.39 13.11 -30.48
N TRP D 118 -23.11 14.42 -30.47
CA TRP D 118 -23.77 15.29 -29.50
C TRP D 118 -25.27 15.35 -29.75
N SER D 119 -25.67 15.41 -31.03
CA SER D 119 -27.09 15.51 -31.34
C SER D 119 -27.85 14.27 -30.89
N VAL D 120 -27.29 13.08 -31.13
CA VAL D 120 -28.02 11.87 -30.79
C VAL D 120 -28.09 11.68 -29.29
N ILE D 121 -26.98 11.86 -28.58
CA ILE D 121 -26.98 11.63 -27.14
C ILE D 121 -27.89 12.63 -26.44
N SER D 122 -27.95 13.86 -26.95
CA SER D 122 -28.87 14.83 -26.39
C SER D 122 -30.31 14.38 -26.58
N LEU D 123 -30.64 13.86 -27.76
CA LEU D 123 -31.96 13.30 -27.97
C LEU D 123 -32.18 12.07 -27.11
N LEU D 124 -31.16 11.20 -27.00
CA LEU D 124 -31.33 9.95 -26.28
C LEU D 124 -31.66 10.17 -24.81
N ARG D 125 -30.95 11.10 -24.17
CA ARG D 125 -31.24 11.39 -22.77
C ARG D 125 -32.61 12.04 -22.61
N GLY D 126 -33.04 12.83 -23.60
CA GLY D 126 -34.39 13.32 -23.67
C GLY D 126 -34.66 14.62 -22.94
N GLU D 127 -33.76 15.05 -22.04
CA GLU D 127 -34.02 16.28 -21.31
C GLU D 127 -34.00 17.49 -22.22
N ALA D 128 -33.29 17.42 -23.35
CA ALA D 128 -33.29 18.53 -24.29
C ALA D 128 -34.62 18.61 -25.02
N TYR D 129 -35.13 17.47 -25.49
CA TYR D 129 -36.35 17.48 -26.30
C TYR D 129 -37.57 17.74 -25.42
N VAL D 130 -37.60 17.16 -24.22
CA VAL D 130 -38.80 17.23 -23.39
C VAL D 130 -39.20 18.68 -23.16
N CYS D 131 -38.24 19.60 -23.23
CA CYS D 131 -38.57 21.01 -23.15
C CYS D 131 -39.22 21.50 -24.44
N ALA D 132 -38.85 20.91 -25.57
CA ALA D 132 -39.21 21.48 -26.87
C ALA D 132 -40.71 21.40 -27.12
N LEU D 133 -41.23 20.18 -27.20
CA LEU D 133 -42.64 20.00 -27.54
C LEU D 133 -43.56 20.04 -26.34
N SER D 134 -43.05 20.41 -25.15
CA SER D 134 -43.92 20.53 -23.98
C SER D 134 -45.01 21.57 -24.23
N GLU D 135 -44.70 22.61 -25.00
CA GLU D 135 -45.72 23.60 -25.37
C GLU D 135 -46.78 22.97 -26.25
N PHE D 136 -46.38 22.15 -27.22
CA PHE D 136 -47.29 21.63 -28.23
C PHE D 136 -48.20 20.52 -27.71
N VAL D 137 -47.98 20.03 -26.48
CA VAL D 137 -48.75 18.89 -25.99
C VAL D 137 -50.22 19.25 -25.91
N ASP D 138 -51.06 18.41 -26.50
CA ASP D 138 -52.50 18.66 -26.52
C ASP D 138 -53.12 18.30 -25.18
N PRO D 139 -53.78 19.24 -24.50
CA PRO D 139 -54.48 18.88 -23.25
C PRO D 139 -55.55 17.83 -23.44
N SER D 140 -56.25 17.84 -24.58
CA SER D 140 -57.28 16.86 -24.86
C SER D 140 -56.73 15.50 -25.27
N SER D 141 -55.44 15.43 -25.59
CA SER D 141 -54.82 14.15 -25.95
C SER D 141 -54.48 13.30 -24.74
N LEU D 142 -54.64 13.84 -23.54
CA LEU D 142 -54.32 13.08 -22.33
C LEU D 142 -55.36 11.99 -22.10
N THR D 143 -54.92 10.89 -21.50
CA THR D 143 -55.79 9.76 -21.24
C THR D 143 -55.76 9.36 -19.77
N ALA D 144 -56.39 8.23 -19.44
CA ALA D 144 -56.51 7.65 -18.10
C ALA D 144 -57.40 8.47 -17.19
N ARG D 145 -57.89 9.64 -17.63
CA ARG D 145 -58.78 10.47 -16.84
C ARG D 145 -59.34 11.55 -17.76
N GLU D 146 -60.40 12.21 -17.28
CA GLU D 146 -60.99 13.31 -18.04
C GLU D 146 -60.03 14.50 -18.07
N GLU D 147 -60.02 15.18 -19.21
CA GLU D 147 -59.13 16.33 -19.37
C GLU D 147 -59.51 17.43 -18.39
N HIS D 148 -58.53 17.85 -17.58
CA HIS D 148 -58.73 18.87 -16.55
C HIS D 148 -57.65 19.93 -16.72
N PHE D 149 -57.92 20.91 -17.59
CA PHE D 149 -57.02 22.02 -17.83
C PHE D 149 -57.84 23.23 -18.27
N PRO D 150 -57.60 24.41 -17.69
CA PRO D 150 -58.31 25.61 -18.13
C PRO D 150 -57.92 25.99 -19.55
N SER D 151 -58.86 26.61 -20.25
CA SER D 151 -58.63 27.00 -21.63
C SER D 151 -57.61 28.13 -21.78
N ALA D 152 -57.24 28.79 -20.68
CA ALA D 152 -56.29 29.90 -20.72
C ALA D 152 -54.91 29.55 -20.19
N HIS D 153 -54.82 28.74 -19.12
CA HIS D 153 -53.56 28.39 -18.51
C HIS D 153 -53.09 26.99 -18.86
N ALA D 154 -53.74 26.35 -19.84
CA ALA D 154 -53.32 25.00 -20.23
C ALA D 154 -51.90 25.00 -20.74
N THR D 155 -51.57 25.95 -21.62
CA THR D 155 -50.20 26.04 -22.12
C THR D 155 -49.22 26.35 -21.00
N GLU D 156 -49.60 27.28 -20.12
CA GLU D 156 -48.68 27.69 -19.06
C GLU D 156 -48.39 26.55 -18.09
N ILE D 157 -49.42 25.77 -17.72
CA ILE D 157 -49.19 24.71 -16.75
C ILE D 157 -48.33 23.61 -17.34
N LEU D 158 -48.49 23.33 -18.64
CA LEU D 158 -47.66 22.32 -19.27
C LEU D 158 -46.19 22.73 -19.28
N ALA D 159 -45.92 24.02 -19.51
CA ALA D 159 -44.54 24.49 -19.55
C ALA D 159 -43.80 24.26 -18.24
N ARG D 160 -44.53 24.09 -17.13
CA ARG D 160 -43.91 23.86 -15.84
C ARG D 160 -43.68 22.38 -15.54
N PHE D 161 -44.12 21.48 -16.43
CA PHE D 161 -43.94 20.06 -16.18
C PHE D 161 -42.47 19.66 -16.09
N PRO D 162 -41.58 20.04 -17.02
CA PRO D 162 -40.20 19.54 -16.95
C PRO D 162 -39.45 19.95 -15.70
N CYS D 163 -39.87 21.02 -15.02
CA CYS D 163 -39.15 21.48 -13.84
C CYS D 163 -39.27 20.52 -12.66
N LYS D 164 -40.16 19.54 -12.73
CA LYS D 164 -40.42 18.59 -11.64
C LYS D 164 -40.94 19.28 -10.39
N GLU D 165 -41.41 20.51 -10.52
CA GLU D 165 -42.00 21.26 -9.42
C GLU D 165 -43.52 21.27 -9.46
N ASN D 166 -44.12 20.45 -10.32
CA ASN D 166 -45.56 20.40 -10.44
C ASN D 166 -46.18 19.83 -9.15
N PRO D 167 -47.38 20.29 -8.80
CA PRO D 167 -48.05 19.75 -7.60
C PRO D 167 -48.37 18.28 -7.79
N ASP D 168 -48.44 17.56 -6.64
CA ASP D 168 -48.71 16.13 -6.69
C ASP D 168 -50.07 15.84 -7.31
N ASN D 169 -51.00 16.80 -7.28
CA ASN D 169 -52.28 16.61 -7.94
C ASN D 169 -52.12 16.45 -9.43
N LEU D 170 -51.21 17.21 -10.03
CA LEU D 170 -50.92 17.12 -11.47
C LEU D 170 -49.82 16.11 -11.78
N SER D 171 -49.29 15.41 -10.77
CA SER D 171 -48.22 14.46 -11.02
C SER D 171 -48.67 13.33 -11.92
N ASP D 172 -49.91 12.87 -11.75
CA ASP D 172 -50.43 11.78 -12.57
C ASP D 172 -50.34 12.15 -14.05
N PHE D 173 -50.85 13.33 -14.42
CA PHE D 173 -50.82 13.72 -15.82
C PHE D 173 -49.42 14.08 -16.27
N ARG D 174 -48.54 14.49 -15.35
CA ARG D 174 -47.21 14.93 -15.77
C ARG D 174 -46.34 13.77 -16.20
N GLU D 175 -46.42 12.63 -15.51
CA GLU D 175 -45.53 11.52 -15.83
C GLU D 175 -45.78 10.99 -17.22
N GLU D 176 -47.05 10.87 -17.62
CA GLU D 176 -47.34 10.41 -18.98
C GLU D 176 -46.79 11.39 -20.01
N VAL D 177 -46.97 12.69 -19.79
CA VAL D 177 -46.49 13.67 -20.75
C VAL D 177 -44.97 13.69 -20.78
N SER D 178 -44.33 13.68 -19.61
CA SER D 178 -42.87 13.68 -19.58
C SER D 178 -42.28 12.40 -20.13
N ARG D 179 -43.06 11.33 -20.24
CA ARG D 179 -42.56 10.09 -20.81
C ARG D 179 -42.87 9.97 -22.29
N ARG D 180 -44.05 10.43 -22.71
CA ARG D 180 -44.40 10.36 -24.13
C ARG D 180 -43.42 11.18 -24.97
N LEU D 181 -43.07 12.38 -24.51
CA LEU D 181 -42.01 13.12 -25.18
C LEU D 181 -40.67 12.40 -25.07
N ARG D 182 -40.36 11.88 -23.89
CA ARG D 182 -39.15 11.08 -23.74
C ARG D 182 -39.17 9.87 -24.64
N TYR D 183 -40.36 9.30 -24.87
CA TYR D 183 -40.49 8.27 -25.89
C TYR D 183 -40.14 8.83 -27.26
N GLU D 184 -40.65 10.02 -27.58
CA GLU D 184 -40.39 10.61 -28.89
C GLU D 184 -38.92 10.90 -29.08
N SER D 185 -38.26 11.39 -28.04
CA SER D 185 -36.84 11.73 -28.15
C SER D 185 -36.01 10.49 -28.44
N GLN D 186 -36.17 9.44 -27.66
CA GLN D 186 -35.39 8.23 -27.87
C GLN D 186 -35.70 7.62 -29.23
N LEU D 187 -36.97 7.58 -29.62
CA LEU D 187 -37.30 7.10 -30.95
C LEU D 187 -36.71 8.01 -32.02
N PHE D 188 -36.79 9.32 -31.83
CA PHE D 188 -36.20 10.24 -32.80
C PHE D 188 -34.68 10.10 -32.84
N GLY D 189 -34.06 9.95 -31.67
CA GLY D 189 -32.61 9.78 -31.64
C GLY D 189 -32.18 8.50 -32.34
N TRP D 190 -32.91 7.41 -32.12
CA TRP D 190 -32.59 6.17 -32.82
C TRP D 190 -32.75 6.33 -34.33
N LEU D 191 -33.82 6.98 -34.76
CA LEU D 191 -34.05 7.16 -36.20
C LEU D 191 -32.92 7.97 -36.83
N LEU D 192 -32.38 8.93 -36.10
CA LEU D 192 -31.22 9.68 -36.61
C LEU D 192 -30.04 8.75 -36.83
N ILE D 193 -29.82 7.81 -35.90
CA ILE D 193 -28.70 6.89 -36.05
C ILE D 193 -28.87 6.06 -37.31
N GLY D 194 -30.10 5.68 -37.63
CA GLY D 194 -30.34 4.92 -38.85
C GLY D 194 -29.95 5.68 -40.10
N VAL D 195 -30.24 6.99 -40.11
CA VAL D 195 -29.96 7.79 -41.31
C VAL D 195 -28.46 7.93 -41.52
N VAL D 196 -27.72 8.28 -40.47
CA VAL D 196 -26.28 8.44 -40.62
C VAL D 196 -25.63 7.10 -40.93
N ALA D 197 -26.11 6.03 -40.30
CA ALA D 197 -25.54 4.71 -40.59
C ALA D 197 -25.78 4.33 -42.04
N ILE D 198 -26.99 4.57 -42.56
CA ILE D 198 -27.26 4.27 -43.96
C ILE D 198 -26.40 5.14 -44.87
N LEU D 199 -26.30 6.43 -44.56
CA LEU D 199 -25.54 7.33 -45.43
C LEU D 199 -24.09 6.93 -45.54
N VAL D 200 -23.46 6.56 -44.42
CA VAL D 200 -22.07 6.14 -44.45
C VAL D 200 -21.92 4.91 -45.34
N PHE D 201 -22.83 3.95 -45.19
CA PHE D 201 -22.82 2.78 -46.06
C PHE D 201 -23.05 3.18 -47.51
N LEU D 202 -24.00 4.09 -47.74
CA LEU D 202 -24.26 4.54 -49.11
C LEU D 202 -23.05 5.27 -49.69
N THR D 203 -22.43 6.16 -48.90
CA THR D 203 -21.32 6.94 -49.41
C THR D 203 -20.13 6.05 -49.75
N LYS D 204 -19.81 5.08 -48.89
CA LYS D 204 -18.65 4.22 -49.13
C LYS D 204 -18.80 3.48 -50.45
N CYS D 205 -19.99 2.96 -50.74
CA CYS D 205 -20.22 2.31 -52.02
C CYS D 205 -20.06 3.30 -53.16
N LEU D 206 -20.61 4.51 -53.01
CA LEU D 206 -20.46 5.52 -54.05
C LEU D 206 -19.00 5.92 -54.21
N LYS D 207 -18.26 6.01 -53.11
CA LYS D 207 -16.85 6.37 -53.20
C LYS D 207 -16.07 5.34 -54.01
N HIS D 208 -16.31 4.05 -53.76
CA HIS D 208 -15.58 3.02 -54.48
C HIS D 208 -16.11 2.86 -55.91
N TYR D 209 -17.43 2.99 -56.09
CA TYR D 209 -18.00 2.80 -57.42
C TYR D 209 -17.57 3.91 -58.38
N CYS D 210 -17.52 5.15 -57.90
CA CYS D 210 -17.17 6.27 -58.76
C CYS D 210 -15.67 6.55 -58.81
N SER D 211 -14.88 5.90 -57.97
CA SER D 211 -13.44 6.11 -58.03
C SER D 211 -12.87 5.45 -59.29
N PRO D 212 -11.84 6.05 -59.89
CA PRO D 212 -11.23 5.44 -61.08
C PRO D 212 -10.23 4.33 -60.77
N LEU D 213 -9.90 4.12 -59.50
CA LEU D 213 -8.86 3.17 -59.12
C LEU D 213 -9.38 2.27 -58.02
N SER D 214 -8.94 1.01 -58.02
CA SER D 214 -9.43 0.02 -57.09
C SER D 214 -9.01 0.38 -55.66
N TYR D 215 -9.63 -0.30 -54.70
CA TYR D 215 -9.43 0.08 -53.30
C TYR D 215 -8.00 -0.16 -52.84
N ARG D 216 -7.33 -1.17 -53.39
CA ARG D 216 -5.93 -1.36 -53.07
C ARG D 216 -5.11 -0.16 -53.50
N GLN D 217 -5.38 0.37 -54.69
CA GLN D 217 -4.77 1.65 -55.07
C GLN D 217 -5.15 2.74 -54.09
N GLU D 218 -6.45 2.84 -53.76
CA GLU D 218 -6.89 3.87 -52.83
C GLU D 218 -6.22 3.69 -51.47
N ALA D 219 -6.09 2.45 -51.01
CA ALA D 219 -5.38 2.21 -49.77
C ALA D 219 -3.93 2.65 -49.86
N TYR D 220 -3.25 2.25 -50.94
CA TYR D 220 -1.85 2.63 -51.11
C TYR D 220 -1.70 4.14 -51.20
N TRP D 221 -2.59 4.79 -51.95
CA TRP D 221 -2.49 6.23 -52.15
C TRP D 221 -2.70 6.99 -50.85
N ALA D 222 -3.79 6.69 -50.13
CA ALA D 222 -4.05 7.37 -48.86
C ALA D 222 -2.99 7.02 -47.83
N GLN D 223 -2.46 5.80 -47.88
CA GLN D 223 -1.35 5.43 -47.01
C GLN D 223 -0.08 6.19 -47.40
N TYR D 224 0.11 6.46 -48.68
CA TYR D 224 1.25 7.26 -49.11
C TYR D 224 1.08 8.72 -48.70
N ARG D 225 -0.14 9.24 -48.77
CA ARG D 225 -0.36 10.65 -48.46
C ARG D 225 0.04 10.96 -47.02
N ALA D 226 -0.29 10.07 -46.09
CA ALA D 226 0.12 10.28 -44.70
C ALA D 226 1.64 10.25 -44.56
N ASN D 227 2.30 9.29 -45.23
CA ASN D 227 3.74 9.16 -45.09
C ASN D 227 4.49 10.36 -45.66
N GLU D 228 4.06 10.85 -46.83
CA GLU D 228 4.75 12.00 -47.42
C GLU D 228 4.62 13.23 -46.54
N ASP D 229 3.39 13.52 -46.08
CA ASP D 229 3.18 14.72 -45.28
C ASP D 229 3.84 14.59 -43.91
N GLN D 230 3.87 13.39 -43.34
CA GLN D 230 4.65 13.18 -42.13
C GLN D 230 6.13 13.39 -42.40
N LEU D 231 6.63 12.88 -43.52
CA LEU D 231 8.02 13.14 -43.91
C LEU D 231 8.24 14.62 -44.19
N PHE D 232 7.27 15.26 -44.85
CA PHE D 232 7.40 16.67 -45.19
C PHE D 232 7.54 17.53 -43.93
N GLN D 233 6.71 17.27 -42.92
CA GLN D 233 6.71 18.09 -41.72
C GLN D 233 8.03 17.96 -40.97
N ARG D 234 8.53 16.74 -40.82
CA ARG D 234 9.78 16.53 -40.09
C ARG D 234 10.94 17.21 -40.82
N THR D 235 10.98 17.07 -42.15
CA THR D 235 12.04 17.71 -42.93
C THR D 235 11.93 19.22 -42.86
N ALA D 236 10.71 19.76 -42.92
CA ALA D 236 10.53 21.21 -42.93
C ALA D 236 11.06 21.85 -41.65
N GLU D 237 10.78 21.23 -40.50
CA GLU D 237 11.32 21.75 -39.25
C GLU D 237 12.84 21.70 -39.25
N VAL D 238 13.40 20.60 -39.73
CA VAL D 238 14.86 20.48 -39.80
C VAL D 238 15.42 21.50 -40.79
N HIS D 239 14.78 21.62 -41.95
CA HIS D 239 15.26 22.57 -42.95
C HIS D 239 15.21 24.00 -42.42
N SER D 240 14.21 24.32 -41.60
CA SER D 240 14.18 25.63 -40.96
C SER D 240 15.37 25.82 -40.03
N ARG D 241 15.70 24.80 -39.25
CA ARG D 241 16.80 24.93 -38.30
C ARG D 241 18.13 25.07 -39.01
N VAL D 242 18.36 24.24 -40.03
CA VAL D 242 19.66 24.28 -40.72
C VAL D 242 19.81 25.59 -41.49
N LEU D 243 18.73 26.09 -42.10
CA LEU D 243 18.81 27.36 -42.80
C LEU D 243 19.07 28.50 -41.83
N ALA D 244 18.40 28.48 -40.68
CA ALA D 244 18.64 29.51 -39.67
C ALA D 244 20.07 29.43 -39.14
N ALA D 245 20.56 28.22 -38.90
CA ALA D 245 21.90 28.07 -38.36
C ALA D 245 22.96 28.61 -39.32
N ASN D 246 22.79 28.35 -40.62
CA ASN D 246 23.77 28.85 -41.59
C ASN D 246 23.79 30.38 -41.61
N ASN D 247 22.62 31.00 -41.52
CA ASN D 247 22.58 32.47 -41.48
C ASN D 247 23.22 33.00 -40.20
N VAL D 248 23.16 32.23 -39.12
CA VAL D 248 23.84 32.61 -37.89
C VAL D 248 25.35 32.64 -38.11
N ARG D 249 25.87 31.65 -38.83
CA ARG D 249 27.29 31.63 -39.14
C ARG D 249 27.69 32.86 -39.96
N ARG D 250 26.86 33.23 -40.95
CA ARG D 250 27.17 34.39 -41.76
C ARG D 250 27.14 35.67 -40.95
N PHE D 251 26.39 35.69 -39.85
CA PHE D 251 26.23 36.93 -39.10
C PHE D 251 27.16 37.00 -37.89
N PHE D 252 27.69 35.86 -37.44
CA PHE D 252 28.67 35.83 -36.36
C PHE D 252 30.03 35.29 -36.78
N GLY D 253 30.12 34.50 -37.84
CA GLY D 253 31.35 33.82 -38.17
C GLY D 253 31.54 32.48 -37.48
N PHE D 254 30.62 32.10 -36.60
CA PHE D 254 30.70 30.83 -35.89
C PHE D 254 29.29 30.45 -35.45
N VAL D 255 29.11 29.16 -35.17
CA VAL D 255 27.83 28.61 -34.76
C VAL D 255 28.06 27.60 -33.64
N ALA D 256 27.19 27.64 -32.63
CA ALA D 256 27.23 26.69 -31.52
C ALA D 256 26.02 25.78 -31.63
N LEU D 257 26.27 24.47 -31.72
CA LEU D 257 25.21 23.49 -31.92
C LEU D 257 25.41 22.31 -30.99
N ASN D 258 24.29 21.64 -30.68
CA ASN D 258 24.32 20.45 -29.84
C ASN D 258 24.71 19.24 -30.69
N LYS D 259 24.57 18.04 -30.14
CA LYS D 259 25.01 16.84 -30.85
C LYS D 259 24.15 16.56 -32.08
N ASP D 260 22.83 16.70 -31.96
CA ASP D 260 21.94 16.30 -33.05
C ASP D 260 21.95 17.33 -34.17
N ASP D 261 21.73 18.60 -33.84
CA ASP D 261 21.61 19.62 -34.88
C ASP D 261 22.91 19.78 -35.65
N GLU D 262 24.05 19.65 -34.97
CA GLU D 262 25.33 19.75 -35.67
C GLU D 262 25.49 18.64 -36.71
N GLU D 263 24.92 17.47 -36.45
CA GLU D 263 24.96 16.40 -37.44
C GLU D 263 24.14 16.76 -38.67
N LEU D 264 23.02 17.44 -38.47
CA LEU D 264 22.15 17.77 -39.60
C LEU D 264 22.84 18.71 -40.58
N ILE D 265 23.53 19.73 -40.07
CA ILE D 265 24.17 20.70 -40.96
C ILE D 265 25.29 20.04 -41.77
N ALA D 266 26.00 19.09 -41.16
CA ALA D 266 27.03 18.36 -41.88
C ALA D 266 26.45 17.33 -42.83
N ASN D 267 25.23 16.86 -42.58
CA ASN D 267 24.62 15.83 -43.40
C ASN D 267 23.61 16.39 -44.40
N PHE D 268 23.08 17.59 -44.16
CA PHE D 268 22.08 18.18 -45.04
C PHE D 268 22.63 19.45 -45.67
N PRO D 269 23.11 19.41 -46.90
CA PRO D 269 23.48 20.66 -47.58
C PRO D 269 22.25 21.51 -47.84
N VAL D 270 22.46 22.82 -47.82
CA VAL D 270 21.38 23.77 -48.03
C VAL D 270 21.21 24.00 -49.53
N GLU D 271 20.09 23.55 -50.08
CA GLU D 271 19.81 23.78 -51.49
C GLU D 271 19.58 25.26 -51.78
N GLY D 272 19.05 26.00 -50.79
CA GLY D 272 18.78 27.41 -50.94
C GLY D 272 17.30 27.71 -50.73
N THR D 273 16.80 28.67 -51.49
CA THR D 273 15.39 29.05 -51.45
C THR D 273 14.72 28.55 -52.72
N GLN D 274 13.64 27.80 -52.56
CA GLN D 274 12.91 27.30 -53.72
C GLN D 274 12.18 28.45 -54.41
N PRO D 275 12.03 28.38 -55.73
CA PRO D 275 11.26 29.41 -56.45
C PRO D 275 9.83 29.47 -55.95
N ARG D 276 9.27 30.68 -55.98
CA ARG D 276 7.90 30.88 -55.53
C ARG D 276 6.90 29.99 -56.25
N PRO D 277 6.90 29.87 -57.58
CA PRO D 277 5.96 28.93 -58.22
C PRO D 277 6.12 27.49 -57.78
N GLN D 278 7.34 27.08 -57.43
CA GLN D 278 7.54 25.70 -56.98
C GLN D 278 6.76 25.43 -55.70
N TRP D 279 6.77 26.37 -54.76
CA TRP D 279 5.96 26.20 -53.56
C TRP D 279 4.47 26.18 -53.89
N ASN D 280 4.03 27.06 -54.80
CA ASN D 280 2.63 27.06 -55.18
C ASN D 280 2.24 25.77 -55.90
N ALA D 281 3.18 25.14 -56.60
CA ALA D 281 2.84 23.95 -57.37
C ALA D 281 2.59 22.75 -56.47
N ILE D 282 3.11 22.77 -55.24
CA ILE D 282 2.97 21.64 -54.33
C ILE D 282 1.86 21.86 -53.31
N THR D 283 0.93 22.77 -53.59
CA THR D 283 -0.24 22.98 -52.75
C THR D 283 -1.48 23.00 -53.61
N GLY D 284 -2.60 22.57 -53.03
CA GLY D 284 -3.85 22.51 -53.75
C GLY D 284 -4.40 21.11 -53.88
N VAL D 285 -5.30 20.90 -54.83
CA VAL D 285 -5.92 19.60 -55.03
C VAL D 285 -5.08 18.78 -56.01
N TYR D 286 -5.28 17.47 -55.97
CA TYR D 286 -4.52 16.52 -56.77
C TYR D 286 -5.32 16.13 -58.01
N LEU D 287 -4.75 16.39 -59.18
CA LEU D 287 -5.40 16.07 -60.44
C LEU D 287 -5.26 14.60 -60.82
N TYR D 288 -4.33 13.87 -60.19
CA TYR D 288 -4.11 12.45 -60.45
C TYR D 288 -3.92 12.19 -61.94
N ARG D 289 -3.05 12.98 -62.56
CA ARG D 289 -2.73 12.83 -63.97
C ARG D 289 -1.60 11.80 -64.09
N GLU D 290 -1.89 10.68 -64.75
CA GLU D 290 -0.88 9.65 -64.93
C GLU D 290 0.21 10.13 -65.88
N ASN D 291 1.46 10.02 -65.45
CA ASN D 291 2.60 10.47 -66.25
C ASN D 291 2.87 9.42 -67.31
N GLN D 292 2.16 9.54 -68.44
CA GLN D 292 2.28 8.60 -69.56
C GLN D 292 2.01 7.17 -69.10
N GLY D 293 0.98 7.02 -68.27
CA GLY D 293 0.62 5.73 -67.70
C GLY D 293 1.23 5.46 -66.35
N LEU D 294 2.28 6.19 -66.01
CA LEU D 294 2.90 6.04 -64.70
C LEU D 294 2.15 6.92 -63.71
N PRO D 295 1.55 6.36 -62.66
CA PRO D 295 0.70 7.16 -61.77
C PRO D 295 1.49 8.16 -60.96
N LEU D 296 0.83 9.29 -60.66
CA LEU D 296 1.36 10.32 -59.78
C LEU D 296 0.36 10.52 -58.66
N TYR D 297 0.82 10.33 -57.42
CA TYR D 297 -0.10 10.25 -56.28
C TYR D 297 -0.28 11.58 -55.55
N SER D 298 0.37 12.65 -56.00
CA SER D 298 0.17 13.97 -55.42
C SER D 298 0.84 14.99 -56.33
N ARG D 299 0.56 16.26 -56.06
CA ARG D 299 1.26 17.33 -56.79
C ARG D 299 2.75 17.31 -56.49
N LEU D 300 3.11 17.02 -55.23
CA LEU D 300 4.52 16.97 -54.87
C LEU D 300 5.26 15.90 -55.65
N HIS D 301 4.64 14.73 -55.81
CA HIS D 301 5.27 13.67 -56.60
C HIS D 301 5.40 14.07 -58.06
N LYS D 302 4.38 14.74 -58.61
CA LYS D 302 4.45 15.19 -59.99
C LYS D 302 5.60 16.17 -60.19
N TRP D 303 5.80 17.09 -59.23
CA TRP D 303 6.84 18.10 -59.36
C TRP D 303 8.22 17.46 -59.46
N ALA D 304 8.49 16.45 -58.64
CA ALA D 304 9.79 15.78 -58.69
C ALA D 304 9.94 14.98 -59.97
N GLN D 305 8.91 14.23 -60.37
CA GLN D 305 8.99 13.47 -61.60
C GLN D 305 8.91 14.37 -62.83
N GLY D 306 8.24 15.52 -62.71
CA GLY D 306 8.22 16.46 -63.81
C GLY D 306 9.59 17.01 -64.13
N LEU D 307 10.41 17.27 -63.11
CA LEU D 307 11.76 17.76 -63.29
C LEU D 307 12.75 16.96 -62.45
N GLU E 38 -22.79 6.84 -17.42
CA GLU E 38 -21.92 6.31 -18.46
C GLU E 38 -22.68 6.07 -19.75
N LEU E 39 -22.05 5.38 -20.70
CA LEU E 39 -22.69 5.09 -21.97
C LEU E 39 -23.90 4.18 -21.80
N PHE E 40 -23.78 3.19 -20.92
CA PHE E 40 -24.89 2.25 -20.72
C PHE E 40 -26.11 2.95 -20.13
N SER E 41 -25.88 3.99 -19.31
CA SER E 41 -27.00 4.73 -18.75
C SER E 41 -27.80 5.44 -19.84
N VAL E 42 -27.10 6.01 -20.82
CA VAL E 42 -27.78 6.75 -21.89
C VAL E 42 -28.58 5.80 -22.77
N VAL E 43 -27.97 4.68 -23.18
CA VAL E 43 -28.60 3.76 -24.11
C VAL E 43 -29.47 2.77 -23.35
N ALA E 44 -29.66 3.01 -22.06
CA ALA E 44 -30.50 2.15 -21.25
C ALA E 44 -31.94 2.19 -21.74
N PHE E 45 -32.53 1.01 -21.89
CA PHE E 45 -33.91 0.92 -22.33
C PHE E 45 -34.83 1.61 -21.34
N HIS E 46 -35.77 2.39 -21.86
CA HIS E 46 -36.80 3.04 -21.06
C HIS E 46 -38.14 2.79 -21.73
N CYS E 47 -38.90 1.87 -21.18
CA CYS E 47 -40.14 1.43 -21.82
C CYS E 47 -41.18 2.53 -21.78
N PRO E 48 -41.66 3.03 -22.90
CA PRO E 48 -42.76 3.99 -22.88
C PRO E 48 -44.09 3.27 -22.68
N CYS E 49 -44.62 3.37 -21.47
CA CYS E 49 -45.87 2.69 -21.15
C CYS E 49 -47.01 3.45 -21.80
N SER E 50 -47.38 3.02 -23.01
CA SER E 50 -48.45 3.65 -23.74
C SER E 50 -48.92 2.69 -24.82
N PRO E 51 -50.22 2.54 -25.04
CA PRO E 51 -50.71 1.56 -26.00
C PRO E 51 -50.33 1.93 -27.42
N ALA E 52 -50.17 0.90 -28.24
CA ALA E 52 -49.94 1.05 -29.68
C ALA E 52 -48.72 1.91 -29.98
N ARG E 53 -47.89 2.13 -28.98
CA ARG E 53 -46.76 3.03 -29.14
C ARG E 53 -45.44 2.40 -28.75
N ASN E 54 -45.42 1.58 -27.71
CA ASN E 54 -44.15 1.03 -27.23
C ASN E 54 -43.58 0.00 -28.18
N TYR E 55 -44.45 -0.80 -28.82
CA TYR E 55 -43.94 -1.81 -29.74
C TYR E 55 -43.22 -1.17 -30.92
N LEU E 56 -43.63 0.04 -31.30
CA LEU E 56 -42.80 0.81 -32.23
C LEU E 56 -41.45 1.12 -31.61
N TYR E 57 -41.44 1.54 -30.34
CA TYR E 57 -40.18 1.84 -29.67
C TYR E 57 -39.31 0.59 -29.53
N GLY E 58 -39.93 -0.53 -29.18
CA GLY E 58 -39.17 -1.77 -29.06
C GLY E 58 -38.51 -2.16 -30.36
N LEU E 59 -39.22 -2.02 -31.47
CA LEU E 59 -38.64 -2.33 -32.77
C LEU E 59 -37.44 -1.43 -33.05
N ALA E 60 -37.59 -0.13 -32.81
CA ALA E 60 -36.48 0.79 -33.10
C ALA E 60 -35.35 0.64 -32.10
N ALA E 61 -35.68 0.44 -30.83
CA ALA E 61 -34.63 0.26 -29.83
C ALA E 61 -33.91 -1.06 -29.95
N ILE E 62 -34.39 -1.97 -30.79
CA ILE E 62 -33.73 -3.23 -31.06
C ILE E 62 -33.28 -3.33 -32.51
N GLY E 63 -34.17 -3.02 -33.45
CA GLY E 63 -33.82 -3.14 -34.85
C GLY E 63 -32.70 -2.20 -35.26
N VAL E 64 -32.80 -0.93 -34.85
CA VAL E 64 -31.76 0.04 -35.21
C VAL E 64 -30.40 -0.35 -34.65
N PRO E 65 -30.25 -0.73 -33.39
CA PRO E 65 -28.95 -1.27 -32.96
C PRO E 65 -28.54 -2.50 -33.76
N ALA E 66 -29.50 -3.33 -34.15
CA ALA E 66 -29.17 -4.45 -35.03
C ALA E 66 -28.79 -3.95 -36.42
N LEU E 67 -29.55 -3.01 -36.98
CA LEU E 67 -29.25 -2.51 -38.31
C LEU E 67 -27.89 -1.82 -38.36
N VAL E 68 -27.58 -1.03 -37.33
CA VAL E 68 -26.29 -0.37 -37.29
C VAL E 68 -25.17 -1.40 -37.24
N LEU E 69 -25.28 -2.35 -36.31
CA LEU E 69 -24.25 -3.38 -36.19
C LEU E 69 -24.13 -4.20 -37.46
N PHE E 70 -25.24 -4.41 -38.16
CA PHE E 70 -25.17 -5.15 -39.42
C PHE E 70 -24.36 -4.39 -40.45
N ILE E 71 -24.48 -3.06 -40.48
CA ILE E 71 -23.73 -2.27 -41.45
C ILE E 71 -22.23 -2.39 -41.19
N ILE E 72 -21.82 -2.30 -39.92
CA ILE E 72 -20.40 -2.41 -39.61
C ILE E 72 -19.84 -3.74 -40.09
N GLY E 73 -20.65 -4.79 -40.01
CA GLY E 73 -20.22 -6.08 -40.53
C GLY E 73 -19.93 -6.03 -42.02
N ILE E 74 -20.80 -5.38 -42.79
CA ILE E 74 -20.57 -5.26 -44.22
C ILE E 74 -19.40 -4.32 -44.50
N ILE E 75 -19.33 -3.20 -43.79
CA ILE E 75 -18.38 -2.15 -44.14
C ILE E 75 -16.95 -2.63 -43.90
N LEU E 76 -16.68 -3.21 -42.74
CA LEU E 76 -15.31 -3.61 -42.42
C LEU E 76 -14.83 -4.79 -43.25
N ASN E 77 -15.76 -5.62 -43.72
CA ASN E 77 -15.37 -6.84 -44.42
C ASN E 77 -14.76 -6.50 -45.77
N ASN E 78 -13.58 -7.06 -46.04
CA ASN E 78 -12.88 -6.79 -47.29
C ASN E 78 -13.51 -7.49 -48.48
N HIS E 79 -14.12 -8.66 -48.27
CA HIS E 79 -14.71 -9.40 -49.38
C HIS E 79 -15.91 -8.71 -49.99
N THR E 80 -16.44 -7.66 -49.36
CA THR E 80 -17.57 -6.95 -49.94
C THR E 80 -17.15 -5.89 -50.95
N TRP E 81 -15.93 -5.35 -50.83
CA TRP E 81 -15.55 -4.25 -51.70
C TRP E 81 -15.05 -4.74 -53.05
N ASN E 82 -14.17 -5.74 -53.06
CA ASN E 82 -13.77 -6.31 -54.34
C ASN E 82 -14.96 -6.92 -55.06
N LEU E 83 -15.98 -7.34 -54.31
CA LEU E 83 -17.24 -7.73 -54.95
C LEU E 83 -17.84 -6.55 -55.69
N VAL E 84 -17.94 -5.39 -55.03
CA VAL E 84 -18.41 -4.19 -55.70
C VAL E 84 -17.43 -3.77 -56.78
N ALA E 85 -16.13 -3.79 -56.46
CA ALA E 85 -15.12 -3.40 -57.43
C ALA E 85 -15.14 -4.31 -58.66
N GLU E 86 -15.54 -5.56 -58.49
CA GLU E 86 -15.62 -6.47 -59.63
C GLU E 86 -16.66 -5.97 -60.63
N CYS E 87 -17.80 -5.49 -60.14
CA CYS E 87 -18.82 -4.95 -61.04
C CYS E 87 -18.31 -3.71 -61.77
N GLN E 88 -17.34 -3.01 -61.20
CA GLN E 88 -16.83 -1.80 -61.84
C GLN E 88 -16.15 -2.12 -63.18
N HIS E 89 -15.29 -3.13 -63.19
CA HIS E 89 -14.49 -3.38 -64.39
C HIS E 89 -15.33 -4.00 -65.50
N ARG E 90 -16.19 -4.98 -65.17
CA ARG E 90 -17.00 -5.60 -66.20
C ARG E 90 -18.11 -4.67 -66.67
N ARG E 91 -18.82 -4.04 -65.73
CA ARG E 91 -19.82 -3.03 -66.03
C ARG E 91 -20.97 -3.56 -66.90
N THR E 92 -20.96 -4.86 -67.20
CA THR E 92 -21.96 -5.43 -68.10
C THR E 92 -22.43 -6.80 -67.62
N LYS E 93 -22.15 -7.15 -66.36
CA LYS E 93 -22.56 -8.44 -65.79
C LYS E 93 -22.02 -9.60 -66.63
N ASN E 94 -20.74 -9.51 -67.00
CA ASN E 94 -20.14 -10.53 -67.84
C ASN E 94 -20.09 -11.88 -67.12
N CYS E 95 -19.73 -11.87 -65.83
CA CYS E 95 -19.69 -13.10 -65.05
C CYS E 95 -21.07 -13.44 -64.52
N SER E 96 -21.37 -14.74 -64.49
CA SER E 96 -22.67 -15.20 -64.01
C SER E 96 -22.80 -14.98 -62.51
N ALA E 97 -24.04 -14.86 -62.06
CA ALA E 97 -24.30 -14.62 -60.64
C ALA E 97 -24.11 -15.87 -59.80
N ALA E 98 -24.34 -17.06 -60.37
CA ALA E 98 -24.25 -18.30 -59.60
C ALA E 98 -22.87 -18.53 -59.00
N PRO E 99 -21.76 -18.43 -59.73
CA PRO E 99 -20.46 -18.62 -59.08
C PRO E 99 -20.16 -17.60 -57.99
N THR E 100 -20.64 -16.36 -58.14
CA THR E 100 -20.40 -15.33 -57.14
C THR E 100 -21.35 -15.41 -55.96
N PHE E 101 -22.34 -16.32 -55.99
CA PHE E 101 -23.31 -16.39 -54.92
C PHE E 101 -22.67 -16.81 -53.61
N LEU E 102 -21.73 -17.77 -53.67
CA LEU E 102 -21.14 -18.29 -52.44
C LEU E 102 -20.39 -17.22 -51.67
N LEU E 103 -19.76 -16.28 -52.38
CA LEU E 103 -19.16 -15.13 -51.70
C LEU E 103 -20.23 -14.31 -50.98
N LEU E 104 -21.36 -14.09 -51.64
CA LEU E 104 -22.47 -13.39 -50.98
C LEU E 104 -22.94 -14.15 -49.75
N SER E 105 -22.78 -15.47 -49.74
CA SER E 105 -23.07 -16.23 -48.54
C SER E 105 -22.02 -15.99 -47.46
N SER E 106 -20.79 -15.67 -47.85
CA SER E 106 -19.75 -15.40 -46.86
C SER E 106 -19.91 -14.02 -46.26
N ILE E 107 -20.32 -13.03 -47.06
CA ILE E 107 -20.42 -11.66 -46.57
C ILE E 107 -21.57 -11.53 -45.57
N LEU E 108 -22.72 -12.16 -45.87
CA LEU E 108 -23.84 -12.08 -44.95
C LEU E 108 -23.57 -12.89 -43.69
N GLY E 109 -23.00 -14.09 -43.84
CA GLY E 109 -22.74 -14.94 -42.69
C GLY E 109 -21.77 -14.32 -41.72
N ARG E 110 -20.67 -13.77 -42.21
CA ARG E 110 -19.70 -13.16 -41.32
C ARG E 110 -20.28 -11.94 -40.62
N ALA E 111 -21.08 -11.15 -41.34
CA ALA E 111 -21.62 -9.92 -40.76
C ALA E 111 -22.76 -10.19 -39.80
N ALA E 112 -23.49 -11.30 -39.97
CA ALA E 112 -24.69 -11.53 -39.20
C ALA E 112 -24.43 -11.85 -37.74
N VAL E 113 -23.17 -12.04 -37.34
CA VAL E 113 -22.89 -12.36 -35.94
C VAL E 113 -23.35 -11.23 -35.02
N ALA E 114 -23.05 -9.99 -35.38
CA ALA E 114 -23.41 -8.86 -34.53
C ALA E 114 -24.91 -8.71 -34.36
N PRO E 115 -25.73 -8.69 -35.41
CA PRO E 115 -27.18 -8.56 -35.19
C PRO E 115 -27.77 -9.67 -34.36
N VAL E 116 -27.33 -10.91 -34.58
CA VAL E 116 -27.87 -12.03 -33.82
C VAL E 116 -27.43 -11.95 -32.37
N THR E 117 -26.15 -11.70 -32.13
CA THR E 117 -25.65 -11.62 -30.76
C THR E 117 -26.20 -10.42 -30.02
N TRP E 118 -26.83 -9.47 -30.72
CA TRP E 118 -27.54 -8.40 -30.05
C TRP E 118 -29.03 -8.65 -30.00
N SER E 119 -29.59 -9.27 -31.04
CA SER E 119 -30.98 -9.68 -31.00
C SER E 119 -31.21 -10.72 -29.92
N VAL E 120 -30.31 -11.69 -29.80
CA VAL E 120 -30.46 -12.75 -28.80
C VAL E 120 -30.37 -12.17 -27.40
N ILE E 121 -29.39 -11.30 -27.16
CA ILE E 121 -29.21 -10.76 -25.82
C ILE E 121 -30.44 -10.00 -25.37
N SER E 122 -31.03 -9.21 -26.27
CA SER E 122 -32.25 -8.49 -25.92
C SER E 122 -33.38 -9.45 -25.60
N LEU E 123 -33.53 -10.52 -26.40
CA LEU E 123 -34.61 -11.46 -26.16
C LEU E 123 -34.44 -12.16 -24.81
N LEU E 124 -33.21 -12.59 -24.49
CA LEU E 124 -32.97 -13.25 -23.22
C LEU E 124 -33.15 -12.29 -22.05
N ARG E 125 -32.70 -11.05 -22.20
CA ARG E 125 -32.96 -10.07 -21.15
C ARG E 125 -34.45 -9.89 -20.95
N GLY E 126 -35.22 -9.87 -22.03
CA GLY E 126 -36.66 -9.81 -21.96
C GLY E 126 -37.23 -8.43 -21.85
N GLU E 127 -36.42 -7.41 -21.56
CA GLU E 127 -36.96 -6.06 -21.41
C GLU E 127 -37.61 -5.58 -22.69
N ALA E 128 -36.98 -5.86 -23.83
CA ALA E 128 -37.52 -5.39 -25.10
C ALA E 128 -38.89 -6.01 -25.38
N TYR E 129 -39.04 -7.31 -25.11
CA TYR E 129 -40.25 -7.99 -25.53
C TYR E 129 -41.45 -7.63 -24.68
N VAL E 130 -41.29 -7.52 -23.36
CA VAL E 130 -42.45 -7.23 -22.52
C VAL E 130 -43.05 -5.88 -22.89
N CYS E 131 -42.20 -4.87 -23.04
CA CYS E 131 -42.68 -3.57 -23.48
C CYS E 131 -43.24 -3.63 -24.89
N ALA E 132 -42.80 -4.60 -25.69
CA ALA E 132 -43.29 -4.71 -27.06
C ALA E 132 -44.69 -5.28 -27.10
N LEU E 133 -45.00 -6.25 -26.23
CA LEU E 133 -46.26 -6.96 -26.29
C LEU E 133 -47.07 -6.83 -25.01
N SER E 134 -46.82 -5.78 -24.23
CA SER E 134 -47.53 -5.64 -22.96
C SER E 134 -49.02 -5.47 -23.17
N GLU E 135 -49.43 -4.69 -24.16
CA GLU E 135 -50.82 -4.32 -24.33
C GLU E 135 -51.61 -5.31 -25.18
N PHE E 136 -51.00 -6.42 -25.60
CA PHE E 136 -51.69 -7.40 -26.40
C PHE E 136 -52.09 -8.64 -25.61
N VAL E 137 -51.92 -8.63 -24.30
CA VAL E 137 -52.27 -9.80 -23.49
C VAL E 137 -53.78 -9.91 -23.39
N ASP E 138 -54.31 -11.06 -23.73
CA ASP E 138 -55.75 -11.27 -23.72
C ASP E 138 -56.26 -11.33 -22.28
N PRO E 139 -57.15 -10.43 -21.86
CA PRO E 139 -57.67 -10.50 -20.49
C PRO E 139 -58.39 -11.79 -20.18
N SER E 140 -59.03 -12.40 -21.18
CA SER E 140 -59.75 -13.65 -20.94
C SER E 140 -58.80 -14.76 -20.51
N SER E 141 -57.62 -14.84 -21.14
CA SER E 141 -56.67 -15.89 -20.84
C SER E 141 -55.85 -15.61 -19.59
N LEU E 142 -56.06 -14.48 -18.94
CA LEU E 142 -55.33 -14.18 -17.71
C LEU E 142 -55.70 -15.17 -16.62
N THR E 143 -54.74 -15.46 -15.74
CA THR E 143 -54.93 -16.44 -14.68
C THR E 143 -54.20 -15.94 -13.44
N ALA E 144 -54.08 -16.83 -12.44
CA ALA E 144 -53.45 -16.56 -11.16
C ALA E 144 -54.18 -15.52 -10.34
N ARG E 145 -55.46 -15.29 -10.66
CA ARG E 145 -56.28 -14.29 -9.97
C ARG E 145 -57.71 -14.43 -10.45
N GLU E 146 -58.65 -14.13 -9.56
CA GLU E 146 -60.05 -14.07 -9.95
C GLU E 146 -60.30 -12.86 -10.85
N GLU E 147 -61.40 -12.91 -11.59
CA GLU E 147 -61.66 -11.94 -12.66
C GLU E 147 -62.04 -10.60 -12.07
N HIS E 148 -61.03 -9.82 -11.70
CA HIS E 148 -61.19 -8.42 -11.34
C HIS E 148 -60.61 -7.48 -12.38
N PHE E 149 -60.27 -7.99 -13.55
CA PHE E 149 -59.62 -7.17 -14.56
C PHE E 149 -60.62 -6.21 -15.20
N PRO E 150 -60.42 -4.90 -15.09
CA PRO E 150 -61.36 -3.95 -15.70
C PRO E 150 -61.31 -4.03 -17.22
N SER E 151 -62.45 -3.71 -17.84
CA SER E 151 -62.56 -3.68 -19.29
C SER E 151 -62.79 -2.28 -19.84
N ALA E 152 -62.83 -1.26 -18.98
CA ALA E 152 -63.02 0.10 -19.47
C ALA E 152 -61.87 0.53 -20.38
N HIS E 153 -60.64 0.37 -19.90
CA HIS E 153 -59.44 0.58 -20.71
C HIS E 153 -58.56 -0.65 -20.54
N ALA E 154 -58.84 -1.69 -21.32
CA ALA E 154 -58.04 -2.90 -21.24
C ALA E 154 -56.63 -2.65 -21.75
N THR E 155 -56.52 -2.05 -22.94
CA THR E 155 -55.21 -1.82 -23.53
C THR E 155 -54.38 -0.86 -22.68
N GLU E 156 -54.99 0.22 -22.20
CA GLU E 156 -54.25 1.23 -21.47
C GLU E 156 -53.64 0.67 -20.20
N ILE E 157 -54.47 0.03 -19.36
CA ILE E 157 -53.94 -0.50 -18.11
C ILE E 157 -53.00 -1.67 -18.37
N LEU E 158 -53.21 -2.40 -19.46
CA LEU E 158 -52.25 -3.42 -19.85
C LEU E 158 -50.99 -2.80 -20.45
N ALA E 159 -51.08 -1.58 -20.96
CA ALA E 159 -49.89 -0.92 -21.48
C ALA E 159 -48.97 -0.47 -20.35
N ARG E 160 -49.52 -0.05 -19.23
CA ARG E 160 -48.72 0.55 -18.17
C ARG E 160 -48.05 -0.48 -17.27
N PHE E 161 -48.26 -1.77 -17.52
CA PHE E 161 -47.72 -2.80 -16.64
C PHE E 161 -46.20 -2.76 -16.50
N PRO E 162 -45.41 -2.66 -17.58
CA PRO E 162 -43.95 -2.77 -17.41
C PRO E 162 -43.32 -1.68 -16.57
N CYS E 163 -43.98 -0.54 -16.37
CA CYS E 163 -43.36 0.62 -15.75
C CYS E 163 -43.81 0.83 -14.31
N LYS E 164 -44.33 -0.20 -13.64
CA LYS E 164 -44.75 -0.13 -12.24
C LYS E 164 -45.93 0.82 -12.03
N GLU E 165 -46.50 1.35 -13.10
CA GLU E 165 -47.64 2.27 -12.99
C GLU E 165 -48.96 1.51 -13.11
N ASN E 166 -49.15 0.57 -12.19
CA ASN E 166 -50.34 -0.26 -12.14
C ASN E 166 -50.93 -0.24 -10.74
N PRO E 167 -52.24 -0.44 -10.62
CA PRO E 167 -52.83 -0.57 -9.28
C PRO E 167 -52.24 -1.75 -8.53
N ASP E 168 -52.04 -1.55 -7.22
CA ASP E 168 -51.48 -2.62 -6.41
C ASP E 168 -52.45 -3.77 -6.24
N ASN E 169 -53.75 -3.51 -6.40
CA ASN E 169 -54.73 -4.59 -6.36
C ASN E 169 -54.51 -5.57 -7.50
N LEU E 170 -53.95 -5.10 -8.62
CA LEU E 170 -53.59 -5.96 -9.74
C LEU E 170 -52.10 -6.21 -9.82
N SER E 171 -51.38 -6.04 -8.70
CA SER E 171 -49.94 -6.26 -8.71
C SER E 171 -49.61 -7.70 -9.04
N ASP E 172 -50.40 -8.65 -8.53
CA ASP E 172 -50.18 -10.04 -8.87
C ASP E 172 -50.34 -10.27 -10.37
N PHE E 173 -51.29 -9.58 -11.00
CA PHE E 173 -51.41 -9.66 -12.45
C PHE E 173 -50.16 -9.12 -13.12
N ARG E 174 -49.64 -7.99 -12.64
CA ARG E 174 -48.44 -7.42 -13.24
C ARG E 174 -47.26 -8.39 -13.12
N GLU E 175 -47.26 -9.22 -12.08
CA GLU E 175 -46.26 -10.28 -12.02
C GLU E 175 -46.65 -11.44 -12.93
N GLU E 176 -47.94 -11.74 -13.06
CA GLU E 176 -48.36 -12.85 -13.90
C GLU E 176 -48.15 -12.54 -15.38
N VAL E 177 -48.57 -11.35 -15.82
CA VAL E 177 -48.40 -11.00 -17.23
C VAL E 177 -46.92 -10.87 -17.57
N SER E 178 -46.14 -10.25 -16.69
CA SER E 178 -44.72 -10.08 -16.96
C SER E 178 -44.03 -11.44 -17.10
N ARG E 179 -44.37 -12.38 -16.23
CA ARG E 179 -43.70 -13.67 -16.27
C ARG E 179 -44.07 -14.46 -17.53
N ARG E 180 -45.34 -14.41 -17.95
CA ARG E 180 -45.72 -15.10 -19.17
C ARG E 180 -45.03 -14.50 -20.38
N LEU E 181 -45.05 -13.17 -20.48
CA LEU E 181 -44.42 -12.51 -21.62
C LEU E 181 -42.91 -12.75 -21.63
N ARG E 182 -42.27 -12.60 -20.46
CA ARG E 182 -40.84 -12.88 -20.39
C ARG E 182 -40.55 -14.34 -20.74
N TYR E 183 -41.48 -15.24 -20.46
CA TYR E 183 -41.31 -16.61 -20.89
C TYR E 183 -41.27 -16.71 -22.41
N GLU E 184 -42.17 -16.00 -23.09
CA GLU E 184 -42.20 -16.06 -24.55
C GLU E 184 -40.92 -15.51 -25.14
N SER E 185 -40.38 -14.45 -24.56
CA SER E 185 -39.13 -13.89 -25.08
C SER E 185 -37.99 -14.88 -24.97
N GLN E 186 -37.85 -15.52 -23.81
CA GLN E 186 -36.73 -16.43 -23.64
C GLN E 186 -36.85 -17.66 -24.53
N LEU E 187 -38.06 -18.15 -24.75
CA LEU E 187 -38.24 -19.29 -25.65
C LEU E 187 -37.83 -18.92 -27.07
N PHE E 188 -38.22 -17.74 -27.54
CA PHE E 188 -37.79 -17.29 -28.85
C PHE E 188 -36.29 -17.12 -28.90
N GLY E 189 -35.70 -16.56 -27.84
CA GLY E 189 -34.26 -16.42 -27.81
C GLY E 189 -33.55 -17.75 -27.91
N TRP E 190 -34.01 -18.74 -27.15
CA TRP E 190 -33.39 -20.06 -27.21
C TRP E 190 -33.65 -20.73 -28.55
N LEU E 191 -34.84 -20.56 -29.10
CA LEU E 191 -35.11 -21.13 -30.42
C LEU E 191 -34.23 -20.47 -31.48
N LEU E 192 -34.04 -19.15 -31.38
CA LEU E 192 -33.23 -18.44 -32.36
C LEU E 192 -31.78 -18.91 -32.32
N ILE E 193 -31.20 -19.02 -31.12
CA ILE E 193 -29.82 -19.44 -31.02
C ILE E 193 -29.67 -20.89 -31.48
N GLY E 194 -30.73 -21.68 -31.31
CA GLY E 194 -30.70 -23.03 -31.84
C GLY E 194 -30.69 -23.07 -33.35
N VAL E 195 -31.52 -22.25 -33.99
CA VAL E 195 -31.57 -22.24 -35.45
C VAL E 195 -30.26 -21.74 -36.02
N VAL E 196 -29.69 -20.69 -35.42
CA VAL E 196 -28.38 -20.24 -35.84
C VAL E 196 -27.36 -21.35 -35.66
N ALA E 197 -27.48 -22.12 -34.58
CA ALA E 197 -26.58 -23.23 -34.36
C ALA E 197 -26.69 -24.28 -35.47
N ILE E 198 -27.92 -24.61 -35.88
CA ILE E 198 -28.08 -25.59 -36.95
C ILE E 198 -27.62 -25.02 -38.28
N LEU E 199 -28.00 -23.76 -38.58
CA LEU E 199 -27.61 -23.17 -39.86
C LEU E 199 -26.11 -23.04 -39.98
N VAL E 200 -25.42 -22.74 -38.88
CA VAL E 200 -23.96 -22.73 -38.92
C VAL E 200 -23.44 -24.10 -39.28
N PHE E 201 -24.02 -25.14 -38.68
CA PHE E 201 -23.61 -26.49 -39.05
C PHE E 201 -24.03 -26.84 -40.47
N LEU E 202 -25.26 -26.49 -40.84
CA LEU E 202 -25.75 -26.85 -42.17
C LEU E 202 -24.96 -26.16 -43.27
N THR E 203 -24.64 -24.88 -43.07
CA THR E 203 -23.84 -24.17 -44.07
C THR E 203 -22.38 -24.55 -44.01
N LYS E 204 -21.95 -25.25 -42.96
CA LYS E 204 -20.57 -25.72 -42.92
C LYS E 204 -20.46 -27.18 -43.32
N CYS E 205 -21.54 -27.94 -43.24
CA CYS E 205 -21.51 -29.29 -43.77
C CYS E 205 -21.64 -29.28 -45.29
N LEU E 206 -22.47 -28.39 -45.82
CA LEU E 206 -22.66 -28.34 -47.27
C LEU E 206 -21.47 -27.68 -47.96
N LYS E 207 -20.89 -26.67 -47.32
CA LYS E 207 -19.77 -25.96 -47.93
C LYS E 207 -18.61 -26.90 -48.20
N HIS E 208 -18.27 -27.75 -47.23
CA HIS E 208 -17.22 -28.73 -47.47
C HIS E 208 -17.66 -29.75 -48.51
N TYR E 209 -18.93 -30.14 -48.48
CA TYR E 209 -19.39 -31.15 -49.43
C TYR E 209 -19.39 -30.60 -50.85
N CYS E 210 -19.90 -29.39 -51.06
CA CYS E 210 -20.08 -28.88 -52.41
C CYS E 210 -18.85 -28.18 -52.96
N SER E 211 -17.88 -27.84 -52.12
CA SER E 211 -16.67 -27.24 -52.65
C SER E 211 -15.86 -28.30 -53.40
N PRO E 212 -15.21 -27.93 -54.50
CA PRO E 212 -14.47 -28.91 -55.29
C PRO E 212 -13.13 -29.30 -54.71
N LEU E 213 -12.75 -28.76 -53.56
CA LEU E 213 -11.45 -29.00 -52.97
C LEU E 213 -11.60 -29.74 -51.65
N SER E 214 -10.62 -30.59 -51.35
CA SER E 214 -10.57 -31.22 -50.05
C SER E 214 -10.38 -30.17 -48.97
N TYR E 215 -10.93 -30.44 -47.78
CA TYR E 215 -10.92 -29.44 -46.72
C TYR E 215 -9.51 -29.01 -46.36
N ARG E 216 -8.52 -29.89 -46.51
CA ARG E 216 -7.15 -29.51 -46.20
C ARG E 216 -6.62 -28.46 -47.15
N GLN E 217 -7.00 -28.52 -48.42
CA GLN E 217 -6.58 -27.47 -49.34
C GLN E 217 -7.18 -26.13 -48.92
N GLU E 218 -8.42 -26.15 -48.43
CA GLU E 218 -8.98 -24.92 -47.90
C GLU E 218 -8.23 -24.45 -46.67
N ALA E 219 -7.64 -25.37 -45.91
CA ALA E 219 -6.82 -24.96 -44.78
C ALA E 219 -5.59 -24.20 -45.26
N TYR E 220 -4.90 -24.73 -46.27
CA TYR E 220 -3.76 -24.00 -46.83
C TYR E 220 -4.22 -22.72 -47.49
N TRP E 221 -5.31 -22.78 -48.25
CA TRP E 221 -5.79 -21.60 -48.95
C TRP E 221 -6.14 -20.49 -47.97
N ALA E 222 -6.81 -20.84 -46.87
CA ALA E 222 -7.15 -19.82 -45.88
C ALA E 222 -5.89 -19.27 -45.22
N GLN E 223 -4.93 -20.12 -44.90
CA GLN E 223 -3.71 -19.64 -44.29
C GLN E 223 -2.86 -18.86 -45.27
N TYR E 224 -3.04 -19.09 -46.56
CA TYR E 224 -2.32 -18.29 -47.55
C TYR E 224 -2.92 -16.90 -47.67
N ARG E 225 -4.25 -16.80 -47.69
CA ARG E 225 -4.89 -15.49 -47.82
C ARG E 225 -4.51 -14.58 -46.66
N ALA E 226 -4.56 -15.08 -45.44
CA ALA E 226 -4.21 -14.26 -44.29
C ALA E 226 -2.74 -13.84 -44.36
N ASN E 227 -1.86 -14.76 -44.76
CA ASN E 227 -0.46 -14.40 -44.90
C ASN E 227 -0.25 -13.36 -45.98
N GLU E 228 -0.96 -13.49 -47.10
CA GLU E 228 -0.77 -12.54 -48.20
C GLU E 228 -1.15 -11.14 -47.77
N ASP E 229 -2.32 -10.98 -47.15
CA ASP E 229 -2.78 -9.64 -46.79
C ASP E 229 -1.83 -8.98 -45.78
N GLN E 230 -1.37 -9.73 -44.79
CA GLN E 230 -0.45 -9.17 -43.82
C GLN E 230 0.86 -8.74 -44.48
N LEU E 231 1.41 -9.58 -45.35
CA LEU E 231 2.64 -9.21 -46.04
C LEU E 231 2.39 -8.10 -47.05
N PHE E 232 1.27 -8.16 -47.76
CA PHE E 232 0.97 -7.12 -48.73
C PHE E 232 0.82 -5.76 -48.09
N GLN E 233 0.10 -5.69 -46.96
CA GLN E 233 -0.06 -4.41 -46.28
C GLN E 233 1.25 -3.94 -45.66
N ARG E 234 2.06 -4.88 -45.16
CA ARG E 234 3.32 -4.50 -44.53
C ARG E 234 4.26 -3.85 -45.54
N THR E 235 4.32 -4.37 -46.75
CA THR E 235 5.21 -3.78 -47.74
C THR E 235 4.72 -2.43 -48.20
N ALA E 236 3.41 -2.18 -48.16
CA ALA E 236 2.88 -0.90 -48.61
C ALA E 236 3.43 0.24 -47.77
N GLU E 237 3.51 0.07 -46.46
CA GLU E 237 4.11 1.10 -45.62
C GLU E 237 5.57 1.32 -46.01
N VAL E 238 6.31 0.23 -46.22
CA VAL E 238 7.72 0.38 -46.56
C VAL E 238 7.89 0.99 -47.94
N HIS E 239 7.08 0.54 -48.90
CA HIS E 239 7.21 1.09 -50.25
C HIS E 239 6.82 2.56 -50.30
N SER E 240 5.75 2.96 -49.59
CA SER E 240 5.37 4.36 -49.57
C SER E 240 6.44 5.20 -48.90
N ARG E 241 6.90 4.78 -47.73
CA ARG E 241 7.86 5.57 -46.98
C ARG E 241 9.14 5.78 -47.79
N VAL E 242 9.56 4.77 -48.54
CA VAL E 242 10.73 4.94 -49.40
C VAL E 242 10.41 5.85 -50.57
N LEU E 243 9.25 5.66 -51.21
CA LEU E 243 8.88 6.51 -52.33
C LEU E 243 8.74 7.96 -51.89
N ALA E 244 8.10 8.20 -50.75
CA ALA E 244 7.97 9.56 -50.25
C ALA E 244 9.33 10.17 -49.95
N ALA E 245 10.29 9.35 -49.51
CA ALA E 245 11.62 9.86 -49.24
C ALA E 245 12.26 10.41 -50.50
N ASN E 246 12.10 9.71 -51.62
CA ASN E 246 12.69 10.20 -52.87
C ASN E 246 12.08 11.54 -53.28
N ASN E 247 10.77 11.68 -53.16
CA ASN E 247 10.13 12.93 -53.54
C ASN E 247 10.54 14.07 -52.62
N VAL E 248 10.59 13.83 -51.31
CA VAL E 248 11.03 14.86 -50.39
C VAL E 248 12.51 15.15 -50.60
N ARG E 249 13.33 14.11 -50.77
CA ARG E 249 14.74 14.33 -51.06
C ARG E 249 14.93 15.14 -52.34
N ARG E 250 14.11 14.88 -53.36
CA ARG E 250 14.23 15.62 -54.61
C ARG E 250 13.85 17.08 -54.48
N PHE E 251 13.26 17.50 -53.37
CA PHE E 251 12.68 18.84 -53.29
C PHE E 251 13.23 19.66 -52.13
N PHE E 252 13.70 19.02 -51.06
CA PHE E 252 14.54 19.70 -50.07
C PHE E 252 16.03 19.48 -50.32
N GLY E 253 16.40 18.57 -51.20
CA GLY E 253 17.79 18.18 -51.34
C GLY E 253 18.25 17.13 -50.36
N PHE E 254 17.38 16.70 -49.44
CA PHE E 254 17.71 15.68 -48.46
C PHE E 254 16.41 15.22 -47.80
N VAL E 255 16.55 14.37 -46.78
CA VAL E 255 15.41 13.86 -46.02
C VAL E 255 15.85 13.67 -44.57
N ALA E 256 14.93 13.93 -43.65
CA ALA E 256 15.16 13.66 -42.23
C ALA E 256 14.58 12.29 -41.90
N LEU E 257 15.40 11.43 -41.31
CA LEU E 257 15.05 10.04 -41.12
C LEU E 257 15.34 9.60 -39.69
N ASN E 258 14.57 8.61 -39.23
CA ASN E 258 14.81 8.00 -37.93
C ASN E 258 15.87 6.91 -38.08
N LYS E 259 16.07 6.13 -37.02
CA LYS E 259 17.18 5.18 -36.98
C LYS E 259 17.05 4.12 -38.07
N ASP E 260 15.85 3.57 -38.27
CA ASP E 260 15.67 2.47 -39.20
C ASP E 260 15.24 2.91 -40.59
N ASP E 261 14.98 4.20 -40.80
CA ASP E 261 14.55 4.65 -42.12
C ASP E 261 15.64 4.47 -43.16
N GLU E 262 16.89 4.80 -42.80
CA GLU E 262 17.99 4.63 -43.75
C GLU E 262 18.13 3.17 -44.15
N GLU E 263 17.96 2.25 -43.20
CA GLU E 263 17.93 0.83 -43.55
C GLU E 263 16.82 0.56 -44.53
N LEU E 264 15.64 1.15 -44.31
CA LEU E 264 14.55 1.00 -45.26
C LEU E 264 14.92 1.60 -46.62
N ILE E 265 15.57 2.77 -46.61
CA ILE E 265 15.97 3.40 -47.87
C ILE E 265 17.02 2.55 -48.58
N ALA E 266 18.05 2.13 -47.85
CA ALA E 266 19.15 1.42 -48.48
C ALA E 266 18.72 0.03 -48.93
N ASN E 267 18.06 -0.73 -48.04
CA ASN E 267 17.74 -2.12 -48.36
C ASN E 267 16.68 -2.21 -49.45
N PHE E 268 15.75 -1.27 -49.48
CA PHE E 268 14.59 -1.32 -50.39
C PHE E 268 14.50 -0.02 -51.17
N PRO E 269 15.36 0.15 -52.18
CA PRO E 269 15.24 1.33 -53.04
C PRO E 269 14.13 1.15 -54.07
N VAL E 270 13.49 2.27 -54.40
CA VAL E 270 12.42 2.28 -55.40
C VAL E 270 13.01 2.67 -56.74
N GLU E 271 12.54 1.99 -57.79
CA GLU E 271 12.93 2.31 -59.15
C GLU E 271 11.80 2.96 -59.95
N GLY E 272 10.70 3.31 -59.30
CA GLY E 272 9.56 3.86 -60.01
C GLY E 272 8.28 3.42 -59.35
N THR E 273 7.19 3.49 -60.11
CA THR E 273 5.88 3.10 -59.64
C THR E 273 5.33 1.96 -60.51
N GLN E 274 4.06 1.63 -60.29
CA GLN E 274 3.44 0.46 -60.89
C GLN E 274 2.20 0.89 -61.66
N PRO E 275 2.05 0.44 -62.91
CA PRO E 275 0.92 0.91 -63.73
C PRO E 275 -0.43 0.54 -63.13
N ARG E 276 -1.41 1.41 -63.37
CA ARG E 276 -2.76 1.18 -62.85
C ARG E 276 -3.41 -0.09 -63.38
N PRO E 277 -3.39 -0.40 -64.69
CA PRO E 277 -4.03 -1.64 -65.14
C PRO E 277 -3.44 -2.88 -64.52
N GLN E 278 -2.14 -2.88 -64.22
CA GLN E 278 -1.55 -4.01 -63.51
C GLN E 278 -2.14 -4.16 -62.11
N TRP E 279 -2.36 -3.04 -61.42
CA TRP E 279 -3.06 -3.09 -60.15
C TRP E 279 -4.47 -3.65 -60.33
N ASN E 280 -5.13 -3.28 -61.42
CA ASN E 280 -6.50 -3.75 -61.65
C ASN E 280 -6.57 -5.27 -61.80
N ALA E 281 -5.48 -5.89 -62.28
CA ALA E 281 -5.50 -7.32 -62.46
C ALA E 281 -5.45 -8.09 -61.16
N ILE E 282 -5.02 -7.45 -60.06
CA ILE E 282 -4.92 -8.10 -58.78
C ILE E 282 -5.97 -7.57 -57.80
N THR E 283 -7.05 -7.01 -58.31
CA THR E 283 -8.19 -6.64 -57.50
C THR E 283 -9.40 -7.44 -57.96
N GLY E 284 -10.41 -7.50 -57.09
CA GLY E 284 -11.63 -8.20 -57.40
C GLY E 284 -11.64 -9.61 -56.84
N VAL E 285 -12.83 -10.24 -56.94
CA VAL E 285 -13.02 -11.59 -56.44
C VAL E 285 -12.18 -12.57 -57.25
N TYR E 286 -12.03 -13.77 -56.72
CA TYR E 286 -11.25 -14.81 -57.39
C TYR E 286 -11.78 -16.18 -57.03
N LEU E 287 -12.01 -17.00 -58.05
CA LEU E 287 -12.38 -18.39 -57.87
C LEU E 287 -11.17 -19.27 -58.15
N TYR E 288 -11.18 -20.46 -57.55
CA TYR E 288 -10.08 -21.40 -57.74
C TYR E 288 -9.95 -21.76 -59.22
N ARG E 289 -8.81 -21.43 -59.81
CA ARG E 289 -8.51 -21.74 -61.20
C ARG E 289 -7.14 -22.38 -61.27
N GLU E 290 -7.02 -23.44 -62.05
CA GLU E 290 -5.78 -24.19 -62.17
C GLU E 290 -4.99 -23.75 -63.40
N ASN E 291 -3.67 -23.79 -63.28
CA ASN E 291 -2.77 -23.47 -64.38
C ASN E 291 -1.79 -24.61 -64.56
N GLN E 292 -1.85 -25.29 -65.70
CA GLN E 292 -0.95 -26.38 -66.03
C GLN E 292 -0.93 -27.44 -64.92
N GLY E 293 -2.12 -27.76 -64.41
CA GLY E 293 -2.21 -28.75 -63.35
C GLY E 293 -1.76 -28.28 -62.00
N LEU E 294 -1.51 -26.99 -61.82
CA LEU E 294 -1.11 -26.44 -60.54
C LEU E 294 -2.08 -25.36 -60.10
N PRO E 295 -2.42 -25.28 -58.82
CA PRO E 295 -3.41 -24.30 -58.39
C PRO E 295 -2.83 -22.90 -58.34
N LEU E 296 -3.73 -21.93 -58.43
CA LEU E 296 -3.42 -20.53 -58.16
C LEU E 296 -4.43 -20.04 -57.14
N TYR E 297 -3.94 -19.57 -55.99
CA TYR E 297 -4.80 -19.31 -54.85
C TYR E 297 -5.33 -17.88 -54.79
N SER E 298 -4.87 -16.99 -55.68
CA SER E 298 -5.39 -15.63 -55.71
C SER E 298 -5.00 -14.98 -57.03
N ARG E 299 -5.67 -13.88 -57.35
CA ARG E 299 -5.35 -13.16 -58.57
C ARG E 299 -3.89 -12.72 -58.55
N LEU E 300 -3.40 -12.25 -57.40
CA LEU E 300 -2.00 -11.86 -57.29
C LEU E 300 -1.09 -13.02 -57.67
N HIS E 301 -1.45 -14.24 -57.28
CA HIS E 301 -0.71 -15.41 -57.72
C HIS E 301 -0.83 -15.58 -59.23
N LYS E 302 -2.03 -15.39 -59.77
CA LYS E 302 -2.21 -15.50 -61.21
C LYS E 302 -1.38 -14.46 -61.94
N TRP E 303 -1.35 -13.24 -61.41
CA TRP E 303 -0.49 -12.20 -61.97
C TRP E 303 0.98 -12.54 -61.80
N ALA E 304 1.36 -13.08 -60.64
CA ALA E 304 2.76 -13.39 -60.40
C ALA E 304 3.26 -14.53 -61.28
N GLN E 305 2.35 -15.39 -61.75
CA GLN E 305 2.75 -16.44 -62.68
C GLN E 305 2.96 -15.91 -64.09
N GLY E 306 2.65 -14.65 -64.34
CA GLY E 306 2.86 -14.06 -65.65
C GLY E 306 1.78 -14.36 -66.67
N SER F 36 -17.73 -12.41 -15.51
CA SER F 36 -18.74 -11.50 -16.03
C SER F 36 -20.08 -11.73 -15.35
N GLN F 37 -20.46 -10.82 -14.44
CA GLN F 37 -21.71 -10.98 -13.70
C GLN F 37 -22.92 -10.68 -14.57
N GLU F 38 -22.77 -9.79 -15.57
CA GLU F 38 -23.90 -9.46 -16.43
C GLU F 38 -24.21 -10.61 -17.39
N LEU F 39 -23.17 -11.20 -17.98
CA LEU F 39 -23.38 -12.29 -18.93
C LEU F 39 -23.99 -13.51 -18.24
N PHE F 40 -23.52 -13.82 -17.03
CA PHE F 40 -24.10 -14.95 -16.29
C PHE F 40 -25.57 -14.69 -15.96
N SER F 41 -25.91 -13.45 -15.61
CA SER F 41 -27.30 -13.12 -15.29
C SER F 41 -28.23 -13.33 -16.48
N VAL F 42 -27.73 -13.09 -17.70
CA VAL F 42 -28.57 -13.24 -18.88
C VAL F 42 -28.99 -14.69 -19.07
N VAL F 43 -28.05 -15.63 -18.94
CA VAL F 43 -28.32 -17.02 -19.26
C VAL F 43 -29.03 -17.74 -18.11
N ALA F 44 -28.99 -17.17 -16.90
CA ALA F 44 -29.48 -17.86 -15.72
C ALA F 44 -30.96 -18.21 -15.86
N PHE F 45 -31.34 -19.33 -15.22
CA PHE F 45 -32.70 -19.85 -15.34
C PHE F 45 -33.70 -18.92 -14.68
N HIS F 46 -34.82 -18.69 -15.35
CA HIS F 46 -35.93 -17.90 -14.81
C HIS F 46 -37.20 -18.70 -15.05
N CYS F 47 -37.62 -19.44 -14.04
CA CYS F 47 -38.72 -20.40 -14.20
C CYS F 47 -40.05 -19.68 -14.31
N PRO F 48 -40.79 -19.85 -15.40
CA PRO F 48 -42.14 -19.28 -15.49
C PRO F 48 -43.15 -20.19 -14.83
N CYS F 49 -43.66 -19.77 -13.68
CA CYS F 49 -44.61 -20.58 -12.94
C CYS F 49 -45.96 -20.51 -13.64
N SER F 50 -46.24 -21.51 -14.47
CA SER F 50 -47.51 -21.58 -15.18
C SER F 50 -47.70 -22.99 -15.68
N PRO F 51 -48.93 -23.48 -15.77
CA PRO F 51 -49.15 -24.87 -16.18
C PRO F 51 -48.88 -25.06 -17.66
N ALA F 52 -48.45 -26.27 -17.99
CA ALA F 52 -48.22 -26.70 -19.37
C ALA F 52 -47.30 -25.75 -20.13
N ARG F 53 -46.57 -24.93 -19.43
CA ARG F 53 -45.73 -23.92 -20.07
C ARG F 53 -44.29 -23.98 -19.64
N ASN F 54 -44.02 -24.19 -18.35
CA ASN F 54 -42.65 -24.16 -17.88
C ASN F 54 -41.84 -25.34 -18.43
N TYR F 55 -42.43 -26.53 -18.47
CA TYR F 55 -41.66 -27.68 -18.95
C TYR F 55 -41.33 -27.56 -20.43
N LEU F 56 -42.08 -26.75 -21.18
CA LEU F 56 -41.62 -26.36 -22.51
C LEU F 56 -40.35 -25.53 -22.41
N TYR F 57 -40.36 -24.52 -21.54
CA TYR F 57 -39.15 -23.72 -21.34
C TYR F 57 -38.04 -24.56 -20.75
N GLY F 58 -38.37 -25.40 -19.76
CA GLY F 58 -37.36 -26.28 -19.20
C GLY F 58 -36.75 -27.17 -20.26
N LEU F 59 -37.56 -27.62 -21.22
CA LEU F 59 -37.01 -28.35 -22.35
C LEU F 59 -36.06 -27.47 -23.16
N ALA F 60 -36.45 -26.22 -23.39
CA ALA F 60 -35.60 -25.32 -24.17
C ALA F 60 -34.41 -24.85 -23.38
N ALA F 61 -34.59 -24.52 -22.09
CA ALA F 61 -33.52 -23.94 -21.30
C ALA F 61 -32.39 -24.92 -21.03
N ILE F 62 -32.57 -26.20 -21.32
CA ILE F 62 -31.53 -27.21 -21.17
C ILE F 62 -31.24 -27.90 -22.49
N GLY F 63 -32.28 -28.30 -23.22
CA GLY F 63 -32.08 -29.00 -24.47
C GLY F 63 -31.31 -28.17 -25.48
N VAL F 64 -31.73 -26.92 -25.67
CA VAL F 64 -31.10 -26.08 -26.70
C VAL F 64 -29.63 -25.81 -26.40
N PRO F 65 -29.23 -25.40 -25.19
CA PRO F 65 -27.79 -25.30 -24.93
C PRO F 65 -27.06 -26.62 -25.09
N ALA F 66 -27.73 -27.74 -24.81
CA ALA F 66 -27.11 -29.03 -25.12
C ALA F 66 -26.95 -29.21 -26.62
N LEU F 67 -27.97 -28.86 -27.40
CA LEU F 67 -27.88 -28.98 -28.84
C LEU F 67 -26.80 -28.08 -29.41
N VAL F 68 -26.69 -26.86 -28.88
CA VAL F 68 -25.65 -25.94 -29.34
C VAL F 68 -24.28 -26.49 -29.00
N LEU F 69 -24.11 -27.02 -27.79
CA LEU F 69 -22.82 -27.62 -27.43
C LEU F 69 -22.52 -28.82 -28.31
N PHE F 70 -23.53 -29.64 -28.60
CA PHE F 70 -23.30 -30.81 -29.43
C PHE F 70 -22.85 -30.43 -30.83
N ILE F 71 -23.45 -29.39 -31.41
CA ILE F 71 -23.07 -28.96 -32.75
C ILE F 71 -21.62 -28.49 -32.76
N ILE F 72 -21.21 -27.75 -31.73
CA ILE F 72 -19.82 -27.34 -31.64
C ILE F 72 -18.91 -28.56 -31.57
N GLY F 73 -19.37 -29.61 -30.88
CA GLY F 73 -18.58 -30.82 -30.78
C GLY F 73 -18.35 -31.47 -32.14
N ILE F 74 -19.36 -31.43 -33.01
CA ILE F 74 -19.21 -32.02 -34.34
C ILE F 74 -18.19 -31.24 -35.16
N ILE F 75 -18.32 -29.92 -35.20
CA ILE F 75 -17.54 -29.11 -36.14
C ILE F 75 -16.06 -29.19 -35.78
N LEU F 76 -15.72 -28.97 -34.52
CA LEU F 76 -14.32 -28.98 -34.14
C LEU F 76 -13.67 -30.35 -34.32
N ASN F 77 -14.45 -31.41 -34.28
CA ASN F 77 -13.91 -32.75 -34.46
C ASN F 77 -13.40 -32.91 -35.88
N ASN F 78 -12.09 -32.90 -36.05
CA ASN F 78 -11.52 -33.01 -37.39
C ASN F 78 -11.89 -34.32 -38.06
N HIS F 79 -12.24 -35.35 -37.30
CA HIS F 79 -12.58 -36.62 -37.91
C HIS F 79 -13.90 -36.57 -38.68
N THR F 80 -14.75 -35.58 -38.42
CA THR F 80 -16.02 -35.54 -39.14
C THR F 80 -15.87 -34.98 -40.54
N TRP F 81 -14.80 -34.25 -40.81
CA TRP F 81 -14.68 -33.62 -42.13
C TRP F 81 -14.14 -34.60 -43.16
N ASN F 82 -13.01 -35.25 -42.89
CA ASN F 82 -12.55 -36.27 -43.83
C ASN F 82 -13.56 -37.40 -43.94
N LEU F 83 -14.42 -37.57 -42.92
CA LEU F 83 -15.57 -38.44 -43.10
C LEU F 83 -16.50 -37.88 -44.16
N VAL F 84 -16.77 -36.58 -44.12
CA VAL F 84 -17.55 -35.95 -45.17
C VAL F 84 -16.81 -36.03 -46.50
N ALA F 85 -15.52 -35.70 -46.48
CA ALA F 85 -14.74 -35.75 -47.72
C ALA F 85 -14.69 -37.16 -48.28
N GLU F 86 -14.73 -38.18 -47.42
CA GLU F 86 -14.78 -39.54 -47.92
C GLU F 86 -16.09 -39.81 -48.64
N CYS F 87 -17.19 -39.30 -48.11
CA CYS F 87 -18.49 -39.46 -48.76
C CYS F 87 -18.64 -38.58 -49.99
N GLN F 88 -17.69 -37.68 -50.24
CA GLN F 88 -17.75 -36.77 -51.38
C GLN F 88 -16.90 -37.23 -52.55
N HIS F 89 -15.65 -37.64 -52.30
CA HIS F 89 -14.74 -37.91 -53.39
C HIS F 89 -15.10 -39.20 -54.12
N ARG F 90 -15.55 -40.23 -53.38
CA ARG F 90 -15.78 -41.52 -54.00
C ARG F 90 -17.08 -41.55 -54.80
N ARG F 91 -18.10 -40.81 -54.36
CA ARG F 91 -19.38 -40.65 -55.06
C ARG F 91 -20.09 -41.97 -55.32
N THR F 92 -19.68 -43.06 -54.67
CA THR F 92 -20.26 -44.37 -54.95
C THR F 92 -20.57 -45.13 -53.67
N LYS F 93 -20.24 -44.58 -52.50
CA LYS F 93 -20.40 -45.26 -51.21
C LYS F 93 -19.62 -46.58 -51.20
N ASN F 94 -18.31 -46.48 -51.47
CA ASN F 94 -17.46 -47.66 -51.53
C ASN F 94 -17.37 -48.33 -50.16
N CYS F 95 -17.15 -47.55 -49.11
CA CYS F 95 -16.99 -48.11 -47.77
C CYS F 95 -18.31 -48.69 -47.27
N SER F 96 -18.20 -49.81 -46.56
CA SER F 96 -19.35 -50.48 -45.99
C SER F 96 -19.71 -49.83 -44.65
N ALA F 97 -20.61 -50.48 -43.90
CA ALA F 97 -21.03 -49.93 -42.62
C ALA F 97 -19.92 -50.05 -41.57
N ALA F 98 -19.19 -51.16 -41.57
CA ALA F 98 -18.17 -51.38 -40.55
C ALA F 98 -17.08 -50.31 -40.54
N PRO F 99 -16.48 -49.91 -41.67
CA PRO F 99 -15.52 -48.79 -41.60
C PRO F 99 -16.14 -47.50 -41.11
N THR F 100 -17.40 -47.24 -41.45
CA THR F 100 -18.05 -46.01 -40.99
C THR F 100 -18.45 -46.11 -39.53
N PHE F 101 -18.94 -47.27 -39.10
CA PHE F 101 -19.41 -47.42 -37.73
C PHE F 101 -18.29 -47.22 -36.72
N LEU F 102 -17.10 -47.76 -37.01
CA LEU F 102 -16.00 -47.67 -36.06
C LEU F 102 -15.56 -46.22 -35.86
N LEU F 103 -15.53 -45.44 -36.94
CA LEU F 103 -15.16 -44.03 -36.80
C LEU F 103 -16.30 -43.20 -36.23
N LEU F 104 -17.54 -43.47 -36.65
CA LEU F 104 -18.66 -42.66 -36.20
C LEU F 104 -18.81 -42.69 -34.68
N SER F 105 -18.42 -43.79 -34.05
CA SER F 105 -18.43 -43.84 -32.59
C SER F 105 -17.48 -42.80 -32.01
N SER F 106 -16.32 -42.62 -32.63
CA SER F 106 -15.37 -41.63 -32.13
C SER F 106 -15.85 -40.21 -32.35
N ILE F 107 -16.67 -39.99 -33.39
CA ILE F 107 -17.19 -38.64 -33.64
C ILE F 107 -18.04 -38.18 -32.48
N LEU F 108 -19.00 -39.01 -32.07
CA LEU F 108 -19.89 -38.63 -30.99
C LEU F 108 -19.18 -38.69 -29.65
N GLY F 109 -18.38 -39.73 -29.43
CA GLY F 109 -17.73 -39.90 -28.14
C GLY F 109 -16.86 -38.71 -27.76
N ARG F 110 -16.08 -38.21 -28.72
CA ARG F 110 -15.27 -37.04 -28.43
C ARG F 110 -16.10 -35.77 -28.36
N ALA F 111 -17.37 -35.83 -28.77
CA ALA F 111 -18.23 -34.65 -28.81
C ALA F 111 -19.44 -34.74 -27.89
N ALA F 112 -20.01 -35.93 -27.69
CA ALA F 112 -21.16 -36.05 -26.79
C ALA F 112 -20.80 -35.84 -25.33
N VAL F 113 -19.51 -35.66 -25.03
CA VAL F 113 -19.12 -35.32 -23.66
C VAL F 113 -19.74 -33.99 -23.26
N ALA F 114 -19.62 -32.99 -24.12
CA ALA F 114 -20.08 -31.64 -23.77
C ALA F 114 -21.56 -31.58 -23.42
N PRO F 115 -22.49 -32.18 -24.18
CA PRO F 115 -23.88 -32.17 -23.72
C PRO F 115 -24.07 -32.87 -22.39
N VAL F 116 -23.38 -33.97 -22.15
CA VAL F 116 -23.59 -34.76 -20.94
C VAL F 116 -23.13 -33.97 -19.72
N THR F 117 -21.94 -33.39 -19.78
CA THR F 117 -21.48 -32.60 -18.63
C THR F 117 -22.30 -31.34 -18.44
N TRP F 118 -23.13 -30.97 -19.42
CA TRP F 118 -24.08 -29.89 -19.20
C TRP F 118 -25.42 -30.40 -18.71
N SER F 119 -25.90 -31.50 -19.28
CA SER F 119 -27.15 -32.07 -18.79
C SER F 119 -27.00 -32.54 -17.35
N VAL F 120 -25.89 -33.19 -17.04
CA VAL F 120 -25.67 -33.66 -15.67
C VAL F 120 -25.59 -32.50 -14.70
N ILE F 121 -24.83 -31.46 -15.04
CA ILE F 121 -24.69 -30.33 -14.14
C ILE F 121 -26.04 -29.68 -13.88
N SER F 122 -26.91 -29.63 -14.90
CA SER F 122 -28.24 -29.07 -14.68
C SER F 122 -29.05 -29.93 -13.73
N LEU F 123 -29.05 -31.25 -13.94
CA LEU F 123 -29.87 -32.11 -13.09
C LEU F 123 -29.42 -32.03 -11.64
N LEU F 124 -28.11 -32.02 -11.39
CA LEU F 124 -27.61 -31.92 -10.03
C LEU F 124 -28.05 -30.61 -9.38
N ARG F 125 -28.04 -29.51 -10.14
CA ARG F 125 -28.57 -28.27 -9.62
C ARG F 125 -30.04 -28.43 -9.26
N GLY F 126 -30.80 -29.11 -10.10
CA GLY F 126 -32.18 -29.41 -9.81
C GLY F 126 -33.17 -28.31 -10.13
N GLU F 127 -32.71 -27.10 -10.40
CA GLU F 127 -33.63 -26.02 -10.70
C GLU F 127 -34.42 -26.31 -11.97
N ALA F 128 -33.74 -26.83 -12.99
CA ALA F 128 -34.42 -27.10 -14.25
C ALA F 128 -35.52 -28.14 -14.09
N TYR F 129 -35.25 -29.21 -13.34
CA TYR F 129 -36.22 -30.29 -13.23
C TYR F 129 -37.43 -29.85 -12.42
N VAL F 130 -37.22 -29.19 -11.28
CA VAL F 130 -38.34 -28.82 -10.42
C VAL F 130 -39.28 -27.86 -11.15
N CYS F 131 -38.72 -26.96 -11.96
CA CYS F 131 -39.55 -26.10 -12.77
C CYS F 131 -40.32 -26.89 -13.82
N ALA F 132 -39.74 -27.97 -14.32
CA ALA F 132 -40.39 -28.73 -15.38
C ALA F 132 -41.57 -29.54 -14.85
N LEU F 133 -41.40 -30.18 -13.70
CA LEU F 133 -42.41 -31.11 -13.19
C LEU F 133 -43.19 -30.56 -12.01
N SER F 134 -43.19 -29.24 -11.82
CA SER F 134 -43.90 -28.67 -10.69
C SER F 134 -45.42 -28.78 -10.83
N GLU F 135 -45.92 -29.19 -11.99
CA GLU F 135 -47.34 -29.31 -12.25
C GLU F 135 -47.77 -30.75 -12.49
N PHE F 136 -47.07 -31.72 -11.91
CA PHE F 136 -47.38 -33.11 -12.16
C PHE F 136 -47.40 -33.99 -10.91
N VAL F 137 -47.00 -33.49 -9.76
CA VAL F 137 -47.08 -34.28 -8.54
C VAL F 137 -48.55 -34.50 -8.19
N ASP F 138 -48.87 -35.68 -7.71
CA ASP F 138 -50.26 -35.99 -7.37
C ASP F 138 -50.58 -35.36 -6.02
N PRO F 139 -51.64 -34.56 -5.92
CA PRO F 139 -51.93 -33.90 -4.65
C PRO F 139 -52.14 -34.86 -3.49
N SER F 140 -52.76 -36.01 -3.75
CA SER F 140 -53.00 -36.97 -2.68
C SER F 140 -51.70 -37.58 -2.17
N SER F 141 -50.64 -37.60 -2.99
CA SER F 141 -49.37 -38.14 -2.56
C SER F 141 -48.62 -37.22 -1.60
N LEU F 142 -49.10 -36.00 -1.40
CA LEU F 142 -48.43 -35.09 -0.50
C LEU F 142 -48.61 -35.53 0.96
N THR F 143 -47.69 -35.08 1.80
CA THR F 143 -47.66 -35.47 3.21
C THR F 143 -47.28 -34.25 4.05
N ALA F 144 -47.00 -34.47 5.34
CA ALA F 144 -46.55 -33.38 6.24
C ALA F 144 -47.70 -32.43 6.59
N ARG F 145 -48.84 -32.56 5.90
CA ARG F 145 -50.03 -31.73 6.24
C ARG F 145 -51.28 -32.54 5.92
N GLU F 146 -52.39 -32.25 6.61
CA GLU F 146 -53.66 -33.01 6.38
C GLU F 146 -54.25 -32.62 5.03
N GLU F 147 -55.51 -33.00 4.77
CA GLU F 147 -56.07 -32.74 3.45
C GLU F 147 -56.52 -31.28 3.35
N HIS F 148 -55.60 -30.39 3.68
CA HIS F 148 -55.81 -28.96 3.53
C HIS F 148 -55.44 -28.47 2.14
N PHE F 149 -54.96 -29.35 1.28
CA PHE F 149 -54.58 -28.97 -0.07
C PHE F 149 -55.82 -28.67 -0.89
N PRO F 150 -55.98 -27.45 -1.39
CA PRO F 150 -57.18 -27.13 -2.18
C PRO F 150 -57.19 -27.90 -3.49
N SER F 151 -58.40 -28.25 -3.93
CA SER F 151 -58.61 -28.95 -5.18
C SER F 151 -59.36 -28.11 -6.21
N ALA F 152 -59.39 -26.79 -6.04
CA ALA F 152 -60.10 -25.94 -6.97
C ALA F 152 -59.43 -25.94 -8.33
N HIS F 153 -58.19 -25.46 -8.40
CA HIS F 153 -57.36 -25.53 -9.61
C HIS F 153 -56.00 -26.06 -9.16
N ALA F 154 -55.88 -27.38 -9.08
CA ALA F 154 -54.68 -27.98 -8.50
C ALA F 154 -53.45 -27.69 -9.35
N THR F 155 -53.59 -27.83 -10.67
CA THR F 155 -52.43 -27.67 -11.54
C THR F 155 -51.87 -26.25 -11.47
N GLU F 156 -52.73 -25.25 -11.31
CA GLU F 156 -52.25 -23.87 -11.28
C GLU F 156 -51.43 -23.60 -10.02
N ILE F 157 -51.93 -23.99 -8.86
CA ILE F 157 -51.23 -23.70 -7.61
C ILE F 157 -49.94 -24.49 -7.52
N LEU F 158 -49.95 -25.74 -7.99
CA LEU F 158 -48.74 -26.54 -7.97
C LEU F 158 -47.65 -25.92 -8.85
N ALA F 159 -48.03 -25.38 -10.00
CA ALA F 159 -47.05 -24.82 -10.92
C ALA F 159 -46.34 -23.61 -10.35
N ARG F 160 -46.92 -22.94 -9.35
CA ARG F 160 -46.34 -21.73 -8.80
C ARG F 160 -45.30 -21.99 -7.73
N PHE F 161 -45.04 -23.26 -7.39
CA PHE F 161 -44.11 -23.56 -6.31
C PHE F 161 -42.69 -23.09 -6.58
N PRO F 162 -42.06 -23.35 -7.73
CA PRO F 162 -40.65 -23.00 -7.87
C PRO F 162 -40.35 -21.52 -7.72
N CYS F 163 -41.25 -20.64 -8.16
CA CYS F 163 -41.02 -19.20 -8.07
C CYS F 163 -41.40 -18.61 -6.73
N LYS F 164 -41.60 -19.46 -5.71
CA LYS F 164 -41.90 -19.04 -4.35
C LYS F 164 -43.31 -18.45 -4.27
N GLU F 165 -43.98 -18.29 -5.42
CA GLU F 165 -45.29 -17.66 -5.45
C GLU F 165 -46.34 -18.60 -4.89
N ASN F 166 -46.31 -18.82 -3.58
CA ASN F 166 -47.21 -19.74 -2.92
C ASN F 166 -47.84 -19.08 -1.71
N PRO F 167 -49.10 -19.37 -1.41
CA PRO F 167 -49.70 -18.87 -0.17
C PRO F 167 -48.96 -19.38 1.04
N ASP F 168 -48.88 -18.53 2.07
CA ASP F 168 -48.12 -18.87 3.26
C ASP F 168 -48.67 -20.11 3.95
N ASN F 169 -49.98 -20.35 3.83
CA ASN F 169 -50.58 -21.51 4.47
C ASN F 169 -50.14 -22.82 3.84
N LEU F 170 -49.58 -22.78 2.63
CA LEU F 170 -49.08 -23.97 1.95
C LEU F 170 -47.56 -23.97 1.83
N SER F 171 -46.88 -23.18 2.67
CA SER F 171 -45.42 -23.13 2.61
C SER F 171 -44.81 -24.49 2.94
N ASP F 172 -45.45 -25.24 3.85
CA ASP F 172 -45.00 -26.59 4.13
C ASP F 172 -45.13 -27.50 2.91
N PHE F 173 -46.26 -27.40 2.19
CA PHE F 173 -46.40 -28.15 0.95
C PHE F 173 -45.39 -27.69 -0.09
N ARG F 174 -45.14 -26.39 -0.16
CA ARG F 174 -44.19 -25.86 -1.13
C ARG F 174 -42.81 -26.47 -0.92
N GLU F 175 -42.34 -26.49 0.33
CA GLU F 175 -41.06 -27.11 0.62
C GLU F 175 -41.10 -28.61 0.35
N GLU F 176 -42.20 -29.26 0.69
CA GLU F 176 -42.30 -30.71 0.50
C GLU F 176 -42.11 -31.07 -0.97
N VAL F 177 -42.83 -30.39 -1.86
CA VAL F 177 -42.64 -30.63 -3.29
C VAL F 177 -41.27 -30.15 -3.74
N SER F 178 -40.78 -29.05 -3.15
CA SER F 178 -39.46 -28.55 -3.51
C SER F 178 -38.35 -29.52 -3.17
N ARG F 179 -38.63 -30.52 -2.34
CA ARG F 179 -37.63 -31.52 -1.99
C ARG F 179 -37.80 -32.83 -2.74
N ARG F 180 -39.04 -33.31 -2.90
CA ARG F 180 -39.23 -34.54 -3.65
C ARG F 180 -38.77 -34.38 -5.09
N LEU F 181 -39.10 -33.24 -5.71
CA LEU F 181 -38.66 -33.02 -7.09
C LEU F 181 -37.16 -32.78 -7.15
N ARG F 182 -36.59 -32.12 -6.14
CA ARG F 182 -35.11 -31.96 -6.12
C ARG F 182 -34.51 -33.37 -6.08
N TYR F 183 -35.03 -34.21 -5.19
CA TYR F 183 -34.56 -35.58 -5.16
C TYR F 183 -34.65 -36.24 -6.53
N GLU F 184 -35.82 -36.20 -7.15
CA GLU F 184 -36.01 -36.94 -8.39
C GLU F 184 -35.03 -36.47 -9.47
N SER F 185 -34.70 -35.19 -9.46
CA SER F 185 -33.62 -34.71 -10.31
C SER F 185 -32.29 -35.30 -9.89
N GLN F 186 -31.95 -35.15 -8.61
CA GLN F 186 -30.61 -35.51 -8.16
C GLN F 186 -30.34 -37.00 -8.33
N LEU F 187 -31.34 -37.83 -8.04
CA LEU F 187 -31.15 -39.26 -8.25
C LEU F 187 -30.87 -39.56 -9.71
N PHE F 188 -31.59 -38.91 -10.62
CA PHE F 188 -31.34 -39.11 -12.04
C PHE F 188 -29.98 -38.54 -12.43
N GLY F 189 -29.61 -37.38 -11.87
CA GLY F 189 -28.31 -36.81 -12.17
C GLY F 189 -27.19 -37.75 -11.80
N TRP F 190 -27.23 -38.30 -10.59
CA TRP F 190 -26.23 -39.28 -10.19
C TRP F 190 -26.37 -40.56 -11.01
N LEU F 191 -27.61 -40.97 -11.31
CA LEU F 191 -27.79 -42.18 -12.10
C LEU F 191 -27.23 -42.02 -13.51
N LEU F 192 -27.40 -40.83 -14.10
CA LEU F 192 -26.87 -40.59 -15.44
C LEU F 192 -25.35 -40.70 -15.46
N ILE F 193 -24.69 -40.14 -14.44
CA ILE F 193 -23.23 -40.24 -14.38
C ILE F 193 -22.81 -41.69 -14.29
N GLY F 194 -23.52 -42.49 -13.49
CA GLY F 194 -23.18 -43.89 -13.36
C GLY F 194 -23.27 -44.64 -14.68
N VAL F 195 -24.33 -44.39 -15.44
CA VAL F 195 -24.49 -45.08 -16.71
C VAL F 195 -23.38 -44.70 -17.68
N VAL F 196 -23.03 -43.42 -17.74
CA VAL F 196 -21.92 -42.99 -18.59
C VAL F 196 -20.63 -43.66 -18.14
N ALA F 197 -20.39 -43.70 -16.82
CA ALA F 197 -19.18 -44.32 -16.30
C ALA F 197 -19.12 -45.81 -16.57
N ILE F 198 -20.24 -46.43 -16.94
CA ILE F 198 -20.20 -47.81 -17.39
C ILE F 198 -19.92 -47.88 -18.89
N LEU F 199 -20.59 -47.04 -19.68
CA LEU F 199 -20.39 -47.07 -21.12
C LEU F 199 -18.96 -46.73 -21.49
N VAL F 200 -18.36 -45.76 -20.81
CA VAL F 200 -16.98 -45.41 -21.09
C VAL F 200 -16.07 -46.60 -20.82
N PHE F 201 -16.28 -47.28 -19.69
CA PHE F 201 -15.48 -48.45 -19.40
C PHE F 201 -15.78 -49.59 -20.37
N LEU F 202 -17.06 -49.77 -20.72
CA LEU F 202 -17.40 -50.82 -21.68
C LEU F 202 -16.85 -50.50 -23.07
N THR F 203 -16.96 -49.25 -23.49
CA THR F 203 -16.43 -48.86 -24.80
C THR F 203 -14.92 -49.03 -24.84
N LYS F 204 -14.23 -48.58 -23.79
CA LYS F 204 -12.77 -48.68 -23.76
C LYS F 204 -12.33 -50.14 -23.78
N CYS F 205 -13.02 -51.00 -23.02
CA CYS F 205 -12.63 -52.41 -22.97
C CYS F 205 -12.91 -53.10 -24.30
N LEU F 206 -14.03 -52.79 -24.94
CA LEU F 206 -14.36 -53.46 -26.19
C LEU F 206 -13.40 -53.08 -27.31
N LYS F 207 -13.00 -51.81 -27.36
CA LYS F 207 -12.11 -51.37 -28.43
C LYS F 207 -10.78 -52.10 -28.38
N HIS F 208 -10.20 -52.21 -27.18
CA HIS F 208 -8.91 -52.89 -27.06
C HIS F 208 -9.03 -54.38 -27.38
N TYR F 209 -10.14 -55.01 -27.00
CA TYR F 209 -10.30 -56.44 -27.28
C TYR F 209 -10.61 -56.70 -28.74
N CYS F 210 -11.23 -55.75 -29.44
CA CYS F 210 -11.64 -56.00 -30.81
C CYS F 210 -10.59 -55.59 -31.84
N SER F 211 -9.87 -54.50 -31.62
CA SER F 211 -8.90 -54.05 -32.61
C SER F 211 -7.77 -55.06 -32.72
N PRO F 212 -7.31 -55.37 -33.94
CA PRO F 212 -6.22 -56.34 -34.10
C PRO F 212 -4.92 -55.87 -33.50
N LEU F 213 -4.75 -54.57 -33.29
CA LEU F 213 -3.50 -54.03 -32.76
C LEU F 213 -3.39 -54.32 -31.27
N SER F 214 -2.15 -54.46 -30.81
CA SER F 214 -1.92 -54.44 -29.38
C SER F 214 -2.23 -53.04 -28.86
N TYR F 215 -2.63 -52.96 -27.58
CA TYR F 215 -2.93 -51.66 -26.99
C TYR F 215 -1.71 -50.75 -27.04
N ARG F 216 -0.51 -51.32 -26.88
CA ARG F 216 0.69 -50.50 -26.84
C ARG F 216 0.99 -49.88 -28.19
N GLN F 217 0.75 -50.61 -29.28
CA GLN F 217 0.98 -50.03 -30.59
C GLN F 217 -0.01 -48.94 -30.90
N GLU F 218 -1.22 -49.02 -30.35
CA GLU F 218 -2.17 -47.92 -30.53
C GLU F 218 -1.67 -46.65 -29.89
N ALA F 219 -1.00 -46.75 -28.74
CA ALA F 219 -0.45 -45.56 -28.11
C ALA F 219 0.55 -44.87 -29.01
N TYR F 220 1.42 -45.64 -29.66
CA TYR F 220 2.32 -45.03 -30.64
C TYR F 220 1.53 -44.44 -31.80
N TRP F 221 0.51 -45.16 -32.25
CA TRP F 221 -0.30 -44.65 -33.34
C TRP F 221 -0.98 -43.35 -32.94
N ALA F 222 -1.50 -43.28 -31.72
CA ALA F 222 -2.05 -42.01 -31.24
C ALA F 222 -0.96 -40.97 -31.10
N GLN F 223 0.23 -41.39 -30.69
CA GLN F 223 1.35 -40.45 -30.60
C GLN F 223 1.88 -40.06 -31.96
N TYR F 224 1.41 -40.68 -33.04
CA TYR F 224 1.88 -40.28 -34.36
C TYR F 224 0.94 -39.31 -35.03
N ARG F 225 -0.38 -39.52 -34.90
CA ARG F 225 -1.30 -38.61 -35.54
C ARG F 225 -1.14 -37.20 -35.00
N ALA F 226 -0.89 -37.06 -33.70
CA ALA F 226 -0.70 -35.74 -33.13
C ALA F 226 0.57 -35.09 -33.65
N ASN F 227 1.66 -35.84 -33.72
CA ASN F 227 2.91 -35.24 -34.21
C ASN F 227 2.80 -34.84 -35.67
N GLU F 228 2.21 -35.69 -36.50
CA GLU F 228 2.05 -35.36 -37.91
C GLU F 228 1.17 -34.13 -38.09
N ASP F 229 0.05 -34.08 -37.36
CA ASP F 229 -0.87 -32.97 -37.52
C ASP F 229 -0.24 -31.66 -37.06
N GLN F 230 0.41 -31.66 -35.89
CA GLN F 230 1.03 -30.44 -35.41
C GLN F 230 2.15 -29.98 -36.32
N LEU F 231 2.99 -30.90 -36.77
CA LEU F 231 4.02 -30.53 -37.73
C LEU F 231 3.40 -30.06 -39.04
N PHE F 232 2.33 -30.72 -39.48
CA PHE F 232 1.69 -30.31 -40.72
C PHE F 232 1.19 -28.86 -40.63
N GLN F 233 0.40 -28.56 -39.61
CA GLN F 233 -0.17 -27.22 -39.51
C GLN F 233 0.92 -26.16 -39.34
N ARG F 234 1.90 -26.43 -38.47
CA ARG F 234 3.00 -25.48 -38.33
C ARG F 234 3.76 -25.32 -39.63
N THR F 235 4.03 -26.41 -40.34
CA THR F 235 4.83 -26.29 -41.55
C THR F 235 3.98 -25.80 -42.72
N ALA F 236 2.65 -25.91 -42.63
CA ALA F 236 1.80 -25.34 -43.66
C ALA F 236 1.88 -23.83 -43.65
N GLU F 237 1.90 -23.23 -42.46
CA GLU F 237 2.01 -21.78 -42.36
C GLU F 237 3.28 -21.28 -43.03
N VAL F 238 4.40 -21.95 -42.77
CA VAL F 238 5.68 -21.50 -43.34
C VAL F 238 5.66 -21.63 -44.86
N HIS F 239 5.17 -22.76 -45.37
CA HIS F 239 5.03 -22.88 -46.82
C HIS F 239 3.91 -22.01 -47.35
N SER F 240 3.07 -21.43 -46.49
CA SER F 240 2.13 -20.42 -46.93
C SER F 240 2.81 -19.05 -47.03
N ARG F 241 3.48 -18.64 -45.96
CA ARG F 241 4.10 -17.32 -45.94
C ARG F 241 5.14 -17.18 -47.05
N VAL F 242 5.91 -18.23 -47.30
CA VAL F 242 6.91 -18.16 -48.35
C VAL F 242 6.24 -17.92 -49.71
N LEU F 243 5.13 -18.60 -49.97
CA LEU F 243 4.42 -18.38 -51.22
C LEU F 243 3.85 -16.96 -51.27
N ALA F 244 3.34 -16.46 -50.15
CA ALA F 244 2.87 -15.09 -50.11
C ALA F 244 4.04 -14.12 -50.33
N ALA F 245 5.18 -14.38 -49.69
CA ALA F 245 6.34 -13.52 -49.87
C ALA F 245 6.81 -13.55 -51.32
N ASN F 246 6.83 -14.73 -51.93
CA ASN F 246 7.30 -14.83 -53.30
C ASN F 246 6.42 -14.05 -54.26
N ASN F 247 5.10 -14.08 -54.03
CA ASN F 247 4.20 -13.40 -54.96
C ASN F 247 4.23 -11.90 -54.79
N VAL F 248 4.35 -11.41 -53.56
CA VAL F 248 4.41 -9.96 -53.35
C VAL F 248 5.66 -9.39 -54.02
N ARG F 249 6.77 -10.12 -53.96
CA ARG F 249 8.02 -9.62 -54.52
C ARG F 249 7.89 -9.33 -56.01
N ARG F 250 7.20 -10.20 -56.75
CA ARG F 250 7.00 -9.96 -58.17
C ARG F 250 6.19 -8.70 -58.44
N PHE F 251 5.36 -8.27 -57.49
CA PHE F 251 4.51 -7.10 -57.70
C PHE F 251 5.14 -5.81 -57.20
N PHE F 252 5.45 -5.73 -55.91
CA PHE F 252 6.02 -4.51 -55.37
C PHE F 252 7.45 -4.29 -55.85
N GLY F 253 8.13 -5.35 -56.27
CA GLY F 253 9.54 -5.31 -56.58
C GLY F 253 10.44 -5.77 -55.46
N PHE F 254 9.91 -5.91 -54.26
CA PHE F 254 10.64 -6.41 -53.11
C PHE F 254 9.64 -6.82 -52.06
N VAL F 255 10.14 -7.35 -50.95
CA VAL F 255 9.30 -7.81 -49.85
C VAL F 255 9.88 -7.36 -48.52
N ALA F 256 9.00 -6.92 -47.62
CA ALA F 256 9.41 -6.52 -46.29
C ALA F 256 9.11 -7.63 -45.30
N LEU F 257 10.13 -8.05 -44.56
CA LEU F 257 10.02 -9.13 -43.60
C LEU F 257 10.54 -8.67 -42.25
N ASN F 258 10.07 -9.34 -41.19
CA ASN F 258 10.58 -9.09 -39.87
C ASN F 258 11.94 -9.77 -39.70
N LYS F 259 12.55 -9.58 -38.53
CA LYS F 259 13.86 -10.16 -38.28
C LYS F 259 13.81 -11.69 -38.37
N ASP F 260 12.78 -12.30 -37.77
CA ASP F 260 12.69 -13.76 -37.80
C ASP F 260 12.22 -14.28 -39.15
N ASP F 261 11.36 -13.53 -39.84
CA ASP F 261 10.89 -13.99 -41.14
C ASP F 261 12.00 -14.01 -42.18
N GLU F 262 13.06 -13.24 -41.97
CA GLU F 262 14.17 -13.24 -42.93
C GLU F 262 14.80 -14.61 -43.04
N GLU F 263 14.99 -15.29 -41.91
CA GLU F 263 15.51 -16.66 -41.96
C GLU F 263 14.57 -17.59 -42.70
N LEU F 264 13.25 -17.33 -42.60
CA LEU F 264 12.27 -18.24 -43.19
C LEU F 264 12.45 -18.31 -44.70
N ILE F 265 12.66 -17.17 -45.35
CA ILE F 265 12.77 -17.16 -46.81
C ILE F 265 13.99 -17.95 -47.27
N ALA F 266 15.13 -17.75 -46.61
CA ALA F 266 16.34 -18.43 -47.02
C ALA F 266 16.33 -19.90 -46.63
N ASN F 267 15.86 -20.22 -45.42
CA ASN F 267 15.95 -21.58 -44.93
C ASN F 267 14.94 -22.50 -45.59
N PHE F 268 13.80 -21.96 -46.01
CA PHE F 268 12.70 -22.76 -46.54
C PHE F 268 12.26 -22.21 -47.89
N PRO F 269 13.04 -22.44 -48.94
CA PRO F 269 12.64 -22.00 -50.27
C PRO F 269 11.67 -22.97 -50.91
N VAL F 270 10.76 -22.40 -51.70
CA VAL F 270 9.78 -23.19 -52.43
C VAL F 270 9.96 -22.94 -53.92
N GLU F 271 9.51 -23.90 -54.71
CA GLU F 271 9.62 -23.84 -56.16
C GLU F 271 8.28 -23.71 -56.87
N GLY F 272 7.19 -24.12 -56.22
CA GLY F 272 5.89 -24.05 -56.82
C GLY F 272 4.80 -24.45 -55.84
N THR F 273 3.71 -24.98 -56.36
CA THR F 273 2.59 -25.42 -55.54
C THR F 273 2.42 -26.93 -55.67
N GLN F 274 1.38 -27.45 -55.04
CA GLN F 274 1.16 -28.88 -55.05
C GLN F 274 -0.17 -29.21 -55.72
N PRO F 275 -0.18 -30.14 -56.66
CA PRO F 275 -1.39 -30.40 -57.44
C PRO F 275 -2.55 -30.85 -56.56
N ARG F 276 -3.76 -30.56 -57.03
CA ARG F 276 -4.95 -30.98 -56.29
C ARG F 276 -5.02 -32.49 -56.04
N PRO F 277 -4.72 -33.37 -57.01
CA PRO F 277 -4.74 -34.81 -56.67
C PRO F 277 -3.76 -35.17 -55.56
N GLN F 278 -2.60 -34.52 -55.51
CA GLN F 278 -1.70 -34.73 -54.38
C GLN F 278 -2.36 -34.31 -53.07
N TRP F 279 -3.01 -33.14 -53.06
CA TRP F 279 -3.79 -32.75 -51.91
C TRP F 279 -4.99 -33.66 -51.71
N ASN F 280 -5.37 -34.40 -52.74
CA ASN F 280 -6.56 -35.24 -52.65
C ASN F 280 -6.26 -36.64 -52.13
N ALA F 281 -5.00 -37.01 -51.96
CA ALA F 281 -4.66 -38.34 -51.47
C ALA F 281 -4.43 -38.39 -49.97
N ILE F 282 -4.53 -37.26 -49.26
CA ILE F 282 -4.23 -37.20 -47.84
C ILE F 282 -5.40 -36.71 -47.00
N THR F 283 -6.57 -36.48 -47.61
CA THR F 283 -7.76 -36.07 -46.86
C THR F 283 -8.81 -37.16 -46.98
N GLY F 284 -8.90 -37.98 -45.95
CA GLY F 284 -9.85 -39.07 -45.96
C GLY F 284 -9.57 -40.08 -44.86
N VAL F 285 -10.61 -40.76 -44.38
CA VAL F 285 -10.44 -41.70 -43.29
C VAL F 285 -9.48 -42.81 -43.70
N TYR F 286 -8.57 -43.14 -42.77
CA TYR F 286 -7.56 -44.19 -43.04
C TYR F 286 -7.62 -45.21 -41.94
N LEU F 287 -7.68 -46.50 -42.30
CA LEU F 287 -7.74 -47.58 -41.31
C LEU F 287 -6.67 -48.63 -41.65
N TYR F 288 -5.45 -48.35 -41.19
CA TYR F 288 -4.38 -49.34 -41.04
C TYR F 288 -4.22 -50.32 -42.20
N ARG F 289 -3.83 -49.82 -43.37
CA ARG F 289 -3.44 -50.69 -44.47
C ARG F 289 -1.96 -51.02 -44.32
N GLU F 290 -1.66 -52.24 -43.91
CA GLU F 290 -0.29 -52.69 -43.77
C GLU F 290 0.36 -52.88 -45.14
N ASN F 291 1.65 -52.60 -45.21
CA ASN F 291 2.41 -52.70 -46.45
C ASN F 291 3.65 -53.56 -46.22
N GLN F 292 3.73 -54.67 -46.95
CA GLN F 292 4.90 -55.55 -46.91
C GLN F 292 5.20 -56.03 -45.49
N GLY F 293 4.17 -56.12 -44.65
CA GLY F 293 4.38 -56.46 -43.26
C GLY F 293 4.79 -55.30 -42.37
N LEU F 294 4.96 -54.10 -42.93
CA LEU F 294 5.33 -52.93 -42.17
C LEU F 294 4.17 -51.94 -42.20
N PRO F 295 3.73 -51.45 -41.05
CA PRO F 295 2.51 -50.64 -41.00
C PRO F 295 2.68 -49.27 -41.64
N LEU F 296 1.56 -48.73 -42.10
CA LEU F 296 1.41 -47.34 -42.47
C LEU F 296 0.40 -46.71 -41.53
N TYR F 297 0.76 -45.57 -40.94
CA TYR F 297 0.00 -45.05 -39.81
C TYR F 297 -0.97 -43.92 -40.17
N SER F 298 -0.93 -43.40 -41.39
CA SER F 298 -1.87 -42.37 -41.81
C SER F 298 -1.89 -42.32 -43.32
N ARG F 299 -2.89 -41.63 -43.87
CA ARG F 299 -2.97 -41.47 -45.31
C ARG F 299 -1.67 -40.87 -45.85
N LEU F 300 -1.16 -39.85 -45.17
CA LEU F 300 0.06 -39.19 -45.62
C LEU F 300 1.21 -40.19 -45.68
N HIS F 301 1.32 -41.04 -44.66
CA HIS F 301 2.40 -42.04 -44.64
C HIS F 301 2.27 -43.01 -45.81
N LYS F 302 1.04 -43.42 -46.13
CA LYS F 302 0.84 -44.27 -47.29
C LYS F 302 1.26 -43.55 -48.56
N TRP F 303 0.93 -42.26 -48.67
CA TRP F 303 1.36 -41.50 -49.83
C TRP F 303 2.88 -41.34 -49.86
N ALA F 304 3.52 -41.23 -48.69
CA ALA F 304 4.97 -41.05 -48.67
C ALA F 304 5.69 -42.25 -49.23
N GLN F 305 5.04 -43.41 -49.25
CA GLN F 305 5.61 -44.59 -49.88
C GLN F 305 5.16 -44.75 -51.33
N GLY F 306 4.37 -43.81 -51.85
CA GLY F 306 3.96 -43.88 -53.23
C GLY F 306 3.04 -45.03 -53.57
N LEU F 307 2.28 -45.54 -52.60
CA LEU F 307 1.41 -46.68 -52.82
C LEU F 307 0.02 -46.30 -53.32
N GLU G 38 -17.51 -22.89 -7.68
CA GLU G 38 -18.38 -23.58 -6.74
C GLU G 38 -18.78 -24.95 -7.25
N LEU G 39 -17.84 -25.62 -7.92
CA LEU G 39 -18.11 -26.98 -8.41
C LEU G 39 -18.37 -27.93 -7.26
N PHE G 40 -17.62 -27.82 -6.16
CA PHE G 40 -17.91 -28.63 -4.99
C PHE G 40 -19.27 -28.32 -4.40
N SER G 41 -19.76 -27.09 -4.56
CA SER G 41 -21.07 -26.74 -4.04
C SER G 41 -22.18 -27.47 -4.77
N VAL G 42 -21.98 -27.82 -6.04
CA VAL G 42 -23.00 -28.53 -6.79
C VAL G 42 -23.14 -29.96 -6.29
N VAL G 43 -22.02 -30.62 -5.98
CA VAL G 43 -22.04 -32.02 -5.60
C VAL G 43 -22.31 -32.16 -4.11
N ALA G 44 -22.66 -31.05 -3.45
CA ALA G 44 -22.92 -31.09 -2.02
C ALA G 44 -24.14 -31.95 -1.73
N PHE G 45 -24.11 -32.61 -0.57
CA PHE G 45 -25.19 -33.50 -0.20
C PHE G 45 -26.45 -32.70 0.15
N HIS G 46 -27.59 -33.16 -0.35
CA HIS G 46 -28.89 -32.58 -0.02
C HIS G 46 -29.81 -33.73 0.36
N CYS G 47 -30.10 -33.87 1.64
CA CYS G 47 -30.85 -35.01 2.11
C CYS G 47 -32.32 -34.83 1.81
N PRO G 48 -32.93 -35.69 1.00
CA PRO G 48 -34.38 -35.62 0.78
C PRO G 48 -35.12 -36.29 1.92
N CYS G 49 -35.77 -35.49 2.76
CA CYS G 49 -36.46 -36.01 3.92
C CYS G 49 -37.79 -36.60 3.48
N SER G 50 -37.83 -37.92 3.33
CA SER G 50 -39.04 -38.62 2.94
C SER G 50 -38.86 -40.10 3.26
N PRO G 51 -39.88 -40.77 3.79
CA PRO G 51 -39.71 -42.17 4.16
C PRO G 51 -39.47 -43.04 2.94
N ALA G 52 -38.70 -44.12 3.16
CA ALA G 52 -38.40 -45.12 2.14
C ALA G 52 -37.82 -44.50 0.88
N ARG G 53 -37.31 -43.30 0.98
CA ARG G 53 -36.80 -42.62 -0.20
C ARG G 53 -35.37 -42.14 -0.06
N ASN G 54 -34.99 -41.63 1.11
CA ASN G 54 -33.68 -41.02 1.24
C ASN G 54 -32.58 -42.07 1.19
N TYR G 55 -32.80 -43.24 1.77
CA TYR G 55 -31.74 -44.26 1.75
C TYR G 55 -31.40 -44.69 0.34
N LEU G 56 -32.36 -44.61 -0.58
CA LEU G 56 -32.02 -44.74 -1.99
C LEU G 56 -31.10 -43.61 -2.41
N TYR G 57 -31.46 -42.37 -2.07
CA TYR G 57 -30.59 -41.25 -2.39
C TYR G 57 -29.27 -41.35 -1.65
N GLY G 58 -29.31 -41.80 -0.40
CA GLY G 58 -28.07 -42.04 0.31
C GLY G 58 -27.17 -43.02 -0.43
N LEU G 59 -27.77 -44.05 -1.01
CA LEU G 59 -26.98 -44.99 -1.80
C LEU G 59 -26.48 -44.36 -3.08
N ALA G 60 -27.36 -43.69 -3.82
CA ALA G 60 -27.00 -43.24 -5.16
C ALA G 60 -26.22 -41.93 -5.16
N ALA G 61 -26.07 -41.29 -4.00
CA ALA G 61 -25.19 -40.13 -3.89
C ALA G 61 -23.90 -40.46 -3.18
N ILE G 62 -23.71 -41.72 -2.78
CA ILE G 62 -22.45 -42.21 -2.24
C ILE G 62 -21.89 -43.35 -3.08
N GLY G 63 -22.75 -44.30 -3.47
CA GLY G 63 -22.29 -45.42 -4.28
C GLY G 63 -21.82 -45.00 -5.65
N VAL G 64 -22.57 -44.13 -6.32
CA VAL G 64 -22.24 -43.77 -7.71
C VAL G 64 -20.89 -43.08 -7.80
N PRO G 65 -20.58 -42.04 -7.03
CA PRO G 65 -19.21 -41.52 -7.06
C PRO G 65 -18.18 -42.55 -6.64
N ALA G 66 -18.54 -43.49 -5.78
CA ALA G 66 -17.65 -44.61 -5.52
C ALA G 66 -17.46 -45.46 -6.76
N LEU G 67 -18.55 -45.76 -7.47
CA LEU G 67 -18.43 -46.54 -8.70
C LEU G 67 -17.64 -45.78 -9.76
N VAL G 68 -17.85 -44.47 -9.85
CA VAL G 68 -17.08 -43.67 -10.81
C VAL G 68 -15.60 -43.71 -10.44
N LEU G 69 -15.28 -43.56 -9.16
CA LEU G 69 -13.89 -43.60 -8.75
C LEU G 69 -13.29 -44.99 -8.95
N PHE G 70 -14.09 -46.03 -8.73
CA PHE G 70 -13.58 -47.38 -8.95
C PHE G 70 -13.28 -47.63 -10.43
N ILE G 71 -14.18 -47.18 -11.32
CA ILE G 71 -13.96 -47.41 -12.74
C ILE G 71 -12.71 -46.67 -13.22
N ILE G 72 -12.54 -45.43 -12.78
CA ILE G 72 -11.37 -44.65 -13.18
C ILE G 72 -10.09 -45.38 -12.79
N GLY G 73 -10.08 -45.99 -11.61
CA GLY G 73 -8.90 -46.72 -11.17
C GLY G 73 -8.55 -47.85 -12.12
N ILE G 74 -9.56 -48.55 -12.63
CA ILE G 74 -9.28 -49.64 -13.56
C ILE G 74 -8.80 -49.10 -14.90
N ILE G 75 -9.45 -48.05 -15.41
CA ILE G 75 -9.17 -47.58 -16.75
C ILE G 75 -7.75 -47.05 -16.87
N LEU G 76 -7.33 -46.23 -15.91
CA LEU G 76 -6.02 -45.61 -15.99
C LEU G 76 -4.89 -46.56 -15.61
N ASN G 77 -5.18 -47.74 -15.10
CA ASN G 77 -4.16 -48.65 -14.60
C ASN G 77 -3.65 -49.51 -15.75
N ASN G 78 -2.43 -49.23 -16.20
CA ASN G 78 -1.87 -49.93 -17.35
C ASN G 78 -1.82 -51.44 -17.15
N HIS G 79 -1.75 -51.91 -15.90
CA HIS G 79 -1.68 -53.34 -15.66
C HIS G 79 -2.97 -54.05 -16.05
N THR G 80 -4.05 -53.32 -16.32
CA THR G 80 -5.30 -53.96 -16.73
C THR G 80 -5.44 -54.10 -18.24
N TRP G 81 -4.66 -53.36 -19.02
CA TRP G 81 -4.78 -53.48 -20.47
C TRP G 81 -3.96 -54.66 -20.98
N ASN G 82 -2.71 -54.78 -20.55
CA ASN G 82 -1.92 -55.94 -20.95
C ASN G 82 -2.52 -57.23 -20.41
N LEU G 83 -3.42 -57.12 -19.42
CA LEU G 83 -4.22 -58.29 -19.06
C LEU G 83 -5.26 -58.59 -20.13
N VAL G 84 -5.98 -57.55 -20.59
CA VAL G 84 -6.98 -57.76 -21.63
C VAL G 84 -6.31 -58.21 -22.93
N ALA G 85 -5.22 -57.55 -23.31
CA ALA G 85 -4.54 -57.93 -24.55
C ALA G 85 -3.96 -59.33 -24.46
N GLU G 86 -3.75 -59.84 -23.24
CA GLU G 86 -3.26 -61.21 -23.09
C GLU G 86 -4.29 -62.22 -23.58
N CYS G 87 -5.53 -62.11 -23.12
CA CYS G 87 -6.55 -63.05 -23.55
C CYS G 87 -7.01 -62.75 -24.97
N GLN G 88 -6.80 -61.53 -25.45
CA GLN G 88 -7.21 -61.19 -26.81
C GLN G 88 -6.41 -61.98 -27.84
N HIS G 89 -5.08 -61.94 -27.75
CA HIS G 89 -4.26 -62.45 -28.84
C HIS G 89 -4.21 -63.97 -28.86
N ARG G 90 -4.40 -64.61 -27.70
CA ARG G 90 -4.44 -66.08 -27.69
C ARG G 90 -5.78 -66.61 -28.19
N ARG G 91 -6.87 -65.88 -27.96
CA ARG G 91 -8.21 -66.21 -28.45
C ARG G 91 -8.73 -67.55 -27.98
N THR G 92 -8.05 -68.19 -27.01
CA THR G 92 -8.42 -69.53 -26.58
C THR G 92 -8.51 -69.67 -25.06
N LYS G 93 -7.83 -68.82 -24.30
CA LYS G 93 -7.84 -68.88 -22.83
C LYS G 93 -7.28 -70.22 -22.32
N ASN G 94 -6.16 -70.65 -22.91
CA ASN G 94 -5.49 -71.84 -22.44
C ASN G 94 -4.94 -71.66 -21.02
N CYS G 95 -4.41 -70.47 -20.72
CA CYS G 95 -3.81 -70.23 -19.42
C CYS G 95 -4.84 -70.35 -18.32
N SER G 96 -4.42 -70.96 -17.20
CA SER G 96 -5.30 -71.22 -16.07
C SER G 96 -5.43 -69.98 -15.19
N ALA G 97 -6.12 -70.14 -14.06
CA ALA G 97 -6.38 -69.05 -13.14
C ALA G 97 -5.28 -68.84 -12.13
N ALA G 98 -4.30 -69.74 -12.04
CA ALA G 98 -3.19 -69.55 -11.11
C ALA G 98 -2.39 -68.29 -11.39
N PRO G 99 -1.98 -67.98 -12.63
CA PRO G 99 -1.24 -66.73 -12.84
C PRO G 99 -2.13 -65.50 -12.92
N THR G 100 -3.43 -65.66 -13.20
CA THR G 100 -4.31 -64.50 -13.33
C THR G 100 -4.64 -63.90 -11.97
N PHE G 101 -4.91 -64.75 -10.97
CA PHE G 101 -5.39 -64.25 -9.69
C PHE G 101 -4.32 -63.46 -8.95
N LEU G 102 -3.06 -63.80 -9.12
CA LEU G 102 -1.99 -63.06 -8.46
C LEU G 102 -1.85 -61.66 -9.04
N LEU G 103 -2.22 -61.48 -10.31
CA LEU G 103 -2.24 -60.15 -10.91
C LEU G 103 -3.58 -59.45 -10.70
N LEU G 104 -4.68 -60.20 -10.76
CA LEU G 104 -6.01 -59.59 -10.71
C LEU G 104 -6.22 -58.84 -9.41
N SER G 105 -5.70 -59.36 -8.30
CA SER G 105 -5.79 -58.65 -7.03
C SER G 105 -5.06 -57.32 -7.11
N SER G 106 -3.91 -57.29 -7.77
CA SER G 106 -3.17 -56.03 -7.89
C SER G 106 -3.96 -55.01 -8.68
N ILE G 107 -4.70 -55.45 -9.70
CA ILE G 107 -5.51 -54.54 -10.50
C ILE G 107 -6.52 -53.82 -9.63
N LEU G 108 -7.26 -54.57 -8.82
CA LEU G 108 -8.20 -53.94 -7.91
C LEU G 108 -7.48 -53.24 -6.77
N GLY G 109 -6.45 -53.89 -6.22
CA GLY G 109 -5.76 -53.33 -5.07
C GLY G 109 -5.20 -51.95 -5.33
N ARG G 110 -4.55 -51.76 -6.48
CA ARG G 110 -4.02 -50.45 -6.79
C ARG G 110 -5.12 -49.46 -7.15
N ALA G 111 -6.34 -49.94 -7.36
CA ALA G 111 -7.46 -49.09 -7.75
C ALA G 111 -8.56 -49.02 -6.70
N ALA G 112 -8.75 -50.07 -5.91
CA ALA G 112 -9.83 -50.06 -4.93
C ALA G 112 -9.56 -49.10 -3.78
N VAL G 113 -8.35 -48.55 -3.67
CA VAL G 113 -8.09 -47.59 -2.60
C VAL G 113 -8.91 -46.33 -2.79
N ALA G 114 -9.11 -45.90 -4.03
CA ALA G 114 -9.84 -44.66 -4.27
C ALA G 114 -11.28 -44.70 -3.80
N PRO G 115 -12.07 -45.74 -4.08
CA PRO G 115 -13.41 -45.78 -3.49
C PRO G 115 -13.39 -45.79 -1.97
N VAL G 116 -12.44 -46.50 -1.37
CA VAL G 116 -12.43 -46.61 0.08
C VAL G 116 -12.12 -45.27 0.72
N THR G 117 -11.14 -44.54 0.19
CA THR G 117 -10.87 -43.22 0.76
C THR G 117 -11.97 -42.22 0.46
N TRP G 118 -12.92 -42.56 -0.40
CA TRP G 118 -14.14 -41.76 -0.51
C TRP G 118 -15.26 -42.32 0.36
N SER G 119 -15.38 -43.64 0.41
CA SER G 119 -16.42 -44.24 1.26
C SER G 119 -16.19 -43.90 2.72
N VAL G 120 -14.93 -43.95 3.18
CA VAL G 120 -14.64 -43.66 4.57
C VAL G 120 -14.87 -42.19 4.88
N ILE G 121 -14.49 -41.30 3.97
CA ILE G 121 -14.66 -39.87 4.22
C ILE G 121 -16.12 -39.53 4.44
N SER G 122 -17.01 -40.09 3.62
CA SER G 122 -18.43 -39.81 3.79
C SER G 122 -18.94 -40.32 5.13
N LEU G 123 -18.53 -41.52 5.52
CA LEU G 123 -18.98 -42.07 6.80
C LEU G 123 -18.51 -41.22 7.97
N LEU G 124 -17.26 -40.74 7.92
CA LEU G 124 -16.75 -39.90 8.99
C LEU G 124 -17.53 -38.60 9.10
N ARG G 125 -17.86 -37.98 7.96
CA ARG G 125 -18.69 -36.79 7.99
C ARG G 125 -20.03 -37.08 8.62
N GLY G 126 -20.54 -38.30 8.42
CA GLY G 126 -21.77 -38.72 9.04
C GLY G 126 -23.02 -38.30 8.29
N GLU G 127 -22.93 -37.36 7.36
CA GLU G 127 -24.12 -36.91 6.65
C GLU G 127 -24.77 -38.05 5.87
N ALA G 128 -23.94 -38.87 5.22
CA ALA G 128 -24.48 -39.92 4.36
C ALA G 128 -25.30 -40.92 5.16
N TYR G 129 -24.81 -41.33 6.33
CA TYR G 129 -25.50 -42.37 7.07
C TYR G 129 -26.77 -41.84 7.74
N VAL G 130 -26.70 -40.67 8.37
CA VAL G 130 -27.81 -40.22 9.21
C VAL G 130 -29.06 -40.03 8.36
N CYS G 131 -28.92 -39.43 7.18
CA CYS G 131 -30.06 -39.29 6.28
C CYS G 131 -30.52 -40.63 5.75
N ALA G 132 -29.58 -41.58 5.58
CA ALA G 132 -29.95 -42.86 5.02
C ALA G 132 -30.79 -43.68 6.00
N LEU G 133 -30.45 -43.64 7.28
CA LEU G 133 -31.04 -44.54 8.25
C LEU G 133 -31.98 -43.85 9.23
N SER G 134 -32.26 -42.57 9.04
CA SER G 134 -33.16 -41.89 9.97
C SER G 134 -34.57 -42.46 9.93
N GLU G 135 -34.94 -43.16 8.86
CA GLU G 135 -36.26 -43.75 8.78
C GLU G 135 -36.38 -45.00 9.66
N PHE G 136 -35.27 -45.70 9.88
CA PHE G 136 -35.31 -46.99 10.56
C PHE G 136 -35.17 -46.89 12.06
N VAL G 137 -35.01 -45.70 12.62
CA VAL G 137 -34.82 -45.57 14.07
C VAL G 137 -36.06 -46.08 14.78
N ASP G 138 -35.86 -46.98 15.73
CA ASP G 138 -36.98 -47.61 16.42
C ASP G 138 -37.70 -46.59 17.29
N PRO G 139 -39.00 -46.39 17.13
CA PRO G 139 -39.71 -45.40 17.96
C PRO G 139 -39.74 -45.76 19.43
N SER G 140 -39.26 -46.93 19.82
CA SER G 140 -39.20 -47.29 21.24
C SER G 140 -37.81 -47.16 21.82
N SER G 141 -36.82 -46.79 21.02
CA SER G 141 -35.42 -46.74 21.47
C SER G 141 -34.91 -45.32 21.67
N LEU G 142 -35.76 -44.32 21.63
CA LEU G 142 -35.34 -42.95 21.89
C LEU G 142 -35.25 -42.73 23.40
N THR G 143 -34.22 -41.97 23.80
CA THR G 143 -33.98 -41.68 25.20
C THR G 143 -33.79 -40.17 25.34
N ALA G 144 -33.40 -39.73 26.54
CA ALA G 144 -33.21 -38.34 26.92
C ALA G 144 -34.52 -37.56 26.93
N ARG G 145 -35.66 -38.25 26.89
CA ARG G 145 -36.96 -37.62 26.97
C ARG G 145 -37.98 -38.71 27.30
N GLU G 146 -39.09 -38.30 27.91
CA GLU G 146 -40.15 -39.23 28.24
C GLU G 146 -40.91 -39.63 26.96
N GLU G 147 -41.99 -40.39 27.14
CA GLU G 147 -42.72 -40.91 26.00
C GLU G 147 -43.53 -39.81 25.32
N HIS G 148 -42.84 -38.94 24.58
CA HIS G 148 -43.48 -37.86 23.84
C HIS G 148 -43.51 -38.11 22.35
N PHE G 149 -42.95 -39.22 21.87
CA PHE G 149 -42.96 -39.49 20.45
C PHE G 149 -44.35 -39.89 20.01
N PRO G 150 -44.94 -39.22 19.03
CA PRO G 150 -46.25 -39.65 18.52
C PRO G 150 -46.13 -40.93 17.72
N SER G 151 -47.26 -41.63 17.59
CA SER G 151 -47.32 -42.88 16.84
C SER G 151 -48.19 -42.79 15.61
N ALA G 152 -48.70 -41.60 15.28
CA ALA G 152 -49.52 -41.44 14.09
C ALA G 152 -48.72 -41.76 12.82
N HIS G 153 -47.69 -40.97 12.55
CA HIS G 153 -46.74 -41.24 11.47
C HIS G 153 -45.34 -41.13 12.06
N ALA G 154 -44.88 -42.23 12.66
CA ALA G 154 -43.55 -42.22 13.27
C ALA G 154 -42.46 -42.22 12.21
N THR G 155 -42.62 -43.04 11.17
CA THR G 155 -41.63 -43.08 10.11
C THR G 155 -41.53 -41.73 9.40
N GLU G 156 -42.68 -41.11 9.13
CA GLU G 156 -42.68 -39.83 8.44
C GLU G 156 -41.96 -38.76 9.25
N ILE G 157 -42.34 -38.62 10.53
CA ILE G 157 -41.74 -37.57 11.34
C ILE G 157 -40.26 -37.84 11.58
N LEU G 158 -39.89 -39.12 11.72
CA LEU G 158 -38.47 -39.43 11.88
C LEU G 158 -37.71 -39.21 10.58
N ALA G 159 -38.38 -39.28 9.44
CA ALA G 159 -37.70 -39.11 8.18
C ALA G 159 -37.19 -37.68 8.00
N ARG G 160 -37.85 -36.71 8.61
CA ARG G 160 -37.51 -35.31 8.40
C ARG G 160 -36.45 -34.81 9.38
N PHE G 161 -35.94 -35.67 10.26
CA PHE G 161 -34.92 -35.24 11.21
C PHE G 161 -33.66 -34.68 10.55
N PRO G 162 -33.12 -35.27 9.48
CA PRO G 162 -31.91 -34.68 8.88
C PRO G 162 -32.12 -33.28 8.34
N CYS G 163 -33.35 -32.89 8.00
CA CYS G 163 -33.61 -31.56 7.45
C CYS G 163 -33.86 -30.52 8.52
N LYS G 164 -33.80 -30.88 9.79
CA LYS G 164 -34.04 -30.00 10.93
C LYS G 164 -35.44 -29.40 10.92
N GLU G 165 -36.33 -29.87 10.05
CA GLU G 165 -37.71 -29.40 10.03
C GLU G 165 -38.54 -30.20 11.03
N ASN G 166 -38.17 -30.04 12.30
CA ASN G 166 -38.83 -30.73 13.37
C ASN G 166 -39.44 -29.73 14.35
N PRO G 167 -40.66 -29.98 14.83
CA PRO G 167 -41.25 -29.07 15.82
C PRO G 167 -40.41 -29.01 17.08
N ASP G 168 -40.38 -27.82 17.69
CA ASP G 168 -39.49 -27.58 18.81
C ASP G 168 -39.81 -28.46 20.02
N ASN G 169 -40.98 -29.09 20.05
CA ASN G 169 -41.30 -30.02 21.13
C ASN G 169 -40.55 -31.34 21.01
N LEU G 170 -39.90 -31.60 19.87
CA LEU G 170 -39.12 -32.83 19.69
C LEU G 170 -37.64 -32.54 19.47
N SER G 171 -37.20 -31.30 19.70
CA SER G 171 -35.80 -30.95 19.45
C SER G 171 -34.86 -31.80 20.29
N ASP G 172 -35.29 -32.19 21.49
CA ASP G 172 -34.50 -33.14 22.27
C ASP G 172 -34.39 -34.48 21.55
N PHE G 173 -35.50 -34.96 20.98
CA PHE G 173 -35.47 -36.25 20.31
C PHE G 173 -34.53 -36.24 19.11
N ARG G 174 -34.58 -35.18 18.30
CA ARG G 174 -33.73 -35.11 17.11
C ARG G 174 -32.26 -35.06 17.50
N GLU G 175 -31.91 -34.22 18.48
CA GLU G 175 -30.53 -34.16 18.93
C GLU G 175 -30.10 -35.43 19.65
N GLU G 176 -31.04 -36.32 19.94
CA GLU G 176 -30.66 -37.64 20.42
C GLU G 176 -30.46 -38.61 19.26
N VAL G 177 -31.37 -38.60 18.29
CA VAL G 177 -31.23 -39.49 17.14
C VAL G 177 -30.09 -39.05 16.23
N SER G 178 -29.94 -37.74 16.03
CA SER G 178 -28.85 -37.27 15.19
C SER G 178 -27.50 -37.66 15.76
N ARG G 179 -27.32 -37.53 17.08
CA ARG G 179 -26.03 -37.88 17.67
C ARG G 179 -25.85 -39.38 17.76
N ARG G 180 -26.95 -40.14 17.93
CA ARG G 180 -26.81 -41.59 17.98
C ARG G 180 -26.45 -42.15 16.61
N LEU G 181 -27.16 -41.73 15.56
CA LEU G 181 -26.87 -42.25 14.23
C LEU G 181 -25.47 -41.85 13.79
N ARG G 182 -25.07 -40.61 14.05
CA ARG G 182 -23.72 -40.19 13.71
C ARG G 182 -22.68 -41.08 14.38
N TYR G 183 -23.02 -41.59 15.55
CA TYR G 183 -22.07 -42.54 16.20
C TYR G 183 -21.93 -43.73 15.29
N GLU G 184 -23.07 -44.33 14.93
CA GLU G 184 -23.00 -45.57 14.16
C GLU G 184 -22.18 -45.39 12.90
N SER G 185 -22.34 -44.27 12.20
CA SER G 185 -21.49 -44.00 11.05
C SER G 185 -20.04 -43.87 11.46
N GLN G 186 -19.76 -43.02 12.44
CA GLN G 186 -18.37 -42.79 12.81
C GLN G 186 -17.74 -44.04 13.39
N LEU G 187 -18.53 -44.94 13.98
CA LEU G 187 -17.99 -46.22 14.36
C LEU G 187 -17.67 -47.08 13.14
N PHE G 188 -18.58 -47.12 12.17
CA PHE G 188 -18.33 -47.92 10.97
C PHE G 188 -17.16 -47.38 10.19
N GLY G 189 -17.05 -46.06 10.08
CA GLY G 189 -15.93 -45.49 9.34
C GLY G 189 -14.59 -45.84 9.95
N TRP G 190 -14.48 -45.72 11.27
CA TRP G 190 -13.24 -46.09 11.93
C TRP G 190 -12.97 -47.58 11.80
N LEU G 191 -14.00 -48.41 11.92
CA LEU G 191 -13.80 -49.85 11.74
C LEU G 191 -13.34 -50.16 10.33
N LEU G 192 -13.92 -49.50 9.32
CA LEU G 192 -13.53 -49.77 7.95
C LEU G 192 -12.07 -49.43 7.71
N ILE G 193 -11.60 -48.33 8.28
CA ILE G 193 -10.19 -47.98 8.18
C ILE G 193 -9.34 -49.06 8.81
N GLY G 194 -9.81 -49.64 9.91
CA GLY G 194 -9.08 -50.73 10.54
C GLY G 194 -8.96 -51.94 9.64
N VAL G 195 -10.04 -52.29 8.93
CA VAL G 195 -10.02 -53.48 8.09
C VAL G 195 -9.03 -53.32 6.94
N VAL G 196 -9.00 -52.13 6.32
CA VAL G 196 -7.98 -51.86 5.33
C VAL G 196 -6.61 -51.83 5.99
N ALA G 197 -6.53 -51.33 7.22
CA ALA G 197 -5.26 -51.28 7.93
C ALA G 197 -4.73 -52.67 8.26
N ILE G 198 -5.57 -53.70 8.17
CA ILE G 198 -5.13 -55.07 8.39
C ILE G 198 -4.94 -55.81 7.07
N LEU G 199 -5.83 -55.59 6.10
CA LEU G 199 -5.71 -56.25 4.81
C LEU G 199 -4.43 -55.82 4.10
N VAL G 200 -4.05 -54.55 4.23
CA VAL G 200 -2.80 -54.10 3.62
C VAL G 200 -1.61 -54.79 4.27
N PHE G 201 -1.59 -54.85 5.60
CA PHE G 201 -0.50 -55.52 6.28
C PHE G 201 -0.50 -57.01 6.01
N LEU G 202 -1.68 -57.62 5.95
CA LEU G 202 -1.76 -59.03 5.58
C LEU G 202 -1.21 -59.25 4.18
N THR G 203 -1.66 -58.45 3.22
CA THR G 203 -1.21 -58.61 1.84
C THR G 203 0.29 -58.37 1.72
N LYS G 204 0.78 -57.28 2.32
CA LYS G 204 2.19 -56.95 2.17
C LYS G 204 3.08 -58.03 2.79
N CYS G 205 2.56 -58.79 3.75
CA CYS G 205 3.33 -59.92 4.28
C CYS G 205 3.31 -61.10 3.32
N LEU G 206 2.13 -61.46 2.82
CA LEU G 206 2.05 -62.58 1.89
C LEU G 206 2.80 -62.30 0.60
N LYS G 207 2.70 -61.07 0.09
CA LYS G 207 3.39 -60.71 -1.13
C LYS G 207 4.91 -60.76 -0.97
N HIS G 208 5.40 -60.81 0.28
CA HIS G 208 6.82 -61.00 0.53
C HIS G 208 7.17 -62.37 1.10
N TYR G 209 6.16 -63.14 1.54
CA TYR G 209 6.45 -64.46 2.07
C TYR G 209 6.20 -65.55 1.03
N CYS G 210 5.28 -65.32 0.10
CA CYS G 210 4.96 -66.33 -0.91
C CYS G 210 5.74 -66.15 -2.20
N SER G 211 6.14 -64.93 -2.53
CA SER G 211 6.88 -64.72 -3.76
C SER G 211 8.27 -65.34 -3.64
N PRO G 212 8.80 -65.89 -4.74
CA PRO G 212 10.09 -66.58 -4.67
C PRO G 212 11.30 -65.66 -4.71
N LEU G 213 11.12 -64.35 -4.59
CA LEU G 213 12.20 -63.39 -4.70
C LEU G 213 12.29 -62.56 -3.44
N SER G 214 13.53 -62.32 -2.99
CA SER G 214 13.73 -61.46 -1.85
C SER G 214 13.31 -60.03 -2.19
N TYR G 215 12.95 -59.28 -1.14
CA TYR G 215 12.40 -57.94 -1.37
C TYR G 215 13.42 -57.02 -2.01
N ARG G 216 14.70 -57.14 -1.66
CA ARG G 216 15.71 -56.26 -2.23
C ARG G 216 15.82 -56.46 -3.74
N GLN G 217 15.57 -57.66 -4.23
CA GLN G 217 15.53 -57.87 -5.67
C GLN G 217 14.25 -57.37 -6.28
N GLU G 218 13.12 -57.48 -5.56
CA GLU G 218 11.88 -56.96 -6.09
C GLU G 218 11.93 -55.44 -6.23
N ALA G 219 12.60 -54.75 -5.31
CA ALA G 219 12.74 -53.31 -5.44
C ALA G 219 13.47 -52.95 -6.74
N TYR G 220 14.49 -53.72 -7.09
CA TYR G 220 15.11 -53.54 -8.40
C TYR G 220 14.10 -53.79 -9.50
N TRP G 221 13.41 -54.94 -9.43
CA TRP G 221 12.38 -55.25 -10.42
C TRP G 221 11.27 -54.21 -10.39
N ALA G 222 11.04 -53.59 -9.24
CA ALA G 222 10.10 -52.47 -9.20
C ALA G 222 10.72 -51.21 -9.79
N GLN G 223 12.01 -51.00 -9.55
CA GLN G 223 12.66 -49.81 -10.08
C GLN G 223 13.00 -49.98 -11.55
N TYR G 224 12.77 -51.17 -12.11
CA TYR G 224 13.03 -51.35 -13.53
C TYR G 224 11.77 -51.17 -14.36
N ARG G 225 10.63 -51.61 -13.85
CA ARG G 225 9.41 -51.47 -14.62
C ARG G 225 9.08 -50.00 -14.87
N ALA G 226 9.28 -49.15 -13.87
CA ALA G 226 9.03 -47.72 -14.06
C ALA G 226 10.13 -47.09 -14.88
N ASN G 227 11.38 -47.52 -14.68
CA ASN G 227 12.49 -46.93 -15.44
C ASN G 227 12.34 -47.20 -16.92
N GLU G 228 11.90 -48.39 -17.29
CA GLU G 228 11.73 -48.71 -18.71
C GLU G 228 10.52 -47.98 -19.28
N ASP G 229 9.40 -48.00 -18.55
CA ASP G 229 8.16 -47.45 -19.10
C ASP G 229 8.30 -45.96 -19.37
N GLN G 230 8.95 -45.23 -18.46
CA GLN G 230 9.11 -43.80 -18.68
C GLN G 230 10.06 -43.54 -19.84
N LEU G 231 11.11 -44.36 -19.98
CA LEU G 231 11.95 -44.25 -21.17
C LEU G 231 11.18 -44.60 -22.42
N PHE G 232 10.36 -45.65 -22.36
CA PHE G 232 9.61 -46.07 -23.54
C PHE G 232 8.65 -44.98 -24.01
N GLN G 233 7.87 -44.43 -23.09
CA GLN G 233 6.96 -43.35 -23.47
C GLN G 233 7.74 -42.16 -24.03
N ARG G 234 8.85 -41.82 -23.40
CA ARG G 234 9.65 -40.70 -23.89
C ARG G 234 10.22 -41.00 -25.27
N THR G 235 10.73 -42.21 -25.47
CA THR G 235 11.29 -42.53 -26.77
C THR G 235 10.23 -42.80 -27.83
N ALA G 236 9.03 -43.20 -27.43
CA ALA G 236 7.95 -43.36 -28.40
C ALA G 236 7.57 -42.01 -29.00
N GLU G 237 7.47 -40.97 -28.18
CA GLU G 237 7.11 -39.65 -28.69
C GLU G 237 8.14 -39.16 -29.69
N VAL G 238 9.42 -39.36 -29.40
CA VAL G 238 10.46 -38.86 -30.29
C VAL G 238 10.45 -39.62 -31.61
N HIS G 239 10.43 -40.96 -31.54
CA HIS G 239 10.40 -41.72 -32.77
C HIS G 239 9.10 -41.52 -33.54
N SER G 240 8.05 -41.06 -32.86
CA SER G 240 6.86 -40.62 -33.58
C SER G 240 7.13 -39.32 -34.35
N ARG G 241 7.72 -38.34 -33.68
CA ARG G 241 7.94 -37.05 -34.32
C ARG G 241 8.91 -37.17 -35.47
N VAL G 242 9.97 -37.95 -35.31
CA VAL G 242 10.94 -38.10 -36.40
C VAL G 242 10.28 -38.75 -37.60
N LEU G 243 9.45 -39.77 -37.37
CA LEU G 243 8.72 -40.38 -38.47
C LEU G 243 7.76 -39.39 -39.10
N ALA G 244 7.09 -38.56 -38.29
CA ALA G 244 6.20 -37.56 -38.83
C ALA G 244 6.96 -36.56 -39.69
N ALA G 245 8.05 -36.01 -39.15
CA ALA G 245 8.82 -35.04 -39.93
C ALA G 245 9.42 -35.68 -41.17
N ASN G 246 9.49 -37.01 -41.22
CA ASN G 246 10.02 -37.66 -42.41
C ASN G 246 8.95 -37.81 -43.49
N ASN G 247 7.68 -37.65 -43.14
CA ASN G 247 6.62 -37.73 -44.13
C ASN G 247 6.19 -36.35 -44.60
N VAL G 248 6.06 -35.40 -43.68
CA VAL G 248 5.66 -34.05 -44.08
C VAL G 248 6.65 -33.47 -45.08
N ARG G 249 7.93 -33.75 -44.89
CA ARG G 249 8.94 -33.29 -45.84
C ARG G 249 8.65 -33.79 -47.24
N ARG G 250 8.28 -35.07 -47.37
CA ARG G 250 7.96 -35.60 -48.68
C ARG G 250 6.71 -34.98 -49.27
N PHE G 251 5.90 -34.29 -48.48
CA PHE G 251 4.68 -33.67 -48.96
C PHE G 251 4.82 -32.18 -49.22
N PHE G 252 5.82 -31.53 -48.62
CA PHE G 252 6.03 -30.10 -48.80
C PHE G 252 7.41 -29.75 -49.34
N GLY G 253 8.37 -30.67 -49.31
CA GLY G 253 9.74 -30.37 -49.68
C GLY G 253 10.60 -29.88 -48.54
N PHE G 254 10.02 -29.64 -47.36
CA PHE G 254 10.75 -29.16 -46.19
C PHE G 254 9.81 -29.28 -45.00
N VAL G 255 10.38 -29.17 -43.81
CA VAL G 255 9.62 -29.34 -42.57
C VAL G 255 9.97 -28.21 -41.62
N ALA G 256 8.95 -27.58 -41.04
CA ALA G 256 9.17 -26.52 -40.07
C ALA G 256 9.38 -27.15 -38.70
N LEU G 257 10.53 -26.86 -38.08
CA LEU G 257 10.86 -27.43 -36.78
C LEU G 257 11.45 -26.33 -35.91
N ASN G 258 11.19 -26.43 -34.61
CA ASN G 258 11.74 -25.47 -33.67
C ASN G 258 13.26 -25.66 -33.53
N LYS G 259 13.90 -24.70 -32.87
CA LYS G 259 15.35 -24.76 -32.74
C LYS G 259 15.80 -26.00 -31.98
N ASP G 260 15.13 -26.31 -30.87
CA ASP G 260 15.49 -27.51 -30.13
C ASP G 260 15.01 -28.77 -30.83
N ASP G 261 13.90 -28.68 -31.57
CA ASP G 261 13.42 -29.83 -32.30
C ASP G 261 14.36 -30.19 -33.45
N GLU G 262 15.11 -29.22 -33.97
CA GLU G 262 16.07 -29.51 -35.03
C GLU G 262 17.15 -30.46 -34.55
N GLU G 263 17.47 -30.44 -33.27
CA GLU G 263 18.44 -31.38 -32.72
C GLU G 263 17.90 -32.80 -32.81
N LEU G 264 16.59 -32.98 -32.62
CA LEU G 264 16.02 -34.32 -32.63
C LEU G 264 16.22 -35.00 -33.97
N ILE G 265 15.93 -34.32 -35.06
CA ILE G 265 16.10 -34.91 -36.38
C ILE G 265 17.57 -35.16 -36.67
N ALA G 266 18.44 -34.26 -36.20
CA ALA G 266 19.86 -34.41 -36.48
C ALA G 266 20.50 -35.53 -35.69
N ASN G 267 19.79 -36.13 -34.74
CA ASN G 267 20.38 -37.12 -33.86
C ASN G 267 19.78 -38.51 -33.99
N PHE G 268 18.46 -38.62 -34.19
CA PHE G 268 17.76 -39.90 -34.16
C PHE G 268 17.10 -40.18 -35.49
N PRO G 269 17.87 -40.49 -36.52
CA PRO G 269 17.26 -40.83 -37.81
C PRO G 269 16.53 -42.16 -37.72
N VAL G 270 15.52 -42.32 -38.58
CA VAL G 270 14.75 -43.55 -38.64
C VAL G 270 14.78 -44.08 -40.06
N GLU G 271 14.61 -45.39 -40.18
CA GLU G 271 14.59 -46.05 -41.48
C GLU G 271 13.22 -46.57 -41.88
N GLY G 272 12.28 -46.66 -40.95
CA GLY G 272 10.97 -47.18 -41.27
C GLY G 272 10.08 -47.27 -40.05
N THR G 273 9.34 -48.37 -39.94
CA THR G 273 8.40 -48.58 -38.86
C THR G 273 8.65 -49.94 -38.22
N GLN G 274 8.12 -50.11 -37.02
CA GLN G 274 8.30 -51.36 -36.29
C GLN G 274 7.17 -52.33 -36.62
N PRO G 275 7.49 -53.54 -37.08
CA PRO G 275 6.44 -54.45 -37.55
C PRO G 275 5.47 -54.83 -36.44
N ARG G 276 4.25 -55.17 -36.83
CA ARG G 276 3.23 -55.50 -35.84
C ARG G 276 3.59 -56.70 -34.97
N PRO G 277 4.05 -57.83 -35.51
CA PRO G 277 4.41 -58.95 -34.62
C PRO G 277 5.47 -58.58 -33.61
N GLN G 278 6.41 -57.72 -33.99
CA GLN G 278 7.37 -57.19 -33.02
C GLN G 278 6.67 -56.34 -31.96
N TRP G 279 5.66 -55.56 -32.37
CA TRP G 279 4.86 -54.81 -31.40
C TRP G 279 3.96 -55.73 -30.60
N ASN G 280 3.71 -56.94 -31.08
CA ASN G 280 2.80 -57.85 -30.40
C ASN G 280 3.51 -58.74 -29.39
N ALA G 281 4.83 -58.73 -29.35
CA ALA G 281 5.57 -59.56 -28.40
C ALA G 281 5.96 -58.81 -27.14
N ILE G 282 5.72 -57.51 -27.07
CA ILE G 282 6.02 -56.72 -25.89
C ILE G 282 4.76 -56.27 -25.17
N THR G 283 3.61 -56.80 -25.55
CA THR G 283 2.34 -56.52 -24.88
C THR G 283 1.88 -57.76 -24.13
N GLY G 284 1.46 -57.57 -22.89
CA GLY G 284 0.94 -58.68 -22.12
C GLY G 284 1.44 -58.75 -20.70
N VAL G 285 1.35 -59.94 -20.11
CA VAL G 285 1.72 -60.17 -18.73
C VAL G 285 3.01 -60.99 -18.71
N TYR G 286 3.93 -60.60 -17.84
CA TYR G 286 5.24 -61.24 -17.74
C TYR G 286 5.44 -61.75 -16.33
N LEU G 287 5.87 -63.02 -16.20
CA LEU G 287 6.04 -63.65 -14.89
C LEU G 287 7.44 -64.28 -14.80
N TYR G 288 8.43 -63.45 -14.50
CA TYR G 288 9.77 -63.85 -14.05
C TYR G 288 10.26 -65.12 -14.73
N ARG G 289 10.38 -65.08 -16.05
CA ARG G 289 10.98 -66.18 -16.76
C ARG G 289 12.50 -66.02 -16.74
N GLU G 290 13.18 -66.91 -16.03
CA GLU G 290 14.64 -66.92 -16.01
C GLU G 290 15.19 -67.46 -17.32
N ASN G 291 16.31 -66.90 -17.74
CA ASN G 291 16.99 -67.32 -18.97
C ASN G 291 18.42 -67.70 -18.65
N GLN G 292 18.81 -68.92 -19.05
CA GLN G 292 20.15 -69.48 -18.87
C GLN G 292 20.78 -69.13 -17.53
N GLY G 293 19.98 -69.20 -16.46
CA GLY G 293 20.47 -68.89 -15.14
C GLY G 293 20.49 -67.42 -14.79
N LEU G 294 20.04 -66.56 -15.68
CA LEU G 294 19.95 -65.13 -15.45
C LEU G 294 18.50 -64.68 -15.50
N PRO G 295 18.15 -63.58 -14.84
CA PRO G 295 16.76 -63.13 -14.81
C PRO G 295 16.44 -62.13 -15.91
N LEU G 296 15.16 -62.08 -16.26
CA LEU G 296 14.60 -61.05 -17.11
C LEU G 296 13.47 -60.37 -16.37
N TYR G 297 13.46 -59.04 -16.38
CA TYR G 297 12.56 -58.29 -15.51
C TYR G 297 11.33 -57.74 -16.21
N SER G 298 11.31 -57.68 -17.53
CA SER G 298 10.14 -57.24 -18.28
C SER G 298 9.97 -58.12 -19.50
N ARG G 299 8.74 -58.21 -19.98
CA ARG G 299 8.50 -58.99 -21.20
C ARG G 299 9.29 -58.43 -22.37
N LEU G 300 9.49 -57.11 -22.41
CA LEU G 300 10.37 -56.54 -23.42
C LEU G 300 11.78 -57.09 -23.29
N HIS G 301 12.27 -57.22 -22.05
CA HIS G 301 13.61 -57.76 -21.84
C HIS G 301 13.71 -59.17 -22.40
N LYS G 302 12.65 -59.96 -22.25
CA LYS G 302 12.66 -61.32 -22.81
C LYS G 302 12.85 -61.28 -24.31
N TRP G 303 12.24 -60.31 -24.98
CA TRP G 303 12.45 -60.16 -26.41
C TRP G 303 13.81 -59.55 -26.72
N ALA G 304 14.36 -58.77 -25.78
CA ALA G 304 15.62 -58.09 -26.03
C ALA G 304 16.75 -59.08 -26.24
N GLN G 305 16.78 -60.15 -25.46
CA GLN G 305 17.77 -61.20 -25.67
C GLN G 305 17.55 -61.97 -26.95
N GLY G 306 16.43 -61.72 -27.62
CA GLY G 306 16.19 -62.38 -28.92
C GLY G 306 15.23 -63.53 -28.74
N LEU G 307 14.80 -63.79 -27.49
CA LEU G 307 13.81 -64.86 -27.25
C LEU G 307 12.45 -64.39 -27.78
N GLU H 38 -11.94 -29.31 5.16
CA GLU H 38 -11.03 -29.37 6.30
C GLU H 38 -10.98 -30.77 6.87
N LEU H 39 -9.83 -31.42 6.72
CA LEU H 39 -9.66 -32.78 7.26
C LEU H 39 -9.63 -32.79 8.77
N PHE H 40 -9.37 -31.66 9.41
CA PHE H 40 -9.47 -31.59 10.86
C PHE H 40 -10.92 -31.85 11.32
N SER H 41 -11.88 -31.28 10.60
CA SER H 41 -13.28 -31.52 10.92
C SER H 41 -13.70 -32.96 10.62
N VAL H 42 -13.00 -33.62 9.69
CA VAL H 42 -13.36 -34.99 9.34
C VAL H 42 -12.98 -35.95 10.47
N VAL H 43 -11.78 -35.79 11.02
CA VAL H 43 -11.28 -36.73 12.02
C VAL H 43 -11.50 -36.18 13.41
N ALA H 44 -12.35 -35.17 13.54
CA ALA H 44 -12.61 -34.60 14.85
C ALA H 44 -13.32 -35.62 15.73
N PHE H 45 -13.04 -35.55 17.03
CA PHE H 45 -13.62 -36.45 18.00
C PHE H 45 -14.96 -35.89 18.47
N HIS H 46 -16.04 -36.48 18.00
CA HIS H 46 -17.39 -36.07 18.37
C HIS H 46 -17.95 -37.10 19.33
N CYS H 47 -18.28 -36.67 20.54
CA CYS H 47 -18.67 -37.59 21.59
C CYS H 47 -20.15 -37.90 21.50
N PRO H 48 -20.55 -39.14 21.24
CA PRO H 48 -21.96 -39.51 21.29
C PRO H 48 -22.40 -39.72 22.72
N CYS H 49 -23.16 -38.76 23.25
CA CYS H 49 -23.60 -38.81 24.64
C CYS H 49 -24.70 -39.85 24.76
N SER H 50 -24.34 -41.04 25.24
CA SER H 50 -25.30 -42.11 25.41
C SER H 50 -24.72 -43.12 26.39
N PRO H 51 -25.55 -43.77 27.19
CA PRO H 51 -25.03 -44.79 28.11
C PRO H 51 -24.60 -46.03 27.38
N ALA H 52 -23.53 -46.65 27.89
CA ALA H 52 -23.00 -47.91 27.36
C ALA H 52 -22.70 -47.83 25.87
N ARG H 53 -22.49 -46.64 25.37
CA ARG H 53 -22.27 -46.50 23.94
C ARG H 53 -21.03 -45.70 23.60
N ASN H 54 -20.73 -44.65 24.35
CA ASN H 54 -19.62 -43.78 23.96
C ASN H 54 -18.28 -44.42 24.28
N TYR H 55 -18.16 -45.10 25.41
CA TYR H 55 -16.89 -45.76 25.72
C TYR H 55 -16.53 -46.78 24.67
N LEU H 56 -17.52 -47.45 24.09
CA LEU H 56 -17.27 -48.29 22.93
C LEU H 56 -16.79 -47.45 21.76
N TYR H 57 -17.40 -46.29 21.55
CA TYR H 57 -16.95 -45.38 20.51
C TYR H 57 -15.55 -44.86 20.81
N GLY H 58 -15.34 -44.36 22.03
CA GLY H 58 -14.04 -43.81 22.37
C GLY H 58 -12.93 -44.85 22.23
N LEU H 59 -13.26 -46.11 22.50
CA LEU H 59 -12.29 -47.17 22.28
C LEU H 59 -11.91 -47.27 20.82
N ALA H 60 -12.89 -47.17 19.92
CA ALA H 60 -12.63 -47.29 18.50
C ALA H 60 -12.31 -45.96 17.83
N ALA H 61 -12.42 -44.86 18.54
CA ALA H 61 -12.08 -43.57 17.97
C ALA H 61 -10.66 -43.14 18.27
N ILE H 62 -9.95 -43.86 19.14
CA ILE H 62 -8.57 -43.58 19.46
C ILE H 62 -7.68 -44.78 19.19
N GLY H 63 -8.12 -45.96 19.62
CA GLY H 63 -7.32 -47.16 19.38
C GLY H 63 -7.10 -47.44 17.92
N VAL H 64 -8.16 -47.28 17.10
CA VAL H 64 -8.04 -47.59 15.68
C VAL H 64 -7.01 -46.71 14.97
N PRO H 65 -7.01 -45.39 15.15
CA PRO H 65 -5.90 -44.61 14.57
C PRO H 65 -4.56 -45.03 15.10
N ALA H 66 -4.47 -45.45 16.37
CA ALA H 66 -3.22 -46.00 16.87
C ALA H 66 -2.86 -47.27 16.12
N LEU H 67 -3.84 -48.14 15.87
CA LEU H 67 -3.56 -49.35 15.11
C LEU H 67 -3.06 -49.03 13.72
N VAL H 68 -3.68 -48.05 13.05
CA VAL H 68 -3.20 -47.62 11.74
C VAL H 68 -1.80 -47.05 11.85
N LEU H 69 -1.57 -46.20 12.85
CA LEU H 69 -0.23 -45.67 13.04
C LEU H 69 0.76 -46.78 13.35
N PHE H 70 0.34 -47.77 14.14
CA PHE H 70 1.22 -48.89 14.45
C PHE H 70 1.51 -49.71 13.22
N ILE H 71 0.50 -49.96 12.38
CA ILE H 71 0.71 -50.76 11.19
C ILE H 71 1.70 -50.07 10.25
N ILE H 72 1.59 -48.75 10.12
CA ILE H 72 2.50 -48.00 9.26
C ILE H 72 3.93 -48.23 9.68
N GLY H 73 4.20 -48.23 10.99
CA GLY H 73 5.56 -48.36 11.47
C GLY H 73 6.21 -49.67 11.06
N ILE H 74 5.48 -50.78 11.18
CA ILE H 74 6.03 -52.07 10.78
C ILE H 74 6.28 -52.09 9.27
N ILE H 75 5.31 -51.61 8.49
CA ILE H 75 5.39 -51.73 7.03
C ILE H 75 6.60 -50.98 6.49
N LEU H 76 6.80 -49.75 6.95
CA LEU H 76 7.86 -48.92 6.39
C LEU H 76 9.24 -49.36 6.88
N ASN H 77 9.32 -49.91 8.09
CA ASN H 77 10.62 -50.25 8.65
C ASN H 77 11.21 -51.47 7.95
N ASN H 78 12.33 -51.27 7.25
CA ASN H 78 12.96 -52.36 6.51
C ASN H 78 13.48 -53.47 7.41
N HIS H 79 13.60 -53.23 8.71
CA HIS H 79 14.08 -54.27 9.60
C HIS H 79 13.10 -55.42 9.76
N THR H 80 11.86 -55.28 9.30
CA THR H 80 10.90 -56.35 9.44
C THR H 80 10.75 -57.19 8.18
N TRP H 81 11.06 -56.64 7.00
CA TRP H 81 10.96 -57.45 5.79
C TRP H 81 12.06 -58.50 5.75
N ASN H 82 13.30 -58.10 6.02
CA ASN H 82 14.39 -59.06 6.03
C ASN H 82 14.20 -60.08 7.15
N LEU H 83 13.57 -59.68 8.25
CA LEU H 83 13.17 -60.67 9.24
C LEU H 83 12.15 -61.64 8.66
N VAL H 84 11.18 -61.12 7.91
CA VAL H 84 10.27 -61.99 7.17
C VAL H 84 11.03 -62.79 6.13
N ALA H 85 11.92 -62.11 5.39
CA ALA H 85 12.69 -62.81 4.37
C ALA H 85 13.56 -63.91 4.97
N GLU H 86 13.94 -63.77 6.25
CA GLU H 86 14.67 -64.84 6.90
C GLU H 86 13.80 -66.08 7.07
N CYS H 87 12.51 -65.89 7.36
CA CYS H 87 11.61 -67.01 7.58
C CYS H 87 11.25 -67.74 6.30
N GLN H 88 11.47 -67.14 5.14
CA GLN H 88 11.00 -67.74 3.89
C GLN H 88 12.05 -68.62 3.22
N HIS H 89 13.34 -68.25 3.32
CA HIS H 89 14.35 -69.00 2.58
C HIS H 89 14.68 -70.32 3.26
N ARG H 90 14.68 -70.35 4.59
CA ARG H 90 15.05 -71.57 5.30
C ARG H 90 13.95 -72.62 5.19
N ARG H 91 12.69 -72.22 5.33
CA ARG H 91 11.52 -73.10 5.30
C ARG H 91 11.56 -74.19 6.36
N THR H 92 12.43 -74.05 7.37
CA THR H 92 12.64 -75.12 8.35
C THR H 92 12.70 -74.61 9.79
N LYS H 93 12.89 -73.30 10.01
CA LYS H 93 13.08 -72.71 11.33
C LYS H 93 14.40 -73.18 11.96
N ASN H 94 15.48 -73.03 11.19
CA ASN H 94 16.81 -73.37 11.71
C ASN H 94 17.29 -72.33 12.71
N CYS H 95 17.13 -71.05 12.40
CA CYS H 95 17.65 -69.99 13.26
C CYS H 95 16.87 -69.93 14.57
N SER H 96 17.60 -69.79 15.67
CA SER H 96 17.00 -69.73 17.00
C SER H 96 16.33 -68.37 17.22
N ALA H 97 15.34 -68.36 18.11
CA ALA H 97 14.59 -67.14 18.38
C ALA H 97 15.41 -66.15 19.19
N ALA H 98 16.22 -66.63 20.14
CA ALA H 98 16.95 -65.73 21.02
C ALA H 98 17.87 -64.76 20.29
N PRO H 99 18.70 -65.19 19.33
CA PRO H 99 19.50 -64.19 18.59
C PRO H 99 18.66 -63.17 17.84
N THR H 100 17.49 -63.58 17.34
CA THR H 100 16.64 -62.67 16.56
C THR H 100 15.80 -61.76 17.43
N PHE H 101 15.72 -62.03 18.74
CA PHE H 101 14.87 -61.21 19.61
C PHE H 101 15.41 -59.80 19.74
N LEU H 102 16.73 -59.62 19.63
CA LEU H 102 17.28 -58.27 19.67
C LEU H 102 16.77 -57.43 18.51
N LEU H 103 16.73 -58.00 17.31
CA LEU H 103 16.18 -57.29 16.16
C LEU H 103 14.66 -57.26 16.21
N LEU H 104 14.03 -58.31 16.74
CA LEU H 104 12.58 -58.35 16.84
C LEU H 104 12.06 -57.24 17.74
N SER H 105 12.80 -56.91 18.80
CA SER H 105 12.40 -55.80 19.65
C SER H 105 12.65 -54.45 18.99
N SER H 106 13.49 -54.39 17.96
CA SER H 106 13.78 -53.11 17.33
C SER H 106 12.63 -52.62 16.47
N ILE H 107 11.99 -53.52 15.71
CA ILE H 107 10.89 -53.11 14.84
C ILE H 107 9.70 -52.64 15.66
N LEU H 108 9.33 -53.41 16.68
CA LEU H 108 8.24 -52.99 17.56
C LEU H 108 8.62 -51.72 18.32
N GLY H 109 9.85 -51.64 18.80
CA GLY H 109 10.27 -50.48 19.54
C GLY H 109 10.27 -49.21 18.71
N ARG H 110 10.83 -49.28 17.51
CA ARG H 110 10.87 -48.09 16.65
C ARG H 110 9.47 -47.68 16.23
N ALA H 111 8.62 -48.64 15.89
CA ALA H 111 7.26 -48.32 15.48
C ALA H 111 6.36 -47.95 16.65
N ALA H 112 6.81 -48.19 17.89
CA ALA H 112 5.96 -47.90 19.04
C ALA H 112 5.81 -46.41 19.30
N VAL H 113 6.59 -45.54 18.64
CA VAL H 113 6.42 -44.11 18.83
C VAL H 113 5.05 -43.67 18.35
N ALA H 114 4.62 -44.17 17.19
CA ALA H 114 3.37 -43.71 16.59
C ALA H 114 2.16 -43.95 17.48
N PRO H 115 1.96 -45.12 18.08
CA PRO H 115 0.84 -45.25 19.02
C PRO H 115 1.01 -44.38 20.25
N VAL H 116 2.21 -44.37 20.82
CA VAL H 116 2.42 -43.60 22.05
C VAL H 116 2.22 -42.11 21.79
N THR H 117 2.81 -41.59 20.71
CA THR H 117 2.64 -40.17 20.43
C THR H 117 1.23 -39.81 20.04
N TRP H 118 0.36 -40.79 19.78
CA TRP H 118 -1.05 -40.52 19.55
C TRP H 118 -1.93 -40.91 20.72
N SER H 119 -1.58 -41.97 21.43
CA SER H 119 -2.30 -42.29 22.65
C SER H 119 -2.09 -41.20 23.71
N VAL H 120 -0.86 -40.70 23.82
CA VAL H 120 -0.59 -39.68 24.83
C VAL H 120 -1.27 -38.36 24.47
N ILE H 121 -1.16 -37.93 23.21
CA ILE H 121 -1.73 -36.65 22.83
C ILE H 121 -3.23 -36.63 23.08
N SER H 122 -3.91 -37.73 22.76
CA SER H 122 -5.34 -37.78 23.03
C SER H 122 -5.62 -37.74 24.51
N LEU H 123 -4.83 -38.46 25.32
CA LEU H 123 -5.06 -38.46 26.75
C LEU H 123 -4.90 -37.07 27.34
N LEU H 124 -3.85 -36.35 26.95
CA LEU H 124 -3.62 -35.01 27.50
C LEU H 124 -4.74 -34.06 27.09
N ARG H 125 -5.20 -34.16 25.84
CA ARG H 125 -6.34 -33.36 25.41
C ARG H 125 -7.56 -33.68 26.27
N GLY H 126 -7.70 -34.94 26.66
CA GLY H 126 -8.72 -35.34 27.61
C GLY H 126 -10.10 -35.55 27.04
N GLU H 127 -10.35 -35.11 25.80
CA GLU H 127 -11.67 -35.29 25.23
C GLU H 127 -12.01 -36.77 25.09
N ALA H 128 -11.02 -37.59 24.70
CA ALA H 128 -11.27 -39.00 24.50
C ALA H 128 -11.69 -39.68 25.80
N TYR H 129 -11.00 -39.38 26.89
CA TYR H 129 -11.25 -40.10 28.13
C TYR H 129 -12.59 -39.69 28.75
N VAL H 130 -12.87 -38.39 28.82
CA VAL H 130 -14.06 -37.93 29.53
C VAL H 130 -15.31 -38.51 28.90
N CYS H 131 -15.37 -38.52 27.57
CA CYS H 131 -16.52 -39.13 26.91
C CYS H 131 -16.53 -40.64 27.14
N ALA H 132 -15.36 -41.24 27.32
CA ALA H 132 -15.30 -42.68 27.53
C ALA H 132 -15.80 -43.06 28.91
N LEU H 133 -15.36 -42.35 29.95
CA LEU H 133 -15.67 -42.73 31.31
C LEU H 133 -16.73 -41.84 31.95
N SER H 134 -17.52 -41.15 31.15
CA SER H 134 -18.57 -40.30 31.73
C SER H 134 -19.61 -41.14 32.48
N GLU H 135 -19.96 -42.30 31.96
CA GLU H 135 -21.07 -43.07 32.50
C GLU H 135 -20.71 -43.94 33.69
N PHE H 136 -19.45 -43.94 34.13
CA PHE H 136 -19.03 -44.76 35.26
C PHE H 136 -18.90 -43.98 36.55
N VAL H 137 -19.17 -42.68 36.54
CA VAL H 137 -19.01 -41.87 37.73
C VAL H 137 -20.11 -42.22 38.73
N ASP H 138 -19.71 -42.52 39.96
CA ASP H 138 -20.68 -42.86 41.00
C ASP H 138 -21.42 -41.61 41.45
N PRO H 139 -22.76 -41.57 41.32
CA PRO H 139 -23.50 -40.39 41.80
C PRO H 139 -23.35 -40.15 43.29
N SER H 140 -23.22 -41.21 44.10
CA SER H 140 -23.11 -41.03 45.54
C SER H 140 -21.81 -40.38 45.94
N SER H 141 -20.73 -40.67 45.23
CA SER H 141 -19.42 -40.11 45.53
C SER H 141 -19.22 -38.72 44.96
N LEU H 142 -20.24 -38.13 44.35
CA LEU H 142 -20.13 -36.79 43.80
C LEU H 142 -19.93 -35.76 44.90
N THR H 143 -19.18 -34.71 44.57
CA THR H 143 -18.81 -33.68 45.52
C THR H 143 -19.27 -32.32 45.01
N ALA H 144 -18.83 -31.26 45.69
CA ALA H 144 -19.05 -29.85 45.38
C ALA H 144 -20.50 -29.42 45.51
N ARG H 145 -21.41 -30.32 45.88
CA ARG H 145 -22.81 -29.96 45.98
C ARG H 145 -23.49 -30.93 46.94
N GLU H 146 -24.64 -30.52 47.45
CA GLU H 146 -25.40 -31.36 48.36
C GLU H 146 -26.05 -32.51 47.62
N GLU H 147 -26.57 -33.47 48.38
CA GLU H 147 -27.11 -34.70 47.82
C GLU H 147 -28.46 -34.44 47.15
N HIS H 148 -28.45 -33.67 46.06
CA HIS H 148 -29.65 -33.41 45.27
C HIS H 148 -29.57 -34.05 43.89
N PHE H 149 -28.61 -34.93 43.66
CA PHE H 149 -28.46 -35.57 42.36
C PHE H 149 -29.55 -36.61 42.18
N PRO H 150 -30.38 -36.50 41.14
CA PRO H 150 -31.41 -37.52 40.92
C PRO H 150 -30.81 -38.89 40.64
N SER H 151 -31.53 -39.92 41.06
CA SER H 151 -31.09 -41.30 40.88
C SER H 151 -32.14 -42.14 40.15
N ALA H 152 -33.15 -41.49 39.56
CA ALA H 152 -34.15 -42.24 38.79
C ALA H 152 -33.53 -42.86 37.55
N HIS H 153 -32.79 -42.05 36.77
CA HIS H 153 -32.03 -42.52 35.62
C HIS H 153 -30.65 -41.87 35.71
N ALA H 154 -29.73 -42.54 36.40
CA ALA H 154 -28.42 -41.94 36.65
C ALA H 154 -27.59 -41.90 35.38
N THR H 155 -27.28 -43.08 34.82
CA THR H 155 -26.32 -43.17 33.73
C THR H 155 -26.71 -42.28 32.56
N GLU H 156 -28.00 -42.08 32.35
CA GLU H 156 -28.45 -41.26 31.23
C GLU H 156 -27.95 -39.82 31.36
N ILE H 157 -28.06 -39.25 32.56
CA ILE H 157 -27.64 -37.87 32.75
C ILE H 157 -26.12 -37.75 32.68
N LEU H 158 -25.40 -38.66 33.36
CA LEU H 158 -23.96 -38.59 33.33
C LEU H 158 -23.40 -38.79 31.93
N ALA H 159 -24.03 -39.66 31.14
CA ALA H 159 -23.56 -39.89 29.78
C ALA H 159 -23.63 -38.63 28.95
N ARG H 160 -24.56 -37.73 29.27
CA ARG H 160 -24.75 -36.50 28.51
C ARG H 160 -23.83 -35.37 28.95
N PHE H 161 -22.99 -35.60 29.96
CA PHE H 161 -22.12 -34.54 30.43
C PHE H 161 -21.17 -34.00 29.35
N PRO H 162 -20.46 -34.83 28.59
CA PRO H 162 -19.48 -34.25 27.65
C PRO H 162 -20.09 -33.34 26.60
N CYS H 163 -21.33 -33.57 26.19
CA CYS H 163 -21.96 -32.75 25.16
C CYS H 163 -22.61 -31.49 25.72
N LYS H 164 -22.52 -31.27 27.04
CA LYS H 164 -23.10 -30.11 27.70
C LYS H 164 -24.62 -30.04 27.55
N GLU H 165 -25.26 -31.19 27.26
CA GLU H 165 -26.71 -31.24 27.15
C GLU H 165 -27.31 -31.67 28.49
N ASN H 166 -27.10 -30.81 29.49
CA ASN H 166 -27.56 -31.07 30.84
C ASN H 166 -28.23 -29.81 31.37
N PRO H 167 -29.30 -29.96 32.15
CA PRO H 167 -29.94 -28.78 32.75
C PRO H 167 -28.96 -28.02 33.63
N ASP H 168 -29.10 -26.69 33.62
CA ASP H 168 -28.17 -25.84 34.35
C ASP H 168 -28.28 -26.04 35.86
N ASN H 169 -29.33 -26.69 36.34
CA ASN H 169 -29.43 -27.00 37.76
C ASN H 169 -28.35 -27.97 38.21
N LEU H 170 -27.76 -28.72 37.27
CA LEU H 170 -26.65 -29.61 37.58
C LEU H 170 -25.34 -29.13 36.97
N SER H 171 -25.25 -27.84 36.62
CA SER H 171 -24.05 -27.33 35.98
C SER H 171 -22.84 -27.48 36.88
N ASP H 172 -23.02 -27.26 38.19
CA ASP H 172 -21.93 -27.50 39.12
C ASP H 172 -21.51 -28.97 39.10
N PHE H 173 -22.48 -29.88 39.10
CA PHE H 173 -22.17 -31.30 38.98
C PHE H 173 -21.51 -31.59 37.64
N ARG H 174 -22.04 -31.01 36.56
CA ARG H 174 -21.48 -31.25 35.23
C ARG H 174 -20.04 -30.78 35.16
N GLU H 175 -19.77 -29.59 35.69
CA GLU H 175 -18.39 -29.10 35.69
C GLU H 175 -17.52 -29.93 36.61
N GLU H 176 -18.05 -30.35 37.76
CA GLU H 176 -17.24 -31.11 38.72
C GLU H 176 -16.77 -32.43 38.12
N VAL H 177 -17.67 -33.16 37.46
CA VAL H 177 -17.28 -34.41 36.82
C VAL H 177 -16.38 -34.14 35.63
N SER H 178 -16.64 -33.05 34.90
CA SER H 178 -15.80 -32.72 33.76
C SER H 178 -14.36 -32.47 34.19
N ARG H 179 -14.18 -31.78 35.30
CA ARG H 179 -12.82 -31.52 35.78
C ARG H 179 -12.19 -32.79 36.35
N ARG H 180 -12.93 -33.52 37.17
CA ARG H 180 -12.36 -34.72 37.80
C ARG H 180 -11.96 -35.75 36.76
N LEU H 181 -12.82 -36.00 35.77
CA LEU H 181 -12.48 -36.98 34.74
C LEU H 181 -11.31 -36.50 33.90
N ARG H 182 -11.28 -35.21 33.55
CA ARG H 182 -10.13 -34.68 32.83
C ARG H 182 -8.86 -34.84 33.64
N TYR H 183 -8.96 -34.78 34.97
CA TYR H 183 -7.80 -34.97 35.82
C TYR H 183 -7.19 -36.35 35.63
N GLU H 184 -8.04 -37.39 35.64
CA GLU H 184 -7.53 -38.74 35.51
C GLU H 184 -6.89 -38.96 34.15
N SER H 185 -7.45 -38.36 33.10
CA SER H 185 -6.83 -38.45 31.78
C SER H 185 -5.43 -37.87 31.79
N GLN H 186 -5.31 -36.62 32.25
CA GLN H 186 -4.00 -35.97 32.26
C GLN H 186 -3.04 -36.69 33.19
N LEU H 187 -3.52 -37.13 34.36
CA LEU H 187 -2.66 -37.90 35.24
C LEU H 187 -2.23 -39.20 34.59
N PHE H 188 -3.15 -39.86 33.88
CA PHE H 188 -2.77 -41.04 33.11
C PHE H 188 -1.83 -40.66 31.97
N GLY H 189 -2.12 -39.53 31.30
CA GLY H 189 -1.26 -39.11 30.21
C GLY H 189 0.15 -38.80 30.68
N TRP H 190 0.28 -38.04 31.77
CA TRP H 190 1.59 -37.74 32.30
C TRP H 190 2.27 -39.01 32.82
N LEU H 191 1.49 -39.95 33.34
CA LEU H 191 2.06 -41.22 33.72
C LEU H 191 2.56 -41.99 32.50
N LEU H 192 1.79 -41.94 31.40
CA LEU H 192 2.17 -42.69 30.21
C LEU H 192 3.49 -42.21 29.65
N ILE H 193 3.67 -40.89 29.53
CA ILE H 193 4.92 -40.37 29.00
C ILE H 193 6.06 -40.67 29.96
N GLY H 194 5.78 -40.67 31.27
CA GLY H 194 6.82 -41.04 32.22
C GLY H 194 7.29 -42.48 32.05
N VAL H 195 6.35 -43.40 31.84
CA VAL H 195 6.72 -44.80 31.70
C VAL H 195 7.57 -45.01 30.45
N VAL H 196 7.20 -44.38 29.34
CA VAL H 196 7.95 -44.53 28.10
C VAL H 196 9.38 -44.04 28.29
N ALA H 197 9.55 -42.91 28.98
CA ALA H 197 10.88 -42.37 29.20
C ALA H 197 11.75 -43.33 30.01
N ILE H 198 11.16 -43.94 31.04
CA ILE H 198 11.91 -44.92 31.82
C ILE H 198 12.27 -46.13 30.96
N LEU H 199 11.32 -46.58 30.13
CA LEU H 199 11.59 -47.72 29.25
C LEU H 199 12.72 -47.42 28.28
N VAL H 200 12.73 -46.22 27.70
CA VAL H 200 13.81 -45.85 26.79
C VAL H 200 15.14 -45.83 27.53
N PHE H 201 15.15 -45.28 28.75
CA PHE H 201 16.38 -45.25 29.52
C PHE H 201 16.89 -46.65 29.83
N LEU H 202 16.00 -47.54 30.25
CA LEU H 202 16.42 -48.91 30.50
C LEU H 202 16.85 -49.60 29.22
N THR H 203 16.15 -49.35 28.12
CA THR H 203 16.49 -50.00 26.86
C THR H 203 17.87 -49.60 26.39
N LYS H 204 18.15 -48.29 26.32
CA LYS H 204 19.42 -47.84 25.77
C LYS H 204 20.57 -48.17 26.71
N CYS H 205 20.35 -48.10 28.02
CA CYS H 205 21.42 -48.42 28.96
C CYS H 205 21.81 -49.88 28.88
N LEU H 206 20.82 -50.77 28.81
CA LEU H 206 21.11 -52.20 28.75
C LEU H 206 21.66 -52.59 27.38
N LYS H 207 21.16 -51.96 26.31
CA LYS H 207 21.62 -52.29 24.98
C LYS H 207 23.11 -52.00 24.83
N HIS H 208 23.56 -50.86 25.36
CA HIS H 208 24.99 -50.55 25.30
C HIS H 208 25.80 -51.42 26.25
N TYR H 209 25.21 -51.82 27.38
CA TYR H 209 25.96 -52.62 28.34
C TYR H 209 26.22 -54.02 27.83
N CYS H 210 25.18 -54.68 27.30
CA CYS H 210 25.30 -56.07 26.92
C CYS H 210 25.79 -56.29 25.49
N SER H 211 25.88 -55.24 24.68
CA SER H 211 26.42 -55.40 23.35
C SER H 211 27.92 -55.67 23.44
N PRO H 212 28.47 -56.54 22.59
CA PRO H 212 29.89 -56.88 22.67
C PRO H 212 30.82 -55.92 21.94
N LEU H 213 30.34 -54.73 21.56
CA LEU H 213 31.17 -53.74 20.89
C LEU H 213 31.12 -52.44 21.67
N SER H 214 32.27 -51.79 21.82
CA SER H 214 32.30 -50.48 22.44
C SER H 214 31.42 -49.52 21.64
N TYR H 215 30.68 -48.68 22.36
CA TYR H 215 29.63 -47.88 21.73
C TYR H 215 30.16 -46.98 20.63
N ARG H 216 31.45 -46.65 20.64
CA ARG H 216 32.01 -45.87 19.54
C ARG H 216 32.00 -46.65 18.24
N GLN H 217 32.32 -47.95 18.30
CA GLN H 217 32.27 -48.77 17.09
C GLN H 217 30.85 -48.90 16.59
N GLU H 218 29.87 -49.03 17.49
CA GLU H 218 28.49 -49.14 17.04
C GLU H 218 28.05 -47.89 16.30
N ALA H 219 28.54 -46.72 16.70
CA ALA H 219 28.21 -45.51 15.95
C ALA H 219 28.74 -45.57 14.53
N TYR H 220 29.97 -46.05 14.36
CA TYR H 220 30.48 -46.24 13.00
C TYR H 220 29.63 -47.24 12.25
N TRP H 221 29.26 -48.34 12.90
CA TRP H 221 28.39 -49.32 12.28
C TRP H 221 27.05 -48.72 11.93
N ALA H 222 26.47 -47.94 12.85
CA ALA H 222 25.19 -47.29 12.56
C ALA H 222 25.36 -46.17 11.54
N GLN H 223 26.59 -45.72 11.31
CA GLN H 223 26.86 -44.80 10.21
C GLN H 223 27.25 -45.51 8.94
N TYR H 224 27.21 -46.84 8.94
CA TYR H 224 27.47 -47.63 7.75
C TYR H 224 26.18 -48.13 7.11
N ARG H 225 25.36 -48.85 7.87
CA ARG H 225 24.13 -49.40 7.31
C ARG H 225 23.22 -48.30 6.77
N ALA H 226 23.23 -47.13 7.41
CA ALA H 226 22.47 -46.00 6.88
C ALA H 226 23.21 -45.31 5.75
N ASN H 227 24.46 -45.70 5.50
CA ASN H 227 25.21 -45.11 4.40
C ASN H 227 25.23 -46.03 3.19
N GLU H 228 25.43 -47.33 3.41
CA GLU H 228 25.30 -48.29 2.33
C GLU H 228 23.94 -48.22 1.67
N ASP H 229 22.88 -48.15 2.46
CA ASP H 229 21.53 -48.16 1.89
C ASP H 229 21.29 -46.93 1.04
N GLN H 230 22.00 -45.83 1.30
CA GLN H 230 21.87 -44.67 0.43
C GLN H 230 22.55 -44.93 -0.92
N LEU H 231 23.77 -45.47 -0.90
CA LEU H 231 24.42 -45.79 -2.16
C LEU H 231 23.71 -46.93 -2.88
N PHE H 232 23.30 -47.96 -2.14
CA PHE H 232 22.69 -49.11 -2.80
C PHE H 232 21.39 -48.70 -3.49
N GLN H 233 20.58 -47.85 -2.85
CA GLN H 233 19.40 -47.35 -3.54
C GLN H 233 19.79 -46.49 -4.73
N ARG H 234 20.83 -45.67 -4.58
CA ARG H 234 21.21 -44.76 -5.65
C ARG H 234 21.66 -45.51 -6.89
N THR H 235 22.48 -46.54 -6.73
CA THR H 235 22.89 -47.29 -7.90
C THR H 235 21.81 -48.25 -8.39
N ALA H 236 20.82 -48.57 -7.55
CA ALA H 236 19.75 -49.44 -8.00
C ALA H 236 19.02 -48.82 -9.18
N GLU H 237 18.73 -47.52 -9.11
CA GLU H 237 18.12 -46.85 -10.25
C GLU H 237 19.07 -46.76 -11.43
N VAL H 238 20.31 -46.36 -11.17
CA VAL H 238 21.25 -46.12 -12.27
C VAL H 238 21.51 -47.41 -13.04
N HIS H 239 21.75 -48.51 -12.32
CA HIS H 239 21.89 -49.78 -13.01
C HIS H 239 20.55 -50.32 -13.49
N SER H 240 19.44 -49.69 -13.10
CA SER H 240 18.16 -50.02 -13.71
C SER H 240 17.95 -49.22 -14.98
N ARG H 241 18.10 -47.90 -14.89
CA ARG H 241 17.89 -47.05 -16.06
C ARG H 241 18.84 -47.41 -17.19
N VAL H 242 20.11 -47.68 -16.86
CA VAL H 242 21.05 -48.12 -17.88
C VAL H 242 20.57 -49.41 -18.52
N LEU H 243 20.04 -50.33 -17.71
CA LEU H 243 19.48 -51.55 -18.28
C LEU H 243 18.16 -51.28 -18.98
N ALA H 244 17.46 -50.22 -18.60
CA ALA H 244 16.27 -49.84 -19.36
C ALA H 244 16.64 -49.35 -20.75
N ALA H 245 17.63 -48.47 -20.84
CA ALA H 245 18.00 -47.92 -22.14
C ALA H 245 18.52 -49.00 -23.07
N ASN H 246 19.32 -49.93 -22.55
CA ASN H 246 19.88 -50.96 -23.40
C ASN H 246 18.80 -51.91 -23.92
N ASN H 247 17.59 -51.82 -23.39
CA ASN H 247 16.51 -52.66 -23.89
C ASN H 247 15.67 -51.92 -24.93
N VAL H 248 15.31 -50.68 -24.65
CA VAL H 248 14.56 -49.90 -25.63
C VAL H 248 15.37 -49.71 -26.91
N ARG H 249 16.67 -49.46 -26.78
CA ARG H 249 17.51 -49.22 -27.95
C ARG H 249 17.49 -50.41 -28.90
N ARG H 250 17.58 -51.62 -28.37
CA ARG H 250 17.53 -52.81 -29.21
C ARG H 250 16.18 -52.99 -29.87
N PHE H 251 15.16 -52.26 -29.41
CA PHE H 251 13.82 -52.36 -29.98
C PHE H 251 13.52 -51.22 -30.95
N PHE H 252 13.61 -49.98 -30.48
CA PHE H 252 13.32 -48.84 -31.33
C PHE H 252 14.44 -48.57 -32.33
N GLY H 253 15.69 -48.67 -31.89
CA GLY H 253 16.83 -48.28 -32.69
C GLY H 253 17.59 -47.10 -32.11
N PHE H 254 17.13 -46.56 -30.99
CA PHE H 254 17.77 -45.45 -30.30
C PHE H 254 16.98 -45.20 -29.02
N VAL H 255 17.50 -44.34 -28.16
CA VAL H 255 16.88 -44.07 -26.87
C VAL H 255 16.87 -42.57 -26.61
N ALA H 256 15.70 -42.03 -26.32
CA ALA H 256 15.60 -40.62 -25.95
C ALA H 256 16.17 -40.43 -24.55
N LEU H 257 16.99 -39.40 -24.38
CA LEU H 257 17.62 -39.13 -23.10
C LEU H 257 17.77 -37.63 -22.92
N ASN H 258 17.87 -37.21 -21.65
CA ASN H 258 18.17 -35.83 -21.34
C ASN H 258 19.68 -35.63 -21.31
N LYS H 259 20.13 -34.43 -21.00
CA LYS H 259 21.56 -34.15 -20.99
C LYS H 259 22.28 -34.96 -19.93
N ASP H 260 21.70 -35.05 -18.73
CA ASP H 260 22.32 -35.82 -17.65
C ASP H 260 22.31 -37.31 -17.93
N ASP H 261 21.22 -37.82 -18.51
CA ASP H 261 21.09 -39.26 -18.70
C ASP H 261 22.16 -39.79 -19.65
N GLU H 262 22.66 -38.96 -20.56
CA GLU H 262 23.73 -39.40 -21.45
C GLU H 262 24.98 -39.77 -20.66
N GLU H 263 25.27 -39.01 -19.59
CA GLU H 263 26.40 -39.36 -18.74
C GLU H 263 26.20 -40.72 -18.09
N LEU H 264 24.96 -41.05 -17.71
CA LEU H 264 24.70 -42.35 -17.11
C LEU H 264 25.04 -43.48 -18.09
N ILE H 265 24.64 -43.35 -19.35
CA ILE H 265 24.93 -44.39 -20.31
C ILE H 265 26.41 -44.43 -20.65
N ALA H 266 27.03 -43.26 -20.78
CA ALA H 266 28.43 -43.21 -21.17
C ALA H 266 29.34 -43.70 -20.05
N ASN H 267 29.14 -43.18 -18.82
CA ASN H 267 30.05 -43.50 -17.73
C ASN H 267 29.83 -44.92 -17.21
N PHE H 268 28.59 -45.35 -17.07
CA PHE H 268 28.25 -46.62 -16.43
C PHE H 268 27.63 -47.56 -17.43
N PRO H 269 28.42 -48.40 -18.10
CA PRO H 269 27.84 -49.40 -19.00
C PRO H 269 27.49 -50.67 -18.26
N VAL H 270 26.43 -51.33 -18.73
CA VAL H 270 25.96 -52.58 -18.16
C VAL H 270 26.22 -53.69 -19.17
N GLU H 271 26.44 -54.90 -18.66
CA GLU H 271 26.70 -56.05 -19.51
C GLU H 271 25.60 -57.09 -19.42
N GLY H 272 25.02 -57.28 -18.25
CA GLY H 272 23.96 -58.25 -18.07
C GLY H 272 23.25 -58.01 -16.77
N THR H 273 22.75 -59.09 -16.17
CA THR H 273 22.02 -59.02 -14.92
C THR H 273 22.67 -59.94 -13.90
N GLN H 274 22.47 -59.61 -12.64
CA GLN H 274 23.05 -60.38 -11.54
C GLN H 274 22.19 -61.60 -11.22
N PRO H 275 22.81 -62.74 -10.94
CA PRO H 275 22.04 -63.97 -10.75
C PRO H 275 21.11 -63.87 -9.55
N ARG H 276 20.00 -64.60 -9.63
CA ARG H 276 19.03 -64.58 -8.53
C ARG H 276 19.62 -65.07 -7.21
N PRO H 277 20.38 -66.17 -7.15
CA PRO H 277 21.01 -66.52 -5.87
C PRO H 277 21.94 -65.43 -5.34
N GLN H 278 22.57 -64.66 -6.22
CA GLN H 278 23.39 -63.55 -5.75
C GLN H 278 22.56 -62.52 -5.01
N TRP H 279 21.36 -62.23 -5.50
CA TRP H 279 20.45 -61.37 -4.75
C TRP H 279 20.08 -62.01 -3.42
N ASN H 280 19.93 -63.33 -3.40
CA ASN H 280 19.54 -64.02 -2.18
C ASN H 280 20.56 -63.91 -1.07
N ALA H 281 21.82 -63.61 -1.41
CA ALA H 281 22.86 -63.59 -0.40
C ALA H 281 23.01 -62.25 0.29
N ILE H 282 22.22 -61.24 -0.07
CA ILE H 282 22.35 -59.94 0.57
C ILE H 282 21.02 -59.46 1.13
N THR H 283 20.14 -60.39 1.49
CA THR H 283 18.88 -60.06 2.14
C THR H 283 18.73 -60.91 3.38
N GLY H 284 18.28 -60.28 4.46
CA GLY H 284 18.04 -60.99 5.70
C GLY H 284 18.56 -60.18 6.87
N VAL H 285 18.71 -60.84 7.99
CA VAL H 285 19.29 -60.25 9.18
C VAL H 285 20.77 -60.62 9.23
N TYR H 286 21.55 -59.77 9.91
CA TYR H 286 23.01 -60.01 10.05
C TYR H 286 23.42 -59.58 11.45
N LEU H 287 24.19 -60.41 12.16
CA LEU H 287 24.56 -60.13 13.55
C LEU H 287 26.08 -60.28 13.72
N TYR H 288 26.81 -59.23 13.35
CA TYR H 288 28.24 -59.05 13.64
C TYR H 288 29.03 -60.35 13.55
N ARG H 289 28.99 -60.97 12.38
CA ARG H 289 29.88 -62.08 12.12
C ARG H 289 31.25 -61.53 11.72
N GLU H 290 32.28 -61.91 12.46
CA GLU H 290 33.63 -61.40 12.24
C GLU H 290 34.42 -62.37 11.37
N ASN H 291 35.35 -61.83 10.59
CA ASN H 291 36.18 -62.62 9.70
C ASN H 291 37.65 -62.42 10.04
N GLN H 292 38.29 -63.49 10.49
CA GLN H 292 39.75 -63.55 10.64
C GLN H 292 40.22 -62.63 11.77
N GLY H 293 39.31 -61.86 12.34
CA GLY H 293 39.66 -60.84 13.33
C GLY H 293 39.34 -59.43 12.91
N LEU H 294 38.79 -59.21 11.71
CA LEU H 294 38.36 -57.90 11.27
C LEU H 294 36.85 -57.95 11.03
N PRO H 295 36.10 -56.95 11.48
CA PRO H 295 34.65 -57.04 11.41
C PRO H 295 34.12 -56.93 10.00
N LEU H 296 32.96 -57.55 9.78
CA LEU H 296 32.11 -57.31 8.63
C LEU H 296 30.84 -56.65 9.15
N TYR H 297 30.54 -55.46 8.65
CA TYR H 297 29.47 -54.69 9.27
C TYR H 297 28.09 -54.99 8.71
N SER H 298 27.99 -55.35 7.43
CA SER H 298 26.71 -55.67 6.83
C SER H 298 26.83 -56.94 6.00
N ARG H 299 25.72 -57.65 5.86
CA ARG H 299 25.77 -58.93 5.17
C ARG H 299 26.29 -58.79 3.75
N LEU H 300 26.03 -57.66 3.10
CA LEU H 300 26.63 -57.42 1.80
C LEU H 300 28.15 -57.40 1.92
N HIS H 301 28.68 -56.73 2.94
CA HIS H 301 30.13 -56.72 3.14
C HIS H 301 30.67 -58.12 3.33
N LYS H 302 29.91 -58.98 4.00
CA LYS H 302 30.32 -60.38 4.13
C LYS H 302 30.42 -61.04 2.77
N TRP H 303 29.46 -60.77 1.89
CA TRP H 303 29.51 -61.35 0.55
C TRP H 303 30.58 -60.69 -0.30
N ALA H 304 30.97 -59.46 0.02
CA ALA H 304 32.00 -58.77 -0.76
C ALA H 304 33.37 -59.39 -0.57
N GLN H 305 33.54 -60.22 0.46
CA GLN H 305 34.79 -60.96 0.65
C GLN H 305 34.74 -62.36 0.05
N GLY H 306 33.66 -62.70 -0.65
CA GLY H 306 33.55 -64.04 -1.21
C GLY H 306 33.45 -65.13 -0.17
N LEU I 39 0.68 -28.18 20.72
CA LEU I 39 0.75 -26.77 21.10
C LEU I 39 0.92 -26.61 22.60
N PHE I 40 1.12 -25.36 23.03
CA PHE I 40 1.21 -25.07 24.46
C PHE I 40 -0.08 -25.41 25.19
N SER I 41 -1.21 -25.46 24.48
CA SER I 41 -2.49 -25.77 25.12
C SER I 41 -2.49 -27.19 25.68
N VAL I 42 -1.86 -28.13 24.98
CA VAL I 42 -1.85 -29.52 25.44
C VAL I 42 -1.10 -29.65 26.75
N VAL I 43 0.05 -28.99 26.87
CA VAL I 43 0.89 -29.11 28.05
C VAL I 43 0.52 -28.03 29.06
N ALA I 44 -0.51 -27.25 28.75
CA ALA I 44 -0.95 -26.21 29.66
C ALA I 44 -1.47 -26.82 30.96
N PHE I 45 -1.21 -26.13 32.06
CA PHE I 45 -1.55 -26.63 33.39
C PHE I 45 -3.03 -26.42 33.66
N HIS I 46 -3.76 -27.51 33.85
CA HIS I 46 -5.18 -27.45 34.20
C HIS I 46 -5.34 -28.02 35.59
N CYS I 47 -5.75 -27.19 36.53
CA CYS I 47 -5.78 -27.57 37.93
C CYS I 47 -7.09 -28.26 38.28
N PRO I 48 -7.06 -29.53 38.67
CA PRO I 48 -8.28 -30.19 39.13
C PRO I 48 -8.59 -29.77 40.57
N CYS I 49 -9.61 -28.92 40.71
CA CYS I 49 -9.93 -28.35 42.02
C CYS I 49 -10.69 -29.41 42.82
N SER I 50 -9.92 -30.28 43.46
CA SER I 50 -10.48 -31.34 44.29
C SER I 50 -9.57 -31.57 45.49
N PRO I 51 -10.15 -31.96 46.63
CA PRO I 51 -9.32 -32.18 47.82
C PRO I 51 -8.49 -33.45 47.68
N ALA I 52 -7.26 -33.39 48.22
CA ALA I 52 -6.33 -34.52 48.24
C ALA I 52 -6.08 -35.08 46.85
N ARG I 53 -6.37 -34.31 45.83
CA ARG I 53 -6.24 -34.77 44.45
C ARG I 53 -5.35 -33.87 43.62
N ASN I 54 -5.48 -32.55 43.77
CA ASN I 54 -4.71 -31.64 42.92
C ASN I 54 -3.23 -31.70 43.24
N TYR I 55 -2.86 -31.85 44.52
CA TYR I 55 -1.45 -31.96 44.85
C TYR I 55 -0.84 -33.20 44.22
N LEU I 56 -1.63 -34.24 43.99
CA LEU I 56 -1.16 -35.35 43.16
C LEU I 56 -0.92 -34.90 41.73
N TYR I 57 -1.85 -34.15 41.17
CA TYR I 57 -1.70 -33.69 39.79
C TYR I 57 -0.51 -32.76 39.63
N GLY I 58 -0.36 -31.81 40.56
CA GLY I 58 0.79 -30.92 40.49
C GLY I 58 2.09 -31.68 40.57
N LEU I 59 2.13 -32.73 41.39
CA LEU I 59 3.32 -33.57 41.44
C LEU I 59 3.58 -34.23 40.09
N ALA I 60 2.53 -34.74 39.44
CA ALA I 60 2.71 -35.39 38.16
C ALA I 60 2.96 -34.38 37.05
N ALA I 61 2.23 -33.27 37.04
CA ALA I 61 2.37 -32.30 35.97
C ALA I 61 3.67 -31.50 36.06
N ILE I 62 4.42 -31.65 37.15
CA ILE I 62 5.71 -30.99 37.31
C ILE I 62 6.84 -32.01 37.44
N GLY I 63 6.64 -33.05 38.25
CA GLY I 63 7.67 -34.04 38.43
C GLY I 63 8.00 -34.79 37.14
N VAL I 64 6.97 -35.25 36.43
CA VAL I 64 7.21 -36.01 35.22
C VAL I 64 7.91 -35.20 34.13
N PRO I 65 7.47 -33.98 33.79
CA PRO I 65 8.25 -33.20 32.84
C PRO I 65 9.66 -32.93 33.32
N ALA I 66 9.85 -32.77 34.63
CA ALA I 66 11.21 -32.68 35.16
C ALA I 66 11.94 -33.99 34.96
N LEU I 67 11.27 -35.11 35.22
CA LEU I 67 11.92 -36.41 35.05
C LEU I 67 12.23 -36.70 33.60
N VAL I 68 11.33 -36.33 32.69
CA VAL I 68 11.53 -36.63 31.27
C VAL I 68 12.69 -35.79 30.73
N LEU I 69 12.88 -34.59 31.27
CA LEU I 69 14.02 -33.78 30.85
C LEU I 69 15.32 -34.37 31.37
N PHE I 70 15.32 -34.79 32.64
CA PHE I 70 16.53 -35.36 33.23
C PHE I 70 16.96 -36.63 32.49
N ILE I 71 16.01 -37.48 32.15
CA ILE I 71 16.35 -38.70 31.41
C ILE I 71 16.88 -38.35 30.04
N ILE I 72 16.34 -37.31 29.41
CA ILE I 72 16.88 -36.84 28.14
C ILE I 72 18.31 -36.36 28.33
N GLY I 73 18.58 -35.65 29.43
CA GLY I 73 19.91 -35.10 29.64
C GLY I 73 20.99 -36.16 29.71
N ILE I 74 20.71 -37.26 30.42
CA ILE I 74 21.73 -38.30 30.58
C ILE I 74 22.08 -38.91 29.24
N ILE I 75 21.06 -39.25 28.44
CA ILE I 75 21.29 -39.99 27.21
C ILE I 75 22.12 -39.18 26.23
N LEU I 76 21.77 -37.90 26.04
CA LEU I 76 22.48 -37.09 25.07
C LEU I 76 23.92 -36.87 25.46
N ASN I 77 24.19 -36.71 26.76
CA ASN I 77 25.56 -36.45 27.22
C ASN I 77 26.41 -37.67 26.96
N ASN I 78 27.35 -37.56 26.01
CA ASN I 78 28.18 -38.69 25.62
C ASN I 78 29.13 -39.14 26.72
N HIS I 79 29.29 -38.35 27.79
CA HIS I 79 30.19 -38.72 28.86
C HIS I 79 29.69 -39.88 29.71
N THR I 80 28.44 -40.32 29.53
CA THR I 80 27.92 -41.41 30.34
C THR I 80 28.05 -42.77 29.67
N TRP I 81 28.01 -42.82 28.34
CA TRP I 81 28.07 -44.12 27.68
C TRP I 81 29.42 -44.77 27.85
N ASN I 82 30.50 -44.01 27.65
CA ASN I 82 31.82 -44.57 27.88
C ASN I 82 31.99 -44.97 29.34
N LEU I 83 31.39 -44.21 30.25
CA LEU I 83 31.33 -44.64 31.64
C LEU I 83 30.59 -45.96 31.77
N VAL I 84 29.45 -46.08 31.08
CA VAL I 84 28.75 -47.36 31.04
C VAL I 84 29.61 -48.42 30.37
N ALA I 85 30.22 -48.06 29.24
CA ALA I 85 31.13 -48.99 28.59
C ALA I 85 32.33 -49.30 29.47
N GLU I 86 32.69 -48.38 30.38
CA GLU I 86 33.79 -48.66 31.30
C GLU I 86 33.45 -49.83 32.21
N CYS I 87 32.19 -49.92 32.66
CA CYS I 87 31.76 -51.03 33.49
C CYS I 87 31.72 -52.35 32.73
N GLN I 88 31.84 -52.33 31.40
CA GLN I 88 31.68 -53.54 30.61
C GLN I 88 32.99 -54.25 30.35
N HIS I 89 33.97 -53.55 29.77
CA HIS I 89 35.17 -54.23 29.29
C HIS I 89 35.96 -54.85 30.44
N ARG I 90 36.05 -54.15 31.58
CA ARG I 90 36.83 -54.69 32.69
C ARG I 90 36.16 -55.91 33.31
N ARG I 91 34.85 -55.84 33.53
CA ARG I 91 34.07 -56.90 34.16
C ARG I 91 34.61 -57.30 35.54
N THR I 92 35.43 -56.44 36.14
CA THR I 92 36.03 -56.73 37.44
C THR I 92 35.93 -55.57 38.43
N LYS I 93 35.80 -54.33 37.97
CA LYS I 93 35.79 -53.13 38.81
C LYS I 93 37.15 -52.92 39.48
N ASN I 94 38.21 -52.99 38.67
CA ASN I 94 39.55 -52.67 39.17
C ASN I 94 39.65 -51.21 39.58
N CYS I 95 39.10 -50.31 38.76
CA CYS I 95 39.19 -48.88 39.06
C CYS I 95 38.37 -48.55 40.30
N SER I 96 38.93 -47.67 41.14
CA SER I 96 38.26 -47.25 42.35
C SER I 96 37.21 -46.19 42.04
N ALA I 97 36.34 -45.94 43.04
CA ALA I 97 35.27 -44.98 42.86
C ALA I 97 35.77 -43.54 42.92
N ALA I 98 36.86 -43.29 43.65
CA ALA I 98 37.33 -41.92 43.84
C ALA I 98 37.65 -41.21 42.53
N PRO I 99 38.39 -41.79 41.58
CA PRO I 99 38.56 -41.10 40.29
C PRO I 99 37.25 -40.91 39.54
N THR I 100 36.30 -41.83 39.69
CA THR I 100 35.04 -41.73 38.96
C THR I 100 34.17 -40.61 39.50
N PHE I 101 34.26 -40.33 40.81
CA PHE I 101 33.35 -39.36 41.42
C PHE I 101 33.52 -37.97 40.84
N LEU I 102 34.77 -37.56 40.56
CA LEU I 102 34.99 -36.26 39.98
C LEU I 102 34.31 -36.12 38.62
N LEU I 103 34.36 -37.18 37.81
CA LEU I 103 33.67 -37.18 36.53
C LEU I 103 32.16 -37.33 36.69
N LEU I 104 31.72 -38.17 37.64
CA LEU I 104 30.30 -38.48 37.75
C LEU I 104 29.49 -37.22 38.04
N SER I 105 30.06 -36.29 38.80
CA SER I 105 29.36 -35.03 39.05
C SER I 105 29.15 -34.26 37.75
N SER I 106 30.14 -34.28 36.86
CA SER I 106 30.02 -33.58 35.59
C SER I 106 28.93 -34.18 34.71
N ILE I 107 28.49 -35.40 34.99
CA ILE I 107 27.44 -36.02 34.19
C ILE I 107 26.07 -35.54 34.64
N LEU I 108 25.73 -35.80 35.90
CA LEU I 108 24.42 -35.40 36.43
C LEU I 108 24.27 -33.88 36.42
N GLY I 109 25.33 -33.17 36.81
CA GLY I 109 25.23 -31.72 36.88
C GLY I 109 24.99 -31.08 35.53
N ARG I 110 25.74 -31.50 34.53
CA ARG I 110 25.55 -30.94 33.20
C ARG I 110 24.19 -31.28 32.62
N ALA I 111 23.59 -32.40 33.04
CA ALA I 111 22.27 -32.78 32.59
C ALA I 111 21.17 -32.26 33.51
N ALA I 112 21.51 -31.66 34.65
CA ALA I 112 20.52 -31.17 35.59
C ALA I 112 20.03 -29.77 35.25
N VAL I 113 20.62 -29.12 34.24
CA VAL I 113 20.18 -27.78 33.88
C VAL I 113 18.74 -27.78 33.39
N ALA I 114 18.39 -28.77 32.57
CA ALA I 114 17.02 -28.82 32.02
C ALA I 114 15.96 -28.97 33.09
N PRO I 115 16.06 -29.92 34.05
CA PRO I 115 15.03 -29.97 35.10
C PRO I 115 14.99 -28.72 35.94
N VAL I 116 16.14 -28.11 36.22
CA VAL I 116 16.17 -26.92 37.06
C VAL I 116 15.47 -25.76 36.36
N THR I 117 15.81 -25.52 35.09
CA THR I 117 15.15 -24.44 34.37
C THR I 117 13.67 -24.72 34.14
N TRP I 118 13.24 -25.97 34.27
CA TRP I 118 11.82 -26.28 34.19
C TRP I 118 11.15 -26.21 35.55
N SER I 119 11.86 -26.62 36.60
CA SER I 119 11.33 -26.45 37.94
C SER I 119 11.20 -24.98 38.31
N VAL I 120 12.17 -24.16 37.89
CA VAL I 120 12.16 -22.74 38.24
C VAL I 120 10.96 -22.05 37.60
N ILE I 121 10.78 -22.24 36.30
CA ILE I 121 9.71 -21.53 35.58
C ILE I 121 8.36 -21.94 36.13
N SER I 122 8.17 -23.23 36.40
CA SER I 122 6.93 -23.69 37.00
C SER I 122 6.71 -23.04 38.36
N LEU I 123 7.75 -22.97 39.19
CA LEU I 123 7.63 -22.29 40.47
C LEU I 123 7.44 -20.80 40.29
N LEU I 124 8.15 -20.20 39.34
CA LEU I 124 7.97 -18.78 39.09
C LEU I 124 6.60 -18.48 38.51
N ARG I 125 6.09 -19.34 37.63
CA ARG I 125 4.74 -19.15 37.11
C ARG I 125 3.71 -19.20 38.23
N GLY I 126 3.87 -20.17 39.14
CA GLY I 126 3.11 -20.21 40.36
C GLY I 126 1.81 -21.01 40.31
N GLU I 127 1.31 -21.30 39.10
CA GLU I 127 0.02 -21.99 39.00
C GLU I 127 0.08 -23.37 39.64
N ALA I 128 1.19 -24.09 39.44
CA ALA I 128 1.30 -25.44 39.99
C ALA I 128 1.28 -25.42 41.51
N TYR I 129 2.02 -24.48 42.12
CA TYR I 129 2.16 -24.48 43.57
C TYR I 129 0.84 -24.19 44.27
N VAL I 130 0.12 -23.17 43.79
CA VAL I 130 -1.15 -22.82 44.43
C VAL I 130 -2.14 -23.98 44.32
N CYS I 131 -2.20 -24.60 43.14
CA CYS I 131 -3.03 -25.80 42.99
C CYS I 131 -2.51 -26.96 43.84
N ALA I 132 -1.24 -26.92 44.25
CA ALA I 132 -0.69 -28.00 45.03
C ALA I 132 -1.11 -27.92 46.49
N LEU I 133 -0.98 -26.74 47.10
CA LEU I 133 -1.13 -26.60 48.53
C LEU I 133 -2.43 -25.89 48.92
N SER I 134 -3.39 -25.78 48.01
CA SER I 134 -4.61 -25.04 48.31
C SER I 134 -5.38 -25.71 49.44
N GLU I 135 -5.42 -27.04 49.45
CA GLU I 135 -6.18 -27.77 50.46
C GLU I 135 -5.51 -27.77 51.82
N PHE I 136 -4.27 -27.30 51.93
CA PHE I 136 -3.54 -27.30 53.19
C PHE I 136 -3.50 -25.94 53.86
N VAL I 137 -4.25 -24.96 53.36
CA VAL I 137 -4.28 -23.65 53.99
C VAL I 137 -5.11 -23.72 55.25
N ASP I 138 -4.53 -23.32 56.37
CA ASP I 138 -5.21 -23.38 57.65
C ASP I 138 -6.32 -22.34 57.70
N PRO I 139 -7.57 -22.73 57.92
CA PRO I 139 -8.64 -21.72 58.07
C PRO I 139 -8.41 -20.76 59.22
N SER I 140 -7.75 -21.22 60.29
CA SER I 140 -7.47 -20.33 61.41
C SER I 140 -6.51 -19.22 61.01
N SER I 141 -5.50 -19.54 60.20
CA SER I 141 -4.51 -18.55 59.79
C SER I 141 -5.01 -17.63 58.69
N LEU I 142 -6.27 -17.78 58.26
CA LEU I 142 -6.82 -16.89 57.24
C LEU I 142 -6.89 -15.47 57.76
N THR I 143 -6.67 -14.50 56.88
CA THR I 143 -6.61 -13.10 57.24
C THR I 143 -7.36 -12.28 56.19
N ALA I 144 -7.30 -10.95 56.35
CA ALA I 144 -7.93 -9.96 55.48
C ALA I 144 -9.46 -10.02 55.52
N ARG I 145 -10.03 -10.77 56.46
CA ARG I 145 -11.47 -10.88 56.57
C ARG I 145 -11.82 -11.31 57.98
N GLU I 146 -13.07 -11.08 58.36
CA GLU I 146 -13.56 -11.52 59.66
C GLU I 146 -13.76 -13.03 59.66
N GLU I 147 -14.22 -13.56 60.80
CA GLU I 147 -14.45 -14.99 60.92
C GLU I 147 -15.71 -15.38 60.15
N HIS I 148 -15.65 -15.27 58.83
CA HIS I 148 -16.78 -15.57 57.97
C HIS I 148 -16.59 -16.83 57.14
N PHE I 149 -15.36 -17.30 57.01
CA PHE I 149 -15.07 -18.51 56.24
C PHE I 149 -15.75 -19.72 56.88
N PRO I 150 -16.55 -20.48 56.14
CA PRO I 150 -17.24 -21.62 56.74
C PRO I 150 -16.27 -22.73 57.13
N SER I 151 -16.67 -23.49 58.15
CA SER I 151 -15.92 -24.65 58.59
C SER I 151 -16.66 -25.95 58.30
N ALA I 152 -17.73 -25.91 57.50
CA ALA I 152 -18.48 -27.11 57.18
C ALA I 152 -17.61 -28.12 56.45
N HIS I 153 -17.16 -27.77 55.24
CA HIS I 153 -16.19 -28.55 54.48
C HIS I 153 -15.11 -27.57 54.04
N ALA I 154 -14.13 -27.34 54.92
CA ALA I 154 -13.06 -26.40 54.61
C ALA I 154 -12.22 -26.91 53.45
N THR I 155 -11.83 -28.19 53.49
CA THR I 155 -10.97 -28.73 52.45
C THR I 155 -11.63 -28.64 51.09
N GLU I 156 -12.92 -28.98 51.00
CA GLU I 156 -13.62 -28.86 49.73
C GLU I 156 -13.63 -27.42 49.23
N ILE I 157 -13.92 -26.47 50.12
CA ILE I 157 -13.90 -25.06 49.72
C ILE I 157 -12.49 -24.63 49.37
N LEU I 158 -11.51 -25.03 50.20
CA LEU I 158 -10.13 -24.70 49.89
C LEU I 158 -9.64 -25.33 48.59
N ALA I 159 -10.26 -26.44 48.18
CA ALA I 159 -9.83 -27.11 46.96
C ALA I 159 -10.18 -26.30 45.71
N ARG I 160 -11.32 -25.61 45.74
CA ARG I 160 -11.84 -24.95 44.55
C ARG I 160 -11.32 -23.53 44.38
N PHE I 161 -10.38 -23.10 45.22
CA PHE I 161 -9.82 -21.75 45.07
C PHE I 161 -9.09 -21.54 43.74
N PRO I 162 -8.20 -22.43 43.29
CA PRO I 162 -7.44 -22.11 42.05
C PRO I 162 -8.29 -21.96 40.81
N CYS I 163 -9.50 -22.53 40.78
CA CYS I 163 -10.30 -22.55 39.57
C CYS I 163 -11.41 -21.50 39.57
N LYS I 164 -11.37 -20.55 40.51
CA LYS I 164 -12.39 -19.50 40.61
C LYS I 164 -13.78 -20.07 40.86
N GLU I 165 -13.84 -21.27 41.45
CA GLU I 165 -15.10 -21.90 41.81
C GLU I 165 -15.45 -21.61 43.27
N ASN I 166 -15.56 -20.32 43.58
CA ASN I 166 -15.74 -19.88 44.95
C ASN I 166 -16.85 -18.85 45.05
N PRO I 167 -17.53 -18.79 46.20
CA PRO I 167 -18.52 -17.73 46.40
C PRO I 167 -17.87 -16.36 46.42
N ASP I 168 -18.64 -15.35 45.99
CA ASP I 168 -18.14 -13.99 46.02
C ASP I 168 -17.89 -13.50 47.44
N ASN I 169 -18.63 -14.03 48.42
CA ASN I 169 -18.39 -13.67 49.81
C ASN I 169 -17.03 -14.15 50.29
N LEU I 170 -16.57 -15.30 49.79
CA LEU I 170 -15.27 -15.85 50.13
C LEU I 170 -14.18 -15.41 49.16
N SER I 171 -14.52 -14.58 48.17
CA SER I 171 -13.53 -14.15 47.18
C SER I 171 -12.36 -13.43 47.84
N ASP I 172 -12.62 -12.69 48.93
CA ASP I 172 -11.54 -12.06 49.65
C ASP I 172 -10.60 -13.11 50.23
N PHE I 173 -11.17 -14.18 50.81
CA PHE I 173 -10.33 -15.29 51.27
C PHE I 173 -9.58 -15.92 50.11
N ARG I 174 -10.26 -16.13 48.98
CA ARG I 174 -9.61 -16.70 47.81
C ARG I 174 -8.48 -15.81 47.31
N GLU I 175 -8.72 -14.50 47.24
CA GLU I 175 -7.67 -13.60 46.78
C GLU I 175 -6.50 -13.57 47.73
N GLU I 176 -6.76 -13.65 49.04
CA GLU I 176 -5.68 -13.67 50.02
C GLU I 176 -4.80 -14.90 49.83
N VAL I 177 -5.41 -16.07 49.65
CA VAL I 177 -4.61 -17.28 49.44
C VAL I 177 -4.07 -17.32 48.02
N SER I 178 -4.74 -16.63 47.08
CA SER I 178 -4.20 -16.53 45.73
C SER I 178 -2.87 -15.79 45.71
N ARG I 179 -2.60 -14.95 46.70
CA ARG I 179 -1.34 -14.24 46.81
C ARG I 179 -0.40 -14.85 47.82
N ARG I 180 -0.90 -15.33 48.96
CA ARG I 180 -0.02 -15.97 49.93
C ARG I 180 0.61 -17.22 49.35
N LEU I 181 -0.19 -18.05 48.67
CA LEU I 181 0.38 -19.24 48.05
C LEU I 181 1.31 -18.87 46.91
N ARG I 182 0.89 -17.95 46.04
CA ARG I 182 1.76 -17.53 44.94
C ARG I 182 3.04 -16.90 45.47
N TYR I 183 3.00 -16.32 46.66
CA TYR I 183 4.24 -15.83 47.28
C TYR I 183 5.22 -16.97 47.50
N GLU I 184 4.74 -18.07 48.10
CA GLU I 184 5.64 -19.18 48.41
C GLU I 184 6.28 -19.75 47.15
N SER I 185 5.49 -19.90 46.09
CA SER I 185 6.03 -20.38 44.82
C SER I 185 7.13 -19.45 44.32
N GLN I 186 6.83 -18.16 44.23
CA GLN I 186 7.85 -17.21 43.82
C GLN I 186 8.96 -17.11 44.85
N LEU I 187 8.63 -17.28 46.14
CA LEU I 187 9.66 -17.34 47.16
C LEU I 187 10.55 -18.56 46.95
N PHE I 188 9.95 -19.74 46.83
CA PHE I 188 10.75 -20.94 46.62
C PHE I 188 11.55 -20.86 45.33
N GLY I 189 10.97 -20.28 44.28
CA GLY I 189 11.69 -20.20 43.02
C GLY I 189 12.98 -19.41 43.13
N TRP I 190 12.93 -18.24 43.76
CA TRP I 190 14.11 -17.38 43.80
C TRP I 190 15.21 -17.97 44.67
N LEU I 191 14.88 -18.41 45.88
CA LEU I 191 15.91 -18.99 46.75
C LEU I 191 16.43 -20.31 46.20
N LEU I 192 15.59 -21.08 45.49
CA LEU I 192 16.12 -22.26 44.83
C LEU I 192 17.05 -21.88 43.69
N ILE I 193 16.80 -20.73 43.05
CA ILE I 193 17.75 -20.22 42.07
C ILE I 193 19.07 -19.87 42.74
N GLY I 194 19.00 -19.23 43.91
CA GLY I 194 20.22 -18.81 44.58
C GLY I 194 21.09 -19.97 45.01
N VAL I 195 20.47 -20.99 45.61
CA VAL I 195 21.25 -22.14 46.05
C VAL I 195 21.86 -22.87 44.86
N VAL I 196 21.15 -22.90 43.74
CA VAL I 196 21.75 -23.40 42.50
C VAL I 196 22.91 -22.51 42.08
N ALA I 197 22.69 -21.19 42.13
CA ALA I 197 23.69 -20.25 41.62
C ALA I 197 24.99 -20.34 42.40
N ILE I 198 24.91 -20.39 43.73
CA ILE I 198 26.12 -20.49 44.53
C ILE I 198 26.82 -21.82 44.28
N LEU I 199 26.04 -22.87 43.98
CA LEU I 199 26.63 -24.17 43.70
C LEU I 199 27.49 -24.14 42.45
N VAL I 200 27.05 -23.40 41.42
CA VAL I 200 27.88 -23.25 40.23
C VAL I 200 29.21 -22.65 40.59
N PHE I 201 29.20 -21.57 41.37
CA PHE I 201 30.46 -20.96 41.81
C PHE I 201 31.24 -21.91 42.70
N LEU I 202 30.56 -22.59 43.63
CA LEU I 202 31.26 -23.50 44.52
C LEU I 202 31.88 -24.66 43.77
N THR I 203 31.14 -25.23 42.81
CA THR I 203 31.69 -26.33 42.03
C THR I 203 32.83 -25.86 41.15
N LYS I 204 32.67 -24.74 40.48
CA LYS I 204 33.71 -24.27 39.56
C LYS I 204 34.98 -23.91 40.31
N CYS I 205 34.86 -23.18 41.42
CA CYS I 205 36.05 -22.81 42.19
C CYS I 205 36.76 -24.03 42.74
N LEU I 206 35.99 -24.99 43.28
CA LEU I 206 36.59 -26.22 43.74
C LEU I 206 37.23 -26.99 42.59
N LYS I 207 36.61 -26.96 41.41
CA LYS I 207 37.18 -27.64 40.25
C LYS I 207 38.55 -27.08 39.91
N HIS I 208 38.67 -25.75 39.90
CA HIS I 208 39.97 -25.14 39.67
C HIS I 208 40.90 -25.31 40.87
N TYR I 209 40.35 -25.52 42.06
CA TYR I 209 41.17 -25.72 43.24
C TYR I 209 41.78 -27.12 43.28
N CYS I 210 41.04 -28.12 42.79
CA CYS I 210 41.47 -29.51 42.92
C CYS I 210 42.16 -30.06 41.69
N SER I 211 41.87 -29.53 40.50
CA SER I 211 42.52 -30.03 39.30
C SER I 211 44.00 -29.68 39.33
N PRO I 212 44.90 -30.66 39.26
CA PRO I 212 46.33 -30.35 39.38
C PRO I 212 46.85 -29.42 38.30
N LEU I 213 46.36 -29.55 37.08
CA LEU I 213 46.83 -28.71 36.00
C LEU I 213 46.25 -27.30 36.13
N SER I 214 46.94 -26.33 35.53
CA SER I 214 46.48 -24.96 35.55
C SER I 214 45.23 -24.79 34.70
N TYR I 215 44.49 -23.72 34.97
CA TYR I 215 43.21 -23.53 34.29
C TYR I 215 43.40 -23.23 32.81
N ARG I 216 44.43 -22.46 32.45
CA ARG I 216 44.62 -22.13 31.04
C ARG I 216 45.00 -23.36 30.23
N GLN I 217 45.79 -24.26 30.80
CA GLN I 217 46.04 -25.53 30.13
C GLN I 217 44.77 -26.32 29.97
N GLU I 218 43.93 -26.33 31.00
CA GLU I 218 42.64 -27.03 30.91
C GLU I 218 41.82 -26.46 29.77
N ALA I 219 41.90 -25.14 29.54
CA ALA I 219 41.18 -24.55 28.42
C ALA I 219 41.65 -25.12 27.09
N TYR I 220 42.96 -25.32 26.94
CA TYR I 220 43.45 -26.00 25.75
C TYR I 220 42.92 -27.41 25.67
N TRP I 221 42.88 -28.10 26.81
CA TRP I 221 42.36 -29.46 26.85
C TRP I 221 40.90 -29.48 26.43
N ALA I 222 40.13 -28.49 26.87
CA ALA I 222 38.73 -28.40 26.44
C ALA I 222 38.63 -28.19 24.93
N GLN I 223 39.50 -27.35 24.37
CA GLN I 223 39.48 -27.11 22.94
C GLN I 223 40.01 -28.31 22.16
N TYR I 224 40.78 -29.19 22.80
CA TYR I 224 41.22 -30.39 22.11
C TYR I 224 40.12 -31.43 22.03
N ARG I 225 39.32 -31.57 23.08
CA ARG I 225 38.26 -32.58 23.07
C ARG I 225 37.25 -32.29 21.97
N ALA I 226 36.87 -31.03 21.81
CA ALA I 226 35.96 -30.67 20.73
C ALA I 226 36.61 -30.87 19.37
N ASN I 227 37.90 -30.55 19.25
CA ASN I 227 38.56 -30.66 17.97
C ASN I 227 38.75 -32.12 17.55
N GLU I 228 39.13 -32.99 18.49
CA GLU I 228 39.23 -34.40 18.16
C GLU I 228 37.86 -34.99 17.84
N ASP I 229 36.85 -34.67 18.65
CA ASP I 229 35.55 -35.27 18.46
C ASP I 229 34.97 -34.92 17.09
N GLN I 230 35.11 -33.67 16.68
CA GLN I 230 34.59 -33.27 15.37
C GLN I 230 35.32 -33.98 14.25
N LEU I 231 36.66 -33.95 14.26
CA LEU I 231 37.42 -34.61 13.21
C LEU I 231 37.16 -36.10 13.20
N PHE I 232 37.09 -36.72 14.37
CA PHE I 232 36.76 -38.14 14.40
C PHE I 232 35.37 -38.39 13.85
N GLN I 233 34.39 -37.60 14.27
CA GLN I 233 33.03 -37.77 13.75
C GLN I 233 32.96 -37.45 12.27
N ARG I 234 33.62 -36.37 11.82
CA ARG I 234 33.64 -36.06 10.41
C ARG I 234 34.30 -37.18 9.61
N THR I 235 35.38 -37.74 10.13
CA THR I 235 36.01 -38.86 9.44
C THR I 235 35.20 -40.14 9.56
N ALA I 236 34.31 -40.24 10.55
CA ALA I 236 33.49 -41.44 10.67
C ALA I 236 32.59 -41.61 9.46
N GLU I 237 31.97 -40.52 9.00
CA GLU I 237 31.13 -40.61 7.80
C GLU I 237 31.96 -40.96 6.58
N VAL I 238 33.08 -40.27 6.38
CA VAL I 238 33.88 -40.49 5.18
C VAL I 238 34.44 -41.91 5.14
N HIS I 239 35.01 -42.37 6.25
CA HIS I 239 35.51 -43.74 6.26
C HIS I 239 34.39 -44.77 6.24
N SER I 240 33.17 -44.38 6.58
CA SER I 240 32.04 -45.26 6.34
C SER I 240 31.68 -45.29 4.87
N ARG I 241 31.66 -44.13 4.21
CA ARG I 241 31.24 -44.06 2.82
C ARG I 241 32.20 -44.80 1.91
N VAL I 242 33.51 -44.62 2.12
CA VAL I 242 34.48 -45.30 1.28
C VAL I 242 34.33 -46.81 1.40
N LEU I 243 34.17 -47.31 2.62
CA LEU I 243 33.92 -48.73 2.79
C LEU I 243 32.57 -49.12 2.20
N ALA I 244 31.60 -48.22 2.23
CA ALA I 244 30.30 -48.52 1.63
C ALA I 244 30.42 -48.67 0.13
N ALA I 245 31.07 -47.71 -0.53
CA ALA I 245 31.19 -47.80 -1.99
C ALA I 245 32.06 -48.97 -2.41
N ASN I 246 33.07 -49.31 -1.60
CA ASN I 246 33.90 -50.45 -1.94
C ASN I 246 33.19 -51.78 -1.79
N ASN I 247 31.98 -51.80 -1.24
CA ASN I 247 31.20 -53.03 -1.16
C ASN I 247 30.09 -53.10 -2.18
N VAL I 248 29.39 -51.99 -2.44
CA VAL I 248 28.38 -52.00 -3.49
C VAL I 248 29.02 -52.25 -4.85
N ARG I 249 30.19 -51.67 -5.10
CA ARG I 249 30.85 -51.84 -6.38
C ARG I 249 31.11 -53.30 -6.69
N ARG I 250 31.54 -54.07 -5.70
CA ARG I 250 31.78 -55.49 -5.90
C ARG I 250 30.52 -56.23 -6.29
N PHE I 251 29.35 -55.65 -6.03
CA PHE I 251 28.08 -56.29 -6.37
C PHE I 251 27.54 -55.83 -7.71
N PHE I 252 27.29 -54.53 -7.86
CA PHE I 252 26.72 -54.03 -9.11
C PHE I 252 27.74 -53.95 -10.24
N GLY I 253 29.00 -53.68 -9.90
CA GLY I 253 30.03 -53.44 -10.90
C GLY I 253 30.40 -51.97 -11.04
N PHE I 254 29.69 -51.08 -10.36
CA PHE I 254 29.97 -49.66 -10.39
C PHE I 254 29.08 -48.98 -9.34
N VAL I 255 29.60 -47.91 -8.74
CA VAL I 255 28.90 -47.19 -7.70
C VAL I 255 28.56 -45.80 -8.20
N ALA I 256 27.29 -45.43 -8.15
CA ALA I 256 26.84 -44.13 -8.62
C ALA I 256 27.13 -43.09 -7.55
N LEU I 257 28.03 -42.16 -7.85
CA LEU I 257 28.39 -41.10 -6.94
C LEU I 257 28.23 -39.76 -7.63
N ASN I 258 27.82 -38.75 -6.86
CA ASN I 258 27.70 -37.41 -7.42
C ASN I 258 29.08 -36.80 -7.61
N LYS I 259 29.10 -35.54 -8.06
CA LYS I 259 30.38 -34.90 -8.37
C LYS I 259 31.25 -34.76 -7.13
N ASP I 260 30.66 -34.33 -6.02
CA ASP I 260 31.46 -34.10 -4.82
C ASP I 260 31.93 -35.40 -4.15
N ASP I 261 31.09 -36.43 -4.14
CA ASP I 261 31.49 -37.69 -3.53
C ASP I 261 32.57 -38.42 -4.32
N GLU I 262 32.80 -38.02 -5.58
CA GLU I 262 33.82 -38.69 -6.38
C GLU I 262 35.20 -38.52 -5.78
N GLU I 263 35.50 -37.32 -5.27
CA GLU I 263 36.81 -37.11 -4.65
C GLU I 263 36.98 -37.96 -3.40
N LEU I 264 35.87 -38.34 -2.76
CA LEU I 264 35.97 -39.14 -1.55
C LEU I 264 36.60 -40.49 -1.84
N ILE I 265 36.23 -41.11 -2.96
CA ILE I 265 36.85 -42.37 -3.32
C ILE I 265 38.30 -42.17 -3.74
N ALA I 266 38.56 -41.11 -4.51
CA ALA I 266 39.91 -40.90 -5.04
C ALA I 266 40.90 -40.51 -3.94
N ASN I 267 40.51 -39.55 -3.11
CA ASN I 267 41.45 -39.04 -2.11
C ASN I 267 41.65 -39.99 -0.95
N PHE I 268 40.63 -40.79 -0.61
CA PHE I 268 40.62 -41.56 0.63
C PHE I 268 40.36 -43.03 0.33
N PRO I 269 41.38 -43.77 -0.08
CA PRO I 269 41.21 -45.20 -0.31
C PRO I 269 41.47 -46.00 0.97
N VAL I 270 40.68 -47.05 1.16
CA VAL I 270 40.85 -47.94 2.30
C VAL I 270 40.98 -49.36 1.78
N GLU I 271 41.61 -50.20 2.61
CA GLU I 271 41.85 -51.60 2.28
C GLU I 271 41.03 -52.55 3.14
N GLY I 272 40.40 -52.06 4.19
CA GLY I 272 39.69 -52.94 5.09
C GLY I 272 39.10 -52.16 6.25
N THR I 273 38.94 -52.86 7.37
CA THR I 273 38.33 -52.31 8.56
C THR I 273 39.33 -52.24 9.69
N GLN I 274 38.85 -51.80 10.87
CA GLN I 274 39.76 -51.75 12.01
C GLN I 274 39.39 -52.82 13.03
N PRO I 275 40.39 -53.39 13.69
CA PRO I 275 40.12 -54.50 14.61
C PRO I 275 39.24 -54.06 15.77
N ARG I 276 38.44 -54.98 16.26
CA ARG I 276 37.59 -54.67 17.42
C ARG I 276 38.38 -54.24 18.66
N PRO I 277 39.47 -54.90 19.04
CA PRO I 277 40.25 -54.37 20.18
C PRO I 277 40.74 -52.95 19.97
N GLN I 278 41.08 -52.58 18.73
CA GLN I 278 41.52 -51.23 18.46
C GLN I 278 40.41 -50.22 18.75
N TRP I 279 39.17 -50.56 18.39
CA TRP I 279 38.04 -49.74 18.83
C TRP I 279 37.90 -49.81 20.34
N ASN I 280 38.14 -50.98 20.93
CA ASN I 280 37.96 -51.17 22.36
C ASN I 280 39.01 -50.45 23.20
N ALA I 281 40.05 -49.90 22.60
CA ALA I 281 41.09 -49.23 23.36
C ALA I 281 40.98 -47.70 23.31
N ILE I 282 39.98 -47.16 22.62
CA ILE I 282 39.83 -45.71 22.55
C ILE I 282 38.43 -45.32 22.98
N THR I 283 37.83 -46.13 23.85
CA THR I 283 36.52 -45.83 24.42
C THR I 283 36.61 -45.96 25.94
N GLY I 284 35.96 -45.04 26.64
CA GLY I 284 35.97 -45.07 28.08
C GLY I 284 36.24 -43.71 28.71
N VAL I 285 36.84 -43.72 29.89
CA VAL I 285 37.18 -42.50 30.60
C VAL I 285 38.69 -42.38 30.64
N TYR I 286 39.16 -41.16 30.91
CA TYR I 286 40.58 -40.90 30.90
C TYR I 286 40.86 -39.80 31.91
N LEU I 287 41.87 -40.01 32.77
CA LEU I 287 42.27 -39.02 33.78
C LEU I 287 43.77 -38.73 33.66
N TYR I 288 44.11 -37.84 32.72
CA TYR I 288 45.41 -37.15 32.63
C TYR I 288 46.60 -38.05 32.95
N ARG I 289 46.79 -39.08 32.15
CA ARG I 289 47.99 -39.88 32.23
C ARG I 289 49.13 -39.20 31.48
N GLU I 290 50.19 -38.86 32.20
CA GLU I 290 51.35 -38.19 31.62
C GLU I 290 52.36 -39.22 31.16
N ASN I 291 52.93 -39.02 29.97
CA ASN I 291 53.88 -39.95 29.37
C ASN I 291 55.22 -39.26 29.19
N GLN I 292 56.18 -39.61 30.04
CA GLN I 292 57.56 -39.13 29.93
C GLN I 292 57.62 -37.60 29.85
N GLY I 293 56.81 -36.94 30.65
CA GLY I 293 56.76 -35.49 30.65
C GLY I 293 55.94 -34.90 29.52
N LEU I 294 55.32 -35.72 28.69
CA LEU I 294 54.47 -35.23 27.62
C LEU I 294 53.03 -35.60 27.93
N PRO I 295 52.15 -34.62 28.17
CA PRO I 295 50.77 -34.94 28.50
C PRO I 295 50.03 -35.57 27.34
N LEU I 296 49.06 -36.41 27.68
CA LEU I 296 48.13 -36.99 26.72
C LEU I 296 46.72 -36.59 27.09
N TYR I 297 45.95 -36.16 26.10
CA TYR I 297 44.64 -35.58 26.38
C TYR I 297 43.47 -36.51 26.11
N SER I 298 43.66 -37.58 25.33
CA SER I 298 42.57 -38.50 25.03
C SER I 298 43.11 -39.91 24.90
N ARG I 299 42.24 -40.88 25.17
CA ARG I 299 42.65 -42.28 25.02
C ARG I 299 43.21 -42.53 23.64
N LEU I 300 42.59 -41.96 22.61
CA LEU I 300 43.12 -42.06 21.26
C LEU I 300 44.54 -41.52 21.20
N HIS I 301 44.76 -40.36 21.81
CA HIS I 301 46.12 -39.83 21.90
C HIS I 301 47.01 -40.79 22.67
N LYS I 302 46.49 -41.37 23.76
CA LYS I 302 47.25 -42.39 24.47
C LYS I 302 47.49 -43.60 23.60
N TRP I 303 46.49 -43.97 22.79
CA TRP I 303 46.72 -45.03 21.81
C TRP I 303 47.67 -44.57 20.71
N ALA I 304 47.62 -43.29 20.34
CA ALA I 304 48.53 -42.77 19.32
C ALA I 304 49.99 -42.82 19.76
N GLN I 305 50.25 -42.82 21.06
CA GLN I 305 51.59 -43.00 21.57
C GLN I 305 51.95 -44.47 21.74
N GLY I 306 51.03 -45.38 21.45
CA GLY I 306 51.30 -46.80 21.54
C GLY I 306 51.23 -47.37 22.93
N LEU J 39 7.61 -14.58 28.83
CA LEU J 39 8.93 -13.97 28.87
C LEU J 39 9.06 -13.03 30.05
N PHE J 40 8.74 -11.75 29.82
CA PHE J 40 8.77 -10.76 30.90
C PHE J 40 7.71 -11.04 31.96
N SER J 41 6.69 -11.83 31.63
CA SER J 41 5.64 -12.13 32.61
C SER J 41 6.19 -12.92 33.78
N VAL J 42 7.08 -13.87 33.51
CA VAL J 42 7.66 -14.68 34.59
C VAL J 42 8.50 -13.82 35.51
N VAL J 43 9.34 -12.96 34.93
CA VAL J 43 10.23 -12.10 35.72
C VAL J 43 9.47 -10.80 36.00
N ALA J 44 8.80 -10.77 37.16
CA ALA J 44 8.00 -9.62 37.54
C ALA J 44 7.87 -9.61 39.06
N PHE J 45 7.34 -8.51 39.57
CA PHE J 45 7.17 -8.31 41.01
C PHE J 45 5.70 -8.31 41.35
N HIS J 46 5.32 -9.12 42.34
CA HIS J 46 3.96 -9.18 42.85
C HIS J 46 4.04 -9.22 44.37
N CYS J 47 3.48 -8.21 45.02
CA CYS J 47 3.65 -8.06 46.46
C CYS J 47 2.76 -9.04 47.21
N PRO J 48 3.32 -9.87 48.08
CA PRO J 48 2.50 -10.64 49.02
C PRO J 48 2.06 -9.76 50.17
N CYS J 49 0.79 -9.36 50.15
CA CYS J 49 0.28 -8.39 51.11
C CYS J 49 0.03 -9.09 52.44
N SER J 50 1.13 -9.39 53.14
CA SER J 50 1.08 -10.08 54.41
C SER J 50 2.09 -9.48 55.37
N PRO J 51 1.72 -9.25 56.62
CA PRO J 51 2.68 -8.72 57.59
C PRO J 51 3.77 -9.72 57.89
N ALA J 52 4.95 -9.20 58.20
CA ALA J 52 6.15 -9.98 58.52
C ALA J 52 6.50 -10.98 57.42
N ARG J 53 5.94 -10.81 56.24
CA ARG J 53 6.19 -11.71 55.13
C ARG J 53 6.62 -11.00 53.85
N ASN J 54 6.04 -9.84 53.57
CA ASN J 54 6.37 -9.14 52.33
C ASN J 54 7.78 -8.58 52.36
N TYR J 55 8.24 -8.13 53.53
CA TYR J 55 9.60 -7.60 53.62
C TYR J 55 10.63 -8.67 53.31
N LEU J 56 10.31 -9.93 53.56
CA LEU J 56 11.16 -11.03 53.10
C LEU J 56 11.14 -11.12 51.58
N TYR J 57 9.96 -10.98 50.97
CA TYR J 57 9.85 -11.10 49.52
C TYR J 57 10.64 -10.01 48.83
N GLY J 58 10.52 -8.77 49.31
CA GLY J 58 11.28 -7.68 48.71
C GLY J 58 12.77 -7.93 48.73
N LEU J 59 13.28 -8.44 49.85
CA LEU J 59 14.69 -8.82 49.90
C LEU J 59 14.99 -9.94 48.92
N ALA J 60 14.11 -10.94 48.85
CA ALA J 60 14.36 -12.08 47.97
C ALA J 60 14.14 -11.73 46.51
N ALA J 61 13.08 -10.99 46.20
CA ALA J 61 12.74 -10.70 44.81
C ALA J 61 13.73 -9.76 44.14
N ILE J 62 14.60 -9.10 44.89
CA ILE J 62 15.58 -8.17 44.35
C ILE J 62 17.00 -8.58 44.71
N GLY J 63 17.24 -8.92 45.98
CA GLY J 63 18.59 -9.25 46.41
C GLY J 63 19.15 -10.47 45.70
N VAL J 64 18.35 -11.54 45.65
CA VAL J 64 18.82 -12.77 44.99
C VAL J 64 19.05 -12.58 43.51
N PRO J 65 18.14 -11.97 42.73
CA PRO J 65 18.51 -11.64 41.35
C PRO J 65 19.74 -10.76 41.25
N ALA J 66 19.90 -9.83 42.19
CA ALA J 66 21.17 -9.12 42.28
C ALA J 66 22.30 -10.04 42.70
N LEU J 67 22.01 -10.98 43.62
CA LEU J 67 23.05 -11.87 44.11
C LEU J 67 23.58 -12.76 42.98
N VAL J 68 22.69 -13.32 42.17
CA VAL J 68 23.15 -14.16 41.07
C VAL J 68 23.92 -13.34 40.05
N LEU J 69 23.46 -12.11 39.77
CA LEU J 69 24.18 -11.25 38.85
C LEU J 69 25.56 -10.91 39.37
N PHE J 70 25.70 -10.78 40.69
CA PHE J 70 27.01 -10.62 41.29
C PHE J 70 27.89 -11.83 41.00
N ILE J 71 27.32 -13.02 41.07
CA ILE J 71 28.07 -14.24 40.80
C ILE J 71 28.50 -14.29 39.34
N ILE J 72 27.57 -13.96 38.43
CA ILE J 72 27.84 -14.14 37.00
C ILE J 72 29.06 -13.34 36.57
N GLY J 73 29.20 -12.12 37.09
CA GLY J 73 30.36 -11.31 36.73
C GLY J 73 31.67 -11.97 37.12
N ILE J 74 31.67 -12.67 38.26
CA ILE J 74 32.89 -13.35 38.70
C ILE J 74 33.26 -14.47 37.75
N ILE J 75 32.27 -15.26 37.31
CA ILE J 75 32.56 -16.45 36.52
C ILE J 75 33.16 -16.07 35.17
N LEU J 76 32.53 -15.11 34.48
CA LEU J 76 32.97 -14.76 33.14
C LEU J 76 34.38 -14.18 33.14
N ASN J 77 34.70 -13.36 34.14
CA ASN J 77 36.01 -12.74 34.20
C ASN J 77 37.09 -13.79 34.38
N ASN J 78 38.18 -13.66 33.62
CA ASN J 78 39.29 -14.59 33.70
C ASN J 78 40.28 -14.25 34.80
N HIS J 79 40.19 -13.04 35.38
CA HIS J 79 41.16 -12.65 36.38
C HIS J 79 41.01 -13.45 37.67
N THR J 80 39.79 -13.93 37.95
CA THR J 80 39.55 -14.64 39.21
C THR J 80 40.33 -15.94 39.27
N TRP J 81 40.23 -16.76 38.22
CA TRP J 81 40.76 -18.12 38.28
C TRP J 81 42.27 -18.12 38.43
N ASN J 82 42.97 -17.27 37.68
CA ASN J 82 44.42 -17.19 37.85
C ASN J 82 44.77 -16.71 39.24
N LEU J 83 44.03 -15.72 39.75
CA LEU J 83 44.18 -15.35 41.15
C LEU J 83 43.88 -16.52 42.07
N VAL J 84 42.83 -17.28 41.75
CA VAL J 84 42.53 -18.49 42.50
C VAL J 84 43.66 -19.50 42.33
N ALA J 85 44.14 -19.68 41.09
CA ALA J 85 45.20 -20.64 40.84
C ALA J 85 46.52 -20.24 41.48
N GLU J 86 46.65 -18.99 41.93
CA GLU J 86 47.90 -18.54 42.53
C GLU J 86 48.21 -19.33 43.80
N CYS J 87 47.21 -19.57 44.63
CA CYS J 87 47.43 -20.36 45.84
C CYS J 87 47.80 -21.80 45.50
N GLN J 88 47.28 -22.32 44.40
CA GLN J 88 47.48 -23.73 44.07
C GLN J 88 48.96 -24.04 43.80
N HIS J 89 49.64 -23.17 43.06
CA HIS J 89 51.01 -23.49 42.65
C HIS J 89 52.00 -23.29 43.80
N ARG J 90 51.61 -22.55 44.84
CA ARG J 90 52.52 -22.34 45.96
C ARG J 90 52.15 -23.23 47.14
N ARG J 91 50.89 -23.17 47.58
CA ARG J 91 50.39 -23.92 48.74
C ARG J 91 51.17 -23.58 50.01
N THR J 92 51.82 -22.41 50.03
CA THR J 92 52.71 -22.02 51.11
C THR J 92 52.51 -20.55 51.53
N LYS J 93 51.80 -19.75 50.73
CA LYS J 93 51.65 -18.31 50.94
C LYS J 93 52.99 -17.60 50.78
N ASN J 94 53.64 -17.85 49.64
CA ASN J 94 54.91 -17.18 49.35
C ASN J 94 54.71 -15.68 49.19
N CYS J 95 53.70 -15.27 48.42
CA CYS J 95 53.42 -13.85 48.24
C CYS J 95 52.77 -13.29 49.51
N SER J 96 53.26 -12.13 49.94
CA SER J 96 52.74 -11.49 51.14
C SER J 96 51.39 -10.84 50.84
N ALA J 97 50.75 -10.34 51.91
CA ALA J 97 49.44 -9.71 51.76
C ALA J 97 49.54 -8.42 50.96
N ALA J 98 50.55 -7.60 51.24
CA ALA J 98 50.66 -6.28 50.60
C ALA J 98 50.79 -6.36 49.09
N PRO J 99 51.68 -7.16 48.50
CA PRO J 99 51.74 -7.22 47.03
C PRO J 99 50.48 -7.74 46.38
N THR J 100 49.78 -8.67 47.03
CA THR J 100 48.61 -9.31 46.42
C THR J 100 47.31 -8.56 46.70
N PHE J 101 47.28 -7.67 47.69
CA PHE J 101 46.05 -6.95 48.00
C PHE J 101 45.67 -6.00 46.87
N LEU J 102 46.65 -5.52 46.10
CA LEU J 102 46.37 -4.56 45.03
C LEU J 102 45.49 -5.17 43.95
N LEU J 103 45.73 -6.45 43.61
CA LEU J 103 44.98 -7.08 42.53
C LEU J 103 43.52 -7.30 42.93
N LEU J 104 43.27 -7.61 44.21
CA LEU J 104 41.92 -7.93 44.66
C LEU J 104 40.94 -6.79 44.39
N SER J 105 41.42 -5.54 44.45
CA SER J 105 40.52 -4.40 44.30
C SER J 105 39.87 -4.37 42.92
N SER J 106 40.64 -4.66 41.87
CA SER J 106 40.11 -4.56 40.52
C SER J 106 39.06 -5.64 40.23
N ILE J 107 39.21 -6.82 40.82
CA ILE J 107 38.38 -7.95 40.43
C ILE J 107 36.93 -7.71 40.82
N LEU J 108 36.69 -7.30 42.07
CA LEU J 108 35.32 -7.16 42.55
C LEU J 108 34.58 -6.05 41.81
N GLY J 109 35.27 -4.95 41.53
CA GLY J 109 34.61 -3.82 40.88
C GLY J 109 34.11 -4.16 39.49
N ARG J 110 34.90 -4.94 38.73
CA ARG J 110 34.50 -5.30 37.38
C ARG J 110 33.19 -6.09 37.38
N ALA J 111 33.06 -7.03 38.32
CA ALA J 111 31.84 -7.82 38.43
C ALA J 111 30.73 -7.08 39.17
N ALA J 112 31.04 -5.98 39.84
CA ALA J 112 30.04 -5.23 40.59
C ALA J 112 29.09 -4.45 39.67
N VAL J 113 29.33 -4.45 38.36
CA VAL J 113 28.46 -3.71 37.44
C VAL J 113 27.04 -4.25 37.50
N ALA J 114 26.89 -5.57 37.45
CA ALA J 114 25.55 -6.16 37.43
C ALA J 114 24.74 -5.86 38.69
N PRO J 115 25.26 -6.02 39.92
CA PRO J 115 24.43 -5.70 41.09
C PRO J 115 23.94 -4.26 41.11
N VAL J 116 24.76 -3.31 40.68
CA VAL J 116 24.35 -1.91 40.76
C VAL J 116 23.48 -1.52 39.57
N THR J 117 23.71 -2.13 38.41
CA THR J 117 22.89 -1.82 37.24
C THR J 117 21.48 -2.36 37.37
N TRP J 118 21.20 -3.19 38.38
CA TRP J 118 19.87 -3.73 38.60
C TRP J 118 19.20 -3.20 39.86
N SER J 119 19.95 -3.11 40.96
CA SER J 119 19.36 -2.73 42.24
C SER J 119 18.77 -1.33 42.18
N VAL J 120 19.47 -0.38 41.57
CA VAL J 120 18.98 0.98 41.51
C VAL J 120 17.75 1.07 40.61
N ILE J 121 17.66 0.20 39.60
CA ILE J 121 16.51 0.24 38.70
C ILE J 121 15.24 -0.11 39.45
N SER J 122 15.29 -1.18 40.26
CA SER J 122 14.13 -1.55 41.06
C SER J 122 13.79 -0.47 42.07
N LEU J 123 14.81 0.13 42.69
CA LEU J 123 14.57 1.23 43.61
C LEU J 123 13.93 2.43 42.90
N LEU J 124 14.31 2.67 41.65
CA LEU J 124 13.67 3.73 40.88
C LEU J 124 12.18 3.44 40.70
N ARG J 125 11.84 2.19 40.39
CA ARG J 125 10.43 1.81 40.33
C ARG J 125 9.80 1.87 41.72
N GLY J 126 10.57 1.57 42.76
CA GLY J 126 10.06 1.60 44.11
C GLY J 126 9.15 0.46 44.48
N GLU J 127 9.06 -0.57 43.64
CA GLU J 127 8.16 -1.68 43.92
C GLU J 127 8.60 -2.45 45.16
N ALA J 128 9.90 -2.63 45.34
CA ALA J 128 10.40 -3.37 46.49
C ALA J 128 10.10 -2.66 47.79
N TYR J 129 10.37 -1.35 47.85
CA TYR J 129 10.26 -0.63 49.12
C TYR J 129 8.82 -0.58 49.60
N VAL J 130 7.88 -0.30 48.68
CA VAL J 130 6.48 -0.20 49.08
C VAL J 130 5.99 -1.55 49.58
N CYS J 131 6.49 -2.64 49.00
CA CYS J 131 6.09 -3.97 49.45
C CYS J 131 6.77 -4.34 50.75
N ALA J 132 8.01 -3.89 50.95
CA ALA J 132 8.80 -4.38 52.06
C ALA J 132 8.43 -3.70 53.38
N LEU J 133 8.58 -2.39 53.46
CA LEU J 133 8.48 -1.68 54.73
C LEU J 133 7.14 -0.99 54.93
N SER J 134 6.11 -1.41 54.19
CA SER J 134 4.78 -0.84 54.42
C SER J 134 4.25 -1.20 55.80
N GLU J 135 4.48 -2.43 56.25
CA GLU J 135 4.02 -2.84 57.57
C GLU J 135 4.81 -2.16 58.69
N PHE J 136 6.02 -1.68 58.41
CA PHE J 136 6.86 -1.05 59.42
C PHE J 136 6.75 0.46 59.42
N VAL J 137 5.81 1.03 58.67
CA VAL J 137 5.58 2.46 58.68
C VAL J 137 4.88 2.83 59.99
N ASP J 138 5.44 3.80 60.70
CA ASP J 138 4.87 4.19 61.98
C ASP J 138 3.57 4.95 61.76
N PRO J 139 2.44 4.46 62.28
CA PRO J 139 1.16 5.17 62.08
C PRO J 139 1.12 6.53 62.75
N SER J 140 2.00 6.79 63.73
CA SER J 140 1.97 8.08 64.41
C SER J 140 2.33 9.21 63.47
N SER J 141 3.30 8.98 62.57
CA SER J 141 3.72 10.02 61.64
C SER J 141 2.72 10.29 60.53
N LEU J 142 1.68 9.46 60.40
CA LEU J 142 0.68 9.68 59.36
C LEU J 142 -0.06 10.98 59.61
N THR J 143 -0.13 11.81 58.57
CA THR J 143 -0.70 13.16 58.69
C THR J 143 -1.51 13.40 57.41
N ALA J 144 -1.93 14.65 57.20
CA ALA J 144 -2.74 15.05 56.04
C ALA J 144 -4.07 14.33 56.00
N ARG J 145 -4.57 13.93 57.17
CA ARG J 145 -5.85 13.25 57.30
C ARG J 145 -6.21 13.17 58.77
N GLU J 146 -7.51 13.09 59.05
CA GLU J 146 -7.98 12.87 60.41
C GLU J 146 -7.66 11.45 60.85
N GLU J 147 -7.70 11.23 62.17
CA GLU J 147 -7.41 9.91 62.72
C GLU J 147 -8.54 8.94 62.42
N HIS J 148 -8.40 8.17 61.34
CA HIS J 148 -9.42 7.23 60.91
C HIS J 148 -8.91 5.80 60.82
N PHE J 149 -7.62 5.59 60.60
CA PHE J 149 -7.08 4.25 60.46
C PHE J 149 -7.33 3.45 61.73
N PRO J 150 -7.84 2.22 61.65
CA PRO J 150 -8.11 1.45 62.85
C PRO J 150 -6.83 1.13 63.61
N SER J 151 -6.93 1.12 64.94
CA SER J 151 -5.82 0.73 65.80
C SER J 151 -5.83 -0.75 66.13
N ALA J 152 -6.88 -1.48 65.76
CA ALA J 152 -6.93 -2.91 66.04
C ALA J 152 -5.87 -3.66 65.25
N HIS J 153 -5.84 -3.44 63.93
CA HIS J 153 -4.82 -4.03 63.06
C HIS J 153 -4.27 -2.92 62.18
N ALA J 154 -3.28 -2.18 62.70
CA ALA J 154 -2.62 -1.16 61.90
C ALA J 154 -1.70 -1.80 60.86
N THR J 155 -0.91 -2.78 61.28
CA THR J 155 0.05 -3.41 60.37
C THR J 155 -0.66 -4.14 59.24
N GLU J 156 -1.73 -4.88 59.56
CA GLU J 156 -2.40 -5.66 58.53
C GLU J 156 -2.98 -4.78 57.43
N ILE J 157 -3.58 -3.66 57.82
CA ILE J 157 -4.10 -2.72 56.82
C ILE J 157 -2.97 -2.17 55.98
N LEU J 158 -1.85 -1.81 56.62
CA LEU J 158 -0.70 -1.29 55.89
C LEU J 158 -0.18 -2.32 54.90
N ALA J 159 -0.23 -3.61 55.25
CA ALA J 159 0.37 -4.64 54.40
C ALA J 159 -0.37 -4.78 53.06
N ARG J 160 -1.67 -4.53 53.04
CA ARG J 160 -2.47 -4.75 51.84
C ARG J 160 -2.49 -3.56 50.90
N PHE J 161 -1.74 -2.49 51.20
CA PHE J 161 -1.70 -1.33 50.32
C PHE J 161 -1.17 -1.65 48.92
N PRO J 162 -0.03 -2.35 48.75
CA PRO J 162 0.48 -2.57 47.38
C PRO J 162 -0.47 -3.32 46.48
N CYS J 163 -1.26 -4.25 47.01
CA CYS J 163 -2.14 -5.09 46.19
C CYS J 163 -3.41 -4.37 45.77
N LYS J 164 -3.48 -3.04 45.93
CA LYS J 164 -4.66 -2.25 45.60
C LYS J 164 -5.88 -2.68 46.41
N GLU J 165 -5.67 -3.47 47.46
CA GLU J 165 -6.75 -3.89 48.34
C GLU J 165 -6.80 -2.93 49.52
N ASN J 166 -7.70 -1.96 49.44
CA ASN J 166 -7.86 -0.96 50.48
C ASN J 166 -9.18 -0.22 50.27
N PRO J 167 -9.96 -0.02 51.33
CA PRO J 167 -11.21 0.73 51.18
C PRO J 167 -10.95 2.16 50.74
N ASP J 168 -11.90 2.72 49.98
CA ASP J 168 -11.73 4.05 49.42
C ASP J 168 -11.53 5.10 50.50
N ASN J 169 -12.12 4.90 51.69
CA ASN J 169 -11.91 5.83 52.78
C ASN J 169 -10.46 5.89 53.23
N LEU J 170 -9.71 4.80 53.09
CA LEU J 170 -8.29 4.76 53.42
C LEU J 170 -7.40 4.94 52.20
N SER J 171 -7.98 5.32 51.05
CA SER J 171 -7.15 5.60 49.88
C SER J 171 -6.21 6.77 50.15
N ASP J 172 -6.69 7.79 50.87
CA ASP J 172 -5.82 8.89 51.26
C ASP J 172 -4.68 8.40 52.14
N PHE J 173 -4.98 7.55 53.13
CA PHE J 173 -3.93 6.97 53.96
C PHE J 173 -3.00 6.10 53.13
N ARG J 174 -3.56 5.34 52.20
CA ARG J 174 -2.72 4.56 51.30
C ARG J 174 -1.87 5.47 50.42
N GLU J 175 -2.47 6.54 49.89
CA GLU J 175 -1.76 7.39 48.94
C GLU J 175 -0.58 8.10 49.60
N GLU J 176 -0.79 8.63 50.81
CA GLU J 176 0.25 9.43 51.46
C GLU J 176 1.49 8.59 51.73
N VAL J 177 1.31 7.37 52.23
CA VAL J 177 2.44 6.49 52.47
C VAL J 177 3.04 6.03 51.15
N SER J 178 2.19 5.64 50.20
CA SER J 178 2.67 5.21 48.89
C SER J 178 3.55 6.29 48.25
N ARG J 179 3.10 7.53 48.31
CA ARG J 179 3.93 8.62 47.81
C ARG J 179 5.14 8.85 48.70
N ARG J 180 5.00 8.67 50.01
CA ARG J 180 6.14 8.84 50.91
C ARG J 180 7.19 7.75 50.69
N LEU J 181 6.75 6.50 50.58
CA LEU J 181 7.71 5.41 50.35
C LEU J 181 8.37 5.55 48.98
N ARG J 182 7.60 5.93 47.96
CA ARG J 182 8.20 6.13 46.65
C ARG J 182 9.27 7.20 46.68
N TYR J 183 9.06 8.26 47.47
CA TYR J 183 10.10 9.27 47.66
C TYR J 183 11.34 8.66 48.30
N GLU J 184 11.16 7.95 49.41
CA GLU J 184 12.31 7.41 50.13
C GLU J 184 13.06 6.38 49.28
N SER J 185 12.32 5.55 48.54
CA SER J 185 12.97 4.60 47.64
C SER J 185 13.79 5.33 46.58
N GLN J 186 13.18 6.31 45.93
CA GLN J 186 13.91 7.08 44.93
C GLN J 186 15.04 7.87 45.56
N LEU J 187 14.83 8.41 46.77
CA LEU J 187 15.91 9.07 47.48
C LEU J 187 17.05 8.11 47.75
N PHE J 188 16.73 6.89 48.19
CA PHE J 188 17.76 5.88 48.38
C PHE J 188 18.42 5.50 47.06
N GLY J 189 17.62 5.31 46.01
CA GLY J 189 18.17 4.87 44.74
C GLY J 189 19.09 5.91 44.12
N TRP J 190 18.71 7.18 44.19
CA TRP J 190 19.49 8.22 43.54
C TRP J 190 20.87 8.38 44.17
N LEU J 191 20.96 8.33 45.50
CA LEU J 191 22.25 8.51 46.15
C LEU J 191 23.16 7.31 45.91
N LEU J 192 22.57 6.15 45.59
CA LEU J 192 23.39 5.01 45.20
C LEU J 192 24.20 5.30 43.95
N ILE J 193 23.59 5.96 42.96
CA ILE J 193 24.30 6.29 41.73
C ILE J 193 25.44 7.26 42.05
N GLY J 194 25.19 8.23 42.91
CA GLY J 194 26.26 9.13 43.32
C GLY J 194 27.41 8.41 44.01
N VAL J 195 27.07 7.44 44.86
CA VAL J 195 28.10 6.64 45.52
C VAL J 195 28.94 5.90 44.48
N VAL J 196 28.29 5.32 43.49
CA VAL J 196 29.01 4.68 42.39
C VAL J 196 29.82 5.71 41.63
N ALA J 197 29.24 6.89 41.37
CA ALA J 197 29.91 7.90 40.58
C ALA J 197 31.20 8.37 41.26
N ILE J 198 31.14 8.64 42.56
CA ILE J 198 32.34 9.10 43.25
C ILE J 198 33.36 7.98 43.37
N LEU J 199 32.90 6.75 43.61
CA LEU J 199 33.81 5.64 43.86
C LEU J 199 34.73 5.40 42.67
N VAL J 200 34.16 5.36 41.46
CA VAL J 200 34.98 5.12 40.28
C VAL J 200 35.92 6.30 40.04
N PHE J 201 35.43 7.53 40.26
CA PHE J 201 36.26 8.70 40.03
C PHE J 201 37.47 8.73 40.94
N LEU J 202 37.26 8.59 42.25
CA LEU J 202 38.37 8.68 43.19
C LEU J 202 39.34 7.52 42.99
N THR J 203 38.81 6.32 42.73
CA THR J 203 39.69 5.16 42.55
C THR J 203 40.57 5.32 41.31
N LYS J 204 40.01 5.87 40.23
CA LYS J 204 40.75 5.96 38.98
C LYS J 204 42.00 6.82 39.14
N CYS J 205 41.84 8.01 39.73
CA CYS J 205 43.03 8.82 40.01
C CYS J 205 43.90 8.16 41.06
N LEU J 206 43.28 7.55 42.08
CA LEU J 206 44.06 6.82 43.07
C LEU J 206 44.81 5.67 42.43
N LYS J 207 44.15 4.93 41.53
CA LYS J 207 44.85 3.89 40.80
C LYS J 207 45.99 4.47 39.97
N HIS J 208 45.73 5.60 39.29
CA HIS J 208 46.80 6.26 38.57
C HIS J 208 47.88 6.78 39.52
N TYR J 209 47.46 7.40 40.63
CA TYR J 209 48.44 7.92 41.58
C TYR J 209 49.24 6.79 42.24
N CYS J 210 48.55 5.72 42.67
CA CYS J 210 49.26 4.62 43.30
C CYS J 210 50.17 3.90 42.32
N SER J 211 49.69 3.63 41.12
CA SER J 211 50.50 2.92 40.14
C SER J 211 51.67 3.78 39.71
N PRO J 212 52.87 3.24 39.59
CA PRO J 212 54.03 4.03 39.16
C PRO J 212 54.12 4.26 37.66
N LEU J 213 53.04 4.00 36.93
CA LEU J 213 53.06 4.06 35.47
C LEU J 213 52.17 5.19 34.98
N SER J 214 52.62 5.88 33.94
CA SER J 214 51.79 6.88 33.30
C SER J 214 50.60 6.21 32.61
N TYR J 215 49.52 6.97 32.47
CA TYR J 215 48.33 6.41 31.84
C TYR J 215 48.59 6.00 30.40
N ARG J 216 49.46 6.74 29.70
CA ARG J 216 49.83 6.33 28.34
C ARG J 216 50.56 5.01 28.35
N GLN J 217 51.44 4.80 29.33
CA GLN J 217 52.04 3.48 29.52
C GLN J 217 50.99 2.44 29.85
N GLU J 218 50.05 2.79 30.74
CA GLU J 218 49.02 1.84 31.13
C GLU J 218 48.12 1.49 29.96
N ALA J 219 47.81 2.48 29.11
CA ALA J 219 46.95 2.21 27.96
C ALA J 219 47.58 1.19 27.03
N TYR J 220 48.89 1.32 26.78
CA TYR J 220 49.56 0.33 25.93
C TYR J 220 49.64 -1.02 26.61
N TRP J 221 50.03 -1.05 27.89
CA TRP J 221 50.13 -2.31 28.60
C TRP J 221 48.78 -3.01 28.70
N ALA J 222 47.73 -2.26 29.04
CA ALA J 222 46.39 -2.86 29.10
C ALA J 222 45.96 -3.35 27.73
N GLN J 223 46.31 -2.63 26.67
CA GLN J 223 45.98 -3.08 25.33
C GLN J 223 46.72 -4.36 24.98
N TYR J 224 47.96 -4.50 25.46
CA TYR J 224 48.73 -5.70 25.18
C TYR J 224 48.04 -6.94 25.74
N ARG J 225 47.58 -6.87 26.99
CA ARG J 225 46.89 -8.02 27.58
C ARG J 225 45.61 -8.32 26.82
N ALA J 226 44.83 -7.28 26.49
CA ALA J 226 43.59 -7.47 25.74
C ALA J 226 43.84 -7.94 24.32
N ASN J 227 45.08 -7.88 23.83
CA ASN J 227 45.42 -8.32 22.49
C ASN J 227 46.23 -9.60 22.46
N GLU J 228 47.13 -9.80 23.42
CA GLU J 228 47.89 -11.04 23.46
C GLU J 228 47.00 -12.22 23.82
N ASP J 229 46.01 -12.01 24.68
CA ASP J 229 45.08 -13.08 25.01
C ASP J 229 44.33 -13.58 23.78
N GLN J 230 43.84 -12.66 22.95
CA GLN J 230 43.04 -13.05 21.79
C GLN J 230 43.85 -13.92 20.83
N LEU J 231 45.09 -13.51 20.54
CA LEU J 231 45.92 -14.31 19.64
C LEU J 231 46.49 -15.54 20.33
N PHE J 232 46.55 -15.54 21.66
CA PHE J 232 46.88 -16.77 22.37
C PHE J 232 45.77 -17.80 22.20
N GLN J 233 44.51 -17.38 22.33
CA GLN J 233 43.40 -18.31 22.19
C GLN J 233 43.32 -18.85 20.76
N ARG J 234 43.50 -17.98 19.76
CA ARG J 234 43.45 -18.43 18.39
C ARG J 234 44.54 -19.45 18.10
N THR J 235 45.75 -19.21 18.61
CA THR J 235 46.81 -20.19 18.45
C THR J 235 46.49 -21.48 19.18
N ALA J 236 45.74 -21.41 20.27
CA ALA J 236 45.42 -22.62 21.02
C ALA J 236 44.58 -23.57 20.17
N GLU J 237 43.53 -23.05 19.53
CA GLU J 237 42.67 -23.91 18.71
C GLU J 237 43.45 -24.51 17.55
N VAL J 238 44.26 -23.71 16.86
CA VAL J 238 45.03 -24.22 15.74
C VAL J 238 45.99 -25.30 16.22
N HIS J 239 46.69 -25.06 17.33
CA HIS J 239 47.55 -26.10 17.87
C HIS J 239 46.76 -27.24 18.46
N SER J 240 45.52 -26.99 18.89
CA SER J 240 44.67 -28.08 19.33
C SER J 240 44.26 -28.96 18.16
N ARG J 241 43.80 -28.35 17.06
CA ARG J 241 43.32 -29.14 15.93
C ARG J 241 44.45 -29.95 15.31
N VAL J 242 45.64 -29.36 15.20
CA VAL J 242 46.75 -30.06 14.55
C VAL J 242 47.09 -31.33 15.31
N LEU J 243 47.16 -31.27 16.63
CA LEU J 243 47.35 -32.49 17.41
C LEU J 243 46.15 -33.41 17.26
N ALA J 244 44.94 -32.85 17.22
CA ALA J 244 43.74 -33.67 17.06
C ALA J 244 43.77 -34.40 15.72
N ALA J 245 44.15 -33.70 14.65
CA ALA J 245 44.19 -34.34 13.34
C ALA J 245 45.19 -35.49 13.33
N ASN J 246 46.38 -35.28 13.92
CA ASN J 246 47.41 -36.31 13.89
C ASN J 246 46.96 -37.57 14.62
N ASN J 247 46.23 -37.42 15.73
CA ASN J 247 45.77 -38.59 16.46
C ASN J 247 44.79 -39.42 15.64
N VAL J 248 43.84 -38.77 14.99
CA VAL J 248 42.85 -39.51 14.21
C VAL J 248 43.52 -40.23 13.05
N ARG J 249 44.42 -39.55 12.34
CA ARG J 249 45.10 -40.17 11.21
C ARG J 249 45.80 -41.46 11.62
N ARG J 250 46.43 -41.46 12.81
CA ARG J 250 47.09 -42.66 13.28
C ARG J 250 46.09 -43.78 13.56
N PHE J 251 44.80 -43.46 13.66
CA PHE J 251 43.79 -44.49 13.90
C PHE J 251 43.08 -44.89 12.62
N PHE J 252 42.40 -43.94 11.96
CA PHE J 252 41.73 -44.24 10.71
C PHE J 252 42.71 -44.50 9.58
N GLY J 253 43.69 -43.62 9.42
CA GLY J 253 44.56 -43.60 8.26
C GLY J 253 44.41 -42.37 7.40
N PHE J 254 43.33 -41.60 7.55
CA PHE J 254 43.16 -40.39 6.78
C PHE J 254 42.19 -39.49 7.53
N VAL J 255 42.37 -38.18 7.38
CA VAL J 255 41.59 -37.18 8.12
C VAL J 255 40.85 -36.31 7.11
N ALA J 256 39.55 -36.14 7.33
CA ALA J 256 38.68 -35.39 6.42
C ALA J 256 38.63 -33.94 6.91
N LEU J 257 39.39 -33.08 6.26
CA LEU J 257 39.46 -31.68 6.61
C LEU J 257 38.87 -30.83 5.48
N ASN J 258 38.33 -29.67 5.84
CA ASN J 258 37.87 -28.73 4.84
C ASN J 258 39.05 -28.09 4.14
N LYS J 259 38.75 -27.22 3.16
CA LYS J 259 39.82 -26.59 2.39
C LYS J 259 40.73 -25.76 3.28
N ASP J 260 40.15 -24.96 4.17
CA ASP J 260 40.97 -24.10 5.03
C ASP J 260 41.79 -24.91 6.03
N ASP J 261 41.28 -26.06 6.47
CA ASP J 261 42.06 -26.89 7.38
C ASP J 261 43.23 -27.56 6.68
N GLU J 262 43.19 -27.67 5.35
CA GLU J 262 44.28 -28.33 4.63
C GLU J 262 45.59 -27.59 4.83
N GLU J 263 45.57 -26.27 4.69
CA GLU J 263 46.79 -25.50 4.92
C GLU J 263 47.17 -25.45 6.39
N LEU J 264 46.21 -25.66 7.29
CA LEU J 264 46.53 -25.67 8.72
C LEU J 264 47.54 -26.77 9.03
N ILE J 265 47.36 -27.96 8.45
CA ILE J 265 48.34 -29.02 8.62
C ILE J 265 49.67 -28.62 7.99
N ALA J 266 49.63 -28.02 6.80
CA ALA J 266 50.85 -27.62 6.14
C ALA J 266 51.53 -26.47 6.87
N ASN J 267 50.75 -25.49 7.35
CA ASN J 267 51.34 -24.28 7.91
C ASN J 267 51.98 -24.55 9.26
N PHE J 268 51.30 -25.26 10.13
CA PHE J 268 51.71 -25.41 11.54
C PHE J 268 51.76 -26.87 11.93
N PRO J 269 52.78 -27.60 11.48
CA PRO J 269 52.92 -29.00 11.91
C PRO J 269 53.64 -29.10 13.24
N VAL J 270 53.09 -29.88 14.17
CA VAL J 270 53.65 -30.03 15.50
C VAL J 270 54.21 -31.43 15.66
N GLU J 271 55.08 -31.59 16.66
CA GLU J 271 55.68 -32.86 17.00
C GLU J 271 55.08 -33.47 18.24
N GLY J 272 54.98 -32.70 19.32
CA GLY J 272 54.38 -33.19 20.55
C GLY J 272 53.52 -32.13 21.21
N THR J 273 53.63 -32.04 22.54
CA THR J 273 52.87 -31.04 23.29
C THR J 273 53.82 -30.23 24.17
N GLN J 274 53.26 -29.42 25.05
CA GLN J 274 54.07 -28.62 25.95
C GLN J 274 53.89 -29.11 27.38
N PRO J 275 54.98 -29.33 28.11
CA PRO J 275 54.87 -29.97 29.43
C PRO J 275 54.08 -29.12 30.42
N ARG J 276 53.50 -29.82 31.40
CA ARG J 276 52.70 -29.13 32.41
C ARG J 276 53.44 -28.02 33.15
N PRO J 277 54.70 -28.17 33.57
CA PRO J 277 55.39 -27.03 34.17
C PRO J 277 55.48 -25.83 33.25
N GLN J 278 55.65 -26.07 31.95
CA GLN J 278 55.64 -24.95 31.00
C GLN J 278 54.27 -24.27 30.98
N TRP J 279 53.20 -25.06 31.03
CA TRP J 279 51.87 -24.47 31.13
C TRP J 279 51.69 -23.72 32.44
N ASN J 280 52.19 -24.28 33.53
CA ASN J 280 52.02 -23.64 34.84
C ASN J 280 52.73 -22.30 34.91
N ALA J 281 53.82 -22.14 34.18
CA ALA J 281 54.55 -20.88 34.20
C ALA J 281 53.83 -19.76 33.48
N ILE J 282 52.59 -19.97 33.05
CA ILE J 282 51.82 -18.94 32.36
C ILE J 282 50.74 -18.35 33.26
N THR J 283 49.95 -19.20 33.89
CA THR J 283 48.85 -18.73 34.71
C THR J 283 49.35 -18.09 35.98
N GLY J 284 48.50 -17.26 36.58
CA GLY J 284 48.77 -16.60 37.84
C GLY J 284 48.71 -15.11 37.72
N VAL J 285 49.06 -14.43 38.80
CA VAL J 285 49.07 -12.98 38.84
C VAL J 285 50.49 -12.49 38.54
N TYR J 286 50.56 -11.23 38.11
CA TYR J 286 51.88 -10.63 37.74
C TYR J 286 51.81 -9.12 37.88
N LEU J 287 52.83 -8.50 38.52
CA LEU J 287 52.85 -7.05 38.72
C LEU J 287 54.16 -6.47 38.19
N TYR J 288 54.22 -6.25 36.88
CA TYR J 288 55.20 -5.39 36.21
C TYR J 288 56.61 -5.55 36.76
N ARG J 289 57.14 -6.77 36.62
CA ARG J 289 58.56 -6.98 36.86
C ARG J 289 59.39 -6.26 35.80
N GLU J 290 60.64 -6.01 36.12
CA GLU J 290 61.57 -5.38 35.19
C GLU J 290 62.88 -6.17 35.17
N ASN J 291 63.47 -6.26 33.99
CA ASN J 291 64.68 -7.06 33.77
C ASN J 291 65.71 -6.20 33.04
N GLN J 292 66.67 -5.65 33.79
CA GLN J 292 67.76 -4.85 33.23
C GLN J 292 67.22 -3.70 32.38
N GLY J 293 66.19 -3.03 32.87
CA GLY J 293 65.58 -1.92 32.17
C GLY J 293 64.58 -2.33 31.11
N LEU J 294 64.37 -3.63 30.90
CA LEU J 294 63.38 -4.09 29.93
C LEU J 294 62.08 -4.37 30.66
N PRO J 295 61.01 -3.62 30.40
CA PRO J 295 59.73 -3.92 31.06
C PRO J 295 59.10 -5.17 30.48
N LEU J 296 58.59 -6.01 31.37
CA LEU J 296 57.86 -7.21 31.00
C LEU J 296 56.40 -7.03 31.39
N TYR J 297 55.48 -7.41 30.51
CA TYR J 297 54.08 -7.12 30.71
C TYR J 297 53.24 -8.35 31.01
N SER J 298 53.78 -9.55 30.88
CA SER J 298 53.01 -10.76 31.13
C SER J 298 53.94 -11.85 31.64
N ARG J 299 53.36 -12.80 32.36
CA ARG J 299 54.13 -13.97 32.78
C ARG J 299 54.68 -14.70 31.57
N LEU J 300 53.90 -14.73 30.48
CA LEU J 300 54.41 -15.27 29.23
C LEU J 300 55.61 -14.49 28.74
N HIS J 301 55.54 -13.16 28.80
CA HIS J 301 56.71 -12.35 28.47
C HIS J 301 57.84 -12.58 29.46
N LYS J 302 57.50 -12.75 30.74
CA LYS J 302 58.49 -13.14 31.72
C LYS J 302 59.08 -14.49 31.39
N TRP J 303 58.24 -15.44 30.96
CA TRP J 303 58.74 -16.72 30.49
C TRP J 303 59.44 -16.61 29.15
N ALA J 304 59.14 -15.57 28.37
CA ALA J 304 59.76 -15.44 27.05
C ALA J 304 61.27 -15.28 27.16
N GLN J 305 61.73 -14.48 28.12
CA GLN J 305 63.17 -14.31 28.31
C GLN J 305 63.83 -15.54 28.92
N GLY J 306 63.05 -16.51 29.37
CA GLY J 306 63.62 -17.66 30.05
C GLY J 306 63.91 -17.43 31.52
N PHE K 45 7.16 13.11 36.32
CA PHE K 45 7.63 11.99 37.11
C PHE K 45 7.12 12.06 38.55
N HIS K 46 7.82 11.39 39.46
CA HIS K 46 7.36 11.30 40.85
C HIS K 46 7.61 12.62 41.57
N CYS K 47 6.54 13.18 42.15
CA CYS K 47 6.61 14.43 42.90
C CYS K 47 6.10 14.18 44.31
N PRO K 48 7.00 13.92 45.26
CA PRO K 48 6.56 13.74 46.64
C PRO K 48 5.92 15.00 47.19
N CYS K 49 4.98 14.82 48.11
CA CYS K 49 4.19 15.93 48.64
C CYS K 49 4.33 16.06 50.15
N SER K 50 5.24 15.32 50.77
CA SER K 50 5.36 15.35 52.22
C SER K 50 5.92 16.69 52.68
N PRO K 51 5.31 17.30 53.70
CA PRO K 51 5.86 18.55 54.24
C PRO K 51 7.18 18.32 54.95
N ALA K 52 8.02 19.35 54.94
CA ALA K 52 9.34 19.35 55.56
C ALA K 52 10.28 18.30 54.96
N ARG K 53 9.88 17.67 53.86
CA ARG K 53 10.70 16.68 53.19
C ARG K 53 10.75 16.86 51.67
N ASN K 54 9.86 17.65 51.09
CA ASN K 54 9.87 17.84 49.65
C ASN K 54 11.12 18.57 49.18
N TYR K 55 11.62 19.52 49.98
CA TYR K 55 12.81 20.27 49.58
C TYR K 55 14.02 19.37 49.44
N LEU K 56 14.07 18.28 50.20
CA LEU K 56 15.14 17.30 50.00
C LEU K 56 15.07 16.69 48.62
N TYR K 57 13.86 16.37 48.15
CA TYR K 57 13.70 15.76 46.83
C TYR K 57 14.12 16.71 45.73
N GLY K 58 13.73 17.98 45.83
CA GLY K 58 14.07 18.94 44.79
C GLY K 58 15.56 19.06 44.58
N LEU K 59 16.33 19.13 45.67
CA LEU K 59 17.78 19.13 45.55
C LEU K 59 18.27 17.83 44.94
N ALA K 60 17.70 16.70 45.37
CA ALA K 60 18.12 15.41 44.83
C ALA K 60 17.61 15.19 43.42
N ALA K 61 16.47 15.78 43.07
CA ALA K 61 15.88 15.57 41.75
C ALA K 61 16.73 16.17 40.64
N ILE K 62 17.55 17.18 40.94
CA ILE K 62 18.33 17.87 39.93
C ILE K 62 19.83 17.82 40.22
N GLY K 63 20.22 18.11 41.47
CA GLY K 63 21.64 18.25 41.77
C GLY K 63 22.40 16.95 41.59
N VAL K 64 21.87 15.85 42.14
CA VAL K 64 22.55 14.56 42.05
C VAL K 64 22.65 14.06 40.61
N PRO K 65 21.57 14.05 39.81
CA PRO K 65 21.73 13.64 38.40
C PRO K 65 22.62 14.59 37.62
N ALA K 66 22.77 15.84 38.04
CA ALA K 66 23.64 16.76 37.33
C ALA K 66 25.10 16.44 37.56
N LEU K 67 25.49 16.20 38.82
CA LEU K 67 26.91 16.05 39.13
C LEU K 67 27.48 14.77 38.55
N VAL K 68 26.70 13.69 38.51
CA VAL K 68 27.19 12.45 37.91
C VAL K 68 27.52 12.67 36.44
N LEU K 69 26.67 13.44 35.76
CA LEU K 69 26.96 13.80 34.37
C LEU K 69 28.27 14.55 34.27
N PHE K 70 28.52 15.46 35.21
CA PHE K 70 29.82 16.16 35.25
C PHE K 70 30.95 15.17 35.47
N ILE K 71 30.75 14.19 36.35
CA ILE K 71 31.78 13.19 36.59
C ILE K 71 32.07 12.38 35.33
N ILE K 72 31.02 12.01 34.60
CA ILE K 72 31.22 11.27 33.35
C ILE K 72 32.09 12.07 32.39
N GLY K 73 31.87 13.39 32.33
CA GLY K 73 32.61 14.21 31.39
C GLY K 73 34.11 14.24 31.68
N ILE K 74 34.47 14.41 32.94
CA ILE K 74 35.89 14.49 33.28
C ILE K 74 36.55 13.12 33.11
N ILE K 75 35.82 12.04 33.40
CA ILE K 75 36.39 10.71 33.25
C ILE K 75 36.69 10.40 31.79
N LEU K 76 35.75 10.71 30.89
CA LEU K 76 35.89 10.30 29.50
C LEU K 76 37.09 10.95 28.84
N ASN K 77 37.33 12.23 29.11
CA ASN K 77 38.47 12.90 28.52
C ASN K 77 39.75 12.46 29.20
N ASN K 78 40.82 12.36 28.41
CA ASN K 78 42.12 11.94 28.91
C ASN K 78 42.98 13.11 29.37
N HIS K 79 42.50 14.34 29.21
CA HIS K 79 43.29 15.50 29.62
C HIS K 79 43.39 15.60 31.13
N THR K 80 42.37 15.15 31.85
CA THR K 80 42.39 15.22 33.31
C THR K 80 43.54 14.40 33.88
N TRP K 81 43.75 13.19 33.36
CA TRP K 81 44.84 12.35 33.85
C TRP K 81 46.20 12.93 33.51
N ASN K 82 46.29 13.72 32.42
CA ASN K 82 47.54 14.39 32.09
C ASN K 82 47.94 15.35 33.20
N LEU K 83 46.98 16.13 33.71
CA LEU K 83 47.27 17.00 34.84
C LEU K 83 47.59 16.18 36.09
N VAL K 84 46.87 15.06 36.28
CA VAL K 84 47.14 14.19 37.42
C VAL K 84 48.55 13.62 37.32
N ALA K 85 48.94 13.20 36.11
CA ALA K 85 50.31 12.71 35.92
C ALA K 85 51.33 13.81 36.17
N GLU K 86 51.06 15.02 35.68
CA GLU K 86 52.01 16.11 35.85
C GLU K 86 52.21 16.46 37.31
N CYS K 87 51.12 16.52 38.09
CA CYS K 87 51.24 16.84 39.50
C CYS K 87 51.89 15.71 40.28
N GLN K 88 51.64 14.46 39.88
CA GLN K 88 52.29 13.33 40.54
C GLN K 88 53.79 13.35 40.35
N HIS K 89 54.25 13.62 39.13
CA HIS K 89 55.68 13.63 38.85
C HIS K 89 56.36 14.82 39.49
N ARG K 90 55.80 16.02 39.34
CA ARG K 90 56.41 17.23 39.86
C ARG K 90 56.17 17.36 41.36
N PRO K 99 52.24 28.45 36.49
CA PRO K 99 50.94 29.01 36.07
C PRO K 99 50.23 28.11 35.06
N THR K 100 49.23 27.37 35.52
CA THR K 100 48.49 26.46 34.65
C THR K 100 46.98 26.50 34.89
N PHE K 101 46.47 27.56 35.52
CA PHE K 101 45.04 27.63 35.80
C PHE K 101 44.23 27.87 34.53
N LEU K 102 44.81 28.54 33.53
CA LEU K 102 44.09 28.79 32.29
C LEU K 102 43.77 27.50 31.55
N LEU K 103 44.72 26.56 31.53
CA LEU K 103 44.50 25.29 30.84
C LEU K 103 43.44 24.45 31.56
N LEU K 104 43.39 24.55 32.90
CA LEU K 104 42.43 23.76 33.66
C LEU K 104 41.00 24.14 33.30
N SER K 105 40.70 25.45 33.22
CA SER K 105 39.35 25.88 32.92
C SER K 105 38.94 25.49 31.51
N SER K 106 39.89 25.52 30.57
CA SER K 106 39.58 25.17 29.18
C SER K 106 39.08 23.73 29.08
N ILE K 107 39.75 22.79 29.75
CA ILE K 107 39.33 21.40 29.68
C ILE K 107 38.17 21.13 30.64
N LEU K 108 38.14 21.81 31.79
CA LEU K 108 37.04 21.61 32.73
C LEU K 108 35.71 22.03 32.13
N GLY K 109 35.68 23.18 31.45
CA GLY K 109 34.45 23.67 30.88
C GLY K 109 33.95 22.85 29.71
N ARG K 110 34.85 22.18 28.99
CA ARG K 110 34.42 21.36 27.86
C ARG K 110 33.51 20.22 28.32
N ALA K 111 33.82 19.63 29.48
CA ALA K 111 32.97 18.60 30.05
C ALA K 111 31.79 19.16 30.84
N ALA K 112 31.72 20.48 31.02
CA ALA K 112 30.65 21.08 31.79
C ALA K 112 29.34 21.19 31.02
N VAL K 113 29.34 20.88 29.72
CA VAL K 113 28.13 21.06 28.92
C VAL K 113 27.04 20.09 29.38
N ALA K 114 27.38 18.83 29.58
CA ALA K 114 26.38 17.84 29.96
C ALA K 114 25.74 18.12 31.31
N PRO K 115 26.48 18.41 32.39
CA PRO K 115 25.81 18.74 33.65
C PRO K 115 24.96 20.00 33.55
N VAL K 116 25.38 20.97 32.75
CA VAL K 116 24.66 22.24 32.68
C VAL K 116 23.31 22.03 31.99
N THR K 117 23.30 21.32 30.87
CA THR K 117 22.06 21.21 30.09
C THR K 117 20.97 20.47 30.84
N TRP K 118 21.34 19.54 31.73
CA TRP K 118 20.33 18.86 32.54
C TRP K 118 19.73 19.80 33.57
N SER K 119 20.55 20.67 34.16
CA SER K 119 20.05 21.57 35.19
C SER K 119 18.99 22.52 34.66
N VAL K 120 19.23 23.08 33.47
CA VAL K 120 18.29 24.06 32.92
C VAL K 120 17.01 23.38 32.44
N ILE K 121 17.13 22.24 31.77
CA ILE K 121 15.94 21.57 31.23
C ILE K 121 15.02 21.14 32.34
N SER K 122 15.57 20.73 33.49
CA SER K 122 14.72 20.40 34.63
C SER K 122 14.00 21.63 35.16
N LEU K 123 14.68 22.77 35.22
CA LEU K 123 14.03 24.00 35.65
C LEU K 123 12.99 24.47 34.64
N LEU K 124 13.15 24.09 33.36
CA LEU K 124 12.16 24.46 32.36
C LEU K 124 10.81 23.82 32.65
N ARG K 125 10.82 22.56 33.10
CA ARG K 125 9.58 21.96 33.57
C ARG K 125 9.03 22.71 34.78
N GLY K 126 9.91 23.14 35.68
CA GLY K 126 9.56 24.02 36.75
C GLY K 126 9.00 23.36 38.00
N GLU K 127 8.63 22.08 37.93
CA GLU K 127 8.09 21.40 39.10
C GLU K 127 9.13 21.24 40.21
N ALA K 128 10.41 21.38 39.90
CA ALA K 128 11.43 21.27 40.92
C ALA K 128 11.34 22.41 41.92
N TYR K 129 11.20 23.64 41.43
CA TYR K 129 11.23 24.80 42.33
C TYR K 129 9.89 25.00 43.04
N VAL K 130 8.80 24.45 42.51
CA VAL K 130 7.51 24.62 43.18
C VAL K 130 7.50 23.89 44.51
N CYS K 131 8.37 22.89 44.68
CA CYS K 131 8.45 22.18 45.95
C CYS K 131 9.19 23.00 47.00
N ALA K 132 10.15 23.83 46.57
CA ALA K 132 11.06 24.45 47.51
C ALA K 132 10.40 25.54 48.34
N LEU K 133 9.92 26.61 47.67
CA LEU K 133 9.40 27.75 48.42
C LEU K 133 8.06 27.43 49.06
N SER K 134 7.27 26.56 48.43
CA SER K 134 5.97 26.19 48.99
C SER K 134 6.12 25.54 50.36
N GLU K 135 7.11 24.67 50.51
CA GLU K 135 7.36 24.06 51.81
C GLU K 135 7.75 25.11 52.85
N PHE K 136 8.57 26.09 52.46
CA PHE K 136 8.98 27.15 53.37
C PHE K 136 7.85 28.16 53.57
N HIS K 153 0.37 24.12 59.95
CA HIS K 153 -0.25 22.94 59.34
C HIS K 153 -0.69 23.23 57.91
N ALA K 154 -1.08 24.48 57.64
CA ALA K 154 -1.51 24.86 56.30
C ALA K 154 -0.39 24.77 55.29
N THR K 155 0.87 24.86 55.72
CA THR K 155 1.98 24.76 54.79
C THR K 155 2.03 23.40 54.11
N GLU K 156 1.62 22.34 54.81
CA GLU K 156 1.56 21.03 54.20
C GLU K 156 0.54 20.99 53.07
N ILE K 157 -0.59 21.67 53.24
CA ILE K 157 -1.63 21.69 52.21
C ILE K 157 -1.10 22.37 50.96
N LEU K 158 -0.25 23.38 51.12
CA LEU K 158 0.36 24.03 49.96
C LEU K 158 1.19 23.04 49.16
N ALA K 159 1.97 22.18 49.86
CA ALA K 159 2.70 21.13 49.18
C ALA K 159 1.79 20.09 48.56
N ARG K 160 0.55 19.97 49.06
CA ARG K 160 -0.42 19.05 48.48
C ARG K 160 -1.14 19.63 47.28
N PHE K 161 -0.94 20.92 46.98
CA PHE K 161 -1.59 21.53 45.82
C PHE K 161 -1.19 20.87 44.50
N PRO K 162 0.09 20.60 44.22
CA PRO K 162 0.42 19.91 42.96
C PRO K 162 0.03 18.44 42.95
N CYS K 163 -0.60 17.94 44.00
CA CYS K 163 -0.91 16.53 44.12
C CYS K 163 -2.42 16.29 44.17
N LEU K 170 -10.82 27.36 50.75
CA LEU K 170 -9.47 27.93 50.82
C LEU K 170 -8.88 28.09 49.42
N SER K 171 -9.75 28.39 48.45
CA SER K 171 -9.29 28.52 47.07
C SER K 171 -8.42 29.75 46.88
N ASP K 172 -8.71 30.84 47.61
CA ASP K 172 -7.90 32.05 47.46
C ASP K 172 -6.48 31.84 47.97
N PHE K 173 -6.32 31.12 49.07
CA PHE K 173 -4.98 30.89 49.63
C PHE K 173 -4.11 30.09 48.68
N ARG K 174 -4.66 29.03 48.09
CA ARG K 174 -3.86 28.16 47.24
C ARG K 174 -3.54 28.82 45.90
N GLU K 175 -4.44 29.66 45.38
CA GLU K 175 -4.22 30.28 44.08
C GLU K 175 -3.05 31.25 44.12
N GLU K 176 -2.96 32.09 45.15
CA GLU K 176 -1.94 33.12 45.19
C GLU K 176 -0.53 32.52 45.26
N VAL K 177 -0.35 31.50 46.10
CA VAL K 177 0.98 30.92 46.28
C VAL K 177 1.43 30.17 45.03
N SER K 178 0.50 29.46 44.38
CA SER K 178 0.86 28.64 43.23
C SER K 178 1.43 29.48 42.09
N ARG K 179 0.79 30.59 41.78
CA ARG K 179 1.31 31.48 40.74
C ARG K 179 2.64 32.09 41.17
N ARG K 180 2.75 32.42 42.46
CA ARG K 180 4.00 32.98 42.98
C ARG K 180 5.16 32.00 42.78
N LEU K 181 4.90 30.71 42.94
CA LEU K 181 5.97 29.72 42.81
C LEU K 181 6.43 29.60 41.37
N ARG K 182 5.48 29.49 40.44
CA ARG K 182 5.82 29.40 39.03
C ARG K 182 6.46 30.70 38.53
N TYR K 183 6.01 31.83 39.06
CA TYR K 183 6.60 33.12 38.70
C TYR K 183 8.07 33.17 39.10
N GLU K 184 8.38 32.64 40.28
CA GLU K 184 9.78 32.65 40.76
C GLU K 184 10.55 31.52 40.08
N SER K 185 9.86 30.47 39.65
CA SER K 185 10.54 29.31 39.07
C SER K 185 11.28 29.68 37.79
N GLN K 186 10.57 30.31 36.85
CA GLN K 186 11.23 30.76 35.63
C GLN K 186 12.14 31.96 35.90
N LEU K 187 11.79 32.77 36.90
CA LEU K 187 12.62 33.91 37.25
C LEU K 187 14.02 33.46 37.68
N PHE K 188 14.08 32.42 38.52
CA PHE K 188 15.36 31.82 38.87
C PHE K 188 15.90 30.93 37.77
N GLY K 189 15.03 30.38 36.92
CA GLY K 189 15.50 29.47 35.88
C GLY K 189 16.37 30.14 34.84
N TRP K 190 16.03 31.36 34.46
CA TRP K 190 16.75 32.05 33.39
C TRP K 190 18.01 32.74 33.86
N LEU K 191 18.27 32.79 35.17
CA LEU K 191 19.49 33.43 35.65
C LEU K 191 20.73 32.68 35.20
N LEU K 192 20.70 31.34 35.26
CA LEU K 192 21.86 30.56 34.88
C LEU K 192 22.18 30.72 33.39
N ILE K 193 21.14 30.77 32.55
CA ILE K 193 21.36 30.93 31.12
C ILE K 193 22.07 32.25 30.83
N GLY K 194 21.63 33.33 31.50
CA GLY K 194 22.33 34.60 31.36
C GLY K 194 23.78 34.51 31.84
N VAL K 195 24.00 33.79 32.94
CA VAL K 195 25.36 33.58 33.42
C VAL K 195 26.15 32.75 32.42
N VAL K 196 25.51 31.76 31.81
CA VAL K 196 26.20 30.89 30.86
C VAL K 196 26.73 31.69 29.69
N ALA K 197 25.92 32.57 29.13
CA ALA K 197 26.34 33.35 27.97
C ALA K 197 27.54 34.24 28.30
N ILE K 198 27.53 34.87 29.46
CA ILE K 198 28.66 35.71 29.86
C ILE K 198 29.91 34.87 30.05
N LEU K 199 29.78 33.70 30.68
CA LEU K 199 30.95 32.87 30.94
C LEU K 199 31.57 32.37 29.64
N VAL K 200 30.75 31.86 28.73
CA VAL K 200 31.29 31.33 27.48
C VAL K 200 31.85 32.43 26.60
N PHE K 201 31.45 33.68 26.82
CA PHE K 201 31.91 34.80 26.00
C PHE K 201 33.17 35.44 26.57
N LEU K 202 33.11 35.92 27.81
CA LEU K 202 34.25 36.64 28.38
C LEU K 202 35.46 35.74 28.54
N THR K 203 35.27 34.54 29.08
CA THR K 203 36.40 33.65 29.35
C THR K 203 37.12 33.26 28.08
N LYS K 204 36.38 32.93 27.01
CA LYS K 204 37.02 32.55 25.76
C LYS K 204 37.83 33.71 25.18
N CYS K 205 37.28 34.93 25.27
CA CYS K 205 37.99 36.09 24.73
C CYS K 205 39.26 36.38 25.53
N LEU K 206 39.17 36.39 26.86
CA LEU K 206 40.31 36.79 27.67
C LEU K 206 41.45 35.78 27.56
N LYS K 207 41.12 34.49 27.51
CA LYS K 207 42.17 33.47 27.44
C LYS K 207 42.97 33.60 26.15
N HIS K 208 42.29 33.83 25.03
CA HIS K 208 42.99 34.03 23.77
C HIS K 208 43.84 35.29 23.82
N TYR K 209 43.30 36.37 24.39
CA TYR K 209 44.08 37.59 24.55
C TYR K 209 45.25 37.37 25.52
N CYS K 210 45.01 36.63 26.60
CA CYS K 210 46.08 36.31 27.54
C CYS K 210 47.13 35.41 26.90
N SER K 211 46.69 34.47 26.08
CA SER K 211 47.63 33.56 25.42
C SER K 211 48.42 34.30 24.36
N PRO K 212 49.75 34.34 24.45
CA PRO K 212 50.53 35.08 23.43
C PRO K 212 50.39 34.51 22.05
N LEU K 213 50.22 33.20 21.91
CA LEU K 213 50.15 32.57 20.60
C LEU K 213 48.87 32.95 19.88
N SER K 214 48.96 33.09 18.56
CA SER K 214 47.81 33.43 17.74
C SER K 214 46.88 32.23 17.58
N TYR K 215 45.68 32.51 17.07
CA TYR K 215 44.72 31.44 16.85
C TYR K 215 45.19 30.48 15.77
N ARG K 216 45.90 31.00 14.76
CA ARG K 216 46.50 30.13 13.76
C ARG K 216 47.50 29.18 14.40
N GLN K 217 48.36 29.71 15.28
CA GLN K 217 49.23 28.86 16.07
C GLN K 217 48.42 27.94 16.98
N GLU K 218 47.35 28.48 17.58
CA GLU K 218 46.50 27.67 18.44
C GLU K 218 45.84 26.54 17.66
N ALA K 219 45.37 26.84 16.45
CA ALA K 219 44.78 25.79 15.61
C ALA K 219 45.79 24.71 15.28
N TYR K 220 47.01 25.12 14.91
CA TYR K 220 48.06 24.15 14.66
C TYR K 220 48.41 23.38 15.92
N TRP K 221 48.43 24.05 17.07
CA TRP K 221 48.68 23.35 18.33
C TRP K 221 47.61 22.30 18.60
N ALA K 222 46.34 22.66 18.37
CA ALA K 222 45.26 21.70 18.58
C ALA K 222 45.36 20.54 17.60
N GLN K 223 45.65 20.82 16.33
CA GLN K 223 45.76 19.75 15.34
C GLN K 223 46.99 18.88 15.60
N TYR K 224 48.05 19.45 16.15
CA TYR K 224 49.21 18.66 16.53
C TYR K 224 48.83 17.61 17.57
N ARG K 225 48.04 18.00 18.56
CA ARG K 225 47.56 17.05 19.56
C ARG K 225 46.50 16.13 18.99
N ALA K 226 45.64 16.66 18.12
CA ALA K 226 44.58 15.83 17.53
C ALA K 226 45.16 14.70 16.70
N ASN K 227 46.20 14.99 15.92
CA ASN K 227 46.85 13.94 15.14
C ASN K 227 47.78 13.08 15.99
N GLU K 228 48.15 13.55 17.18
CA GLU K 228 49.07 12.79 18.02
C GLU K 228 48.41 11.52 18.55
N ASP K 229 47.20 11.65 19.10
CA ASP K 229 46.56 10.51 19.76
C ASP K 229 46.15 9.43 18.77
N GLN K 230 45.65 9.82 17.60
CA GLN K 230 45.20 8.84 16.63
C GLN K 230 46.38 8.00 16.12
N LEU K 231 47.54 8.63 15.91
CA LEU K 231 48.70 7.88 15.45
C LEU K 231 49.35 7.08 16.57
N PHE K 232 49.33 7.60 17.80
CA PHE K 232 49.85 6.82 18.92
C PHE K 232 49.02 5.56 19.14
N GLN K 233 47.69 5.68 19.07
CA GLN K 233 46.86 4.48 19.15
C GLN K 233 47.12 3.55 17.98
N ARG K 234 47.32 4.12 16.78
CA ARG K 234 47.59 3.30 15.61
C ARG K 234 48.91 2.55 15.74
N THR K 235 49.96 3.23 16.20
CA THR K 235 51.24 2.55 16.38
C THR K 235 51.26 1.66 17.60
N ALA K 236 50.45 1.96 18.62
CA ALA K 236 50.42 1.12 19.81
C ALA K 236 49.89 -0.27 19.49
N GLU K 237 48.81 -0.35 18.72
CA GLU K 237 48.22 -1.63 18.38
C GLU K 237 49.18 -2.48 17.55
N VAL K 238 49.75 -1.89 16.50
CA VAL K 238 50.66 -2.63 15.64
C VAL K 238 51.89 -3.06 16.41
N HIS K 239 52.48 -2.16 17.19
CA HIS K 239 53.65 -2.51 17.97
C HIS K 239 53.33 -3.56 19.03
N SER K 240 52.06 -3.68 19.43
CA SER K 240 51.69 -4.71 20.38
C SER K 240 51.67 -6.09 19.72
N ARG K 241 51.14 -6.18 18.51
CA ARG K 241 51.09 -7.48 17.83
C ARG K 241 52.48 -8.02 17.60
N VAL K 242 53.40 -7.17 17.12
CA VAL K 242 54.77 -7.60 16.87
C VAL K 242 55.45 -8.01 18.17
N LEU K 243 54.97 -7.55 19.30
CA LEU K 243 55.48 -8.03 20.58
C LEU K 243 54.84 -9.37 20.92
N ALA K 244 53.51 -9.39 21.07
CA ALA K 244 52.82 -10.56 21.59
C ALA K 244 53.05 -11.79 20.74
N ALA K 245 53.15 -11.62 19.42
CA ALA K 245 53.33 -12.77 18.54
C ALA K 245 54.62 -13.52 18.86
N ASN K 246 55.64 -12.77 19.25
CA ASN K 246 56.95 -13.41 19.52
C ASN K 246 56.81 -14.35 20.71
N ASN K 247 56.18 -13.88 21.77
CA ASN K 247 56.09 -14.68 22.99
C ASN K 247 55.29 -15.96 22.76
N VAL K 248 54.13 -15.85 22.11
CA VAL K 248 53.34 -17.04 21.82
C VAL K 248 54.11 -17.98 20.92
N ARG K 249 54.87 -17.43 19.98
CA ARG K 249 55.73 -18.27 19.16
C ARG K 249 56.74 -19.01 20.01
N ARG K 250 57.33 -18.33 21.00
CA ARG K 250 58.23 -19.01 21.92
C ARG K 250 57.50 -20.07 22.74
N PHE K 251 56.20 -19.89 22.94
CA PHE K 251 55.43 -20.87 23.70
C PHE K 251 55.02 -22.05 22.83
N PHE K 252 54.22 -21.80 21.79
CA PHE K 252 53.70 -22.88 20.96
C PHE K 252 54.71 -23.32 19.93
N GLY K 253 55.09 -22.43 19.03
CA GLY K 253 55.97 -22.77 17.93
C GLY K 253 55.53 -22.12 16.62
N PHE K 254 54.42 -21.40 16.67
CA PHE K 254 53.90 -20.70 15.49
C PHE K 254 52.85 -19.70 15.95
N VAL K 255 52.36 -18.92 14.98
CA VAL K 255 51.39 -17.87 15.24
C VAL K 255 50.20 -18.06 14.30
N ALA K 256 48.99 -18.06 14.86
CA ALA K 256 47.78 -18.16 14.06
C ALA K 256 47.22 -16.77 13.74
N LEU K 257 48.08 -15.94 13.16
CA LEU K 257 47.67 -14.60 12.78
C LEU K 257 46.67 -14.65 11.62
N ASN K 258 45.90 -13.57 11.49
CA ASN K 258 44.85 -13.49 10.48
C ASN K 258 45.45 -13.22 9.10
N LYS K 259 44.57 -13.05 8.12
CA LYS K 259 45.03 -12.81 6.75
C LYS K 259 45.65 -11.43 6.60
N ASP K 260 44.98 -10.40 7.13
CA ASP K 260 45.47 -9.03 6.98
C ASP K 260 46.70 -8.78 7.85
N ASP K 261 46.86 -9.54 8.93
CA ASP K 261 47.97 -9.32 9.84
C ASP K 261 49.23 -10.09 9.46
N GLU K 262 49.19 -10.86 8.37
CA GLU K 262 50.36 -11.64 7.98
C GLU K 262 51.52 -10.73 7.61
N GLU K 263 51.24 -9.69 6.82
CA GLU K 263 52.28 -8.74 6.43
C GLU K 263 52.66 -7.79 7.55
N LEU K 264 51.87 -7.73 8.63
CA LEU K 264 52.13 -6.78 9.70
C LEU K 264 53.44 -7.07 10.40
N ILE K 265 53.72 -8.34 10.69
CA ILE K 265 54.97 -8.68 11.35
C ILE K 265 56.15 -8.41 10.43
N ALA K 266 56.05 -8.84 9.17
CA ALA K 266 57.15 -8.66 8.22
C ALA K 266 57.40 -7.18 7.96
N ASN K 267 56.34 -6.38 7.85
CA ASN K 267 56.49 -4.98 7.50
C ASN K 267 57.25 -4.21 8.57
N PHE K 268 56.98 -4.50 9.85
CA PHE K 268 57.54 -3.75 10.97
C PHE K 268 58.16 -4.70 11.98
N PRO K 269 59.38 -5.19 11.70
CA PRO K 269 60.09 -5.97 12.72
C PRO K 269 60.64 -5.07 13.81
N VAL K 270 60.04 -5.11 15.00
CA VAL K 270 60.46 -4.21 16.07
C VAL K 270 61.86 -4.57 16.53
N GLU K 271 62.58 -3.56 17.01
CA GLU K 271 63.95 -3.76 17.51
C GLU K 271 64.01 -4.12 18.98
N GLY K 272 62.88 -4.07 19.68
CA GLY K 272 62.88 -4.41 21.09
C GLY K 272 61.76 -3.70 21.81
N THR K 273 61.87 -3.68 23.13
CA THR K 273 60.90 -2.99 23.99
C THR K 273 61.56 -1.76 24.59
N GLN K 274 60.89 -0.62 24.47
CA GLN K 274 61.48 0.64 24.90
C GLN K 274 61.42 0.77 26.43
N PRO K 275 62.38 1.45 27.04
CA PRO K 275 62.41 1.53 28.50
C PRO K 275 61.24 2.30 29.08
N ARG K 276 60.92 1.97 30.33
CA ARG K 276 59.81 2.63 31.01
C ARG K 276 60.03 4.12 31.21
N PRO K 277 61.16 4.60 31.74
CA PRO K 277 61.31 6.05 31.90
C PRO K 277 61.30 6.80 30.59
N GLN K 278 61.61 6.13 29.48
CA GLN K 278 61.56 6.76 28.17
C GLN K 278 60.15 7.23 27.86
N TRP K 279 59.14 6.39 28.14
CA TRP K 279 57.76 6.81 27.94
C TRP K 279 57.29 7.76 29.03
N ASN K 280 57.88 7.66 30.23
CA ASN K 280 57.48 8.53 31.32
C ASN K 280 57.79 9.99 31.01
N ALA K 281 58.90 10.26 30.32
CA ALA K 281 59.29 11.63 30.04
C ALA K 281 58.29 12.31 29.12
N ILE K 282 57.77 11.59 28.11
CA ILE K 282 56.86 12.19 27.14
C ILE K 282 55.43 12.34 27.67
N THR K 283 55.18 11.95 28.92
CA THR K 283 53.85 12.05 29.50
C THR K 283 53.82 13.20 30.51
N GLY K 284 52.80 14.04 30.41
CA GLY K 284 52.64 15.19 31.25
C GLY K 284 52.06 16.35 30.46
N VAL K 285 52.12 17.53 31.06
CA VAL K 285 51.61 18.75 30.43
C VAL K 285 52.77 19.49 29.78
N TYR K 286 52.54 20.02 28.58
CA TYR K 286 53.54 20.78 27.85
C TYR K 286 52.90 22.01 27.25
N LEU K 287 53.50 23.18 27.49
CA LEU K 287 52.99 24.45 26.96
C LEU K 287 54.14 25.20 26.28
N TYR K 288 54.39 24.84 25.02
CA TYR K 288 55.27 25.57 24.11
C TYR K 288 56.55 26.07 24.78
N ARG K 289 57.36 25.12 25.24
CA ARG K 289 58.70 25.44 25.75
C ARG K 289 59.69 25.39 24.59
N GLU K 290 59.66 26.47 23.80
CA GLU K 290 60.49 26.55 22.60
C GLU K 290 61.97 26.64 22.97
N ASN K 291 62.80 25.95 22.19
CA ASN K 291 64.24 25.95 22.39
C ASN K 291 64.93 26.30 21.08
N GLN K 292 65.86 27.27 21.14
CA GLN K 292 66.67 27.69 19.99
C GLN K 292 65.81 28.17 18.83
N GLY K 293 64.62 28.68 19.13
CA GLY K 293 63.71 29.16 18.11
C GLY K 293 62.94 28.09 17.37
N LEU K 294 63.06 26.83 17.76
CA LEU K 294 62.33 25.75 17.11
C LEU K 294 61.05 25.47 17.87
N PRO K 295 59.88 25.70 17.28
CA PRO K 295 58.63 25.48 18.01
C PRO K 295 58.46 24.03 18.43
N LEU K 296 58.04 23.84 19.68
CA LEU K 296 57.77 22.52 20.23
C LEU K 296 56.36 22.52 20.81
N TYR K 297 55.58 21.50 20.46
CA TYR K 297 54.15 21.50 20.74
C TYR K 297 53.71 20.46 21.75
N SER K 298 54.38 19.32 21.83
CA SER K 298 53.97 18.24 22.72
C SER K 298 55.13 17.80 23.59
N ARG K 299 54.79 17.13 24.70
CA ARG K 299 55.82 16.57 25.55
C ARG K 299 56.64 15.51 24.84
N LEU K 300 56.07 14.84 23.83
CA LEU K 300 56.85 13.98 22.96
C LEU K 300 57.69 14.79 21.97
N HIS K 301 57.20 15.95 21.56
CA HIS K 301 57.93 16.77 20.60
C HIS K 301 59.28 17.20 21.17
N LYS K 302 59.30 17.68 22.42
CA LYS K 302 60.56 18.04 23.04
C LYS K 302 61.45 16.82 23.26
N TRP K 303 60.86 15.64 23.39
CA TRP K 303 61.63 14.42 23.60
C TRP K 303 62.50 14.05 22.40
N ALA K 304 62.25 14.63 21.23
CA ALA K 304 63.05 14.36 20.04
C ALA K 304 64.46 14.93 20.20
N LEU L 6 22.04 17.41 -5.49
CA LEU L 6 21.09 17.43 -4.37
C LEU L 6 21.77 17.95 -3.11
N ASN L 7 22.65 17.12 -2.53
CA ASN L 7 23.36 17.52 -1.32
C ASN L 7 24.28 18.71 -1.58
N ASN L 8 24.97 18.71 -2.72
CA ASN L 8 25.79 19.86 -3.08
C ASN L 8 24.94 21.10 -3.27
N ILE L 9 23.74 20.93 -3.82
CA ILE L 9 22.81 22.06 -3.98
C ILE L 9 22.42 22.61 -2.61
N VAL L 10 22.23 21.73 -1.62
CA VAL L 10 21.87 22.16 -0.28
C VAL L 10 22.97 23.04 0.31
N SER L 11 24.23 22.61 0.16
CA SER L 11 25.34 23.42 0.64
C SER L 11 25.49 24.71 -0.17
N SER L 12 25.23 24.64 -1.48
CA SER L 12 25.34 25.82 -2.32
C SER L 12 24.32 26.89 -1.91
N LEU L 13 23.09 26.48 -1.63
CA LEU L 13 22.10 27.43 -1.15
C LEU L 13 22.42 27.93 0.25
N GLN L 14 23.17 27.14 1.02
CA GLN L 14 23.61 27.57 2.33
C GLN L 14 24.57 28.75 2.24
N ARG L 15 25.37 28.81 1.18
CA ARG L 15 26.31 29.92 1.02
C ARG L 15 25.58 31.26 0.91
N ASN L 16 24.46 31.28 0.18
CA ASN L 16 23.66 32.50 0.09
C ASN L 16 23.07 32.85 1.46
N GLY L 17 23.15 34.13 1.81
CA GLY L 17 22.72 34.57 3.13
C GLY L 17 21.23 34.77 3.29
N ILE L 18 20.48 34.72 2.20
CA ILE L 18 19.03 34.94 2.28
C ILE L 18 18.35 33.81 3.04
N PHE L 19 18.69 32.57 2.69
CA PHE L 19 18.09 31.43 3.38
C PHE L 19 18.56 31.31 4.82
N ILE L 20 19.78 31.77 5.11
CA ILE L 20 20.30 31.69 6.47
C ILE L 20 19.43 32.52 7.42
N ASN L 21 19.05 33.72 6.99
CA ASN L 21 18.16 34.55 7.80
C ASN L 21 16.80 33.89 7.95
N SER L 22 16.28 33.29 6.88
CA SER L 22 14.96 32.67 6.94
C SER L 22 14.97 31.43 7.83
N LEU L 23 16.05 30.64 7.78
CA LEU L 23 16.08 29.39 8.54
C LEU L 23 16.01 29.65 10.04
N ILE L 24 16.74 30.67 10.52
CA ILE L 24 16.71 30.98 11.94
C ILE L 24 15.35 31.53 12.35
N ALA L 25 14.71 32.31 11.47
CA ALA L 25 13.45 32.95 11.83
C ALA L 25 12.35 31.92 12.11
N ALA L 26 12.26 30.88 11.29
CA ALA L 26 11.20 29.89 11.47
C ALA L 26 11.37 29.11 12.77
N LEU L 27 12.61 28.79 13.13
CA LEU L 27 12.85 28.03 14.35
C LEU L 27 12.43 28.82 15.59
N THR L 28 12.73 30.12 15.61
CA THR L 28 12.44 30.93 16.79
C THR L 28 10.94 31.02 17.07
N ILE L 29 10.14 31.21 16.03
CA ILE L 29 8.69 31.34 16.22
C ILE L 29 8.08 30.03 16.71
N GLY L 30 8.51 28.90 16.13
CA GLY L 30 7.93 27.63 16.52
C GLY L 30 8.24 27.26 17.96
N GLY L 31 9.49 27.45 18.39
CA GLY L 31 9.84 27.18 19.77
C GLY L 31 9.16 28.13 20.74
N GLN L 32 9.02 29.40 20.35
CA GLN L 32 8.33 30.37 21.19
C GLN L 32 6.86 30.01 21.35
N GLN L 33 6.21 29.57 20.27
CA GLN L 33 4.79 29.24 20.33
C GLN L 33 4.49 28.13 21.33
N LEU L 34 5.46 27.28 21.62
CA LEU L 34 5.30 26.25 22.64
C LEU L 34 5.81 26.72 24.00
N PHE L 35 6.94 27.43 24.03
CA PHE L 35 7.50 27.91 25.29
C PHE L 35 6.58 28.96 25.92
N SER L 36 5.99 29.83 25.11
CA SER L 36 5.09 30.86 25.65
C SER L 36 3.85 30.25 26.26
N SER L 37 3.42 29.09 25.77
CA SER L 37 2.26 28.40 26.33
C SER L 37 2.65 27.33 27.34
N SER L 38 3.94 27.18 27.65
CA SER L 38 4.38 26.12 28.55
C SER L 38 4.52 26.60 29.98
N THR L 39 5.39 27.59 30.22
CA THR L 39 5.69 28.04 31.58
C THR L 39 5.72 29.55 31.66
N PHE L 40 4.91 30.22 30.83
CA PHE L 40 4.72 31.65 30.95
C PHE L 40 3.55 31.96 31.89
N SER L 41 2.36 31.49 31.54
CA SER L 41 1.22 31.40 32.44
C SER L 41 0.66 32.77 32.85
N CYS L 42 1.31 33.85 32.41
CA CYS L 42 0.90 35.21 32.73
C CYS L 42 0.60 35.38 34.22
N PRO L 43 1.60 35.38 35.09
CA PRO L 43 1.34 35.65 36.50
C PRO L 43 0.96 37.11 36.72
N CYS L 44 0.32 37.36 37.85
CA CYS L 44 -0.16 38.69 38.21
C CYS L 44 0.47 39.20 39.50
N GLN L 45 1.78 39.09 39.62
CA GLN L 45 2.49 39.61 40.78
C GLN L 45 2.23 41.11 40.93
N VAL L 46 1.48 41.48 41.97
CA VAL L 46 1.13 42.87 42.18
C VAL L 46 2.38 43.70 42.46
N GLY L 47 3.26 43.19 43.31
CA GLY L 47 4.49 43.88 43.65
C GLY L 47 5.41 44.10 42.47
N LYS L 48 5.62 43.06 41.67
CA LYS L 48 6.52 43.13 40.51
C LYS L 48 6.04 42.17 39.43
N ASN L 49 5.24 42.67 38.49
CA ASN L 49 4.92 41.95 37.27
C ASN L 49 5.49 42.59 36.02
N PHE L 50 5.77 43.90 36.06
CA PHE L 50 6.45 44.55 34.96
C PHE L 50 7.82 43.94 34.72
N TYR L 51 8.46 43.44 35.78
CA TYR L 51 9.71 42.68 35.62
C TYR L 51 9.48 41.42 34.80
N TYR L 52 8.36 40.72 35.06
CA TYR L 52 8.10 39.46 34.38
C TYR L 52 7.95 39.67 32.88
N GLY L 53 7.17 40.67 32.47
CA GLY L 53 7.03 40.95 31.05
C GLY L 53 8.32 41.42 30.42
N SER L 54 9.05 42.29 31.12
CA SER L 54 10.29 42.83 30.57
C SER L 54 11.35 41.75 30.39
N ALA L 55 11.43 40.81 31.35
CA ALA L 55 12.49 39.81 31.31
C ALA L 55 12.37 38.91 30.07
N PHE L 56 11.19 38.34 29.85
CA PHE L 56 10.98 37.42 28.74
C PHE L 56 10.39 38.10 27.51
N LEU L 57 10.74 39.36 27.29
CA LEU L 57 10.47 40.03 26.02
C LEU L 57 11.73 40.42 25.27
N VAL L 58 12.83 40.69 25.99
CA VAL L 58 14.09 41.09 25.38
C VAL L 58 15.22 40.13 25.72
N ILE L 59 15.31 39.70 26.98
CA ILE L 59 16.46 38.89 27.41
C ILE L 59 16.60 37.61 26.59
N PRO L 60 15.54 36.82 26.35
CA PRO L 60 15.72 35.64 25.49
C PRO L 60 16.14 35.99 24.08
N ALA L 61 15.88 37.20 23.61
CA ALA L 61 16.43 37.64 22.33
C ALA L 61 17.88 38.08 22.45
N LEU L 62 18.26 38.67 23.58
CA LEU L 62 19.61 39.20 23.72
C LEU L 62 20.65 38.09 23.68
N ILE L 63 20.35 36.94 24.30
CA ILE L 63 21.31 35.84 24.35
C ILE L 63 21.65 35.37 22.94
N LEU L 64 20.70 35.47 22.00
CA LEU L 64 21.00 35.14 20.62
C LEU L 64 22.07 36.06 20.05
N LEU L 65 22.01 37.34 20.39
CA LEU L 65 23.07 38.26 19.97
C LEU L 65 24.40 37.87 20.57
N VAL L 66 24.41 37.45 21.84
CA VAL L 66 25.62 36.91 22.45
C VAL L 66 26.07 35.65 21.71
N ALA L 67 25.11 34.77 21.40
CA ALA L 67 25.44 33.59 20.60
C ALA L 67 25.89 33.99 19.20
N GLY L 68 25.26 35.00 18.62
CA GLY L 68 25.60 35.39 17.25
C GLY L 68 27.04 35.84 17.12
N PHE L 69 27.52 36.67 18.05
CA PHE L 69 28.91 37.09 18.01
C PHE L 69 29.86 35.91 18.21
N ALA L 70 29.52 35.01 19.14
CA ALA L 70 30.38 33.87 19.40
C ALA L 70 30.34 32.83 18.29
N LEU L 71 29.27 32.81 17.49
CA LEU L 71 29.16 31.83 16.41
C LEU L 71 30.09 32.11 15.24
N ARG L 72 30.73 33.28 15.20
CA ARG L 72 31.65 33.63 14.14
C ARG L 72 33.07 33.76 14.70
N SER L 73 34.00 33.01 14.11
CA SER L 73 35.40 33.12 14.51
C SER L 73 36.05 34.39 14.00
N GLN L 74 35.38 35.14 13.13
CA GLN L 74 36.00 36.32 12.53
C GLN L 74 36.18 37.44 13.53
N MET L 75 35.18 37.70 14.37
CA MET L 75 35.22 38.87 15.25
C MET L 75 36.19 38.70 16.40
N TRP L 76 36.55 37.48 16.77
CA TRP L 76 37.62 37.29 17.73
C TRP L 76 38.95 37.81 17.18
N THR L 77 39.22 37.54 15.91
CA THR L 77 40.41 38.09 15.27
C THR L 77 40.36 39.60 15.21
N ILE L 78 39.16 40.16 14.97
CA ILE L 78 39.01 41.61 14.93
C ILE L 78 39.38 42.23 16.27
N THR L 79 38.92 41.61 17.36
CA THR L 79 39.26 42.10 18.70
C THR L 79 40.77 42.00 18.95
N GLY L 80 41.40 40.92 18.49
CA GLY L 80 42.83 40.78 18.68
C GLY L 80 43.63 41.84 17.95
N GLU L 81 43.26 42.12 16.70
CA GLU L 81 43.94 43.17 15.95
C GLU L 81 43.71 44.54 16.58
N TYR L 82 42.47 44.82 17.01
CA TYR L 82 42.18 46.10 17.66
C TYR L 82 42.93 46.24 18.97
N CYS L 83 43.00 45.17 19.75
CA CYS L 83 43.69 45.19 21.04
C CYS L 83 44.96 44.34 21.00
N PRO L 95 41.80 54.28 9.61
CA PRO L 95 42.75 53.62 8.71
C PRO L 95 42.09 52.59 7.80
N LEU L 96 42.80 52.16 6.76
CA LEU L 96 42.25 51.18 5.84
C LEU L 96 41.98 49.84 6.52
N GLU L 97 42.77 49.50 7.54
CA GLU L 97 42.52 48.28 8.30
C GLU L 97 41.18 48.33 9.01
N CYS L 98 40.82 49.50 9.56
CA CYS L 98 39.53 49.64 10.22
C CYS L 98 38.39 49.66 9.20
N LYS L 99 38.63 50.23 8.01
CA LYS L 99 37.58 50.28 6.99
C LYS L 99 37.18 48.88 6.55
N LEU L 100 38.16 48.00 6.30
CA LEU L 100 37.84 46.63 5.94
C LEU L 100 37.15 45.90 7.10
N ALA L 101 37.65 46.11 8.32
CA ALA L 101 37.04 45.46 9.48
C ALA L 101 35.62 45.96 9.72
N CYS L 102 35.39 47.26 9.52
CA CYS L 102 34.05 47.81 9.74
C CYS L 102 33.03 47.19 8.78
N LEU L 103 33.42 47.00 7.52
CA LEU L 103 32.53 46.32 6.59
C LEU L 103 32.26 44.88 7.02
N ARG L 104 33.31 44.18 7.46
CA ARG L 104 33.11 42.83 7.99
C ARG L 104 32.28 42.87 9.26
N PHE L 105 32.51 43.86 10.11
CA PHE L 105 31.71 44.01 11.32
C PHE L 105 30.24 44.25 10.97
N PHE L 106 29.98 45.08 9.95
CA PHE L 106 28.61 45.29 9.51
C PHE L 106 27.99 44.01 8.98
N SER L 107 28.74 43.27 8.15
CA SER L 107 28.23 42.00 7.64
C SER L 107 28.00 41.01 8.77
N ILE L 108 28.92 40.96 9.73
CA ILE L 108 28.72 40.12 10.91
C ILE L 108 27.50 40.58 11.69
N THR L 109 27.34 41.90 11.85
CA THR L 109 26.18 42.43 12.58
C THR L 109 24.88 42.10 11.86
N GLY L 110 24.90 42.14 10.53
CA GLY L 110 23.67 41.91 9.77
C GLY L 110 23.08 40.53 10.02
N ARG L 111 23.93 39.50 10.01
CA ARG L 111 23.48 38.13 10.24
C ARG L 111 23.32 37.80 11.72
N ALA L 112 23.80 38.67 12.62
CA ALA L 112 23.75 38.39 14.05
C ALA L 112 22.54 38.98 14.74
N VAL L 113 22.00 40.10 14.23
CA VAL L 113 20.88 40.76 14.88
C VAL L 113 19.53 40.41 14.28
N ILE L 114 19.49 39.59 13.23
CA ILE L 114 18.21 39.23 12.62
C ILE L 114 17.36 38.44 13.60
N ALA L 115 17.95 37.46 14.27
CA ALA L 115 17.19 36.60 15.17
C ALA L 115 16.58 37.34 16.36
N PRO L 116 17.30 38.19 17.09
CA PRO L 116 16.67 38.83 18.26
C PRO L 116 15.44 39.66 17.94
N LEU L 117 15.44 40.42 16.84
CA LEU L 117 14.24 41.15 16.47
C LEU L 117 13.17 40.22 15.91
N THR L 118 13.58 39.07 15.36
CA THR L 118 12.62 38.11 14.84
C THR L 118 11.69 37.63 15.94
N TRP L 119 12.25 37.20 17.07
CA TRP L 119 11.42 36.82 18.21
C TRP L 119 10.74 38.03 18.82
N LEU L 120 11.41 39.18 18.81
CA LEU L 120 10.81 40.40 19.38
C LEU L 120 9.56 40.80 18.62
N ALA L 121 9.59 40.73 17.30
CA ALA L 121 8.45 41.17 16.49
C ALA L 121 7.24 40.29 16.72
N VAL L 122 7.44 38.96 16.70
CA VAL L 122 6.31 38.04 16.80
C VAL L 122 5.65 38.13 18.16
N THR L 123 6.45 38.34 19.22
CA THR L 123 5.87 38.54 20.54
C THR L 123 5.05 39.82 20.59
N LEU L 124 5.55 40.89 19.96
CA LEU L 124 4.80 42.14 19.92
C LEU L 124 3.51 41.98 19.14
N LEU L 125 3.55 41.26 18.02
CA LEU L 125 2.35 41.04 17.23
C LEU L 125 1.43 40.01 17.88
N THR L 126 1.94 39.18 18.79
CA THR L 126 1.08 38.25 19.50
C THR L 126 0.18 38.98 20.49
N GLY L 127 0.74 39.94 21.23
CA GLY L 127 -0.02 40.73 22.17
C GLY L 127 -0.19 40.12 23.54
N THR L 128 0.25 38.88 23.74
CA THR L 128 0.10 38.24 25.04
C THR L 128 1.10 38.79 26.05
N TYR L 129 2.32 39.10 25.60
CA TYR L 129 3.36 39.52 26.52
C TYR L 129 3.08 40.90 27.10
N TYR L 130 2.74 41.86 26.23
CA TYR L 130 2.57 43.23 26.69
C TYR L 130 1.40 43.32 27.67
N GLU L 131 0.31 42.59 27.38
CA GLU L 131 -0.81 42.55 28.30
C GLU L 131 -0.38 42.18 29.71
N CYS L 132 0.54 41.22 29.84
CA CYS L 132 1.07 40.83 31.13
C CYS L 132 2.31 41.61 31.52
N ALA L 133 2.69 42.62 30.73
CA ALA L 133 3.89 43.39 31.00
C ALA L 133 3.57 44.78 31.55
N ALA L 134 2.78 45.58 30.82
CA ALA L 134 2.51 46.96 31.19
C ALA L 134 1.04 47.19 31.53
N SER L 135 0.38 46.18 32.09
CA SER L 135 -1.01 46.35 32.53
C SER L 135 -1.10 47.35 33.67
N GLU L 136 -0.14 47.31 34.60
CA GLU L 136 -0.20 48.20 35.76
C GLU L 136 0.06 49.66 35.40
N PHE L 137 0.68 49.93 34.27
CA PHE L 137 0.95 51.30 33.84
C PHE L 137 -0.19 51.88 33.02
N ALA L 138 -1.26 51.14 32.81
CA ALA L 138 -2.37 51.62 32.00
C ALA L 138 -3.12 52.73 32.73
N SER L 139 -3.96 53.44 31.98
CA SER L 139 -4.74 54.55 32.50
C SER L 139 -6.15 54.05 32.85
N VAL L 140 -6.61 54.37 34.05
CA VAL L 140 -7.91 53.94 34.54
C VAL L 140 -8.84 55.12 34.79
N ASP L 141 -8.49 56.30 34.29
CA ASP L 141 -9.29 57.49 34.55
C ASP L 141 -10.66 57.44 33.87
N HIS L 142 -10.73 56.81 32.68
CA HIS L 142 -11.98 56.77 31.93
C HIS L 142 -13.07 56.04 32.70
N TYR L 143 -12.75 54.89 33.30
CA TYR L 143 -13.75 54.07 33.98
C TYR L 143 -14.15 54.74 35.28
N PRO L 144 -15.45 54.98 35.57
CA PRO L 144 -15.85 55.75 36.76
C PRO L 144 -15.84 54.97 38.09
N MET L 145 -15.63 53.66 38.05
CA MET L 145 -15.71 52.91 39.30
C MET L 145 -14.37 52.32 39.72
N PHE L 146 -13.29 52.59 38.99
CA PHE L 146 -11.93 52.45 39.53
C PHE L 146 -11.51 53.73 40.25
N ASP L 147 -12.36 54.14 41.20
CA ASP L 147 -12.05 55.32 42.00
C ASP L 147 -10.93 55.01 42.98
N ASN L 148 -11.20 54.11 43.92
CA ASN L 148 -10.20 53.55 44.84
C ASN L 148 -9.35 54.66 45.48
N VAL L 149 -10.03 55.50 46.26
CA VAL L 149 -9.35 56.59 46.94
C VAL L 149 -8.27 56.09 47.89
N SER L 150 -8.42 54.85 48.38
CA SER L 150 -7.37 54.24 49.20
C SER L 150 -6.10 53.98 48.39
N ALA L 151 -6.20 53.91 47.06
CA ALA L 151 -5.07 53.73 46.16
C ALA L 151 -4.28 52.46 46.44
N SER L 152 -4.93 51.43 46.99
CA SER L 152 -4.29 50.16 47.27
C SER L 152 -4.85 49.04 46.40
N LYS L 153 -6.17 48.82 46.44
CA LYS L 153 -6.76 47.76 45.63
C LYS L 153 -6.67 48.07 44.14
N ARG L 154 -6.64 49.35 43.76
CA ARG L 154 -6.59 49.71 42.35
C ARG L 154 -5.36 49.15 41.66
N GLU L 155 -4.19 49.28 42.29
CA GLU L 155 -2.98 48.71 41.73
C GLU L 155 -3.07 47.19 41.68
N GLU L 156 -3.61 46.57 42.73
CA GLU L 156 -3.72 45.12 42.77
C GLU L 156 -4.70 44.61 41.72
N ILE L 157 -5.89 45.22 41.65
CA ILE L 157 -6.89 44.73 40.70
C ILE L 157 -6.44 44.99 39.26
N LEU L 158 -5.80 46.13 39.00
CA LEU L 158 -5.27 46.39 37.67
C LEU L 158 -4.19 45.38 37.30
N ALA L 159 -3.32 45.06 38.25
CA ALA L 159 -2.28 44.06 38.05
C ALA L 159 -2.75 42.66 38.46
N GLY L 160 -4.04 42.47 38.71
CA GLY L 160 -4.55 41.16 39.03
C GLY L 160 -5.59 40.63 38.07
N PHE L 161 -6.39 41.53 37.50
CA PHE L 161 -7.50 41.09 36.65
C PHE L 161 -7.07 40.37 35.37
N PRO L 162 -6.08 40.83 34.59
CA PRO L 162 -5.97 40.32 33.23
C PRO L 162 -5.46 38.90 33.13
N CYS L 163 -5.03 38.30 34.25
CA CYS L 163 -4.30 37.03 34.16
C CYS L 163 -5.27 35.85 34.04
N CYS L 164 -6.01 35.56 35.11
CA CYS L 164 -7.05 34.55 35.08
C CYS L 164 -8.29 34.96 35.86
N ARG L 165 -8.29 36.12 36.50
CA ARG L 165 -9.43 36.59 37.29
C ARG L 165 -10.35 37.35 36.34
N SER L 166 -11.28 36.64 35.73
CA SER L 166 -12.23 37.27 34.82
C SER L 166 -13.06 38.32 35.55
N ALA L 167 -13.52 37.99 36.77
CA ALA L 167 -14.28 38.88 37.64
C ALA L 167 -15.48 39.47 36.91
N PRO L 168 -16.52 38.68 36.64
CA PRO L 168 -17.74 39.23 36.00
C PRO L 168 -18.55 40.08 36.97
N SER L 169 -17.94 41.18 37.42
CA SER L 169 -18.57 42.09 38.37
C SER L 169 -18.70 43.48 37.77
N ASP L 170 -19.20 43.54 36.53
CA ASP L 170 -19.35 44.79 35.78
C ASP L 170 -18.00 45.45 35.51
N VAL L 171 -16.95 44.65 35.44
CA VAL L 171 -15.62 45.12 35.06
C VAL L 171 -15.06 44.37 33.86
N ILE L 172 -15.77 43.37 33.33
CA ILE L 172 -15.29 42.65 32.16
C ILE L 172 -15.21 43.56 30.95
N LEU L 173 -16.08 44.57 30.88
CA LEU L 173 -16.02 45.52 29.78
C LEU L 173 -14.68 46.24 29.75
N VAL L 174 -14.17 46.62 30.93
CA VAL L 174 -12.84 47.23 31.00
C VAL L 174 -11.78 46.23 30.56
N ARG L 175 -11.88 44.98 30.99
CA ARG L 175 -10.86 44.00 30.67
C ARG L 175 -10.78 43.74 29.17
N ASP L 176 -11.90 43.88 28.46
CA ASP L 176 -11.84 43.85 27.00
C ASP L 176 -11.23 45.14 26.46
N GLU L 177 -11.65 46.28 26.99
CA GLU L 177 -11.13 47.56 26.53
C GLU L 177 -9.63 47.68 26.82
N ILE L 178 -9.21 47.27 28.01
CA ILE L 178 -7.79 47.35 28.36
C ILE L 178 -6.97 46.44 27.46
N ALA L 179 -7.43 45.20 27.26
CA ALA L 179 -6.68 44.25 26.45
C ALA L 179 -6.63 44.69 24.99
N LEU L 180 -7.79 45.06 24.43
CA LEU L 180 -7.83 45.46 23.03
C LEU L 180 -7.01 46.71 22.78
N LEU L 181 -7.12 47.71 23.65
CA LEU L 181 -6.33 48.93 23.50
C LEU L 181 -4.83 48.61 23.59
N HIS L 182 -4.45 47.77 24.55
CA HIS L 182 -3.06 47.33 24.62
C HIS L 182 -2.68 46.49 23.41
N ARG L 183 -3.57 45.59 22.98
CA ARG L 183 -3.27 44.77 21.82
C ARG L 183 -3.08 45.64 20.58
N TYR L 184 -3.93 46.66 20.43
CA TYR L 184 -3.70 47.64 19.36
C TYR L 184 -2.37 48.33 19.57
N GLN L 185 -2.06 48.72 20.81
CA GLN L 185 -0.74 49.26 21.10
C GLN L 185 0.34 48.21 20.89
N SER L 186 0.05 46.95 21.24
CA SER L 186 0.99 45.88 20.96
C SER L 186 1.19 45.69 19.46
N GLN L 187 0.08 45.70 18.70
CA GLN L 187 0.20 45.56 17.25
C GLN L 187 0.90 46.76 16.64
N MET L 188 0.55 47.98 17.08
CA MET L 188 1.20 49.16 16.54
C MET L 188 2.68 49.18 16.90
N LEU L 189 3.04 48.71 18.10
CA LEU L 189 4.44 48.61 18.47
C LEU L 189 5.19 47.60 17.63
N GLY L 190 4.48 46.72 16.94
CA GLY L 190 5.13 45.70 16.14
C GLY L 190 5.85 46.22 14.92
N TRP L 191 5.09 46.71 13.94
CA TRP L 191 5.71 47.14 12.65
C TRP L 191 6.66 48.31 12.85
N ILE L 192 6.33 49.24 13.75
CA ILE L 192 7.19 50.41 13.88
C ILE L 192 8.63 49.98 14.12
N LEU L 193 8.83 48.98 14.97
CA LEU L 193 10.16 48.39 15.12
C LEU L 193 10.61 47.74 13.83
N ILE L 194 9.68 47.09 13.13
CA ILE L 194 9.99 46.51 11.83
C ILE L 194 10.43 47.60 10.85
N THR L 195 9.73 48.73 10.86
CA THR L 195 10.06 49.82 9.95
C THR L 195 11.46 50.35 10.21
N LEU L 196 11.81 50.57 11.47
CA LEU L 196 13.13 51.10 11.79
C LEU L 196 14.23 50.12 11.41
N ALA L 197 13.99 48.82 11.63
CA ALA L 197 14.98 47.81 11.25
C ALA L 197 15.23 47.83 9.75
N THR L 198 14.17 47.99 8.96
CA THR L 198 14.33 48.11 7.52
C THR L 198 15.09 49.39 7.16
N ILE L 199 14.79 50.49 7.85
CA ILE L 199 15.44 51.76 7.55
C ILE L 199 16.93 51.68 7.83
N ALA L 200 17.30 51.11 8.98
CA ALA L 200 18.72 51.00 9.32
C ALA L 200 19.46 50.10 8.35
N ALA L 201 18.84 49.00 7.93
CA ALA L 201 19.46 48.11 6.96
C ALA L 201 19.66 48.81 5.61
N LEU L 202 18.73 49.67 5.23
CA LEU L 202 18.83 50.35 3.94
C LEU L 202 20.02 51.31 3.92
N VAL L 203 20.13 52.17 4.94
CA VAL L 203 21.19 53.17 4.95
C VAL L 203 22.55 52.52 5.16
N SER L 204 22.61 51.50 6.03
CA SER L 204 23.90 50.88 6.36
C SER L 204 24.55 50.28 5.12
N CYS L 205 23.76 49.58 4.30
CA CYS L 205 24.29 49.08 3.03
C CYS L 205 24.67 50.24 2.12
N CYS L 206 23.86 51.30 2.09
CA CYS L 206 24.21 52.48 1.33
C CYS L 206 25.48 53.13 1.86
N VAL L 207 25.62 53.20 3.19
CA VAL L 207 26.86 53.68 3.78
C VAL L 207 28.01 52.76 3.41
N ALA L 208 27.79 51.45 3.50
CA ALA L 208 28.83 50.49 3.13
C ALA L 208 29.18 50.55 1.66
N LYS L 209 28.28 51.08 0.82
CA LYS L 209 28.54 51.20 -0.60
C LYS L 209 29.28 52.47 -0.96
N CYS L 210 29.11 53.54 -0.18
CA CYS L 210 29.75 54.82 -0.44
C CYS L 210 31.03 55.01 0.36
N CYS L 211 31.01 54.66 1.65
CA CYS L 211 32.20 54.84 2.48
C CYS L 211 33.34 53.93 2.06
N SER L 212 33.02 52.72 1.61
CA SER L 212 34.06 51.78 1.21
C SER L 212 34.69 52.21 -0.10
N PRO L 213 36.01 52.43 -0.15
CA PRO L 213 36.64 52.81 -1.43
C PRO L 213 36.51 51.73 -2.50
N LEU L 214 36.51 50.46 -2.11
CA LEU L 214 36.42 49.38 -3.09
C LEU L 214 35.06 49.38 -3.77
N THR L 215 35.07 49.11 -5.08
CA THR L 215 33.82 48.95 -5.81
C THR L 215 33.15 47.63 -5.42
N SER L 216 31.84 47.57 -5.65
CA SER L 216 31.09 46.36 -5.33
C SER L 216 31.64 45.15 -6.08
N LEU L 217 32.04 45.35 -7.34
CA LEU L 217 32.70 44.28 -8.07
C LEU L 217 34.02 43.88 -7.41
N GLN L 218 34.80 44.87 -6.98
CA GLN L 218 36.01 44.57 -6.23
C GLN L 218 35.70 44.08 -4.82
N HIS L 219 34.52 44.42 -4.29
CA HIS L 219 34.11 43.87 -3.00
C HIS L 219 33.95 42.36 -3.08
N CYS L 220 33.44 41.86 -4.20
CA CYS L 220 33.24 40.43 -4.36
C CYS L 220 34.56 39.67 -4.30
N TYR L 221 35.59 40.23 -4.94
CA TYR L 221 36.91 39.55 -4.93
C TYR L 221 37.37 39.42 -3.49
N TRP L 222 37.36 40.54 -2.77
CA TRP L 222 37.89 40.51 -1.41
C TRP L 222 37.09 39.58 -0.51
N THR L 223 35.77 39.64 -0.61
CA THR L 223 34.93 38.77 0.23
C THR L 223 35.15 37.30 -0.10
N SER L 224 35.30 36.98 -1.39
CA SER L 224 35.58 35.60 -1.77
C SER L 224 36.97 35.20 -1.30
N HIS L 225 37.91 36.14 -1.31
CA HIS L 225 39.25 35.88 -0.77
C HIS L 225 39.18 35.57 0.72
N LEU L 226 38.27 36.23 1.45
CA LEU L 226 38.13 35.99 2.88
C LEU L 226 37.64 34.59 3.18
N GLN L 227 36.68 34.08 2.40
CA GLN L 227 36.06 32.81 2.73
C GLN L 227 36.97 31.62 2.44
N ASN L 228 37.94 31.76 1.54
CA ASN L 228 38.87 30.66 1.31
C ASN L 228 40.22 30.88 1.97
N GLU L 229 40.41 32.02 2.64
CA GLU L 229 41.66 32.22 3.38
C GLU L 229 41.74 31.33 4.60
N ARG L 230 40.60 30.98 5.18
CA ARG L 230 40.59 30.10 6.35
C ARG L 230 40.81 28.65 5.93
N GLU L 231 40.29 28.25 4.77
CA GLU L 231 40.31 26.84 4.40
C GLU L 231 41.69 26.38 3.94
N LEU L 232 42.28 27.09 2.98
CA LEU L 232 43.54 26.63 2.40
C LEU L 232 44.65 26.61 3.45
N PHE L 233 44.73 27.64 4.28
CA PHE L 233 45.75 27.67 5.33
C PHE L 233 45.54 26.54 6.33
N GLU L 234 44.29 26.30 6.72
CA GLU L 234 44.01 25.21 7.65
C GLU L 234 44.37 23.86 7.05
N GLN L 235 44.07 23.66 5.77
CA GLN L 235 44.44 22.41 5.11
C GLN L 235 45.94 22.23 5.09
N ALA L 236 46.69 23.31 4.81
CA ALA L 236 48.14 23.23 4.84
C ALA L 236 48.65 22.89 6.23
N ALA L 237 48.03 23.47 7.26
CA ALA L 237 48.46 23.19 8.63
C ALA L 237 48.28 21.71 8.98
N GLU L 238 47.15 21.12 8.58
CA GLU L 238 46.88 19.73 8.92
C GLU L 238 47.91 18.80 8.27
N GLN L 239 48.22 19.04 6.99
CA GLN L 239 49.20 18.19 6.32
C GLN L 239 50.57 18.30 6.96
N HIS L 240 51.01 19.52 7.30
CA HIS L 240 52.30 19.68 7.94
C HIS L 240 52.30 19.10 9.35
N SER L 241 51.19 19.28 10.08
CA SER L 241 51.11 18.78 11.44
C SER L 241 51.23 17.26 11.47
N ARG L 242 50.58 16.58 10.53
CA ARG L 242 50.63 15.12 10.53
C ARG L 242 51.99 14.60 10.11
N LEU L 243 52.57 15.19 9.05
CA LEU L 243 53.81 14.63 8.50
C LEU L 243 54.94 14.67 9.52
N LEU L 244 54.89 15.65 10.44
CA LEU L 244 55.86 15.65 11.53
C LEU L 244 55.69 14.46 12.44
N MET L 245 54.45 14.06 12.73
CA MET L 245 54.19 13.01 13.71
C MET L 245 54.79 11.66 13.30
N MET L 246 54.59 11.25 12.04
CA MET L 246 55.13 9.95 11.63
C MET L 246 56.64 9.92 11.73
N HIS L 247 57.30 11.02 11.35
CA HIS L 247 58.76 11.04 11.41
C HIS L 247 59.24 11.02 12.86
N ARG L 248 58.40 11.48 13.80
CA ARG L 248 58.69 11.26 15.21
C ARG L 248 58.58 9.78 15.57
N ILE L 249 57.56 9.11 15.05
CA ILE L 249 57.37 7.68 15.33
C ILE L 249 58.49 6.86 14.70
N LYS L 250 58.95 7.24 13.50
CA LYS L 250 60.08 6.58 12.89
C LYS L 250 61.28 6.58 13.84
N LYS L 251 61.59 7.73 14.40
CA LYS L 251 62.66 7.81 15.41
C LYS L 251 62.29 7.04 16.66
N LEU L 252 61.00 7.02 17.03
CA LEU L 252 60.58 6.33 18.24
C LEU L 252 60.49 4.83 18.02
N PHE L 253 59.67 4.40 17.05
CA PHE L 253 59.44 2.98 16.80
C PHE L 253 59.84 2.51 15.42
N GLY L 254 60.00 3.41 14.45
CA GLY L 254 60.29 3.00 13.09
C GLY L 254 59.07 2.71 12.24
N PHE L 255 57.88 3.05 12.70
CA PHE L 255 56.64 2.79 11.98
C PHE L 255 56.14 4.08 11.35
N ILE L 256 55.71 3.99 10.08
CA ILE L 256 55.26 5.14 9.33
C ILE L 256 54.04 5.78 10.00
N GLN M 5 -56.10 59.96 3.76
CA GLN M 5 -57.44 59.99 4.34
C GLN M 5 -57.96 58.59 4.60
N VAL M 6 -57.35 57.61 3.91
CA VAL M 6 -57.79 56.22 4.04
C VAL M 6 -57.52 55.74 5.45
N GLN M 7 -58.57 55.20 6.09
CA GLN M 7 -58.49 54.68 7.44
C GLN M 7 -58.88 53.21 7.43
N LEU M 8 -58.07 52.37 8.06
CA LEU M 8 -58.31 50.94 8.12
C LEU M 8 -58.53 50.52 9.57
N VAL M 9 -59.66 49.88 9.82
CA VAL M 9 -60.00 49.38 11.15
C VAL M 9 -60.40 47.91 11.03
N GLU M 10 -59.73 47.05 11.79
CA GLU M 10 -59.98 45.62 11.76
C GLU M 10 -61.13 45.29 12.69
N SER M 11 -62.01 44.39 12.25
CA SER M 11 -63.19 44.02 13.02
C SER M 11 -63.43 42.52 12.89
N GLY M 12 -64.15 41.98 13.87
CA GLY M 12 -64.50 40.57 13.87
C GLY M 12 -63.65 39.68 14.74
N GLY M 13 -62.69 40.24 15.48
CA GLY M 13 -61.79 39.45 16.29
C GLY M 13 -62.38 39.10 17.64
N GLY M 14 -61.57 38.42 18.44
CA GLY M 14 -61.94 37.99 19.77
C GLY M 14 -61.24 36.70 20.13
N LEU M 15 -61.67 36.10 21.23
CA LEU M 15 -61.11 34.84 21.71
C LEU M 15 -62.14 33.73 21.50
N VAL M 16 -61.79 32.75 20.68
CA VAL M 16 -62.64 31.61 20.39
C VAL M 16 -61.80 30.34 20.56
N GLN M 17 -62.44 29.30 21.11
CA GLN M 17 -61.76 28.03 21.33
C GLN M 17 -61.44 27.39 19.98
N ALA M 18 -60.67 26.30 20.01
CA ALA M 18 -60.29 25.62 18.78
C ALA M 18 -61.51 25.07 18.05
N GLY M 19 -61.43 25.05 16.73
CA GLY M 19 -62.54 24.60 15.91
C GLY M 19 -63.60 25.63 15.63
N GLY M 20 -63.38 26.89 16.00
CA GLY M 20 -64.35 27.93 15.76
C GLY M 20 -64.27 28.49 14.36
N SER M 21 -64.95 29.62 14.16
CA SER M 21 -64.94 30.33 12.89
C SER M 21 -65.01 31.82 13.17
N LEU M 22 -64.19 32.59 12.45
CA LEU M 22 -64.14 34.03 12.61
C LEU M 22 -64.23 34.70 11.24
N ARG M 23 -64.88 35.87 11.23
CA ARG M 23 -65.03 36.67 10.02
C ARG M 23 -64.34 38.01 10.26
N LEU M 24 -63.19 38.20 9.63
CA LEU M 24 -62.41 39.42 9.77
C LEU M 24 -62.80 40.39 8.66
N SER M 25 -63.35 41.54 9.04
CA SER M 25 -63.75 42.57 8.09
C SER M 25 -63.08 43.88 8.45
N CYS M 26 -62.66 44.62 7.43
CA CYS M 26 -62.02 45.91 7.61
C CYS M 26 -62.74 46.95 6.76
N ALA M 27 -62.87 48.15 7.31
CA ALA M 27 -63.52 49.26 6.63
C ALA M 27 -62.46 50.22 6.09
N ALA M 28 -62.52 50.49 4.79
CA ALA M 28 -61.59 51.39 4.13
C ALA M 28 -62.36 52.49 3.43
N SER M 29 -61.91 53.73 3.61
CA SER M 29 -62.56 54.87 2.97
C SER M 29 -62.00 55.10 1.57
N HIS M 37 -55.87 45.12 -4.62
CA HIS M 37 -54.47 45.14 -4.20
C HIS M 37 -54.34 45.04 -2.69
N MET M 38 -55.39 44.52 -2.05
CA MET M 38 -55.42 44.38 -0.60
C MET M 38 -54.62 43.16 -0.16
N ARG M 39 -54.09 43.24 1.06
CA ARG M 39 -53.34 42.15 1.64
C ARG M 39 -53.64 42.09 3.14
N TRP M 40 -53.62 40.88 3.69
CA TRP M 40 -53.78 40.67 5.11
C TRP M 40 -52.47 40.19 5.72
N TYR M 41 -52.34 40.36 7.03
CA TYR M 41 -51.06 40.11 7.69
C TYR M 41 -51.31 39.44 9.04
N ARG M 42 -50.27 38.81 9.56
CA ARG M 42 -50.33 38.09 10.83
C ARG M 42 -49.03 38.31 11.57
N GLN M 43 -49.10 38.30 12.90
CA GLN M 43 -47.90 38.43 13.72
C GLN M 43 -47.88 37.38 14.82
N ARG M 49 -44.39 38.43 12.73
CA ARG M 49 -45.05 39.10 11.62
C ARG M 49 -45.00 38.24 10.36
N GLU M 50 -46.11 37.59 10.04
CA GLU M 50 -46.16 36.57 9.00
C GLU M 50 -47.27 36.91 8.00
N TRP M 51 -46.98 36.76 6.71
CA TRP M 51 -47.96 36.99 5.67
C TRP M 51 -48.92 35.81 5.56
N VAL M 52 -50.18 36.08 5.26
CA VAL M 52 -51.22 35.05 5.18
C VAL M 52 -51.92 35.05 3.83
N ALA M 53 -52.44 36.20 3.38
CA ALA M 53 -53.27 36.21 2.19
C ALA M 53 -53.32 37.62 1.61
N ALA M 54 -53.74 37.70 0.36
CA ALA M 54 -53.91 38.96 -0.35
C ALA M 54 -54.90 38.77 -1.48
N ILE M 55 -55.47 39.87 -1.95
CA ILE M 55 -56.44 39.88 -3.04
C ILE M 55 -56.11 41.03 -3.97
N TYR M 56 -56.66 40.97 -5.18
CA TYR M 56 -56.39 42.01 -6.18
C TYR M 56 -57.67 42.77 -6.53
N ALA M 60 -58.30 40.17 -10.14
CA ALA M 60 -59.05 39.92 -8.92
C ALA M 60 -58.69 38.58 -8.31
N GLY M 61 -57.47 38.11 -8.60
CA GLY M 61 -57.03 36.84 -8.05
C GLY M 61 -56.71 36.93 -6.58
N THR M 62 -56.34 35.80 -6.01
CA THR M 62 -56.04 35.72 -4.58
C THR M 62 -54.94 34.70 -4.34
N HIS M 63 -54.34 34.79 -3.15
CA HIS M 63 -53.28 33.87 -2.76
C HIS M 63 -53.33 33.68 -1.25
N TYR M 64 -52.82 32.54 -0.80
CA TYR M 64 -52.83 32.18 0.62
C TYR M 64 -51.47 31.62 1.01
N ALA M 65 -51.18 31.69 2.30
CA ALA M 65 -49.95 31.11 2.83
C ALA M 65 -50.02 29.59 2.75
N ASP M 66 -48.85 28.97 2.53
CA ASP M 66 -48.80 27.53 2.36
C ASP M 66 -49.19 26.80 3.64
N SER M 67 -48.75 27.31 4.80
CA SER M 67 -49.06 26.64 6.06
C SER M 67 -50.55 26.64 6.36
N VAL M 68 -51.23 27.76 6.06
CA VAL M 68 -52.65 27.90 6.33
C VAL M 68 -53.50 27.54 5.13
N LYS M 69 -52.92 26.89 4.12
CA LYS M 69 -53.66 26.48 2.94
C LYS M 69 -54.82 25.57 3.31
N GLY M 70 -55.98 25.83 2.70
CA GLY M 70 -57.15 25.01 2.89
C GLY M 70 -58.00 25.34 4.10
N ARG M 71 -57.68 26.40 4.83
CA ARG M 71 -58.43 26.73 6.04
C ARG M 71 -58.95 28.16 6.00
N PHE M 72 -58.36 29.01 5.16
CA PHE M 72 -58.72 30.41 5.12
C PHE M 72 -59.28 30.79 3.76
N THR M 73 -60.19 31.76 3.77
CA THR M 73 -60.79 32.28 2.55
C THR M 73 -60.95 33.79 2.68
N ILE M 74 -60.56 34.52 1.63
CA ILE M 74 -60.56 35.97 1.63
C ILE M 74 -61.43 36.46 0.49
N SER M 75 -62.35 37.38 0.80
CA SER M 75 -63.23 37.96 -0.21
C SER M 75 -63.43 39.44 0.09
N ARG M 76 -63.77 40.19 -0.95
CA ARG M 76 -63.99 41.62 -0.82
C ARG M 76 -65.15 42.02 -1.71
N ASP M 77 -65.86 43.07 -1.28
CA ASP M 77 -66.95 43.64 -2.06
C ASP M 77 -66.71 45.13 -2.22
N ASN M 78 -66.62 45.58 -3.47
CA ASN M 78 -66.34 46.98 -3.76
C ASN M 78 -67.52 47.89 -3.44
N ALA M 79 -68.72 47.34 -3.30
CA ALA M 79 -69.88 48.16 -2.96
C ALA M 79 -69.79 48.70 -1.53
N LYS M 80 -69.42 47.84 -0.58
CA LYS M 80 -69.32 48.23 0.81
C LYS M 80 -67.92 48.67 1.22
N ASN M 81 -66.95 48.59 0.30
CA ASN M 81 -65.56 48.94 0.59
C ASN M 81 -65.04 48.20 1.82
N THR M 82 -65.36 46.92 1.90
CA THR M 82 -64.96 46.08 3.02
C THR M 82 -64.29 44.81 2.50
N VAL M 83 -63.44 44.25 3.34
CA VAL M 83 -62.63 43.08 2.99
C VAL M 83 -62.91 41.99 4.02
N TYR M 84 -63.42 40.85 3.57
CA TYR M 84 -63.90 39.79 4.45
C TYR M 84 -62.96 38.59 4.38
N LEU M 85 -62.41 38.22 5.53
CA LEU M 85 -61.52 37.08 5.64
C LEU M 85 -62.14 36.05 6.58
N GLN M 86 -62.04 34.78 6.23
CA GLN M 86 -62.74 33.70 6.92
C GLN M 86 -61.76 32.78 7.63
N MET M 87 -61.97 32.58 8.94
CA MET M 87 -61.27 31.58 9.70
C MET M 87 -62.04 30.27 9.67
N ASN M 88 -61.32 29.16 9.54
CA ASN M 88 -61.92 27.83 9.60
C ASN M 88 -60.96 26.87 10.27
N SER M 89 -61.48 26.10 11.23
CA SER M 89 -60.71 25.07 11.93
C SER M 89 -59.46 25.66 12.59
N LEU M 90 -59.69 26.60 13.49
CA LEU M 90 -58.59 27.23 14.19
C LEU M 90 -57.93 26.26 15.16
N LYS M 91 -56.68 26.55 15.48
CA LYS M 91 -55.87 25.73 16.36
C LYS M 91 -55.14 26.65 17.33
N PRO M 92 -54.69 26.13 18.47
CA PRO M 92 -53.90 26.95 19.40
C PRO M 92 -52.63 27.48 18.79
N GLU M 93 -52.11 26.83 17.74
CA GLU M 93 -50.97 27.36 17.02
C GLU M 93 -51.30 28.70 16.36
N ASP M 94 -52.56 28.91 16.00
CA ASP M 94 -53.00 30.16 15.37
C ASP M 94 -53.42 31.20 16.41
N THR M 95 -52.47 31.57 17.28
CA THR M 95 -52.70 32.57 18.31
C THR M 95 -51.84 33.78 18.00
N ALA M 96 -52.43 34.77 17.33
CA ALA M 96 -51.66 35.95 16.94
C ALA M 96 -52.60 37.11 16.63
N VAL M 97 -52.01 38.30 16.53
CA VAL M 97 -52.73 39.51 16.18
C VAL M 97 -52.76 39.63 14.66
N TYR M 98 -53.94 39.97 14.13
CA TYR M 98 -54.16 40.06 12.69
C TYR M 98 -54.14 41.52 12.25
N TYR M 99 -53.52 41.78 11.11
CA TYR M 99 -53.38 43.14 10.57
C TYR M 99 -54.00 43.21 9.18
N CYS M 100 -53.97 44.41 8.61
CA CYS M 100 -54.43 44.68 7.26
C CYS M 100 -53.43 45.59 6.56
N PHE M 101 -53.29 45.39 5.25
CA PHE M 101 -52.36 46.18 4.45
C PHE M 101 -52.91 46.35 3.04
N VAL M 102 -52.37 47.34 2.34
CA VAL M 102 -52.78 47.63 0.98
C VAL M 102 -51.71 47.16 -0.02
N TYR M 108 -49.43 52.93 4.36
CA TYR M 108 -50.57 52.82 5.26
C TYR M 108 -50.50 51.54 6.07
N ILE M 109 -50.59 51.67 7.40
CA ILE M 109 -50.43 50.56 8.32
C ILE M 109 -51.65 50.47 9.21
N GLY M 110 -52.20 49.27 9.37
CA GLY M 110 -53.35 49.09 10.22
C GLY M 110 -52.97 48.92 11.68
N GLN M 111 -53.96 49.18 12.55
CA GLN M 111 -53.73 49.05 13.99
C GLN M 111 -53.63 47.59 14.41
N GLY M 112 -54.34 46.69 13.73
CA GLY M 112 -54.25 45.28 14.03
C GLY M 112 -55.12 44.84 15.18
N THR M 113 -55.80 43.70 15.02
CA THR M 113 -56.64 43.13 16.06
C THR M 113 -56.07 41.78 16.50
N GLN M 114 -56.04 41.56 17.81
CA GLN M 114 -55.46 40.36 18.39
C GLN M 114 -56.54 39.29 18.54
N VAL M 115 -56.20 38.07 18.11
CA VAL M 115 -57.10 36.93 18.21
C VAL M 115 -56.34 35.79 18.87
N THR M 116 -56.90 35.23 19.94
CA THR M 116 -56.34 34.09 20.62
C THR M 116 -57.28 32.90 20.50
N VAL M 117 -56.70 31.72 20.29
CA VAL M 117 -57.44 30.47 20.16
C VAL M 117 -56.99 29.53 21.26
N SER M 118 -57.95 29.04 22.04
CA SER M 118 -57.64 28.12 23.13
C SER M 118 -57.92 26.68 22.72
#